data_1NF4
#
_entry.id   1NF4
#
_cell.length_a   225.680
_cell.length_b   225.680
_cell.length_c   225.680
_cell.angle_alpha   90.00
_cell.angle_beta   90.00
_cell.angle_gamma   90.00
#
_symmetry.space_group_name_H-M   'P 21 3'
#
loop_
_entity.id
_entity.type
_entity.pdbx_description
1 polymer bacterioferritin
2 non-polymer 'FE (II) ION'
3 non-polymer 'SULFATE ION'
4 non-polymer '1,3,5,8-TETRAMETHYL-PORPHINE-2,4,6,7-TETRAPROPIONIC ACID FERROUS COMPLEX'
5 water water
#
_entity_poly.entity_id   1
_entity_poly.type   'polypeptide(L)'
_entity_poly.pdbx_seq_one_letter_code
;MAGNREDRKAKVIEVLNKARAMELHAIHQYMNQHYSLDDMDYGELAANMKLIAIDEMRHAENFAERIKELGGEPTTQKEG
KVVTGQAVPVIYESDADQEDATIEAYSQFLKVCKEQGDIVTARLFERIIEEEQAHLTYYENIGSHIKNLGDTYLAKIAGT
PSSTGTASKGFVTATPAAE
;
_entity_poly.pdbx_strand_id   A,B,C,D,E,F,G,H,I,J,K,L,M,N,O,P
#
loop_
_chem_comp.id
_chem_comp.type
_chem_comp.name
_chem_comp.formula
FE2 non-polymer 'FE (II) ION' 'Fe 2'
FEC non-polymer '1,3,5,8-TETRAMETHYL-PORPHINE-2,4,6,7-TETRAPROPIONIC ACID FERROUS COMPLEX' 'C36 H36 Fe N4 O8 2'
SO4 non-polymer 'SULFATE ION' 'O4 S -2'
#
# COMPACT_ATOMS: atom_id res chain seq x y z
N ASN A 4 12.29 48.81 -4.63
CA ASN A 4 12.45 47.52 -3.92
C ASN A 4 11.60 46.49 -4.68
N ARG A 5 12.23 45.41 -5.12
CA ARG A 5 11.55 44.36 -5.87
C ARG A 5 10.31 43.91 -5.10
N GLU A 6 10.49 43.49 -3.85
CA GLU A 6 9.39 42.93 -3.07
C GLU A 6 8.31 43.96 -2.81
N ASP A 7 8.70 45.22 -2.63
CA ASP A 7 7.73 46.27 -2.39
C ASP A 7 6.87 46.54 -3.62
N ARG A 8 7.56 46.56 -4.76
CA ARG A 8 6.93 46.67 -6.07
C ARG A 8 5.89 45.58 -6.23
N LYS A 9 6.25 44.33 -5.98
CA LYS A 9 5.33 43.22 -6.11
C LYS A 9 4.14 43.35 -5.16
N ALA A 10 4.44 43.76 -3.93
CA ALA A 10 3.40 43.86 -2.91
C ALA A 10 2.34 44.88 -3.28
N LYS A 11 2.71 45.99 -3.86
CA LYS A 11 1.76 47.04 -4.20
C LYS A 11 0.90 46.65 -5.41
N VAL A 12 1.51 45.92 -6.35
CA VAL A 12 0.77 45.41 -7.51
C VAL A 12 -0.20 44.32 -7.06
N ILE A 13 0.28 43.43 -6.19
CA ILE A 13 -0.61 42.36 -5.71
C ILE A 13 -1.79 42.95 -4.97
N GLU A 14 -1.55 44.08 -4.30
CA GLU A 14 -2.67 44.71 -3.58
C GLU A 14 -3.76 45.13 -4.56
N VAL A 15 -3.38 45.83 -5.64
CA VAL A 15 -4.47 46.30 -6.53
C VAL A 15 -5.09 45.13 -7.30
N LEU A 16 -4.32 44.08 -7.52
CA LEU A 16 -4.83 42.89 -8.22
C LEU A 16 -5.86 42.18 -7.34
N ASN A 17 -5.65 42.17 -6.02
CA ASN A 17 -6.65 41.54 -5.15
C ASN A 17 -7.86 42.47 -4.98
N LYS A 18 -7.64 43.79 -5.03
CA LYS A 18 -8.79 44.69 -5.04
C LYS A 18 -9.66 44.49 -6.28
N ALA A 19 -9.02 44.33 -7.45
CA ALA A 19 -9.73 44.12 -8.71
C ALA A 19 -10.47 42.78 -8.65
N ARG A 20 -9.76 41.76 -8.18
CA ARG A 20 -10.33 40.42 -8.05
C ARG A 20 -11.56 40.42 -7.15
N ALA A 21 -11.52 41.09 -6.01
CA ALA A 21 -12.67 41.19 -5.11
C ALA A 21 -13.85 41.87 -5.79
N MET A 22 -13.53 42.81 -6.67
CA MET A 22 -14.52 43.47 -7.52
C MET A 22 -15.11 42.48 -8.52
N GLU A 23 -14.30 41.61 -9.10
CA GLU A 23 -14.81 40.58 -10.02
C GLU A 23 -15.73 39.61 -9.28
N LEU A 24 -15.30 39.16 -8.10
CA LEU A 24 -16.12 38.23 -7.33
C LEU A 24 -17.46 38.85 -6.98
N HIS A 25 -17.49 40.14 -6.65
CA HIS A 25 -18.77 40.81 -6.44
C HIS A 25 -19.64 40.77 -7.70
N ALA A 26 -19.05 41.08 -8.86
CA ALA A 26 -19.79 41.13 -10.12
C ALA A 26 -20.36 39.78 -10.51
N ILE A 27 -19.57 38.72 -10.30
CA ILE A 27 -20.08 37.38 -10.61
C ILE A 27 -21.39 37.13 -9.87
N HIS A 28 -21.38 37.40 -8.55
CA HIS A 28 -22.58 37.12 -7.76
C HIS A 28 -23.72 38.09 -8.03
N GLN A 29 -23.40 39.36 -8.26
CA GLN A 29 -24.45 40.34 -8.57
C GLN A 29 -25.14 40.00 -9.88
N TYR A 30 -24.33 39.73 -10.90
CA TYR A 30 -24.84 39.40 -12.23
C TYR A 30 -25.57 38.07 -12.22
N MET A 31 -25.03 37.10 -11.50
CA MET A 31 -25.74 35.81 -11.49
C MET A 31 -27.05 35.94 -10.72
N ASN A 32 -27.06 36.76 -9.67
CA ASN A 32 -28.34 36.96 -8.96
C ASN A 32 -29.42 37.49 -9.90
N GLN A 33 -29.04 38.46 -10.72
CA GLN A 33 -29.92 39.04 -11.73
C GLN A 33 -30.27 38.05 -12.82
N HIS A 34 -29.29 37.23 -13.24
CA HIS A 34 -29.57 36.14 -14.16
C HIS A 34 -30.67 35.24 -13.60
N TYR A 35 -30.58 34.86 -12.33
CA TYR A 35 -31.61 33.99 -11.75
C TYR A 35 -32.98 34.66 -11.80
N SER A 36 -33.03 35.95 -11.50
CA SER A 36 -34.29 36.69 -11.54
C SER A 36 -34.84 36.85 -12.96
N LEU A 37 -33.99 37.19 -13.92
CA LEU A 37 -34.38 37.29 -15.32
C LEU A 37 -34.86 35.94 -15.86
N ASP A 38 -34.20 34.86 -15.47
CA ASP A 38 -34.64 33.52 -15.83
C ASP A 38 -36.03 33.22 -15.26
N ASP A 39 -36.25 33.62 -14.02
CA ASP A 39 -37.51 33.44 -13.31
C ASP A 39 -38.64 34.18 -13.99
N MET A 40 -38.36 35.40 -14.45
CA MET A 40 -39.31 36.22 -15.19
C MET A 40 -39.53 35.70 -16.61
N ASP A 41 -38.67 34.78 -17.04
CA ASP A 41 -38.70 34.17 -18.36
C ASP A 41 -38.37 35.17 -19.46
N TYR A 42 -37.32 35.96 -19.27
CA TYR A 42 -36.73 36.82 -20.29
C TYR A 42 -35.38 36.24 -20.73
N GLY A 43 -35.45 35.16 -21.47
CA GLY A 43 -34.38 34.24 -21.79
C GLY A 43 -33.14 34.90 -22.35
N GLU A 44 -33.33 35.69 -23.41
CA GLU A 44 -32.19 36.33 -24.03
C GLU A 44 -31.47 37.23 -23.02
N LEU A 45 -32.23 37.92 -22.18
CA LEU A 45 -31.57 38.77 -21.19
C LEU A 45 -30.85 37.90 -20.16
N ALA A 46 -31.57 36.87 -19.68
CA ALA A 46 -30.94 35.97 -18.72
C ALA A 46 -29.70 35.33 -19.32
N ALA A 47 -29.75 34.95 -20.60
CA ALA A 47 -28.57 34.31 -21.17
C ALA A 47 -27.38 35.25 -21.24
N ASN A 48 -27.58 36.50 -21.69
CA ASN A 48 -26.42 37.37 -21.83
C ASN A 48 -25.90 37.81 -20.46
N MET A 49 -26.79 37.89 -19.48
CA MET A 49 -26.31 38.23 -18.14
C MET A 49 -25.31 37.17 -17.65
N LYS A 50 -25.64 35.90 -17.85
CA LYS A 50 -24.78 34.81 -17.40
C LYS A 50 -23.46 34.79 -18.16
N LEU A 51 -23.54 35.01 -19.48
CA LEU A 51 -22.30 35.04 -20.26
C LEU A 51 -21.39 36.15 -19.77
N ILE A 52 -21.97 37.30 -19.41
CA ILE A 52 -21.09 38.35 -18.86
C ILE A 52 -20.55 37.92 -17.50
N ALA A 53 -21.37 37.29 -16.66
CA ALA A 53 -20.88 36.77 -15.39
C ALA A 53 -19.68 35.84 -15.60
N ILE A 54 -19.76 35.02 -16.64
CA ILE A 54 -18.64 34.12 -16.97
C ILE A 54 -17.43 34.89 -17.44
N ASP A 55 -17.60 35.98 -18.21
CA ASP A 55 -16.45 36.83 -18.49
C ASP A 55 -15.81 37.31 -17.17
N GLU A 56 -16.63 37.66 -16.16
CA GLU A 56 -16.09 38.14 -14.89
C GLU A 56 -15.38 37.02 -14.14
N MET A 57 -15.86 35.79 -14.25
CA MET A 57 -15.15 34.63 -13.70
C MET A 57 -13.77 34.51 -14.33
N ARG A 58 -13.65 34.65 -15.65
CA ARG A 58 -12.36 34.59 -16.31
C ARG A 58 -11.45 35.74 -15.89
N HIS A 59 -12.01 36.92 -15.64
CA HIS A 59 -11.19 38.03 -15.16
C HIS A 59 -10.63 37.69 -13.77
N ALA A 60 -11.49 37.13 -12.92
CA ALA A 60 -11.04 36.77 -11.57
C ALA A 60 -9.90 35.77 -11.63
N GLU A 61 -10.05 34.80 -12.54
CA GLU A 61 -9.05 33.76 -12.74
C GLU A 61 -7.73 34.33 -13.24
N ASN A 62 -7.79 35.29 -14.17
CA ASN A 62 -6.58 35.89 -14.72
C ASN A 62 -5.91 36.79 -13.68
N PHE A 63 -6.66 37.57 -12.92
CA PHE A 63 -6.04 38.28 -11.80
C PHE A 63 -5.36 37.33 -10.83
N ALA A 64 -6.04 36.25 -10.46
CA ALA A 64 -5.47 35.26 -9.56
C ALA A 64 -4.15 34.68 -10.07
N GLU A 65 -4.13 34.28 -11.34
CA GLU A 65 -2.90 33.68 -11.88
C GLU A 65 -1.74 34.67 -11.89
N ARG A 66 -2.04 35.94 -12.17
CA ARG A 66 -0.96 36.94 -12.14
C ARG A 66 -0.50 37.11 -10.69
N ILE A 67 -1.46 37.06 -9.77
CA ILE A 67 -1.12 37.19 -8.34
C ILE A 67 -0.13 36.08 -7.95
N LYS A 68 -0.41 34.85 -8.36
CA LYS A 68 0.51 33.73 -8.12
C LYS A 68 1.87 33.94 -8.76
N GLU A 69 1.96 34.40 -10.00
CA GLU A 69 3.24 34.63 -10.66
C GLU A 69 4.06 35.64 -9.84
N LEU A 70 3.37 36.56 -9.16
CA LEU A 70 4.03 37.55 -8.32
C LEU A 70 4.30 37.04 -6.91
N GLY A 71 3.94 35.79 -6.58
CA GLY A 71 4.17 35.25 -5.27
C GLY A 71 3.13 35.61 -4.22
N GLY A 72 1.99 36.20 -4.61
CA GLY A 72 0.93 36.51 -3.67
C GLY A 72 -0.12 35.42 -3.58
N GLU A 73 -1.14 35.66 -2.79
CA GLU A 73 -2.29 34.79 -2.56
C GLU A 73 -3.54 35.50 -3.03
N PRO A 74 -4.29 34.92 -3.96
CA PRO A 74 -5.50 35.56 -4.48
C PRO A 74 -6.60 35.62 -3.42
N THR A 75 -7.21 36.79 -3.24
CA THR A 75 -8.31 36.94 -2.30
C THR A 75 -9.50 36.08 -2.67
N THR A 76 -10.32 35.73 -1.68
CA THR A 76 -11.55 34.98 -1.86
C THR A 76 -12.75 35.76 -1.36
N GLN A 77 -12.56 37.02 -0.98
CA GLN A 77 -13.73 37.77 -0.53
C GLN A 77 -14.13 38.82 -1.56
N LYS A 78 -15.42 38.89 -1.86
CA LYS A 78 -15.94 39.87 -2.80
C LYS A 78 -15.98 41.26 -2.18
N GLU A 79 -15.95 42.29 -3.01
CA GLU A 79 -16.05 43.66 -2.50
C GLU A 79 -17.50 44.14 -2.49
N GLY A 80 -17.96 44.61 -1.33
CA GLY A 80 -19.31 45.11 -1.23
C GLY A 80 -20.36 44.02 -1.21
N LYS A 81 -21.62 44.43 -1.16
CA LYS A 81 -22.76 43.55 -1.02
C LYS A 81 -23.56 43.43 -2.32
N VAL A 82 -24.11 42.23 -2.51
CA VAL A 82 -25.01 42.01 -3.64
C VAL A 82 -26.40 42.58 -3.34
N VAL A 83 -26.95 43.32 -4.28
CA VAL A 83 -28.29 43.86 -4.19
C VAL A 83 -29.28 42.93 -4.90
N THR A 84 -30.29 42.48 -4.17
CA THR A 84 -31.26 41.53 -4.73
C THR A 84 -32.60 42.23 -4.94
N GLY A 85 -33.51 41.57 -5.63
CA GLY A 85 -34.83 42.12 -5.88
C GLY A 85 -34.87 43.32 -6.80
N GLN A 86 -33.83 43.59 -7.58
CA GLN A 86 -33.89 44.74 -8.48
C GLN A 86 -34.93 44.54 -9.59
N ALA A 87 -35.71 45.56 -9.86
CA ALA A 87 -36.59 45.57 -11.03
C ALA A 87 -35.74 45.60 -12.31
N VAL A 88 -36.29 45.15 -13.43
CA VAL A 88 -35.53 45.09 -14.68
C VAL A 88 -34.88 46.41 -15.04
N PRO A 89 -35.55 47.55 -15.06
CA PRO A 89 -34.83 48.81 -15.35
C PRO A 89 -33.67 49.07 -14.38
N VAL A 90 -33.86 48.76 -13.10
CA VAL A 90 -32.81 48.97 -12.11
C VAL A 90 -31.62 48.03 -12.35
N ILE A 91 -31.89 46.79 -12.77
CA ILE A 91 -30.78 45.89 -13.10
C ILE A 91 -29.80 46.53 -14.09
N TYR A 92 -30.33 47.08 -15.18
CA TYR A 92 -29.50 47.61 -16.26
C TYR A 92 -28.95 48.98 -15.92
N GLU A 93 -29.68 49.80 -15.17
CA GLU A 93 -29.11 51.07 -14.73
C GLU A 93 -27.93 50.85 -13.79
N SER A 94 -28.08 49.99 -12.79
CA SER A 94 -26.99 49.75 -11.86
C SER A 94 -25.84 48.96 -12.47
N ASP A 95 -26.11 48.03 -13.38
CA ASP A 95 -24.98 47.30 -13.97
C ASP A 95 -24.14 48.26 -14.80
N ALA A 96 -24.74 49.18 -15.56
CA ALA A 96 -23.98 50.20 -16.28
C ALA A 96 -23.15 51.07 -15.34
N ASP A 97 -23.73 51.48 -14.21
CA ASP A 97 -22.98 52.26 -13.22
C ASP A 97 -21.82 51.45 -12.66
N GLN A 98 -22.06 50.17 -12.36
CA GLN A 98 -20.95 49.36 -11.82
C GLN A 98 -19.84 49.17 -12.84
N GLU A 99 -20.16 48.82 -14.08
CA GLU A 99 -19.15 48.67 -15.13
C GLU A 99 -18.32 49.94 -15.26
N ASP A 100 -19.01 51.07 -15.18
CA ASP A 100 -18.33 52.37 -15.32
C ASP A 100 -17.40 52.60 -14.15
N ALA A 101 -17.90 52.35 -12.93
CA ALA A 101 -17.07 52.41 -11.74
C ALA A 101 -15.89 51.46 -11.85
N THR A 102 -16.11 50.25 -12.38
CA THR A 102 -15.00 49.32 -12.54
C THR A 102 -13.93 49.84 -13.47
N ILE A 103 -14.31 50.41 -14.62
CA ILE A 103 -13.31 50.91 -15.55
C ILE A 103 -12.52 52.05 -14.92
N GLU A 104 -13.19 52.88 -14.13
CA GLU A 104 -12.48 53.96 -13.45
C GLU A 104 -11.46 53.41 -12.47
N ALA A 105 -11.86 52.39 -11.71
CA ALA A 105 -10.95 51.82 -10.72
C ALA A 105 -9.79 51.10 -11.39
N TYR A 106 -10.07 50.22 -12.34
CA TYR A 106 -9.04 49.45 -13.00
C TYR A 106 -8.04 50.38 -13.68
N SER A 107 -8.54 51.51 -14.19
CA SER A 107 -7.68 52.50 -14.84
C SER A 107 -6.70 53.07 -13.84
N GLN A 108 -7.17 53.28 -12.61
CA GLN A 108 -6.22 53.68 -11.58
C GLN A 108 -5.28 52.55 -11.21
N PHE A 109 -5.78 51.33 -11.10
CA PHE A 109 -4.92 50.19 -10.78
C PHE A 109 -3.82 50.00 -11.83
N LEU A 110 -4.14 50.23 -13.08
CA LEU A 110 -3.23 50.14 -14.22
C LEU A 110 -2.08 51.15 -14.09
N LYS A 111 -2.42 52.34 -13.61
CA LYS A 111 -1.48 53.40 -13.33
C LYS A 111 -0.49 52.98 -12.26
N VAL A 112 -0.99 52.41 -11.16
CA VAL A 112 -0.10 51.87 -10.13
C VAL A 112 0.89 50.85 -10.67
N CYS A 113 0.42 49.94 -11.53
CA CYS A 113 1.32 48.92 -12.08
C CYS A 113 2.48 49.56 -12.83
N LYS A 114 2.19 50.62 -13.60
CA LYS A 114 3.20 51.32 -14.37
C LYS A 114 4.21 52.03 -13.47
N GLU A 115 3.71 52.66 -12.42
CA GLU A 115 4.49 53.22 -11.34
C GLU A 115 5.35 52.17 -10.64
N GLN A 116 4.88 50.93 -10.56
CA GLN A 116 5.67 49.86 -9.96
C GLN A 116 6.50 49.12 -11.00
N GLY A 117 6.64 49.74 -12.16
CA GLY A 117 7.36 49.13 -13.27
C GLY A 117 6.90 47.72 -13.56
N ASP A 118 5.60 47.44 -13.53
CA ASP A 118 5.12 46.10 -13.86
C ASP A 118 4.33 46.08 -15.16
N ILE A 119 5.01 45.90 -16.29
CA ILE A 119 4.49 45.95 -17.64
C ILE A 119 3.47 44.84 -17.90
N VAL A 120 3.78 43.61 -17.49
CA VAL A 120 2.87 42.48 -17.68
C VAL A 120 1.54 42.73 -16.98
N THR A 121 1.54 43.19 -15.75
CA THR A 121 0.27 43.40 -15.04
C THR A 121 -0.51 44.56 -15.64
N ALA A 122 0.18 45.64 -15.99
CA ALA A 122 -0.48 46.77 -16.66
C ALA A 122 -1.21 46.34 -17.94
N ARG A 123 -0.56 45.50 -18.73
CA ARG A 123 -1.20 45.03 -19.96
C ARG A 123 -2.40 44.14 -19.66
N LEU A 124 -2.37 43.34 -18.59
CA LEU A 124 -3.54 42.53 -18.22
C LEU A 124 -4.72 43.43 -17.89
N PHE A 125 -4.46 44.51 -17.16
CA PHE A 125 -5.51 45.48 -16.86
C PHE A 125 -6.06 46.14 -18.13
N GLU A 126 -5.17 46.49 -19.05
CA GLU A 126 -5.63 47.17 -20.26
C GLU A 126 -6.55 46.26 -21.07
N ARG A 127 -6.22 44.98 -21.13
CA ARG A 127 -7.03 44.01 -21.83
C ARG A 127 -8.39 43.83 -21.16
N ILE A 128 -8.37 43.70 -19.83
CA ILE A 128 -9.66 43.47 -19.16
C ILE A 128 -10.52 44.72 -19.21
N ILE A 129 -9.94 45.92 -19.12
CA ILE A 129 -10.71 47.16 -19.23
C ILE A 129 -11.45 47.23 -20.57
N GLU A 130 -10.81 46.78 -21.66
CA GLU A 130 -11.52 46.81 -22.94
C GLU A 130 -12.75 45.91 -22.91
N GLU A 131 -12.65 44.78 -22.21
CA GLU A 131 -13.79 43.88 -22.08
C GLU A 131 -14.89 44.50 -21.21
N GLU A 132 -14.47 45.19 -20.14
CA GLU A 132 -15.46 45.89 -19.33
C GLU A 132 -16.18 46.95 -20.17
N GLN A 133 -15.46 47.56 -21.11
CA GLN A 133 -16.11 48.55 -21.97
C GLN A 133 -17.17 47.87 -22.83
N ALA A 134 -16.91 46.64 -23.24
CA ALA A 134 -17.92 45.88 -24.00
C ALA A 134 -19.15 45.60 -23.15
N HIS A 135 -18.92 45.30 -21.87
CA HIS A 135 -20.01 45.10 -20.93
C HIS A 135 -20.81 46.38 -20.71
N LEU A 136 -20.13 47.48 -20.41
CA LEU A 136 -20.77 48.78 -20.19
C LEU A 136 -21.70 49.12 -21.35
N THR A 137 -21.15 49.05 -22.57
CA THR A 137 -21.91 49.29 -23.78
C THR A 137 -23.12 48.36 -23.83
N TYR A 138 -22.97 47.09 -23.48
CA TYR A 138 -24.13 46.19 -23.51
C TYR A 138 -25.22 46.69 -22.54
N TYR A 139 -24.84 47.02 -21.31
CA TYR A 139 -25.86 47.38 -20.31
C TYR A 139 -26.53 48.71 -20.65
N GLU A 140 -25.75 49.65 -21.19
CA GLU A 140 -26.33 50.92 -21.60
C GLU A 140 -27.35 50.71 -22.71
N ASN A 141 -27.02 49.86 -23.69
CA ASN A 141 -27.94 49.54 -24.79
C ASN A 141 -29.24 48.94 -24.28
N ILE A 142 -29.16 47.93 -23.41
CA ILE A 142 -30.39 47.33 -22.91
C ILE A 142 -31.18 48.34 -22.07
N GLY A 143 -30.48 49.07 -21.20
CA GLY A 143 -31.13 50.08 -20.37
C GLY A 143 -31.91 51.07 -21.24
N SER A 144 -31.28 51.44 -22.35
CA SER A 144 -31.86 52.37 -23.31
C SER A 144 -33.10 51.82 -23.98
N HIS A 145 -33.14 50.53 -24.32
CA HIS A 145 -34.33 49.97 -24.93
C HIS A 145 -35.49 49.89 -23.94
N ILE A 146 -35.11 49.62 -22.69
CA ILE A 146 -36.15 49.51 -21.67
C ILE A 146 -36.75 50.89 -21.41
N LYS A 147 -35.91 51.90 -21.31
CA LYS A 147 -36.40 53.28 -21.08
C LYS A 147 -37.29 53.74 -22.22
N ASN A 148 -36.84 53.53 -23.44
CA ASN A 148 -37.52 54.07 -24.61
C ASN A 148 -38.65 53.22 -25.13
N LEU A 149 -38.62 51.91 -24.91
CA LEU A 149 -39.56 51.00 -25.56
C LEU A 149 -40.46 50.30 -24.55
N GLY A 150 -40.14 50.35 -23.27
CA GLY A 150 -40.99 49.76 -22.26
C GLY A 150 -41.29 48.29 -22.49
N ASP A 151 -42.53 47.92 -22.24
CA ASP A 151 -43.07 46.57 -22.34
C ASP A 151 -43.10 46.04 -23.76
N THR A 152 -43.01 46.93 -24.75
CA THR A 152 -42.82 46.53 -26.14
C THR A 152 -41.51 45.78 -26.33
N TYR A 153 -40.44 46.30 -25.71
CA TYR A 153 -39.17 45.60 -25.80
C TYR A 153 -39.21 44.28 -25.02
N LEU A 154 -39.74 44.32 -23.81
CA LEU A 154 -39.90 43.12 -23.00
C LEU A 154 -40.71 42.06 -23.71
N ALA A 155 -41.77 42.48 -24.41
CA ALA A 155 -42.67 41.53 -25.08
C ALA A 155 -41.88 40.69 -26.07
N LYS A 156 -40.92 41.34 -26.71
CA LYS A 156 -40.06 40.62 -27.65
C LYS A 156 -39.14 39.64 -26.95
N ILE A 157 -38.70 39.92 -25.73
CA ILE A 157 -37.77 39.05 -25.02
C ILE A 157 -38.47 37.91 -24.27
N ALA A 158 -39.77 38.03 -24.03
CA ALA A 158 -40.50 36.99 -23.31
C ALA A 158 -40.56 35.67 -24.06
N GLY A 159 -40.11 34.59 -23.43
CA GLY A 159 -40.19 33.28 -24.06
C GLY A 159 -39.02 32.94 -24.96
N THR A 160 -38.05 33.85 -25.10
CA THR A 160 -36.88 33.54 -25.92
C THR A 160 -36.01 32.47 -25.26
N PRO A 161 -35.19 31.81 -26.06
CA PRO A 161 -34.23 30.84 -25.49
C PRO A 161 -33.33 31.49 -24.44
N SER A 162 -32.98 30.71 -23.42
CA SER A 162 -32.11 31.19 -22.35
C SER A 162 -30.77 30.49 -22.34
N SER A 163 -30.57 29.57 -23.28
CA SER A 163 -29.39 28.72 -23.34
C SER A 163 -28.11 29.50 -23.61
N THR A 164 -27.03 29.15 -22.91
CA THR A 164 -25.76 29.81 -23.11
C THR A 164 -24.76 28.86 -23.79
N GLY A 165 -25.32 27.79 -24.34
CA GLY A 165 -24.55 26.79 -25.06
C GLY A 165 -24.59 25.44 -24.35
N THR A 166 -23.57 24.65 -24.67
CA THR A 166 -23.39 23.33 -24.06
C THR A 166 -23.14 23.47 -22.58
N ALA A 167 -23.48 22.46 -21.79
CA ALA A 167 -23.12 22.47 -20.38
C ALA A 167 -21.60 22.60 -20.19
N SER A 168 -21.26 23.24 -19.07
CA SER A 168 -19.99 23.42 -18.43
C SER A 168 -19.14 22.15 -18.40
N LYS A 169 -18.09 22.09 -19.21
CA LYS A 169 -17.18 20.95 -19.06
C LYS A 169 -16.71 20.87 -17.61
N GLY A 170 -17.08 19.83 -16.89
CA GLY A 170 -16.79 19.64 -15.47
C GLY A 170 -16.19 18.28 -15.19
N PHE A 171 -16.06 17.89 -13.92
CA PHE A 171 -15.35 16.66 -13.62
C PHE A 171 -16.22 15.43 -13.80
N VAL A 172 -17.41 15.39 -13.21
CA VAL A 172 -18.18 14.16 -13.40
C VAL A 172 -18.68 14.07 -14.84
N ASN B 4 -49.39 23.67 5.43
CA ASN B 4 -49.34 25.03 4.88
C ASN B 4 -48.28 25.16 3.80
N ARG B 5 -48.75 25.41 2.57
CA ARG B 5 -47.92 25.38 1.38
C ARG B 5 -46.66 26.22 1.53
N GLU B 6 -46.86 27.42 2.08
CA GLU B 6 -45.78 28.40 2.21
C GLU B 6 -44.69 27.90 3.15
N ASP B 7 -45.09 27.30 4.27
CA ASP B 7 -44.13 26.82 5.26
C ASP B 7 -43.32 25.64 4.73
N ARG B 8 -43.87 24.80 3.84
CA ARG B 8 -43.09 23.70 3.29
C ARG B 8 -42.00 24.22 2.35
N LYS B 9 -42.33 25.29 1.62
CA LYS B 9 -41.39 25.95 0.74
C LYS B 9 -40.30 26.69 1.51
N ALA B 10 -40.66 27.43 2.55
CA ALA B 10 -39.71 28.14 3.37
C ALA B 10 -38.64 27.20 3.94
N LYS B 11 -39.05 26.07 4.49
CA LYS B 11 -38.16 25.12 5.11
C LYS B 11 -37.24 24.44 4.09
N VAL B 12 -37.75 24.20 2.90
CA VAL B 12 -36.89 23.64 1.85
C VAL B 12 -35.92 24.67 1.33
N ILE B 13 -36.40 25.90 1.14
CA ILE B 13 -35.56 27.01 0.70
C ILE B 13 -34.41 27.23 1.67
N GLU B 14 -34.70 27.07 2.95
CA GLU B 14 -33.66 27.24 3.98
C GLU B 14 -32.55 26.23 3.81
N VAL B 15 -32.85 24.95 3.59
CA VAL B 15 -31.75 24.00 3.42
C VAL B 15 -31.08 24.15 2.05
N LEU B 16 -31.84 24.63 1.06
CA LEU B 16 -31.23 24.83 -0.26
C LEU B 16 -30.16 25.92 -0.19
N ASN B 17 -30.45 26.95 0.58
CA ASN B 17 -29.51 28.07 0.74
C ASN B 17 -28.32 27.65 1.59
N LYS B 18 -28.53 26.75 2.55
CA LYS B 18 -27.40 26.19 3.29
C LYS B 18 -26.49 25.38 2.38
N ALA B 19 -27.09 24.52 1.56
CA ALA B 19 -26.31 23.72 0.62
C ALA B 19 -25.61 24.64 -0.37
N ARG B 20 -26.32 25.64 -0.90
CA ARG B 20 -25.75 26.61 -1.82
C ARG B 20 -24.53 27.32 -1.23
N ALA B 21 -24.64 27.78 0.02
CA ALA B 21 -23.51 28.42 0.69
C ALA B 21 -22.31 27.49 0.77
N MET B 22 -22.55 26.20 0.96
CA MET B 22 -21.51 25.17 0.97
C MET B 22 -20.89 25.05 -0.41
N GLU B 23 -21.73 25.07 -1.45
CA GLU B 23 -21.22 25.10 -2.82
C GLU B 23 -20.32 26.30 -3.04
N LEU B 24 -20.74 27.51 -2.66
CA LEU B 24 -19.90 28.69 -2.88
C LEU B 24 -18.56 28.51 -2.19
N HIS B 25 -18.58 28.00 -0.95
CA HIS B 25 -17.30 27.74 -0.29
C HIS B 25 -16.40 26.82 -1.12
N ALA B 26 -16.95 25.69 -1.55
CA ALA B 26 -16.18 24.72 -2.32
C ALA B 26 -15.59 25.35 -3.59
N ILE B 27 -16.37 26.13 -4.31
CA ILE B 27 -15.91 26.81 -5.52
C ILE B 27 -14.66 27.62 -5.22
N HIS B 28 -14.71 28.46 -4.18
CA HIS B 28 -13.55 29.27 -3.83
C HIS B 28 -12.42 28.42 -3.26
N GLN B 29 -12.74 27.39 -2.49
CA GLN B 29 -11.68 26.58 -1.90
C GLN B 29 -10.94 25.78 -2.97
N TYR B 30 -11.69 25.16 -3.89
CA TYR B 30 -11.08 24.32 -4.90
C TYR B 30 -10.34 25.15 -5.94
N MET B 31 -10.84 26.35 -6.24
CA MET B 31 -10.13 27.19 -7.22
C MET B 31 -8.85 27.77 -6.59
N ASN B 32 -8.89 28.07 -5.29
CA ASN B 32 -7.69 28.52 -4.59
C ASN B 32 -6.58 27.48 -4.71
N GLN B 33 -6.93 26.23 -4.48
CA GLN B 33 -6.03 25.11 -4.62
C GLN B 33 -5.61 24.88 -6.07
N HIS B 34 -6.49 25.10 -7.02
CA HIS B 34 -6.15 25.05 -8.44
C HIS B 34 -5.04 26.05 -8.78
N TYR B 35 -5.10 27.28 -8.24
CA TYR B 35 -4.09 28.30 -8.51
C TYR B 35 -2.73 27.87 -7.98
N SER B 36 -2.70 27.25 -6.80
CA SER B 36 -1.47 26.69 -6.25
C SER B 36 -0.92 25.53 -7.08
N LEU B 37 -1.79 24.60 -7.44
CA LEU B 37 -1.36 23.42 -8.19
C LEU B 37 -0.74 23.79 -9.53
N ASP B 38 -1.37 24.76 -10.21
CA ASP B 38 -0.85 25.31 -11.44
C ASP B 38 0.47 26.03 -11.18
N ASP B 39 0.51 26.79 -10.09
CA ASP B 39 1.74 27.47 -9.69
C ASP B 39 2.85 26.46 -9.43
N MET B 40 2.49 25.29 -8.93
CA MET B 40 3.48 24.25 -8.69
C MET B 40 3.78 23.43 -9.95
N ASP B 41 3.06 23.71 -11.02
CA ASP B 41 3.20 23.05 -12.30
C ASP B 41 2.91 21.55 -12.20
N TYR B 42 1.79 21.20 -11.56
CA TYR B 42 1.22 19.87 -11.54
C TYR B 42 -0.09 19.90 -12.34
N GLY B 43 0.03 20.03 -13.65
CA GLY B 43 -1.06 20.32 -14.54
C GLY B 43 -2.28 19.44 -14.39
N GLU B 44 -2.10 18.12 -14.41
CA GLU B 44 -3.24 17.24 -14.36
C GLU B 44 -4.05 17.39 -13.07
N LEU B 45 -3.32 17.67 -11.99
CA LEU B 45 -4.01 17.90 -10.71
C LEU B 45 -4.73 19.25 -10.75
N ALA B 46 -4.04 20.27 -11.29
CA ALA B 46 -4.69 21.58 -11.41
C ALA B 46 -5.95 21.48 -12.26
N ALA B 47 -5.84 20.78 -13.38
CA ALA B 47 -6.95 20.69 -14.30
C ALA B 47 -8.16 20.04 -13.64
N ASN B 48 -7.99 18.87 -13.03
CA ASN B 48 -9.13 18.19 -12.42
C ASN B 48 -9.71 18.99 -11.26
N MET B 49 -8.84 19.71 -10.54
CA MET B 49 -9.33 20.51 -9.43
C MET B 49 -10.31 21.57 -9.96
N LYS B 50 -9.95 22.17 -11.08
CA LYS B 50 -10.82 23.18 -11.69
C LYS B 50 -12.08 22.54 -12.24
N LEU B 51 -11.96 21.35 -12.83
CA LEU B 51 -13.17 20.72 -13.35
C LEU B 51 -14.14 20.42 -12.22
N ILE B 52 -13.63 20.04 -11.05
CA ILE B 52 -14.51 19.75 -9.92
C ILE B 52 -15.14 21.04 -9.40
N ALA B 53 -14.39 22.14 -9.39
CA ALA B 53 -14.91 23.44 -8.98
C ALA B 53 -16.04 23.89 -9.90
N ILE B 54 -15.94 23.52 -11.17
CA ILE B 54 -17.01 23.85 -12.13
C ILE B 54 -18.24 22.98 -11.88
N ASP B 55 -18.05 21.73 -11.47
CA ASP B 55 -19.16 20.91 -10.98
C ASP B 55 -19.87 21.62 -9.82
N GLU B 56 -19.10 22.14 -8.86
CA GLU B 56 -19.69 22.85 -7.72
C GLU B 56 -20.39 24.12 -8.18
N MET B 57 -19.87 24.81 -9.19
CA MET B 57 -20.57 25.94 -9.79
C MET B 57 -21.95 25.53 -10.30
N ARG B 58 -22.02 24.39 -11.00
CA ARG B 58 -23.27 23.88 -11.53
C ARG B 58 -24.25 23.54 -10.42
N HIS B 59 -23.72 22.96 -9.34
CA HIS B 59 -24.56 22.70 -8.18
C HIS B 59 -25.12 23.98 -7.60
N ALA B 60 -24.27 25.00 -7.41
CA ALA B 60 -24.74 26.26 -6.87
C ALA B 60 -25.86 26.84 -7.74
N GLU B 61 -25.71 26.71 -9.05
CA GLU B 61 -26.67 27.17 -10.03
C GLU B 61 -27.99 26.39 -9.94
N ASN B 62 -27.88 25.07 -9.88
CA ASN B 62 -29.06 24.21 -9.75
C ASN B 62 -29.85 24.52 -8.48
N PHE B 63 -29.17 24.69 -7.37
CA PHE B 63 -29.81 25.03 -6.11
C PHE B 63 -30.51 26.39 -6.21
N ALA B 64 -29.87 27.38 -6.84
CA ALA B 64 -30.46 28.71 -6.99
C ALA B 64 -31.73 28.64 -7.82
N GLU B 65 -31.65 27.88 -8.91
CA GLU B 65 -32.80 27.72 -9.78
C GLU B 65 -33.98 27.12 -9.02
N ARG B 66 -33.71 26.10 -8.19
CA ARG B 66 -34.79 25.53 -7.40
C ARG B 66 -35.27 26.52 -6.35
N ILE B 67 -34.39 27.31 -5.77
CA ILE B 67 -34.79 28.32 -4.79
C ILE B 67 -35.73 29.33 -5.44
N LYS B 68 -35.43 29.74 -6.69
CA LYS B 68 -36.31 30.65 -7.42
C LYS B 68 -37.66 30.02 -7.74
N GLU B 69 -37.70 28.74 -8.10
CA GLU B 69 -38.96 28.09 -8.41
C GLU B 69 -39.85 28.05 -7.17
N LEU B 70 -39.25 28.09 -5.99
CA LEU B 70 -39.98 28.02 -4.73
C LEU B 70 -40.28 29.41 -4.18
N GLY B 71 -39.81 30.43 -4.87
CA GLY B 71 -40.07 31.81 -4.53
C GLY B 71 -39.08 32.46 -3.60
N GLY B 72 -37.94 31.80 -3.35
CA GLY B 72 -36.94 32.34 -2.44
C GLY B 72 -35.83 33.08 -3.15
N GLU B 73 -34.91 33.63 -2.37
CA GLU B 73 -33.74 34.38 -2.82
C GLU B 73 -32.46 33.56 -2.60
N PRO B 74 -31.76 33.20 -3.68
CA PRO B 74 -30.52 32.45 -3.58
C PRO B 74 -29.42 33.29 -2.92
N THR B 75 -28.81 32.68 -1.92
CA THR B 75 -27.78 33.30 -1.11
C THR B 75 -26.50 33.56 -1.89
N THR B 76 -25.78 34.60 -1.48
CA THR B 76 -24.47 34.86 -2.04
C THR B 76 -23.39 34.80 -0.97
N GLN B 77 -23.71 34.19 0.16
CA GLN B 77 -22.75 34.06 1.25
C GLN B 77 -22.19 32.64 1.28
N LYS B 78 -20.88 32.49 1.36
CA LYS B 78 -20.33 31.12 1.44
C LYS B 78 -20.22 30.68 2.89
N GLU B 79 -20.30 29.38 3.15
CA GLU B 79 -20.19 28.86 4.51
C GLU B 79 -18.74 28.59 4.87
N GLY B 80 -18.30 28.94 6.07
CA GLY B 80 -16.95 28.68 6.51
C GLY B 80 -15.93 29.66 5.94
N LYS B 81 -14.65 29.34 6.05
CA LYS B 81 -13.55 30.15 5.58
C LYS B 81 -12.67 29.36 4.61
N VAL B 82 -12.16 30.01 3.58
CA VAL B 82 -11.22 29.32 2.70
C VAL B 82 -9.84 29.29 3.36
N VAL B 83 -9.23 28.11 3.35
CA VAL B 83 -7.87 27.90 3.81
C VAL B 83 -6.93 28.02 2.62
N THR B 84 -5.94 28.90 2.73
CA THR B 84 -4.97 29.10 1.66
C THR B 84 -3.60 28.57 2.07
N GLY B 85 -2.72 28.43 1.09
CA GLY B 85 -1.36 28.00 1.30
C GLY B 85 -1.21 26.55 1.64
N GLN B 86 -2.16 25.67 1.32
CA GLN B 86 -1.96 24.26 1.67
C GLN B 86 -0.97 23.58 0.74
N ALA B 87 -0.07 22.78 1.30
CA ALA B 87 0.82 21.90 0.55
C ALA B 87 0.01 20.77 -0.11
N VAL B 88 0.61 20.09 -1.08
CA VAL B 88 -0.12 19.11 -1.87
C VAL B 88 -0.81 18.03 -1.04
N PRO B 89 -0.18 17.38 -0.07
CA PRO B 89 -0.89 16.34 0.69
C PRO B 89 -2.10 16.90 1.43
N VAL B 90 -1.95 18.12 1.93
CA VAL B 90 -2.99 18.72 2.76
C VAL B 90 -4.20 19.15 1.93
N ILE B 91 -4.00 19.55 0.69
CA ILE B 91 -5.10 19.82 -0.24
C ILE B 91 -6.02 18.63 -0.35
N TYR B 92 -5.47 17.44 -0.57
CA TYR B 92 -6.30 16.27 -0.85
C TYR B 92 -6.90 15.66 0.39
N GLU B 93 -6.22 15.77 1.52
CA GLU B 93 -6.82 15.30 2.77
C GLU B 93 -7.94 16.22 3.24
N SER B 94 -7.80 17.53 3.09
CA SER B 94 -8.90 18.41 3.46
C SER B 94 -10.07 18.33 2.47
N ASP B 95 -9.78 18.16 1.19
CA ASP B 95 -10.87 18.11 0.21
C ASP B 95 -11.70 16.83 0.36
N ALA B 96 -11.05 15.72 0.69
CA ALA B 96 -11.80 14.49 0.93
C ALA B 96 -12.71 14.66 2.16
N ASP B 97 -12.17 15.33 3.16
CA ASP B 97 -12.93 15.59 4.39
C ASP B 97 -14.12 16.49 4.07
N GLN B 98 -13.89 17.47 3.21
CA GLN B 98 -14.94 18.40 2.82
C GLN B 98 -16.06 17.68 2.05
N GLU B 99 -15.70 16.81 1.11
CA GLU B 99 -16.69 16.09 0.33
C GLU B 99 -17.50 15.13 1.20
N ASP B 100 -16.81 14.41 2.09
CA ASP B 100 -17.49 13.55 3.05
C ASP B 100 -18.49 14.33 3.90
N ALA B 101 -18.09 15.52 4.35
CA ALA B 101 -18.99 16.33 5.15
C ALA B 101 -20.16 16.87 4.33
N THR B 102 -19.93 17.12 3.05
CA THR B 102 -21.03 17.61 2.20
C THR B 102 -22.08 16.53 1.99
N ILE B 103 -21.63 15.29 1.78
CA ILE B 103 -22.59 14.22 1.51
C ILE B 103 -23.46 13.97 2.74
N GLU B 104 -22.82 14.00 3.91
CA GLU B 104 -23.55 13.86 5.16
C GLU B 104 -24.55 14.98 5.34
N ALA B 105 -24.09 16.21 5.09
CA ALA B 105 -25.03 17.33 5.22
C ALA B 105 -26.17 17.20 4.22
N TYR B 106 -25.83 16.83 2.98
CA TYR B 106 -26.83 16.82 1.91
C TYR B 106 -27.84 15.69 2.15
N SER B 107 -27.36 14.61 2.74
CA SER B 107 -28.27 13.52 3.08
C SER B 107 -29.34 13.99 4.06
N GLN B 108 -28.94 14.79 5.04
CA GLN B 108 -29.82 15.43 6.00
C GLN B 108 -30.77 16.43 5.33
N PHE B 109 -30.26 17.29 4.45
CA PHE B 109 -31.13 18.21 3.72
C PHE B 109 -32.18 17.46 2.94
N LEU B 110 -31.79 16.33 2.35
CA LEU B 110 -32.67 15.48 1.57
C LEU B 110 -33.82 14.95 2.44
N LYS B 111 -33.50 14.69 3.70
CA LYS B 111 -34.49 14.19 4.64
C LYS B 111 -35.56 15.24 4.86
N VAL B 112 -35.09 16.47 5.03
CA VAL B 112 -36.02 17.58 5.21
C VAL B 112 -36.98 17.74 4.03
N CYS B 113 -36.43 17.64 2.82
CA CYS B 113 -37.23 17.75 1.61
C CYS B 113 -38.35 16.71 1.58
N LYS B 114 -38.01 15.48 1.97
CA LYS B 114 -38.96 14.40 2.02
C LYS B 114 -40.03 14.70 3.08
N GLU B 115 -39.57 15.24 4.20
CA GLU B 115 -40.48 15.59 5.29
C GLU B 115 -41.38 16.75 4.91
N GLN B 116 -40.91 17.66 4.07
CA GLN B 116 -41.74 18.77 3.62
C GLN B 116 -42.52 18.42 2.36
N GLY B 117 -42.58 17.14 2.01
CA GLY B 117 -43.32 16.69 0.86
C GLY B 117 -42.83 17.29 -0.44
N ASP B 118 -41.52 17.49 -0.54
CA ASP B 118 -40.95 18.05 -1.76
C ASP B 118 -40.11 17.03 -2.53
N ILE B 119 -40.75 16.32 -3.44
CA ILE B 119 -40.14 15.29 -4.26
C ILE B 119 -39.15 15.86 -5.27
N VAL B 120 -39.45 17.02 -5.85
CA VAL B 120 -38.52 17.55 -6.85
C VAL B 120 -37.19 17.97 -6.23
N THR B 121 -37.19 18.69 -5.11
CA THR B 121 -35.93 19.09 -4.47
C THR B 121 -35.19 17.89 -3.91
N ALA B 122 -35.90 16.90 -3.38
CA ALA B 122 -35.25 15.70 -2.84
C ALA B 122 -34.43 14.99 -3.90
N ARG B 123 -35.01 14.94 -5.10
CA ARG B 123 -34.36 14.27 -6.23
C ARG B 123 -33.16 15.08 -6.70
N LEU B 124 -33.26 16.41 -6.62
CA LEU B 124 -32.12 17.27 -6.91
C LEU B 124 -30.97 16.94 -5.97
N PHE B 125 -31.26 16.84 -4.68
CA PHE B 125 -30.21 16.56 -3.69
C PHE B 125 -29.57 15.20 -3.95
N GLU B 126 -30.41 14.23 -4.29
CA GLU B 126 -29.92 12.86 -4.54
C GLU B 126 -29.04 12.84 -5.77
N ARG B 127 -29.40 13.56 -6.83
CA ARG B 127 -28.53 13.67 -7.99
C ARG B 127 -27.18 14.31 -7.67
N ILE B 128 -27.20 15.38 -6.89
CA ILE B 128 -25.94 16.06 -6.57
C ILE B 128 -25.10 15.23 -5.61
N ILE B 129 -25.71 14.56 -4.66
CA ILE B 129 -24.99 13.70 -3.72
C ILE B 129 -24.19 12.65 -4.48
N GLU B 130 -24.79 12.15 -5.57
CA GLU B 130 -24.07 11.15 -6.37
C GLU B 130 -22.83 11.76 -7.02
N GLU B 131 -22.92 13.01 -7.43
CA GLU B 131 -21.73 13.68 -7.96
C GLU B 131 -20.72 13.99 -6.87
N GLU B 132 -21.19 14.37 -5.68
CA GLU B 132 -20.24 14.59 -4.58
C GLU B 132 -19.48 13.31 -4.25
N GLN B 133 -20.12 12.15 -4.39
CA GLN B 133 -19.47 10.87 -4.14
C GLN B 133 -18.33 10.68 -5.13
N ALA B 134 -18.52 11.11 -6.37
CA ALA B 134 -17.45 11.01 -7.36
C ALA B 134 -16.29 11.92 -6.98
N HIS B 135 -16.57 13.13 -6.51
CA HIS B 135 -15.51 14.01 -6.06
C HIS B 135 -14.72 13.41 -4.89
N LEU B 136 -15.45 12.83 -3.96
CA LEU B 136 -14.86 12.22 -2.77
C LEU B 136 -13.88 11.13 -3.16
N THR B 137 -14.34 10.21 -4.00
CA THR B 137 -13.48 9.10 -4.40
C THR B 137 -12.18 9.60 -5.04
N TYR B 138 -12.35 10.59 -5.92
CA TYR B 138 -11.24 11.18 -6.64
C TYR B 138 -10.20 11.72 -5.65
N TYR B 139 -10.62 12.52 -4.69
CA TYR B 139 -9.71 13.17 -3.74
C TYR B 139 -9.05 12.13 -2.84
N GLU B 140 -9.80 11.11 -2.45
CA GLU B 140 -9.28 10.02 -1.63
C GLU B 140 -8.19 9.25 -2.36
N ASN B 141 -8.43 8.99 -3.64
CA ASN B 141 -7.42 8.29 -4.44
C ASN B 141 -6.14 9.11 -4.58
N ILE B 142 -6.24 10.39 -4.92
CA ILE B 142 -5.03 11.22 -5.04
C ILE B 142 -4.29 11.24 -3.72
N GLY B 143 -5.00 11.51 -2.62
CA GLY B 143 -4.43 11.55 -1.29
C GLY B 143 -3.76 10.26 -0.89
N SER B 144 -4.37 9.13 -1.25
CA SER B 144 -3.72 7.84 -1.05
C SER B 144 -2.38 7.75 -1.79
N HIS B 145 -2.33 8.22 -3.04
CA HIS B 145 -1.07 8.12 -3.78
C HIS B 145 0.01 9.00 -3.19
N ILE B 146 -0.39 10.18 -2.73
CA ILE B 146 0.59 11.08 -2.12
C ILE B 146 1.10 10.50 -0.81
N LYS B 147 0.19 10.00 0.03
CA LYS B 147 0.62 9.47 1.31
C LYS B 147 1.57 8.29 1.13
N ASN B 148 1.20 7.41 0.20
CA ASN B 148 1.89 6.14 0.05
C ASN B 148 3.07 6.21 -0.90
N LEU B 149 3.07 7.11 -1.88
CA LEU B 149 4.12 7.06 -2.90
C LEU B 149 4.85 8.39 -3.07
N GLY B 150 4.34 9.48 -2.55
CA GLY B 150 4.94 10.80 -2.65
C GLY B 150 5.57 11.17 -3.98
N ASP B 151 6.83 11.58 -3.94
CA ASP B 151 7.61 12.16 -5.01
C ASP B 151 7.60 11.37 -6.31
N THR B 152 7.68 10.06 -6.23
CA THR B 152 7.71 9.32 -7.50
C THR B 152 6.40 9.54 -8.26
N TYR B 153 5.33 9.61 -7.45
CA TYR B 153 4.01 9.84 -8.01
C TYR B 153 3.93 11.26 -8.56
N LEU B 154 4.39 12.25 -7.78
CA LEU B 154 4.33 13.63 -8.22
C LEU B 154 5.23 13.88 -9.42
N ALA B 155 6.32 13.12 -9.53
CA ALA B 155 7.21 13.25 -10.67
C ALA B 155 6.45 13.02 -11.98
N LYS B 156 5.48 12.12 -11.93
CA LYS B 156 4.72 11.79 -13.13
C LYS B 156 3.77 12.92 -13.53
N ILE B 157 3.30 13.67 -12.54
CA ILE B 157 2.37 14.77 -12.76
C ILE B 157 3.09 16.05 -13.18
N ALA B 158 4.32 16.22 -12.72
CA ALA B 158 5.09 17.42 -13.02
C ALA B 158 5.17 17.67 -14.53
N GLY B 159 4.80 18.87 -14.95
CA GLY B 159 4.87 19.31 -16.32
C GLY B 159 3.81 18.76 -17.24
N THR B 160 2.86 18.00 -16.71
CA THR B 160 1.73 17.49 -17.50
C THR B 160 0.86 18.65 -17.99
N PRO B 161 0.03 18.38 -18.99
CA PRO B 161 -0.90 19.42 -19.43
C PRO B 161 -1.89 19.86 -18.37
N SER B 162 -2.31 21.14 -18.41
CA SER B 162 -3.30 21.57 -17.41
C SER B 162 -4.59 22.10 -18.03
N SER B 163 -4.70 22.00 -19.35
CA SER B 163 -5.89 22.54 -20.02
C SER B 163 -7.16 21.82 -19.60
N THR B 164 -8.27 22.53 -19.45
CA THR B 164 -9.53 21.88 -19.11
C THR B 164 -10.49 21.89 -20.29
N GLY B 165 -9.96 22.14 -21.50
CA GLY B 165 -10.76 22.11 -22.70
C GLY B 165 -10.99 23.50 -23.29
N THR B 166 -11.79 23.55 -24.34
CA THR B 166 -12.16 24.79 -25.01
C THR B 166 -12.57 25.86 -23.98
N ALA B 167 -12.12 27.09 -24.20
CA ALA B 167 -12.37 28.19 -23.29
C ALA B 167 -13.86 28.51 -23.14
N SER B 168 -14.18 28.95 -21.93
CA SER B 168 -15.47 29.35 -21.43
C SER B 168 -16.27 30.26 -22.37
N LYS B 169 -17.33 29.72 -22.97
CA LYS B 169 -18.14 30.62 -23.78
C LYS B 169 -18.63 31.78 -22.90
N GLY B 170 -18.17 32.99 -23.16
CA GLY B 170 -18.47 34.19 -22.44
C GLY B 170 -19.22 35.22 -23.28
N PHE B 171 -19.34 36.45 -22.83
CA PHE B 171 -20.02 37.50 -23.57
C PHE B 171 -19.14 38.11 -24.66
N VAL B 172 -17.94 38.54 -24.31
CA VAL B 172 -17.06 39.14 -25.32
C VAL B 172 -16.54 38.06 -26.27
N ASN C 4 -43.52 4.84 54.13
CA ASN C 4 -42.97 3.66 54.80
C ASN C 4 -41.52 3.37 54.43
N ARG C 5 -40.66 3.36 55.45
CA ARG C 5 -39.23 3.18 55.38
C ARG C 5 -38.81 2.04 54.46
N GLU C 6 -39.48 0.90 54.56
CA GLU C 6 -39.12 -0.28 53.79
C GLU C 6 -39.36 -0.09 52.30
N ASP C 7 -40.42 0.63 51.94
CA ASP C 7 -40.74 0.81 50.53
C ASP C 7 -39.78 1.80 49.88
N ARG C 8 -39.36 2.80 50.64
CA ARG C 8 -38.38 3.78 50.19
C ARG C 8 -37.03 3.12 49.91
N LYS C 9 -36.65 2.16 50.75
CA LYS C 9 -35.46 1.36 50.59
C LYS C 9 -35.57 0.44 49.37
N ALA C 10 -36.72 -0.25 49.28
CA ALA C 10 -37.00 -1.17 48.20
C ALA C 10 -36.91 -0.47 46.84
N LYS C 11 -37.44 0.75 46.82
CA LYS C 11 -37.41 1.53 45.59
C LYS C 11 -35.99 1.95 45.21
N VAL C 12 -35.15 2.25 46.19
CA VAL C 12 -33.79 2.71 45.88
C VAL C 12 -32.93 1.49 45.55
N ILE C 13 -33.12 0.41 46.30
CA ILE C 13 -32.43 -0.83 45.97
C ILE C 13 -32.73 -1.23 44.54
N GLU C 14 -33.93 -0.92 44.06
CA GLU C 14 -34.30 -1.32 42.70
C GLU C 14 -33.46 -0.60 41.65
N VAL C 15 -33.30 0.72 41.80
CA VAL C 15 -32.52 1.46 40.81
C VAL C 15 -31.03 1.17 41.00
N LEU C 16 -30.60 0.87 42.22
CA LEU C 16 -29.19 0.54 42.43
C LEU C 16 -28.83 -0.77 41.73
N ASN C 17 -29.73 -1.76 41.77
CA ASN C 17 -29.43 -3.02 41.07
C ASN C 17 -29.53 -2.85 39.57
N LYS C 18 -30.41 -1.96 39.10
CA LYS C 18 -30.45 -1.70 37.66
C LYS C 18 -29.12 -1.07 37.23
N ALA C 19 -28.67 -0.11 38.04
CA ALA C 19 -27.41 0.55 37.73
C ALA C 19 -26.28 -0.48 37.81
N ARG C 20 -26.36 -1.30 38.85
CA ARG C 20 -25.26 -2.25 39.05
C ARG C 20 -25.17 -3.20 37.87
N ALA C 21 -26.33 -3.60 37.35
CA ALA C 21 -26.36 -4.53 36.23
C ALA C 21 -25.74 -3.92 34.98
N MET C 22 -25.90 -2.59 34.87
CA MET C 22 -25.31 -1.84 33.78
C MET C 22 -23.80 -1.80 33.92
N GLU C 23 -23.30 -1.69 35.14
CA GLU C 23 -21.85 -1.68 35.39
C GLU C 23 -21.24 -3.01 34.98
N LEU C 24 -21.89 -4.11 35.40
CA LEU C 24 -21.43 -5.45 35.08
C LEU C 24 -21.37 -5.68 33.57
N HIS C 25 -22.34 -5.11 32.85
CA HIS C 25 -22.28 -5.19 31.39
C HIS C 25 -21.05 -4.45 30.87
N ALA C 26 -20.86 -3.22 31.38
CA ALA C 26 -19.80 -2.35 30.92
C ALA C 26 -18.43 -2.97 31.14
N ILE C 27 -18.25 -3.63 32.28
CA ILE C 27 -17.03 -4.37 32.60
C ILE C 27 -16.71 -5.40 31.52
N HIS C 28 -17.67 -6.27 31.20
CA HIS C 28 -17.47 -7.30 30.17
C HIS C 28 -17.28 -6.72 28.80
N GLN C 29 -18.11 -5.75 28.44
CA GLN C 29 -17.99 -5.06 27.16
C GLN C 29 -16.63 -4.38 27.01
N TYR C 30 -16.23 -3.55 27.98
CA TYR C 30 -14.96 -2.84 27.76
C TYR C 30 -13.78 -3.81 27.86
N MET C 31 -13.87 -4.84 28.68
CA MET C 31 -12.74 -5.77 28.76
C MET C 31 -12.66 -6.59 27.47
N ASN C 32 -13.81 -6.86 26.86
CA ASN C 32 -13.79 -7.55 25.57
C ASN C 32 -12.97 -6.77 24.56
N GLN C 33 -13.24 -5.46 24.52
CA GLN C 33 -12.54 -4.53 23.62
C GLN C 33 -11.06 -4.40 23.95
N HIS C 34 -10.74 -4.42 25.24
CA HIS C 34 -9.38 -4.45 25.74
C HIS C 34 -8.62 -5.64 25.17
N TYR C 35 -9.23 -6.83 25.22
CA TYR C 35 -8.56 -8.01 24.66
C TYR C 35 -8.31 -7.79 23.17
N SER C 36 -9.25 -7.18 22.46
CA SER C 36 -9.03 -6.92 21.03
C SER C 36 -7.92 -5.91 20.79
N LEU C 37 -7.93 -4.82 21.57
CA LEU C 37 -6.93 -3.79 21.32
C LEU C 37 -5.53 -4.28 21.64
N ASP C 38 -5.42 -5.14 22.64
CA ASP C 38 -4.15 -5.76 23.00
C ASP C 38 -3.67 -6.68 21.88
N ASP C 39 -4.57 -7.55 21.44
CA ASP C 39 -4.29 -8.43 20.31
C ASP C 39 -3.76 -7.65 19.11
N MET C 40 -4.43 -6.56 18.79
CA MET C 40 -4.05 -5.60 17.78
C MET C 40 -2.77 -4.84 18.12
N ASP C 41 -2.29 -4.93 19.36
CA ASP C 41 -1.10 -4.22 19.80
C ASP C 41 -1.27 -2.71 19.71
N TYR C 42 -2.42 -2.20 20.19
CA TYR C 42 -2.59 -0.76 20.35
C TYR C 42 -2.59 -0.48 21.87
N GLY C 43 -1.39 -0.52 22.43
CA GLY C 43 -1.04 -0.48 23.82
C GLY C 43 -1.74 0.54 24.68
N GLU C 44 -1.56 1.82 24.38
CA GLU C 44 -2.16 2.87 25.19
C GLU C 44 -3.67 2.78 25.19
N LEU C 45 -4.25 2.44 24.05
CA LEU C 45 -5.70 2.25 23.92
C LEU C 45 -6.15 1.03 24.71
N ALA C 46 -5.43 -0.08 24.61
CA ALA C 46 -5.79 -1.23 25.42
C ALA C 46 -5.72 -0.88 26.90
N ALA C 47 -4.66 -0.21 27.33
CA ALA C 47 -4.50 0.10 28.75
C ALA C 47 -5.58 1.02 29.29
N ASN C 48 -5.92 2.07 28.55
CA ASN C 48 -6.95 2.99 29.08
C ASN C 48 -8.32 2.32 29.09
N MET C 49 -8.58 1.44 28.12
CA MET C 49 -9.84 0.70 28.09
C MET C 49 -10.00 -0.13 29.36
N LYS C 50 -8.96 -0.86 29.74
CA LYS C 50 -8.99 -1.66 30.95
C LYS C 50 -9.06 -0.79 32.21
N LEU C 51 -8.40 0.36 32.22
CA LEU C 51 -8.48 1.26 33.36
C LEU C 51 -9.90 1.80 33.53
N ILE C 52 -10.59 2.11 32.43
CA ILE C 52 -12.00 2.49 32.56
C ILE C 52 -12.86 1.31 33.01
N ALA C 53 -12.62 0.09 32.53
CA ALA C 53 -13.29 -1.10 33.04
C ALA C 53 -13.12 -1.23 34.54
N ILE C 54 -11.92 -0.92 35.04
CA ILE C 54 -11.68 -1.03 36.48
C ILE C 54 -12.46 0.03 37.24
N ASP C 55 -12.62 1.21 36.63
CA ASP C 55 -13.54 2.18 37.19
C ASP C 55 -14.94 1.57 37.28
N GLU C 56 -15.39 0.86 36.24
CA GLU C 56 -16.73 0.30 36.26
C GLU C 56 -16.84 -0.79 37.33
N MET C 57 -15.76 -1.53 37.58
CA MET C 57 -15.75 -2.51 38.66
C MET C 57 -15.97 -1.85 40.03
N ARG C 58 -15.33 -0.69 40.17
CA ARG C 58 -15.43 0.07 41.41
C ARG C 58 -16.85 0.58 41.61
N HIS C 59 -17.47 0.99 40.50
CA HIS C 59 -18.85 1.48 40.57
C HIS C 59 -19.78 0.36 41.02
N ALA C 60 -19.63 -0.79 40.35
CA ALA C 60 -20.38 -1.99 40.67
C ALA C 60 -20.25 -2.32 42.15
N GLU C 61 -19.01 -2.23 42.63
CA GLU C 61 -18.73 -2.47 44.03
C GLU C 61 -19.42 -1.47 44.97
N ASN C 62 -19.40 -0.20 44.58
CA ASN C 62 -20.01 0.81 45.45
C ASN C 62 -21.53 0.67 45.47
N PHE C 63 -22.11 0.35 44.32
CA PHE C 63 -23.55 0.11 44.25
C PHE C 63 -23.91 -1.07 45.14
N ALA C 64 -23.17 -2.17 45.03
CA ALA C 64 -23.42 -3.33 45.89
C ALA C 64 -23.32 -2.98 47.37
N GLU C 65 -22.32 -2.17 47.76
CA GLU C 65 -22.18 -1.88 49.18
C GLU C 65 -23.32 -1.01 49.68
N ARG C 66 -23.83 -0.11 48.85
CA ARG C 66 -24.99 0.70 49.28
C ARG C 66 -26.22 -0.20 49.39
N ILE C 67 -26.42 -1.06 48.41
CA ILE C 67 -27.51 -2.03 48.47
C ILE C 67 -27.47 -2.79 49.79
N LYS C 68 -26.35 -3.35 50.18
CA LYS C 68 -26.24 -4.05 51.44
C LYS C 68 -26.65 -3.15 52.60
N GLU C 69 -26.18 -1.92 52.59
CA GLU C 69 -26.47 -0.95 53.64
C GLU C 69 -27.99 -0.79 53.79
N LEU C 70 -28.71 -0.94 52.69
CA LEU C 70 -30.16 -0.73 52.65
C LEU C 70 -30.93 -2.02 52.87
N GLY C 71 -30.21 -3.10 53.13
CA GLY C 71 -30.75 -4.42 53.39
C GLY C 71 -31.09 -5.22 52.16
N GLY C 72 -30.61 -4.86 50.98
CA GLY C 72 -30.94 -5.67 49.81
C GLY C 72 -29.83 -6.63 49.43
N GLU C 73 -29.98 -7.21 48.24
CA GLU C 73 -29.08 -8.19 47.65
C GLU C 73 -28.62 -7.72 46.29
N PRO C 74 -27.31 -7.50 46.16
CA PRO C 74 -26.76 -6.96 44.91
C PRO C 74 -26.85 -8.01 43.80
N THR C 75 -27.35 -7.60 42.64
CA THR C 75 -27.53 -8.52 41.53
C THR C 75 -26.22 -8.98 40.92
N THR C 76 -26.25 -10.15 40.28
CA THR C 76 -25.07 -10.68 39.61
C THR C 76 -25.29 -10.75 38.11
N GLN C 77 -26.43 -10.25 37.61
CA GLN C 77 -26.58 -10.35 36.17
C GLN C 77 -26.34 -9.01 35.49
N LYS C 78 -25.59 -9.05 34.40
CA LYS C 78 -25.32 -7.84 33.65
C LYS C 78 -26.55 -7.46 32.84
N GLU C 79 -26.68 -6.16 32.57
CA GLU C 79 -27.75 -5.67 31.71
C GLU C 79 -27.35 -5.84 30.26
N GLY C 80 -28.25 -6.33 29.43
CA GLY C 80 -28.03 -6.52 28.02
C GLY C 80 -26.91 -7.49 27.67
N LYS C 81 -26.58 -7.58 26.38
CA LYS C 81 -25.52 -8.50 25.98
C LYS C 81 -24.32 -7.74 25.42
N VAL C 82 -23.17 -8.39 25.53
CA VAL C 82 -21.91 -7.87 25.02
C VAL C 82 -21.73 -8.12 23.53
N VAL C 83 -21.32 -7.08 22.82
CA VAL C 83 -21.04 -7.12 21.39
C VAL C 83 -19.58 -7.50 21.18
N THR C 84 -19.32 -8.55 20.41
CA THR C 84 -17.95 -8.97 20.17
C THR C 84 -17.53 -8.64 18.75
N GLY C 85 -16.24 -8.79 18.46
CA GLY C 85 -15.69 -8.54 17.15
C GLY C 85 -15.82 -7.12 16.66
N GLN C 86 -15.94 -6.13 17.55
CA GLN C 86 -16.03 -4.74 17.10
C GLN C 86 -14.68 -4.21 16.60
N ALA C 87 -14.75 -3.52 15.46
CA ALA C 87 -13.56 -2.86 14.93
C ALA C 87 -13.33 -1.55 15.70
N VAL C 88 -12.12 -1.04 15.64
CA VAL C 88 -11.70 0.14 16.39
C VAL C 88 -12.63 1.32 16.19
N PRO C 89 -13.06 1.72 15.01
CA PRO C 89 -13.99 2.86 14.92
C PRO C 89 -15.30 2.60 15.67
N VAL C 90 -15.77 1.35 15.61
CA VAL C 90 -17.02 0.96 16.24
C VAL C 90 -16.90 0.89 17.77
N ILE C 91 -15.74 0.45 18.23
CA ILE C 91 -15.48 0.45 19.68
C ILE C 91 -15.73 1.82 20.28
N TYR C 92 -15.12 2.87 19.75
CA TYR C 92 -15.22 4.20 20.37
C TYR C 92 -16.55 4.88 20.14
N GLU C 93 -17.16 4.65 18.98
CA GLU C 93 -18.50 5.18 18.73
C GLU C 93 -19.55 4.58 19.68
N SER C 94 -19.53 3.25 19.79
CA SER C 94 -20.46 2.58 20.70
C SER C 94 -20.18 2.88 22.17
N ASP C 95 -18.90 2.95 22.55
CA ASP C 95 -18.60 3.21 23.96
C ASP C 95 -19.08 4.60 24.36
N ALA C 96 -18.90 5.57 23.46
CA ALA C 96 -19.41 6.91 23.71
C ALA C 96 -20.93 6.84 23.88
N ASP C 97 -21.59 6.14 22.98
CA ASP C 97 -23.03 5.93 23.05
C ASP C 97 -23.41 5.35 24.41
N GLN C 98 -22.74 4.28 24.80
CA GLN C 98 -23.07 3.64 26.06
C GLN C 98 -22.90 4.56 27.26
N GLU C 99 -21.86 5.40 27.27
CA GLU C 99 -21.64 6.29 28.42
C GLU C 99 -22.72 7.35 28.49
N ASP C 100 -23.05 7.88 27.30
CA ASP C 100 -24.14 8.84 27.23
C ASP C 100 -25.43 8.24 27.78
N ALA C 101 -25.71 6.97 27.45
CA ALA C 101 -26.97 6.38 27.89
C ALA C 101 -26.90 6.08 29.38
N THR C 102 -25.69 5.80 29.85
CA THR C 102 -25.53 5.52 31.27
C THR C 102 -25.85 6.77 32.07
N ILE C 103 -25.29 7.90 31.66
CA ILE C 103 -25.50 9.18 32.36
C ILE C 103 -26.95 9.58 32.37
N GLU C 104 -27.67 9.28 31.29
CA GLU C 104 -29.09 9.54 31.22
C GLU C 104 -29.85 8.66 32.21
N ALA C 105 -29.49 7.38 32.19
CA ALA C 105 -30.13 6.42 33.09
C ALA C 105 -29.89 6.82 34.53
N TYR C 106 -28.63 7.07 34.88
CA TYR C 106 -28.23 7.36 36.24
C TYR C 106 -28.85 8.69 36.68
N SER C 107 -29.02 9.62 35.74
CA SER C 107 -29.61 10.90 36.11
C SER C 107 -31.05 10.66 36.54
N GLN C 108 -31.72 9.70 35.91
CA GLN C 108 -33.05 9.36 36.37
C GLN C 108 -33.02 8.57 37.67
N PHE C 109 -32.11 7.62 37.84
CA PHE C 109 -32.06 6.90 39.12
C PHE C 109 -31.86 7.86 40.29
N LEU C 110 -31.04 8.88 40.08
CA LEU C 110 -30.78 9.87 41.12
C LEU C 110 -32.07 10.58 41.55
N LYS C 111 -32.91 10.88 40.57
CA LYS C 111 -34.23 11.46 40.80
C LYS C 111 -35.05 10.58 41.75
N VAL C 112 -35.07 9.27 41.49
CA VAL C 112 -35.79 8.36 42.39
C VAL C 112 -35.28 8.46 43.81
N CYS C 113 -33.96 8.45 43.97
CA CYS C 113 -33.37 8.56 45.30
C CYS C 113 -33.87 9.80 46.03
N LYS C 114 -33.85 10.94 45.38
CA LYS C 114 -34.34 12.19 45.98
C LYS C 114 -35.82 12.08 46.33
N GLU C 115 -36.59 11.52 45.40
CA GLU C 115 -38.02 11.26 45.59
C GLU C 115 -38.26 10.32 46.78
N GLN C 116 -37.35 9.37 46.99
CA GLN C 116 -37.45 8.45 48.10
C GLN C 116 -36.76 9.01 49.33
N GLY C 117 -36.29 10.24 49.26
CA GLY C 117 -35.64 10.85 50.41
C GLY C 117 -34.38 10.13 50.81
N ASP C 118 -33.61 9.63 49.83
CA ASP C 118 -32.35 8.97 50.14
C ASP C 118 -31.15 9.79 49.66
N ILE C 119 -30.71 10.70 50.51
CA ILE C 119 -29.62 11.63 50.22
C ILE C 119 -28.31 10.92 49.97
N VAL C 120 -27.99 9.88 50.75
CA VAL C 120 -26.71 9.19 50.60
C VAL C 120 -26.62 8.48 49.26
N THR C 121 -27.68 7.77 48.86
CA THR C 121 -27.61 7.11 47.56
C THR C 121 -27.61 8.14 46.43
N ALA C 122 -28.38 9.22 46.58
CA ALA C 122 -28.36 10.26 45.55
C ALA C 122 -26.96 10.81 45.34
N ARG C 123 -26.22 11.08 46.42
CA ARG C 123 -24.87 11.62 46.27
C ARG C 123 -23.95 10.61 45.60
N LEU C 124 -24.15 9.33 45.89
CA LEU C 124 -23.41 8.26 45.24
C LEU C 124 -23.59 8.27 43.73
N PHE C 125 -24.83 8.44 43.28
CA PHE C 125 -25.09 8.52 41.84
C PHE C 125 -24.46 9.75 41.22
N GLU C 126 -24.46 10.87 41.93
CA GLU C 126 -23.88 12.13 41.48
C GLU C 126 -22.38 12.02 41.31
N ARG C 127 -21.74 11.38 42.29
CA ARG C 127 -20.30 11.19 42.20
C ARG C 127 -19.93 10.28 41.04
N ILE C 128 -20.69 9.20 40.86
CA ILE C 128 -20.37 8.26 39.78
C ILE C 128 -20.68 8.85 38.41
N ILE C 129 -21.78 9.60 38.31
CA ILE C 129 -22.14 10.25 37.05
C ILE C 129 -21.01 11.16 36.57
N GLU C 130 -20.36 11.87 37.47
CA GLU C 130 -19.24 12.73 37.03
C GLU C 130 -18.10 11.88 36.48
N GLU C 131 -17.91 10.70 37.06
CA GLU C 131 -16.89 9.79 36.52
C GLU C 131 -17.29 9.29 35.14
N GLU C 132 -18.57 8.99 34.92
CA GLU C 132 -19.02 8.56 33.60
C GLU C 132 -18.84 9.69 32.60
N GLN C 133 -19.01 10.93 33.02
CA GLN C 133 -18.72 12.04 32.11
C GLN C 133 -17.26 12.00 31.65
N ALA C 134 -16.36 11.63 32.56
CA ALA C 134 -14.94 11.55 32.19
C ALA C 134 -14.71 10.41 31.20
N HIS C 135 -15.43 9.31 31.37
CA HIS C 135 -15.33 8.22 30.41
C HIS C 135 -15.81 8.61 29.03
N LEU C 136 -16.95 9.29 28.99
CA LEU C 136 -17.57 9.75 27.75
C LEU C 136 -16.66 10.70 26.98
N THR C 137 -16.12 11.70 27.68
CA THR C 137 -15.19 12.63 27.04
C THR C 137 -13.99 11.89 26.47
N TYR C 138 -13.47 10.93 27.24
CA TYR C 138 -12.36 10.14 26.70
C TYR C 138 -12.78 9.43 25.41
N TYR C 139 -13.90 8.72 25.39
CA TYR C 139 -14.26 7.94 24.20
C TYR C 139 -14.57 8.84 23.02
N GLU C 140 -15.22 9.97 23.28
CA GLU C 140 -15.51 10.93 22.22
C GLU C 140 -14.22 11.45 21.58
N ASN C 141 -13.22 11.73 22.40
CA ASN C 141 -11.92 12.21 21.96
C ASN C 141 -11.20 11.17 21.10
N ILE C 142 -11.15 9.91 21.52
CA ILE C 142 -10.50 8.91 20.67
C ILE C 142 -11.28 8.76 19.37
N GLY C 143 -12.60 8.67 19.49
CA GLY C 143 -13.46 8.59 18.31
C GLY C 143 -13.19 9.71 17.33
N SER C 144 -12.99 10.93 17.83
CA SER C 144 -12.71 12.05 16.92
C SER C 144 -11.34 11.93 16.30
N HIS C 145 -10.35 11.38 17.02
CA HIS C 145 -9.03 11.22 16.41
C HIS C 145 -9.03 10.15 15.33
N ILE C 146 -9.72 9.04 15.60
CA ILE C 146 -9.76 8.00 14.57
C ILE C 146 -10.52 8.46 13.34
N LYS C 147 -11.56 9.27 13.49
CA LYS C 147 -12.27 9.85 12.37
C LYS C 147 -11.42 10.87 11.61
N ASN C 148 -10.86 11.88 12.25
CA ASN C 148 -10.13 12.92 11.56
C ASN C 148 -8.72 12.53 11.11
N LEU C 149 -8.11 11.51 11.68
CA LEU C 149 -6.70 11.24 11.42
C LEU C 149 -6.46 9.80 11.00
N GLY C 150 -7.40 8.91 11.27
CA GLY C 150 -7.32 7.53 10.85
C GLY C 150 -6.04 6.81 11.23
N ASP C 151 -5.38 6.27 10.22
CA ASP C 151 -4.22 5.40 10.33
C ASP C 151 -2.98 6.15 10.76
N THR C 152 -2.97 7.47 10.55
CA THR C 152 -1.79 8.19 11.06
C THR C 152 -1.86 8.25 12.58
N TYR C 153 -3.08 8.35 13.13
CA TYR C 153 -3.16 8.38 14.60
C TYR C 153 -2.83 7.01 15.19
N LEU C 154 -3.36 5.95 14.59
CA LEU C 154 -3.11 4.57 15.05
C LEU C 154 -1.63 4.19 14.94
N ALA C 155 -0.96 4.70 13.92
CA ALA C 155 0.46 4.41 13.74
C ALA C 155 1.25 4.86 14.96
N LYS C 156 0.82 5.98 15.54
CA LYS C 156 1.42 6.48 16.78
C LYS C 156 1.17 5.56 17.96
N ILE C 157 0.02 4.88 17.98
CA ILE C 157 -0.31 4.07 19.15
C ILE C 157 0.26 2.67 19.04
N ALA C 158 0.56 2.27 17.81
CA ALA C 158 1.11 0.96 17.52
C ALA C 158 2.38 0.69 18.31
N GLY C 159 2.36 -0.41 19.06
CA GLY C 159 3.52 -0.83 19.80
C GLY C 159 3.76 -0.10 21.10
N THR C 160 2.88 0.80 21.53
CA THR C 160 3.06 1.53 22.79
C THR C 160 2.91 0.59 23.99
N PRO C 161 3.41 0.95 25.15
CA PRO C 161 3.23 0.11 26.34
C PRO C 161 1.75 -0.11 26.65
N SER C 162 1.35 -1.25 27.17
CA SER C 162 -0.04 -1.54 27.50
C SER C 162 -0.20 -1.82 28.99
N SER C 163 0.86 -1.53 29.74
CA SER C 163 0.79 -1.64 31.19
C SER C 163 -0.16 -0.61 31.81
N THR C 164 -0.92 -1.06 32.82
CA THR C 164 -1.86 -0.23 33.55
C THR C 164 -1.36 -0.01 34.97
N GLY C 165 -0.08 -0.36 35.15
CA GLY C 165 0.57 -0.27 36.44
C GLY C 165 0.82 -1.64 37.03
N THR C 166 1.16 -1.67 38.31
CA THR C 166 1.47 -2.91 39.02
C THR C 166 0.31 -3.90 38.89
N ALA C 167 0.66 -5.19 38.91
CA ALA C 167 -0.36 -6.23 38.81
C ALA C 167 -1.26 -6.26 40.05
N SER C 168 -2.52 -6.58 39.77
CA SER C 168 -3.56 -6.83 40.75
C SER C 168 -3.05 -7.44 42.05
N LYS C 169 -3.00 -6.67 43.14
CA LYS C 169 -2.75 -7.36 44.41
C LYS C 169 -3.88 -8.37 44.61
N GLY C 170 -3.53 -9.63 44.85
CA GLY C 170 -4.49 -10.70 45.02
C GLY C 170 -4.17 -11.55 46.24
N PHE C 171 -4.73 -12.76 46.28
CA PHE C 171 -4.49 -13.62 47.44
C PHE C 171 -3.18 -14.40 47.31
N VAL C 172 -2.97 -15.09 46.19
CA VAL C 172 -1.73 -15.85 46.03
C VAL C 172 -0.53 -14.90 46.01
N ASN D 4 -5.49 -31.28 12.39
CA ASN D 4 -4.92 -30.08 11.75
C ASN D 4 -4.78 -28.92 12.74
N ARG D 5 -4.01 -27.92 12.32
CA ARG D 5 -3.69 -26.76 13.11
C ARG D 5 -4.94 -26.05 13.62
N GLU D 6 -5.88 -25.72 12.74
CA GLU D 6 -7.07 -25.01 13.20
C GLU D 6 -7.95 -25.86 14.10
N ASP D 7 -7.96 -27.19 13.91
CA ASP D 7 -8.73 -28.06 14.77
C ASP D 7 -8.14 -28.13 16.17
N ARG D 8 -6.82 -28.12 16.29
CA ARG D 8 -6.17 -28.17 17.60
C ARG D 8 -6.41 -26.86 18.36
N LYS D 9 -6.37 -25.75 17.65
CA LYS D 9 -6.61 -24.46 18.31
C LYS D 9 -8.07 -24.37 18.74
N ALA D 10 -8.99 -24.68 17.85
CA ALA D 10 -10.42 -24.64 18.22
C ALA D 10 -10.71 -25.48 19.44
N LYS D 11 -10.13 -26.68 19.55
CA LYS D 11 -10.38 -27.53 20.71
C LYS D 11 -9.82 -26.98 22.01
N VAL D 12 -8.67 -26.32 21.89
CA VAL D 12 -8.09 -25.68 23.09
C VAL D 12 -8.89 -24.44 23.46
N ILE D 13 -9.26 -23.66 22.45
CA ILE D 13 -10.10 -22.49 22.71
C ILE D 13 -11.37 -22.89 23.44
N GLU D 14 -11.92 -24.06 23.09
CA GLU D 14 -13.13 -24.51 23.73
C GLU D 14 -12.92 -24.74 25.22
N VAL D 15 -11.85 -25.43 25.61
CA VAL D 15 -11.65 -25.69 27.04
C VAL D 15 -11.16 -24.44 27.74
N LEU D 16 -10.51 -23.54 27.01
CA LEU D 16 -10.16 -22.24 27.58
C LEU D 16 -11.41 -21.42 27.85
N ASN D 17 -12.41 -21.50 26.97
CA ASN D 17 -13.62 -20.73 27.18
C ASN D 17 -14.47 -21.33 28.29
N LYS D 18 -14.37 -22.65 28.47
CA LYS D 18 -15.11 -23.27 29.56
C LYS D 18 -14.54 -22.80 30.89
N ALA D 19 -13.21 -22.80 30.93
CA ALA D 19 -12.49 -22.42 32.15
C ALA D 19 -12.77 -20.96 32.49
N ARG D 20 -12.74 -20.15 31.44
CA ARG D 20 -13.00 -18.72 31.59
C ARG D 20 -14.42 -18.52 32.11
N ALA D 21 -15.39 -19.26 31.57
CA ALA D 21 -16.75 -19.15 32.12
C ALA D 21 -16.81 -19.55 33.58
N MET D 22 -15.99 -20.52 34.02
CA MET D 22 -15.94 -20.88 35.43
C MET D 22 -15.30 -19.77 36.26
N GLU D 23 -14.27 -19.13 35.72
CA GLU D 23 -13.69 -17.98 36.42
C GLU D 23 -14.70 -16.84 36.57
N LEU D 24 -15.46 -16.53 35.53
CA LEU D 24 -16.39 -15.40 35.67
C LEU D 24 -17.39 -15.66 36.78
N HIS D 25 -17.83 -16.92 36.86
CA HIS D 25 -18.76 -17.33 37.89
C HIS D 25 -18.16 -17.20 39.29
N ALA D 26 -16.92 -17.65 39.47
CA ALA D 26 -16.21 -17.51 40.73
C ALA D 26 -16.07 -16.06 41.13
N ILE D 27 -15.75 -15.18 40.17
CA ILE D 27 -15.67 -13.75 40.51
C ILE D 27 -16.96 -13.24 41.13
N HIS D 28 -18.10 -13.48 40.50
CA HIS D 28 -19.37 -13.04 41.05
C HIS D 28 -19.78 -13.75 42.32
N GLN D 29 -19.53 -15.05 42.38
CA GLN D 29 -19.89 -15.80 43.58
C GLN D 29 -19.12 -15.29 44.78
N TYR D 30 -17.80 -15.17 44.63
CA TYR D 30 -16.96 -14.75 45.75
C TYR D 30 -17.18 -13.29 46.11
N MET D 31 -17.46 -12.41 45.13
CA MET D 31 -17.69 -11.02 45.53
C MET D 31 -19.03 -10.91 46.25
N ASN D 32 -20.00 -11.76 45.88
CA ASN D 32 -21.27 -11.75 46.60
C ASN D 32 -21.02 -12.02 48.08
N GLN D 33 -20.24 -13.05 48.37
CA GLN D 33 -19.89 -13.41 49.74
C GLN D 33 -19.10 -12.30 50.43
N HIS D 34 -18.22 -11.65 49.67
CA HIS D 34 -17.48 -10.51 50.17
C HIS D 34 -18.42 -9.40 50.63
N TYR D 35 -19.46 -9.13 49.84
CA TYR D 35 -20.41 -8.09 50.25
C TYR D 35 -21.08 -8.45 51.56
N SER D 36 -21.45 -9.73 51.71
CA SER D 36 -22.05 -10.20 52.95
C SER D 36 -21.05 -10.12 54.11
N LEU D 37 -19.82 -10.60 53.90
CA LEU D 37 -18.85 -10.62 54.99
C LEU D 37 -18.58 -9.17 55.42
N ASP D 38 -18.52 -8.27 54.45
CA ASP D 38 -18.29 -6.87 54.80
C ASP D 38 -19.46 -6.32 55.60
N ASP D 39 -20.65 -6.71 55.16
CA ASP D 39 -21.89 -6.29 55.83
C ASP D 39 -21.88 -6.82 57.26
N MET D 40 -21.38 -8.04 57.43
CA MET D 40 -21.35 -8.64 58.76
C MET D 40 -20.23 -8.08 59.61
N ASP D 41 -19.37 -7.26 59.01
CA ASP D 41 -18.23 -6.66 59.66
C ASP D 41 -17.20 -7.70 60.12
N TYR D 42 -16.95 -8.70 59.28
CA TYR D 42 -15.82 -9.61 59.47
C TYR D 42 -14.73 -9.24 58.46
N GLY D 43 -14.04 -8.13 58.72
CA GLY D 43 -13.13 -7.52 57.79
C GLY D 43 -12.11 -8.44 57.18
N GLU D 44 -11.39 -9.23 57.99
CA GLU D 44 -10.32 -10.06 57.43
C GLU D 44 -10.84 -11.17 56.53
N LEU D 45 -12.04 -11.69 56.83
CA LEU D 45 -12.64 -12.67 55.91
C LEU D 45 -13.07 -12.00 54.63
N ALA D 46 -13.71 -10.83 54.74
CA ALA D 46 -14.14 -10.11 53.55
C ALA D 46 -12.94 -9.70 52.70
N ALA D 47 -11.87 -9.18 53.34
CA ALA D 47 -10.73 -8.77 52.53
C ALA D 47 -10.12 -9.95 51.78
N ASN D 48 -9.91 -11.07 52.45
CA ASN D 48 -9.32 -12.23 51.77
C ASN D 48 -10.23 -12.78 50.68
N MET D 49 -11.54 -12.67 50.87
CA MET D 49 -12.48 -13.15 49.85
C MET D 49 -12.34 -12.31 48.59
N LYS D 50 -12.24 -10.99 48.76
CA LYS D 50 -12.08 -10.11 47.61
C LYS D 50 -10.74 -10.32 46.91
N LEU D 51 -9.66 -10.50 47.66
CA LEU D 51 -8.36 -10.79 47.08
C LEU D 51 -8.38 -12.10 46.30
N ILE D 52 -9.20 -13.06 46.73
CA ILE D 52 -9.28 -14.33 45.98
C ILE D 52 -10.07 -14.10 44.70
N ALA D 53 -11.12 -13.28 44.72
CA ALA D 53 -11.88 -12.92 43.53
C ALA D 53 -11.01 -12.23 42.48
N ILE D 54 -10.12 -11.37 42.94
CA ILE D 54 -9.16 -10.68 42.08
C ILE D 54 -8.20 -11.67 41.46
N ASP D 55 -7.79 -12.73 42.16
CA ASP D 55 -7.03 -13.82 41.58
C ASP D 55 -7.82 -14.43 40.42
N GLU D 56 -9.13 -14.67 40.64
CA GLU D 56 -9.95 -15.24 39.57
C GLU D 56 -10.09 -14.27 38.41
N MET D 57 -10.18 -12.96 38.69
CA MET D 57 -10.21 -11.96 37.65
C MET D 57 -8.99 -12.06 36.74
N ARG D 58 -7.84 -12.29 37.39
CA ARG D 58 -6.58 -12.44 36.69
C ARG D 58 -6.55 -13.76 35.93
N HIS D 59 -7.08 -14.84 36.50
CA HIS D 59 -7.23 -16.06 35.69
C HIS D 59 -8.11 -15.85 34.47
N ALA D 60 -9.24 -15.17 34.64
CA ALA D 60 -10.17 -14.93 33.56
C ALA D 60 -9.52 -14.15 32.41
N GLU D 61 -8.72 -13.15 32.79
CA GLU D 61 -7.91 -12.37 31.88
C GLU D 61 -6.84 -13.20 31.18
N ASN D 62 -6.14 -14.08 31.89
CA ASN D 62 -5.09 -14.90 31.28
C ASN D 62 -5.63 -15.84 30.21
N PHE D 63 -6.76 -16.45 30.51
CA PHE D 63 -7.45 -17.34 29.58
C PHE D 63 -7.90 -16.57 28.34
N ALA D 64 -8.52 -15.41 28.55
CA ALA D 64 -8.94 -14.54 27.46
C ALA D 64 -7.77 -14.14 26.56
N GLU D 65 -6.62 -13.82 27.16
CA GLU D 65 -5.46 -13.45 26.36
C GLU D 65 -4.96 -14.63 25.55
N ARG D 66 -4.99 -15.82 26.14
CA ARG D 66 -4.52 -17.00 25.42
C ARG D 66 -5.52 -17.37 24.33
N ILE D 67 -6.80 -17.13 24.59
CA ILE D 67 -7.79 -17.36 23.54
C ILE D 67 -7.52 -16.44 22.36
N LYS D 68 -7.28 -15.14 22.61
CA LYS D 68 -6.93 -14.22 21.55
C LYS D 68 -5.68 -14.65 20.78
N GLU D 69 -4.67 -15.17 21.47
CA GLU D 69 -3.45 -15.60 20.82
C GLU D 69 -3.69 -16.74 19.84
N LEU D 70 -4.74 -17.51 20.08
CA LEU D 70 -5.12 -18.67 19.30
C LEU D 70 -6.16 -18.33 18.23
N GLY D 71 -6.54 -17.05 18.11
CA GLY D 71 -7.47 -16.61 17.10
C GLY D 71 -8.93 -16.71 17.51
N GLY D 72 -9.22 -17.05 18.77
CA GLY D 72 -10.61 -17.21 19.18
C GLY D 72 -11.17 -15.99 19.88
N GLU D 73 -12.43 -16.09 20.30
CA GLU D 73 -13.20 -15.04 20.95
C GLU D 73 -13.53 -15.43 22.38
N PRO D 74 -13.04 -14.67 23.35
CA PRO D 74 -13.23 -15.00 24.76
C PRO D 74 -14.67 -14.83 25.20
N THR D 75 -15.20 -15.80 25.94
CA THR D 75 -16.59 -15.76 26.35
C THR D 75 -16.82 -14.65 27.37
N THR D 76 -18.06 -14.17 27.46
CA THR D 76 -18.45 -13.20 28.46
C THR D 76 -19.57 -13.76 29.34
N GLN D 77 -19.81 -15.05 29.23
CA GLN D 77 -20.91 -15.65 30.00
C GLN D 77 -20.38 -16.49 31.13
N LYS D 78 -20.95 -16.39 32.33
CA LYS D 78 -20.44 -17.23 33.41
C LYS D 78 -21.07 -18.62 33.37
N GLU D 79 -20.37 -19.60 33.93
CA GLU D 79 -20.86 -20.97 34.06
C GLU D 79 -21.71 -21.10 35.31
N GLY D 80 -22.93 -21.59 35.16
CA GLY D 80 -23.78 -21.92 36.29
C GLY D 80 -24.49 -20.74 36.90
N LYS D 81 -24.97 -20.87 38.14
CA LYS D 81 -25.66 -19.75 38.78
C LYS D 81 -25.00 -19.38 40.11
N VAL D 82 -25.05 -18.10 40.45
CA VAL D 82 -24.53 -17.62 41.72
C VAL D 82 -25.52 -17.78 42.85
N VAL D 83 -25.11 -18.44 43.94
CA VAL D 83 -25.97 -18.61 45.10
C VAL D 83 -25.81 -17.44 46.07
N THR D 84 -26.92 -16.76 46.40
CA THR D 84 -26.82 -15.60 47.26
C THR D 84 -27.36 -15.89 48.66
N GLY D 85 -27.11 -14.93 49.55
CA GLY D 85 -27.58 -15.00 50.91
C GLY D 85 -27.03 -16.18 51.68
N GLN D 86 -25.85 -16.69 51.28
CA GLN D 86 -25.30 -17.81 52.04
C GLN D 86 -24.76 -17.36 53.40
N ALA D 87 -25.03 -18.19 54.39
CA ALA D 87 -24.54 -18.00 55.74
C ALA D 87 -23.06 -18.39 55.82
N VAL D 88 -22.36 -17.83 56.80
CA VAL D 88 -20.91 -18.00 56.94
C VAL D 88 -20.51 -19.47 56.92
N PRO D 89 -21.17 -20.40 57.59
CA PRO D 89 -20.81 -21.83 57.42
C PRO D 89 -20.98 -22.33 56.00
N VAL D 90 -21.98 -21.85 55.28
CA VAL D 90 -22.17 -22.35 53.93
C VAL D 90 -21.15 -21.79 52.95
N ILE D 91 -20.77 -20.54 53.14
CA ILE D 91 -19.79 -19.87 52.29
C ILE D 91 -18.52 -20.68 52.13
N TYR D 92 -17.87 -21.04 53.22
CA TYR D 92 -16.58 -21.73 53.17
C TYR D 92 -16.72 -23.20 52.80
N GLU D 93 -17.86 -23.82 53.13
CA GLU D 93 -18.08 -25.19 52.66
C GLU D 93 -18.26 -25.22 51.16
N SER D 94 -19.12 -24.36 50.60
CA SER D 94 -19.27 -24.40 49.15
C SER D 94 -18.06 -23.84 48.41
N ASP D 95 -17.31 -22.89 48.96
CA ASP D 95 -16.18 -22.35 48.18
C ASP D 95 -15.12 -23.43 48.03
N ALA D 96 -14.95 -24.25 49.06
CA ALA D 96 -14.01 -25.36 48.99
C ALA D 96 -14.46 -26.38 47.93
N ASP D 97 -15.71 -26.80 47.98
CA ASP D 97 -16.23 -27.71 46.95
C ASP D 97 -15.97 -27.17 45.55
N GLN D 98 -16.27 -25.88 45.37
CA GLN D 98 -16.06 -25.23 44.08
C GLN D 98 -14.58 -25.26 43.71
N GLU D 99 -13.69 -24.90 44.63
CA GLU D 99 -12.27 -24.89 44.29
C GLU D 99 -11.84 -26.31 43.91
N ASP D 100 -12.34 -27.27 44.69
CA ASP D 100 -12.01 -28.66 44.37
C ASP D 100 -12.56 -29.04 43.00
N ALA D 101 -13.77 -28.62 42.64
CA ALA D 101 -14.29 -29.00 41.32
C ALA D 101 -13.56 -28.34 40.15
N THR D 102 -13.11 -27.09 40.32
CA THR D 102 -12.32 -26.39 39.32
C THR D 102 -10.97 -27.06 39.11
N ILE D 103 -10.34 -27.51 40.19
CA ILE D 103 -9.07 -28.21 40.01
C ILE D 103 -9.29 -29.49 39.20
N GLU D 104 -10.40 -30.19 39.43
CA GLU D 104 -10.72 -31.42 38.69
C GLU D 104 -10.98 -31.13 37.22
N ALA D 105 -11.76 -30.11 36.94
CA ALA D 105 -12.03 -29.72 35.56
C ALA D 105 -10.77 -29.23 34.85
N TYR D 106 -9.99 -28.35 35.50
CA TYR D 106 -8.78 -27.81 34.89
C TYR D 106 -7.75 -28.90 34.62
N SER D 107 -7.74 -29.94 35.45
CA SER D 107 -6.82 -31.05 35.24
C SER D 107 -7.19 -31.79 33.96
N GLN D 108 -8.49 -31.92 33.70
CA GLN D 108 -8.99 -32.46 32.46
C GLN D 108 -8.71 -31.49 31.30
N PHE D 109 -8.96 -30.19 31.50
CA PHE D 109 -8.64 -29.24 30.42
C PHE D 109 -7.17 -29.33 30.03
N LEU D 110 -6.31 -29.45 31.02
CA LEU D 110 -4.86 -29.57 30.81
C LEU D 110 -4.54 -30.75 29.90
N LYS D 111 -5.22 -31.87 30.16
CA LYS D 111 -5.05 -33.10 29.38
C LYS D 111 -5.41 -32.88 27.93
N VAL D 112 -6.49 -32.15 27.67
CA VAL D 112 -6.83 -31.81 26.29
C VAL D 112 -5.76 -30.98 25.61
N CYS D 113 -5.18 -30.00 26.30
CA CYS D 113 -4.13 -29.18 25.70
C CYS D 113 -2.98 -30.07 25.24
N LYS D 114 -2.62 -30.99 26.14
CA LYS D 114 -1.53 -31.91 25.81
C LYS D 114 -1.94 -32.76 24.61
N GLU D 115 -3.17 -33.28 24.63
CA GLU D 115 -3.61 -34.10 23.50
C GLU D 115 -3.57 -33.35 22.17
N GLN D 116 -3.87 -32.04 22.24
CA GLN D 116 -3.87 -31.17 21.09
C GLN D 116 -2.48 -30.56 20.86
N GLY D 117 -1.47 -31.08 21.55
CA GLY D 117 -0.09 -30.66 21.45
C GLY D 117 0.14 -29.18 21.72
N ASP D 118 -0.56 -28.59 22.66
CA ASP D 118 -0.42 -27.17 22.99
C ASP D 118 0.27 -27.02 24.34
N ILE D 119 1.59 -26.93 24.28
CA ILE D 119 2.42 -26.84 25.47
C ILE D 119 2.19 -25.54 26.24
N VAL D 120 2.13 -24.43 25.52
CA VAL D 120 1.96 -23.14 26.20
C VAL D 120 0.67 -23.12 27.01
N THR D 121 -0.44 -23.59 26.43
CA THR D 121 -1.68 -23.59 27.18
C THR D 121 -1.64 -24.60 28.33
N ALA D 122 -0.97 -25.73 28.13
CA ALA D 122 -0.89 -26.68 29.24
C ALA D 122 -0.24 -26.02 30.44
N ARG D 123 0.89 -25.34 30.23
CA ARG D 123 1.58 -24.72 31.35
C ARG D 123 0.72 -23.63 31.99
N LEU D 124 -0.06 -22.89 31.20
CA LEU D 124 -1.00 -21.94 31.79
C LEU D 124 -1.98 -22.64 32.71
N PHE D 125 -2.63 -23.73 32.26
CA PHE D 125 -3.52 -24.44 33.17
C PHE D 125 -2.76 -24.92 34.39
N GLU D 126 -1.56 -25.46 34.17
CA GLU D 126 -0.73 -25.95 35.26
C GLU D 126 -0.46 -24.89 36.31
N ARG D 127 -0.13 -23.68 35.89
CA ARG D 127 0.17 -22.64 36.88
C ARG D 127 -1.10 -22.20 37.61
N ILE D 128 -2.21 -22.12 36.87
CA ILE D 128 -3.42 -21.64 37.55
C ILE D 128 -3.93 -22.69 38.52
N ILE D 129 -3.80 -23.97 38.20
CA ILE D 129 -4.21 -25.03 39.13
C ILE D 129 -3.46 -24.91 40.45
N GLU D 130 -2.18 -24.53 40.38
CA GLU D 130 -1.45 -24.40 41.65
C GLU D 130 -2.02 -23.24 42.44
N GLU D 131 -2.49 -22.21 41.76
CA GLU D 131 -3.14 -21.14 42.54
C GLU D 131 -4.50 -21.57 43.06
N GLU D 132 -5.27 -22.33 42.28
CA GLU D 132 -6.55 -22.80 42.82
C GLU D 132 -6.33 -23.62 44.08
N GLN D 133 -5.27 -24.40 44.10
CA GLN D 133 -4.94 -25.24 45.25
C GLN D 133 -4.70 -24.38 46.49
N ALA D 134 -4.15 -23.18 46.31
CA ALA D 134 -3.94 -22.32 47.47
C ALA D 134 -5.28 -21.76 47.90
N HIS D 135 -6.19 -21.60 46.94
CA HIS D 135 -7.52 -21.13 47.33
C HIS D 135 -8.24 -22.22 48.13
N LEU D 136 -8.19 -23.44 47.60
CA LEU D 136 -8.82 -24.59 48.23
C LEU D 136 -8.40 -24.70 49.68
N THR D 137 -7.08 -24.64 49.90
CA THR D 137 -6.55 -24.78 51.25
C THR D 137 -7.05 -23.68 52.17
N TYR D 138 -7.13 -22.45 51.67
CA TYR D 138 -7.62 -21.36 52.51
C TYR D 138 -9.07 -21.58 52.93
N TYR D 139 -9.95 -21.90 51.98
CA TYR D 139 -11.35 -22.15 52.29
C TYR D 139 -11.54 -23.36 53.21
N GLU D 140 -10.82 -24.47 53.02
CA GLU D 140 -10.99 -25.61 53.92
C GLU D 140 -10.59 -25.25 55.36
N ASN D 141 -9.55 -24.43 55.48
CA ASN D 141 -9.06 -24.02 56.78
C ASN D 141 -10.04 -23.09 57.49
N ILE D 142 -10.56 -22.09 56.78
CA ILE D 142 -11.55 -21.23 57.44
C ILE D 142 -12.78 -22.05 57.79
N GLY D 143 -13.20 -22.93 56.87
CA GLY D 143 -14.39 -23.74 57.08
C GLY D 143 -14.27 -24.62 58.30
N SER D 144 -13.07 -25.15 58.48
CA SER D 144 -12.81 -26.00 59.64
C SER D 144 -12.89 -25.17 60.92
N HIS D 145 -12.37 -23.94 60.92
CA HIS D 145 -12.47 -23.18 62.16
C HIS D 145 -13.91 -22.76 62.45
N ILE D 146 -14.66 -22.44 61.41
CA ILE D 146 -16.05 -22.05 61.67
C ILE D 146 -16.84 -23.25 62.22
N LYS D 147 -16.65 -24.42 61.63
CA LYS D 147 -17.34 -25.62 62.07
C LYS D 147 -16.89 -26.13 63.43
N ASN D 148 -15.60 -26.02 63.73
CA ASN D 148 -15.07 -26.53 64.98
C ASN D 148 -15.05 -25.50 66.09
N LEU D 149 -14.93 -24.22 65.74
CA LEU D 149 -14.80 -23.22 66.80
C LEU D 149 -15.98 -22.23 66.79
N GLY D 150 -16.63 -22.02 65.66
CA GLY D 150 -17.80 -21.15 65.60
C GLY D 150 -17.57 -19.73 66.09
N ASP D 151 -18.42 -19.24 66.97
CA ASP D 151 -18.44 -17.87 67.45
C ASP D 151 -17.16 -17.43 68.16
N THR D 152 -16.52 -18.39 68.80
CA THR D 152 -15.28 -18.08 69.52
C THR D 152 -14.22 -17.57 68.54
N TYR D 153 -14.21 -18.15 67.36
CA TYR D 153 -13.30 -17.78 66.29
C TYR D 153 -13.77 -16.51 65.59
N LEU D 154 -15.07 -16.41 65.30
CA LEU D 154 -15.55 -15.22 64.60
C LEU D 154 -15.36 -13.98 65.46
N ALA D 155 -15.34 -14.16 66.78
CA ALA D 155 -15.20 -13.01 67.67
C ALA D 155 -13.87 -12.30 67.43
N LYS D 156 -12.87 -13.07 67.00
CA LYS D 156 -11.55 -12.52 66.76
C LYS D 156 -11.51 -11.79 65.44
N ILE D 157 -12.37 -12.14 64.49
CA ILE D 157 -12.40 -11.44 63.20
C ILE D 157 -13.31 -10.22 63.22
N ALA D 158 -14.23 -10.19 64.17
CA ALA D 158 -15.19 -9.10 64.29
C ALA D 158 -14.47 -7.77 64.36
N GLY D 159 -14.78 -6.85 63.45
CA GLY D 159 -14.23 -5.51 63.55
C GLY D 159 -12.80 -5.40 63.09
N THR D 160 -12.22 -6.41 62.47
CA THR D 160 -10.86 -6.30 61.92
C THR D 160 -10.88 -5.42 60.67
N PRO D 161 -9.73 -4.88 60.23
CA PRO D 161 -9.69 -4.12 58.98
C PRO D 161 -10.14 -4.93 57.76
N SER D 162 -10.80 -4.31 56.79
CA SER D 162 -11.22 -5.05 55.59
C SER D 162 -10.49 -4.59 54.33
N SER D 163 -9.67 -3.54 54.47
CA SER D 163 -8.89 -3.02 53.37
C SER D 163 -8.09 -4.09 52.64
N THR D 164 -8.04 -3.97 51.32
CA THR D 164 -7.21 -4.86 50.50
C THR D 164 -5.98 -4.10 50.00
N GLY D 165 -5.76 -2.91 50.54
CA GLY D 165 -4.60 -2.09 50.22
C GLY D 165 -4.99 -0.80 49.51
N THR D 166 -4.04 -0.23 48.76
CA THR D 166 -4.35 0.96 47.97
C THR D 166 -5.31 0.60 46.84
N ALA D 167 -6.35 1.42 46.69
CA ALA D 167 -7.42 1.18 45.75
C ALA D 167 -6.97 1.16 44.28
N SER D 168 -7.73 0.35 43.56
CA SER D 168 -7.68 0.10 42.15
C SER D 168 -7.17 1.28 41.33
N LYS D 169 -6.02 1.12 40.68
CA LYS D 169 -5.68 2.09 39.64
C LYS D 169 -6.77 2.00 38.56
N GLY D 170 -7.44 3.11 38.35
CA GLY D 170 -8.47 3.24 37.33
C GLY D 170 -8.15 4.38 36.39
N PHE D 171 -9.16 4.75 35.60
CA PHE D 171 -9.02 5.85 34.66
C PHE D 171 -9.23 7.18 35.35
N VAL D 172 -10.35 7.42 36.05
CA VAL D 172 -10.55 8.78 36.55
C VAL D 172 -9.58 9.09 37.70
N ASN E 4 17.02 -48.69 27.72
CA ASN E 4 18.45 -48.69 28.02
C ASN E 4 18.92 -47.34 28.54
N ARG E 5 19.77 -47.28 29.58
CA ARG E 5 20.14 -45.95 30.07
C ARG E 5 20.84 -45.15 28.95
N GLU E 6 21.79 -45.79 28.27
CA GLU E 6 22.53 -45.13 27.21
C GLU E 6 21.65 -44.77 26.02
N ASP E 7 20.69 -45.64 25.71
CA ASP E 7 19.82 -45.36 24.57
C ASP E 7 18.83 -44.25 24.90
N ARG E 8 18.32 -44.21 26.12
CA ARG E 8 17.45 -43.08 26.46
C ARG E 8 18.20 -41.76 26.32
N LYS E 9 19.47 -41.69 26.71
CA LYS E 9 20.25 -40.47 26.58
C LYS E 9 20.51 -40.14 25.11
N ALA E 10 20.85 -41.18 24.35
CA ALA E 10 21.14 -41.02 22.92
C ALA E 10 19.98 -40.39 22.18
N LYS E 11 18.77 -40.86 22.47
CA LYS E 11 17.60 -40.34 21.77
C LYS E 11 17.37 -38.88 22.17
N VAL E 12 17.55 -38.57 23.45
CA VAL E 12 17.30 -37.15 23.82
C VAL E 12 18.37 -36.27 23.23
N ILE E 13 19.64 -36.71 23.29
CA ILE E 13 20.71 -35.90 22.70
C ILE E 13 20.45 -35.60 21.24
N GLU E 14 19.87 -36.55 20.53
CA GLU E 14 19.53 -36.32 19.12
C GLU E 14 18.50 -35.20 18.96
N VAL E 15 17.44 -35.16 19.76
CA VAL E 15 16.51 -34.04 19.55
C VAL E 15 17.11 -32.74 20.09
N LEU E 16 17.97 -32.83 21.09
CA LEU E 16 18.65 -31.64 21.60
C LEU E 16 19.59 -31.04 20.56
N ASN E 17 20.26 -31.90 19.77
CA ASN E 17 21.15 -31.38 18.75
C ASN E 17 20.35 -30.83 17.58
N LYS E 18 19.19 -31.43 17.34
CA LYS E 18 18.34 -30.90 16.28
C LYS E 18 17.79 -29.54 16.66
N ALA E 19 17.42 -29.36 17.93
CA ALA E 19 16.89 -28.04 18.32
C ALA E 19 17.99 -26.99 18.29
N ARG E 20 19.17 -27.39 18.74
CA ARG E 20 20.34 -26.51 18.79
C ARG E 20 20.76 -26.05 17.40
N ALA E 21 20.63 -26.93 16.42
CA ALA E 21 20.91 -26.60 15.03
C ALA E 21 19.90 -25.60 14.50
N MET E 22 18.64 -25.72 14.93
CA MET E 22 17.63 -24.72 14.58
C MET E 22 17.96 -23.38 15.24
N GLU E 23 18.42 -23.38 16.48
CA GLU E 23 18.83 -22.16 17.18
C GLU E 23 20.01 -21.48 16.48
N LEU E 24 21.03 -22.27 16.11
CA LEU E 24 22.15 -21.67 15.38
C LEU E 24 21.64 -21.02 14.11
N HIS E 25 20.66 -21.64 13.44
CA HIS E 25 20.12 -21.02 12.24
C HIS E 25 19.45 -19.67 12.51
N ALA E 26 18.59 -19.66 13.52
CA ALA E 26 17.83 -18.48 13.92
C ALA E 26 18.79 -17.35 14.26
N ILE E 27 19.87 -17.68 14.97
CA ILE E 27 20.84 -16.65 15.33
C ILE E 27 21.35 -15.93 14.10
N HIS E 28 21.81 -16.69 13.10
CA HIS E 28 22.37 -16.03 11.92
C HIS E 28 21.28 -15.36 11.11
N GLN E 29 20.11 -15.98 11.00
CA GLN E 29 19.01 -15.39 10.23
C GLN E 29 18.53 -14.07 10.83
N TYR E 30 18.30 -14.08 12.15
CA TYR E 30 17.85 -12.82 12.78
C TYR E 30 18.97 -11.79 12.75
N MET E 31 20.22 -12.18 12.96
CA MET E 31 21.24 -11.13 12.95
C MET E 31 21.40 -10.56 11.55
N ASN E 32 21.22 -11.39 10.53
CA ASN E 32 21.27 -10.88 9.16
C ASN E 32 20.23 -9.80 8.96
N GLN E 33 19.01 -10.04 9.47
CA GLN E 33 17.95 -9.04 9.31
C GLN E 33 18.24 -7.81 10.19
N HIS E 34 18.89 -8.07 11.31
CA HIS E 34 19.32 -6.98 12.19
C HIS E 34 20.26 -6.03 11.46
N TYR E 35 21.24 -6.59 10.73
CA TYR E 35 22.19 -5.73 10.02
C TYR E 35 21.46 -4.89 8.99
N SER E 36 20.45 -5.48 8.35
CA SER E 36 19.71 -4.73 7.33
C SER E 36 18.82 -3.67 7.94
N LEU E 37 18.10 -4.00 9.00
CA LEU E 37 17.25 -3.01 9.66
C LEU E 37 18.06 -1.86 10.21
N ASP E 38 19.29 -2.13 10.69
CA ASP E 38 20.15 -1.07 11.19
C ASP E 38 20.66 -0.21 10.04
N ASP E 39 21.02 -0.91 8.96
CA ASP E 39 21.39 -0.30 7.69
C ASP E 39 20.27 0.61 7.22
N MET E 40 19.01 0.21 7.36
CA MET E 40 17.91 1.09 6.99
C MET E 40 17.62 2.14 8.05
N ASP E 41 18.22 2.04 9.22
CA ASP E 41 18.07 3.02 10.28
C ASP E 41 16.65 3.03 10.84
N TYR E 42 16.18 1.85 11.16
CA TYR E 42 14.98 1.57 11.92
C TYR E 42 15.43 0.94 13.25
N GLY E 43 15.93 1.81 14.11
CA GLY E 43 16.57 1.46 15.35
C GLY E 43 15.79 0.56 16.29
N GLU E 44 14.54 0.88 16.59
CA GLU E 44 13.84 0.03 17.54
C GLU E 44 13.67 -1.37 16.97
N LEU E 45 13.38 -1.48 15.67
CA LEU E 45 13.23 -2.80 15.07
C LEU E 45 14.57 -3.52 15.05
N ALA E 46 15.64 -2.82 14.65
CA ALA E 46 16.94 -3.49 14.63
C ALA E 46 17.33 -3.98 16.01
N ALA E 47 17.10 -3.13 16.99
CA ALA E 47 17.42 -3.43 18.38
C ALA E 47 16.69 -4.67 18.87
N ASN E 48 15.37 -4.73 18.70
CA ASN E 48 14.64 -5.88 19.23
C ASN E 48 15.01 -7.16 18.50
N MET E 49 15.27 -7.05 17.19
CA MET E 49 15.68 -8.20 16.39
C MET E 49 16.95 -8.80 16.97
N LYS E 50 17.87 -7.91 17.34
CA LYS E 50 19.13 -8.39 17.92
C LYS E 50 18.91 -8.95 19.32
N LEU E 51 17.98 -8.36 20.09
CA LEU E 51 17.71 -8.94 21.40
C LEU E 51 17.09 -10.33 21.24
N ILE E 52 16.27 -10.56 20.22
CA ILE E 52 15.74 -11.92 20.05
C ILE E 52 16.86 -12.89 19.68
N ALA E 53 17.78 -12.51 18.81
CA ALA E 53 18.93 -13.33 18.46
C ALA E 53 19.71 -13.80 19.69
N ILE E 54 19.88 -12.85 20.61
CA ILE E 54 20.58 -13.15 21.87
C ILE E 54 19.79 -14.15 22.70
N ASP E 55 18.46 -14.10 22.69
CA ASP E 55 17.67 -15.17 23.33
C ASP E 55 17.96 -16.52 22.68
N GLU E 56 18.11 -16.53 21.36
CA GLU E 56 18.41 -17.75 20.61
C GLU E 56 19.81 -18.25 20.97
N MET E 57 20.75 -17.34 21.20
CA MET E 57 22.11 -17.71 21.61
C MET E 57 22.10 -18.44 22.94
N ARG E 58 21.34 -17.93 23.90
CA ARG E 58 21.09 -18.54 25.18
C ARG E 58 20.39 -19.89 25.04
N HIS E 59 19.38 -20.01 24.18
CA HIS E 59 18.78 -21.35 23.98
C HIS E 59 19.82 -22.32 23.43
N ALA E 60 20.57 -21.90 22.42
CA ALA E 60 21.63 -22.76 21.88
C ALA E 60 22.59 -23.23 22.98
N GLU E 61 22.92 -22.32 23.90
CA GLU E 61 23.87 -22.58 24.97
C GLU E 61 23.29 -23.54 26.00
N ASN E 62 22.01 -23.34 26.33
CA ASN E 62 21.33 -24.21 27.26
C ASN E 62 21.16 -25.63 26.69
N PHE E 63 20.86 -25.74 25.40
CA PHE E 63 20.81 -27.05 24.76
C PHE E 63 22.16 -27.75 24.82
N ALA E 64 23.23 -27.03 24.47
CA ALA E 64 24.58 -27.59 24.52
C ALA E 64 24.93 -28.08 25.92
N GLU E 65 24.57 -27.29 26.93
CA GLU E 65 24.91 -27.70 28.30
C GLU E 65 24.22 -28.99 28.70
N ARG E 66 22.97 -29.14 28.30
CA ARG E 66 22.22 -30.36 28.62
C ARG E 66 22.82 -31.54 27.87
N ILE E 67 23.13 -31.34 26.59
CA ILE E 67 23.83 -32.34 25.79
C ILE E 67 25.10 -32.81 26.48
N LYS E 68 25.90 -31.90 27.02
CA LYS E 68 27.12 -32.28 27.73
C LYS E 68 26.78 -33.07 28.99
N GLU E 69 25.74 -32.68 29.73
CA GLU E 69 25.33 -33.42 30.91
C GLU E 69 24.99 -34.87 30.56
N LEU E 70 24.41 -35.06 29.38
CA LEU E 70 23.95 -36.38 28.96
C LEU E 70 25.08 -37.19 28.34
N GLY E 71 26.23 -36.58 28.12
CA GLY E 71 27.38 -37.30 27.58
C GLY E 71 27.52 -37.14 26.09
N GLY E 72 26.81 -36.20 25.46
CA GLY E 72 26.88 -36.05 24.02
C GLY E 72 27.78 -34.92 23.58
N GLU E 73 27.81 -34.66 22.27
CA GLU E 73 28.59 -33.58 21.70
C GLU E 73 27.67 -32.60 20.99
N PRO E 74 27.74 -31.32 21.39
CA PRO E 74 26.87 -30.28 20.83
C PRO E 74 27.25 -29.92 19.41
N THR E 75 26.29 -29.92 18.51
CA THR E 75 26.53 -29.65 17.10
C THR E 75 27.00 -28.22 16.85
N THR E 76 27.70 -28.02 15.74
CA THR E 76 28.13 -26.69 15.33
C THR E 76 27.62 -26.34 13.94
N GLN E 77 26.74 -27.15 13.36
CA GLN E 77 26.14 -26.81 12.08
C GLN E 77 24.70 -26.33 12.22
N LYS E 78 24.33 -25.26 11.53
CA LYS E 78 22.95 -24.76 11.59
C LYS E 78 22.06 -25.61 10.70
N GLU E 79 20.75 -25.62 10.98
CA GLU E 79 19.80 -26.32 10.12
C GLU E 79 19.22 -25.35 9.10
N GLY E 80 19.35 -25.71 7.83
CA GLY E 80 18.79 -24.92 6.75
C GLY E 80 19.80 -23.92 6.24
N LYS E 81 19.32 -22.91 5.53
CA LYS E 81 20.20 -21.82 5.09
C LYS E 81 19.56 -20.50 5.49
N VAL E 82 20.38 -19.46 5.56
CA VAL E 82 19.93 -18.10 5.79
C VAL E 82 19.47 -17.47 4.49
N VAL E 83 18.33 -16.80 4.55
CA VAL E 83 17.77 -16.02 3.45
C VAL E 83 18.16 -14.56 3.61
N THR E 84 18.73 -13.96 2.57
CA THR E 84 19.17 -12.57 2.66
C THR E 84 18.36 -11.70 1.70
N GLY E 85 18.49 -10.40 1.84
CA GLY E 85 17.82 -9.40 1.03
C GLY E 85 16.32 -9.35 1.24
N GLN E 86 15.84 -9.83 2.38
CA GLN E 86 14.38 -9.81 2.53
C GLN E 86 13.88 -8.40 2.75
N ALA E 87 12.75 -8.05 2.14
CA ALA E 87 12.13 -6.76 2.37
C ALA E 87 11.38 -6.78 3.71
N VAL E 88 11.08 -5.62 4.27
CA VAL E 88 10.54 -5.55 5.62
C VAL E 88 9.32 -6.42 5.86
N PRO E 89 8.27 -6.35 5.06
CA PRO E 89 7.14 -7.27 5.28
C PRO E 89 7.58 -8.74 5.25
N VAL E 90 8.51 -9.09 4.38
CA VAL E 90 8.96 -10.48 4.31
C VAL E 90 9.72 -10.88 5.57
N ILE E 91 10.55 -9.99 6.12
CA ILE E 91 11.22 -10.23 7.39
C ILE E 91 10.25 -10.67 8.48
N TYR E 92 9.20 -9.89 8.74
CA TYR E 92 8.31 -10.24 9.86
C TYR E 92 7.36 -11.37 9.52
N GLU E 93 7.08 -11.65 8.24
CA GLU E 93 6.24 -12.79 7.88
C GLU E 93 6.99 -14.10 8.06
N SER E 94 8.25 -14.12 7.64
CA SER E 94 9.03 -15.35 7.74
C SER E 94 9.43 -15.69 9.16
N ASP E 95 9.74 -14.66 9.95
CA ASP E 95 10.19 -14.91 11.33
C ASP E 95 9.03 -15.46 12.15
N ALA E 96 7.85 -14.90 11.98
CA ALA E 96 6.66 -15.47 12.62
C ALA E 96 6.44 -16.92 12.20
N ASP E 97 6.54 -17.20 10.91
CA ASP E 97 6.42 -18.56 10.38
C ASP E 97 7.47 -19.48 10.98
N GLN E 98 8.67 -18.93 11.07
CA GLN E 98 9.80 -19.66 11.66
C GLN E 98 9.60 -19.87 13.15
N GLU E 99 9.07 -18.86 13.87
CA GLU E 99 8.81 -19.12 15.30
C GLU E 99 7.71 -20.16 15.46
N ASP E 100 6.66 -20.10 14.66
CA ASP E 100 5.60 -21.10 14.74
C ASP E 100 6.12 -22.51 14.48
N ALA E 101 6.93 -22.62 13.42
CA ALA E 101 7.52 -23.91 13.06
C ALA E 101 8.43 -24.41 14.19
N THR E 102 9.18 -23.50 14.81
CA THR E 102 10.02 -23.90 15.94
C THR E 102 9.21 -24.47 17.10
N ILE E 103 8.10 -23.81 17.43
CA ILE E 103 7.23 -24.30 18.52
C ILE E 103 6.69 -25.69 18.19
N GLU E 104 6.16 -25.89 17.00
CA GLU E 104 5.71 -27.20 16.55
C GLU E 104 6.76 -28.28 16.81
N ALA E 105 7.98 -28.01 16.32
CA ALA E 105 9.04 -29.01 16.48
C ALA E 105 9.39 -29.19 17.94
N TYR E 106 9.59 -28.09 18.68
CA TYR E 106 10.05 -28.28 20.06
C TYR E 106 9.03 -29.05 20.87
N SER E 107 7.75 -28.89 20.53
CA SER E 107 6.74 -29.67 21.25
C SER E 107 6.89 -31.16 20.92
N GLN E 108 7.27 -31.50 19.69
CA GLN E 108 7.55 -32.91 19.37
C GLN E 108 8.79 -33.38 20.12
N PHE E 109 9.82 -32.53 20.13
CA PHE E 109 11.04 -32.85 20.87
C PHE E 109 10.74 -33.10 22.35
N LEU E 110 9.88 -32.28 22.94
CA LEU E 110 9.44 -32.45 24.32
C LEU E 110 8.85 -33.83 24.54
N LYS E 111 7.97 -34.27 23.64
CA LYS E 111 7.35 -35.59 23.73
C LYS E 111 8.40 -36.69 23.73
N VAL E 112 9.43 -36.57 22.88
CA VAL E 112 10.49 -37.57 22.92
C VAL E 112 11.15 -37.63 24.30
N CYS E 113 11.40 -36.49 24.94
CA CYS E 113 12.03 -36.51 26.25
C CYS E 113 11.19 -37.23 27.29
N LYS E 114 9.89 -36.95 27.30
CA LYS E 114 8.99 -37.62 28.22
C LYS E 114 9.00 -39.13 27.99
N GLU E 115 8.92 -39.54 26.72
CA GLU E 115 8.90 -40.95 26.39
C GLU E 115 10.19 -41.63 26.83
N GLN E 116 11.30 -40.89 26.71
CA GLN E 116 12.59 -41.38 27.16
C GLN E 116 12.78 -41.06 28.64
N GLY E 117 11.71 -40.59 29.28
CA GLY E 117 11.74 -40.37 30.70
C GLY E 117 12.81 -39.39 31.16
N ASP E 118 12.98 -38.33 30.39
CA ASP E 118 13.95 -37.30 30.76
C ASP E 118 13.16 -36.02 31.08
N ILE E 119 12.81 -35.91 32.34
CA ILE E 119 12.08 -34.82 32.97
C ILE E 119 12.83 -33.49 32.90
N VAL E 120 14.14 -33.55 33.16
CA VAL E 120 14.94 -32.32 33.16
C VAL E 120 14.97 -31.72 31.76
N THR E 121 15.18 -32.55 30.74
CA THR E 121 15.22 -32.04 29.37
C THR E 121 13.85 -31.58 28.90
N ALA E 122 12.83 -32.33 29.33
CA ALA E 122 11.49 -31.93 28.88
C ALA E 122 11.17 -30.55 29.45
N ARG E 123 11.66 -30.29 30.65
CA ARG E 123 11.36 -29.03 31.34
C ARG E 123 12.11 -27.90 30.68
N LEU E 124 13.33 -28.19 30.26
CA LEU E 124 14.09 -27.25 29.42
C LEU E 124 13.34 -26.88 28.16
N PHE E 125 12.83 -27.86 27.41
CA PHE E 125 12.07 -27.55 26.20
C PHE E 125 10.85 -26.72 26.51
N GLU E 126 10.23 -27.03 27.64
CA GLU E 126 9.00 -26.36 28.04
C GLU E 126 9.21 -24.86 28.25
N ARG E 127 10.24 -24.52 29.02
CA ARG E 127 10.62 -23.15 29.28
C ARG E 127 11.00 -22.42 27.99
N ILE E 128 11.78 -23.06 27.13
CA ILE E 128 12.20 -22.42 25.88
C ILE E 128 11.02 -22.22 24.93
N ILE E 129 10.08 -23.17 24.89
CA ILE E 129 8.88 -23.00 24.08
C ILE E 129 8.08 -21.78 24.52
N GLU E 130 8.08 -21.45 25.81
CA GLU E 130 7.41 -20.22 26.27
C GLU E 130 8.11 -18.98 25.74
N GLU E 131 9.44 -19.05 25.65
CA GLU E 131 10.18 -17.92 25.09
C GLU E 131 9.95 -17.78 23.60
N GLU E 132 9.91 -18.91 22.90
CA GLU E 132 9.61 -18.83 21.46
C GLU E 132 8.24 -18.20 21.23
N GLN E 133 7.26 -18.46 22.11
CA GLN E 133 5.94 -17.89 21.98
C GLN E 133 5.95 -16.37 22.14
N ALA E 134 6.84 -15.88 23.01
CA ALA E 134 6.99 -14.42 23.13
C ALA E 134 7.59 -13.85 21.86
N HIS E 135 8.56 -14.55 21.26
CA HIS E 135 9.11 -14.12 19.97
C HIS E 135 8.03 -14.09 18.90
N LEU E 136 7.27 -15.18 18.80
CA LEU E 136 6.22 -15.27 17.79
C LEU E 136 5.24 -14.11 17.87
N THR E 137 4.74 -13.85 19.08
CA THR E 137 3.82 -12.74 19.31
C THR E 137 4.43 -11.44 18.84
N TYR E 138 5.74 -11.26 19.12
CA TYR E 138 6.37 -10.00 18.71
C TYR E 138 6.35 -9.84 17.20
N TYR E 139 6.76 -10.87 16.46
CA TYR E 139 6.86 -10.75 15.00
C TYR E 139 5.49 -10.53 14.37
N GLU E 140 4.48 -11.23 14.89
CA GLU E 140 3.12 -11.06 14.42
C GLU E 140 2.66 -9.62 14.63
N ASN E 141 3.03 -9.03 15.77
CA ASN E 141 2.57 -7.65 16.02
C ASN E 141 3.21 -6.69 15.03
N ILE E 142 4.51 -6.83 14.81
CA ILE E 142 5.15 -5.92 13.86
C ILE E 142 4.59 -6.15 12.45
N GLY E 143 4.50 -7.42 12.06
CA GLY E 143 3.99 -7.68 10.71
C GLY E 143 2.58 -7.16 10.57
N SER E 144 1.79 -7.23 11.63
CA SER E 144 0.45 -6.63 11.57
C SER E 144 0.53 -5.12 11.39
N HIS E 145 1.43 -4.42 12.10
CA HIS E 145 1.47 -2.97 11.91
C HIS E 145 1.98 -2.60 10.53
N ILE E 146 3.00 -3.31 10.05
CA ILE E 146 3.46 -3.03 8.69
C ILE E 146 2.35 -3.25 7.68
N LYS E 147 1.61 -4.34 7.86
CA LYS E 147 0.48 -4.62 6.99
C LYS E 147 -0.59 -3.55 7.08
N ASN E 148 -1.06 -3.20 8.28
CA ASN E 148 -2.17 -2.26 8.33
C ASN E 148 -1.76 -0.80 8.26
N LEU E 149 -0.52 -0.44 8.61
CA LEU E 149 -0.20 0.99 8.65
C LEU E 149 0.90 1.37 7.67
N GLY E 150 1.66 0.42 7.15
CA GLY E 150 2.68 0.74 6.15
C GLY E 150 3.69 1.76 6.62
N ASP E 151 4.00 2.69 5.72
CA ASP E 151 5.07 3.65 5.93
C ASP E 151 4.80 4.60 7.08
N THR E 152 3.53 4.84 7.40
CA THR E 152 3.24 5.72 8.55
C THR E 152 3.82 5.15 9.83
N TYR E 153 3.80 3.84 9.98
CA TYR E 153 4.37 3.17 11.15
C TYR E 153 5.90 3.24 11.12
N LEU E 154 6.51 2.99 9.98
CA LEU E 154 7.96 3.04 9.82
C LEU E 154 8.52 4.43 10.04
N ALA E 155 7.76 5.47 9.66
CA ALA E 155 8.25 6.83 9.84
C ALA E 155 8.53 7.09 11.32
N LYS E 156 7.69 6.49 12.14
CA LYS E 156 7.79 6.55 13.60
C LYS E 156 9.09 5.90 14.05
N ILE E 157 9.48 4.79 13.41
CA ILE E 157 10.66 4.04 13.86
C ILE E 157 11.95 4.65 13.33
N ALA E 158 11.82 5.36 12.22
CA ALA E 158 13.00 5.88 11.52
C ALA E 158 13.83 6.78 12.43
N GLY E 159 15.09 6.42 12.61
CA GLY E 159 16.00 7.27 13.36
C GLY E 159 15.91 7.07 14.86
N THR E 160 15.13 6.07 15.29
CA THR E 160 15.09 5.73 16.70
C THR E 160 16.45 5.17 17.14
N PRO E 161 16.71 5.14 18.44
CA PRO E 161 17.92 4.51 18.97
C PRO E 161 17.91 3.02 18.72
N SER E 162 19.08 2.45 18.41
CA SER E 162 19.20 1.03 18.11
C SER E 162 19.97 0.30 19.19
N SER E 163 20.21 1.02 20.29
CA SER E 163 20.96 0.48 21.41
C SER E 163 20.31 -0.71 22.11
N THR E 164 21.08 -1.76 22.37
CA THR E 164 20.57 -2.92 23.09
C THR E 164 21.12 -2.91 24.52
N GLY E 165 21.85 -1.84 24.82
CA GLY E 165 22.41 -1.52 26.11
C GLY E 165 23.93 -1.44 26.13
N THR E 166 24.48 -1.64 27.32
CA THR E 166 25.92 -1.72 27.49
C THR E 166 26.50 -2.82 26.61
N ALA E 167 27.72 -2.59 26.13
CA ALA E 167 28.42 -3.50 25.22
C ALA E 167 28.93 -4.77 25.90
N SER E 168 29.19 -5.75 25.07
CA SER E 168 29.72 -7.08 25.33
C SER E 168 30.58 -7.13 26.60
N LYS E 169 30.05 -7.87 27.61
CA LYS E 169 30.95 -8.25 28.70
C LYS E 169 31.88 -9.33 28.13
N GLY E 170 33.04 -8.93 27.64
CA GLY E 170 33.95 -9.84 26.96
C GLY E 170 35.28 -9.97 27.66
N PHE E 171 36.27 -10.49 26.93
CA PHE E 171 37.58 -10.72 27.52
C PHE E 171 38.43 -9.47 27.46
N VAL E 172 38.72 -8.86 26.31
CA VAL E 172 39.63 -7.70 26.34
C VAL E 172 38.95 -6.53 27.06
N ASN F 4 38.21 1.64 -9.29
CA ASN F 4 37.13 2.64 -9.19
C ASN F 4 36.50 2.54 -7.80
N ARG F 5 35.45 3.29 -7.53
CA ARG F 5 34.83 3.34 -6.20
C ARG F 5 34.18 2.01 -5.86
N GLU F 6 33.34 1.51 -6.75
CA GLU F 6 32.68 0.23 -6.47
C GLU F 6 33.70 -0.90 -6.36
N ASP F 7 34.70 -0.91 -7.24
CA ASP F 7 35.63 -2.04 -7.21
C ASP F 7 36.49 -2.00 -5.95
N ARG F 8 36.77 -0.79 -5.48
CA ARG F 8 37.50 -0.60 -4.23
C ARG F 8 36.64 -1.08 -3.06
N LYS F 9 35.36 -0.75 -3.09
CA LYS F 9 34.47 -1.29 -2.06
C LYS F 9 34.39 -2.81 -2.14
N ALA F 10 34.26 -3.35 -3.35
CA ALA F 10 34.14 -4.79 -3.53
C ALA F 10 35.39 -5.51 -3.06
N LYS F 11 36.57 -4.92 -3.29
CA LYS F 11 37.72 -5.71 -2.82
C LYS F 11 37.75 -5.75 -1.28
N VAL F 12 37.31 -4.66 -0.64
CA VAL F 12 37.35 -4.63 0.84
C VAL F 12 36.25 -5.49 1.44
N ILE F 13 35.08 -5.49 0.80
CA ILE F 13 34.01 -6.37 1.28
C ILE F 13 34.48 -7.81 1.33
N GLU F 14 35.29 -8.18 0.35
CA GLU F 14 35.78 -9.55 0.23
C GLU F 14 36.70 -9.94 1.37
N VAL F 15 37.62 -9.06 1.78
CA VAL F 15 38.47 -9.46 2.91
C VAL F 15 37.71 -9.33 4.23
N LEU F 16 36.77 -8.39 4.34
CA LEU F 16 35.88 -8.31 5.49
C LEU F 16 35.04 -9.58 5.67
N ASN F 17 34.50 -10.13 4.58
CA ASN F 17 33.70 -11.35 4.68
C ASN F 17 34.60 -12.54 4.99
N LYS F 18 35.86 -12.49 4.54
CA LYS F 18 36.78 -13.57 4.85
C LYS F 18 37.13 -13.54 6.34
N ALA F 19 37.37 -12.33 6.84
CA ALA F 19 37.59 -12.14 8.26
C ALA F 19 36.37 -12.57 9.07
N ARG F 20 35.18 -12.18 8.63
CA ARG F 20 33.97 -12.53 9.40
C ARG F 20 33.78 -14.04 9.42
N ALA F 21 34.04 -14.73 8.32
CA ALA F 21 33.96 -16.19 8.30
C ALA F 21 34.92 -16.79 9.32
N MET F 22 36.07 -16.17 9.51
CA MET F 22 37.00 -16.64 10.53
C MET F 22 36.45 -16.40 11.93
N GLU F 23 35.81 -15.24 12.15
CA GLU F 23 35.18 -15.00 13.45
C GLU F 23 34.09 -16.02 13.75
N LEU F 24 33.23 -16.34 12.77
CA LEU F 24 32.16 -17.29 13.02
C LEU F 24 32.72 -18.65 13.42
N HIS F 25 33.84 -19.00 12.79
CA HIS F 25 34.52 -20.23 13.15
C HIS F 25 35.07 -20.20 14.58
N ALA F 26 35.74 -19.11 14.96
CA ALA F 26 36.31 -18.97 16.30
C ALA F 26 35.23 -19.01 17.38
N ILE F 27 34.10 -18.36 17.13
CA ILE F 27 32.97 -18.42 18.06
C ILE F 27 32.54 -19.85 18.36
N HIS F 28 32.33 -20.64 17.30
CA HIS F 28 31.90 -22.02 17.51
C HIS F 28 33.01 -22.87 18.08
N GLN F 29 34.24 -22.69 17.61
CA GLN F 29 35.39 -23.43 18.12
C GLN F 29 35.64 -23.19 19.61
N TYR F 30 35.64 -21.93 20.02
CA TYR F 30 35.85 -21.54 21.41
C TYR F 30 34.66 -21.93 22.28
N MET F 31 33.44 -21.76 21.80
CA MET F 31 32.31 -22.18 22.65
C MET F 31 32.30 -23.69 22.80
N ASN F 32 32.68 -24.43 21.76
CA ASN F 32 32.78 -25.89 21.92
C ASN F 32 33.71 -26.22 23.07
N GLN F 33 34.85 -25.53 23.10
CA GLN F 33 35.83 -25.81 24.16
C GLN F 33 35.30 -25.32 25.50
N HIS F 34 34.53 -24.24 25.53
CA HIS F 34 33.91 -23.76 26.76
C HIS F 34 33.00 -24.83 27.34
N TYR F 35 32.17 -25.43 26.49
CA TYR F 35 31.29 -26.52 26.93
C TYR F 35 32.06 -27.65 27.59
N SER F 36 33.22 -28.02 27.07
CA SER F 36 34.04 -29.10 27.63
C SER F 36 34.67 -28.73 28.97
N LEU F 37 35.25 -27.54 29.00
CA LEU F 37 35.86 -26.99 30.19
C LEU F 37 34.87 -26.89 31.34
N ASP F 38 33.63 -26.50 31.05
CA ASP F 38 32.57 -26.48 32.05
C ASP F 38 32.19 -27.87 32.55
N ASP F 39 32.02 -28.79 31.61
CA ASP F 39 31.73 -30.19 31.89
C ASP F 39 32.81 -30.79 32.78
N MET F 40 34.06 -30.38 32.55
CA MET F 40 35.17 -30.84 33.35
C MET F 40 35.28 -30.09 34.67
N ASP F 41 34.50 -29.02 34.78
CA ASP F 41 34.46 -28.19 35.97
C ASP F 41 35.78 -27.47 36.22
N TYR F 42 36.37 -26.88 35.19
CA TYR F 42 37.46 -25.92 35.30
C TYR F 42 36.90 -24.53 34.93
N GLY F 43 36.20 -23.94 35.88
CA GLY F 43 35.39 -22.76 35.77
C GLY F 43 36.09 -21.51 35.27
N GLU F 44 37.26 -21.18 35.82
CA GLU F 44 37.93 -19.96 35.39
C GLU F 44 38.35 -20.05 33.92
N LEU F 45 38.77 -21.24 33.52
CA LEU F 45 39.13 -21.52 32.15
C LEU F 45 37.89 -21.49 31.27
N ALA F 46 36.80 -22.13 31.74
CA ALA F 46 35.56 -22.08 30.96
C ALA F 46 35.02 -20.66 30.86
N ALA F 47 35.11 -19.90 31.95
CA ALA F 47 34.60 -18.53 31.93
C ALA F 47 35.36 -17.67 30.93
N ASN F 48 36.68 -17.71 30.98
CA ASN F 48 37.53 -16.92 30.09
C ASN F 48 37.42 -17.35 28.63
N MET F 49 37.18 -18.63 28.37
CA MET F 49 36.99 -19.08 26.99
C MET F 49 35.71 -18.49 26.42
N LYS F 50 34.64 -18.49 27.24
CA LYS F 50 33.39 -17.90 26.78
C LYS F 50 33.53 -16.40 26.55
N LEU F 51 34.25 -15.72 27.42
CA LEU F 51 34.47 -14.28 27.28
C LEU F 51 35.20 -13.94 25.99
N ILE F 52 36.20 -14.77 25.64
CA ILE F 52 36.90 -14.51 24.38
C ILE F 52 35.99 -14.77 23.20
N ALA F 53 35.16 -15.81 23.24
CA ALA F 53 34.22 -16.06 22.16
C ALA F 53 33.25 -14.90 21.98
N ILE F 54 32.84 -14.24 23.05
CA ILE F 54 31.99 -13.05 22.96
C ILE F 54 32.76 -11.91 22.30
N ASP F 55 34.06 -11.78 22.57
CA ASP F 55 34.89 -10.86 21.80
C ASP F 55 34.80 -11.18 20.30
N GLU F 56 34.93 -12.44 19.92
CA GLU F 56 34.83 -12.82 18.51
C GLU F 56 33.45 -12.49 17.95
N MET F 57 32.41 -12.60 18.80
CA MET F 57 31.07 -12.24 18.40
C MET F 57 31.01 -10.77 17.98
N ARG F 58 31.65 -9.95 18.81
CA ARG F 58 31.71 -8.52 18.59
C ARG F 58 32.48 -8.18 17.32
N HIS F 59 33.60 -8.87 17.09
CA HIS F 59 34.34 -8.65 15.83
C HIS F 59 33.46 -8.98 14.64
N ALA F 60 32.86 -10.17 14.67
CA ALA F 60 32.00 -10.60 13.57
C ALA F 60 30.94 -9.53 13.30
N GLU F 61 30.45 -8.92 14.38
CA GLU F 61 29.45 -7.87 14.28
C GLU F 61 30.00 -6.60 13.66
N ASN F 62 31.19 -6.19 14.10
CA ASN F 62 31.79 -4.98 13.52
C ASN F 62 32.09 -5.17 12.03
N PHE F 63 32.59 -6.35 11.66
CA PHE F 63 32.84 -6.63 10.25
C PHE F 63 31.53 -6.55 9.47
N ALA F 64 30.49 -7.23 9.93
CA ALA F 64 29.17 -7.20 9.29
C ALA F 64 28.69 -5.78 9.08
N GLU F 65 28.84 -4.93 10.10
CA GLU F 65 28.38 -3.56 10.04
C GLU F 65 29.11 -2.74 9.01
N ARG F 66 30.41 -2.98 8.92
CA ARG F 66 31.25 -2.32 7.93
C ARG F 66 30.86 -2.78 6.53
N ILE F 67 30.67 -4.09 6.40
CA ILE F 67 30.22 -4.61 5.10
C ILE F 67 28.94 -3.90 4.67
N LYS F 68 27.96 -3.82 5.59
CA LYS F 68 26.72 -3.12 5.23
C LYS F 68 27.00 -1.68 4.80
N GLU F 69 27.98 -1.05 5.47
CA GLU F 69 28.30 0.33 5.12
C GLU F 69 28.85 0.41 3.69
N LEU F 70 29.51 -0.64 3.24
CA LEU F 70 30.12 -0.64 1.91
C LEU F 70 29.21 -1.18 0.81
N GLY F 71 27.98 -1.52 1.17
CA GLY F 71 26.98 -2.03 0.25
C GLY F 71 26.95 -3.55 0.14
N GLY F 72 27.72 -4.24 0.96
CA GLY F 72 27.80 -5.69 0.83
C GLY F 72 26.80 -6.45 1.68
N GLU F 73 26.89 -7.78 1.61
CA GLU F 73 26.10 -8.70 2.41
C GLU F 73 27.03 -9.47 3.32
N PRO F 74 26.82 -9.38 4.63
CA PRO F 74 27.65 -10.13 5.59
C PRO F 74 27.45 -11.63 5.49
N THR F 75 28.52 -12.38 5.37
CA THR F 75 28.43 -13.83 5.20
C THR F 75 27.95 -14.54 6.45
N THR F 76 27.29 -15.68 6.28
CA THR F 76 26.82 -16.48 7.40
C THR F 76 27.52 -17.83 7.46
N GLN F 77 28.54 -18.01 6.62
CA GLN F 77 29.26 -19.29 6.61
C GLN F 77 30.55 -19.22 7.40
N LYS F 78 30.85 -20.21 8.23
CA LYS F 78 32.10 -20.17 8.98
C LYS F 78 33.23 -20.77 8.15
N GLU F 79 34.45 -20.33 8.42
CA GLU F 79 35.66 -20.80 7.79
C GLU F 79 36.15 -22.10 8.42
N GLY F 80 36.19 -23.18 7.65
CA GLY F 80 36.79 -24.39 8.16
C GLY F 80 35.87 -25.17 9.08
N LYS F 81 36.46 -26.10 9.83
CA LYS F 81 35.68 -27.01 10.64
C LYS F 81 36.06 -26.87 12.12
N VAL F 82 35.06 -27.04 12.98
CA VAL F 82 35.29 -27.13 14.41
C VAL F 82 35.84 -28.50 14.78
N VAL F 83 36.96 -28.51 15.49
CA VAL F 83 37.49 -29.76 16.04
C VAL F 83 36.95 -30.02 17.44
N THR F 84 36.29 -31.15 17.65
CA THR F 84 35.69 -31.43 18.96
C THR F 84 36.53 -32.44 19.73
N GLY F 85 36.19 -32.65 21.00
CA GLY F 85 36.85 -33.61 21.83
C GLY F 85 38.30 -33.31 22.12
N GLN F 86 38.74 -32.05 22.02
CA GLN F 86 40.16 -31.78 22.31
C GLN F 86 40.45 -31.83 23.80
N ALA F 87 41.56 -32.48 24.14
CA ALA F 87 42.07 -32.53 25.50
C ALA F 87 42.52 -31.13 25.93
N VAL F 88 42.56 -30.86 27.22
CA VAL F 88 42.93 -29.55 27.73
C VAL F 88 44.23 -29.03 27.14
N PRO F 89 45.31 -29.82 27.10
CA PRO F 89 46.54 -29.32 26.47
C PRO F 89 46.36 -28.98 25.00
N VAL F 90 45.60 -29.79 24.26
CA VAL F 90 45.39 -29.47 22.84
C VAL F 90 44.60 -28.19 22.69
N ILE F 91 43.61 -27.97 23.57
CA ILE F 91 42.80 -26.75 23.51
C ILE F 91 43.67 -25.51 23.47
N TYR F 92 44.61 -25.38 24.40
CA TYR F 92 45.38 -24.13 24.48
C TYR F 92 46.49 -24.06 23.46
N GLU F 93 47.08 -25.19 23.06
CA GLU F 93 48.00 -25.11 21.94
C GLU F 93 47.30 -24.74 20.64
N SER F 94 46.15 -25.32 20.33
CA SER F 94 45.51 -24.96 19.05
C SER F 94 44.98 -23.54 19.00
N ASP F 95 44.43 -23.04 20.11
CA ASP F 95 43.85 -21.68 20.09
C ASP F 95 44.96 -20.65 19.96
N ALA F 96 46.10 -20.88 20.63
CA ALA F 96 47.24 -20.00 20.41
C ALA F 96 47.63 -19.98 18.94
N ASP F 97 47.64 -21.19 18.37
CA ASP F 97 47.98 -21.34 16.96
C ASP F 97 46.92 -20.66 16.09
N GLN F 98 45.65 -20.80 16.45
CA GLN F 98 44.60 -20.11 15.68
C GLN F 98 44.73 -18.61 15.80
N GLU F 99 45.04 -18.08 16.98
CA GLU F 99 45.09 -16.63 17.11
C GLU F 99 46.21 -16.04 16.29
N ASP F 100 47.34 -16.74 16.29
CA ASP F 100 48.49 -16.29 15.52
C ASP F 100 48.17 -16.14 14.04
N ALA F 101 47.53 -17.18 13.50
CA ALA F 101 47.18 -17.19 12.08
C ALA F 101 46.18 -16.11 11.74
N THR F 102 45.22 -15.86 12.63
CA THR F 102 44.24 -14.79 12.39
C THR F 102 44.94 -13.45 12.29
N ILE F 103 45.90 -13.23 13.19
CA ILE F 103 46.63 -11.96 13.15
C ILE F 103 47.38 -11.85 11.83
N GLU F 104 47.96 -12.97 11.38
CA GLU F 104 48.63 -12.96 10.07
C GLU F 104 47.65 -12.62 8.97
N ALA F 105 46.55 -13.35 8.89
CA ALA F 105 45.53 -13.09 7.88
C ALA F 105 45.01 -11.67 7.99
N TYR F 106 44.73 -11.25 9.24
CA TYR F 106 44.16 -9.92 9.42
C TYR F 106 45.13 -8.86 8.93
N SER F 107 46.41 -9.12 9.12
CA SER F 107 47.45 -8.16 8.74
C SER F 107 47.53 -8.01 7.23
N GLN F 108 47.34 -9.10 6.51
CA GLN F 108 47.19 -9.08 5.06
C GLN F 108 45.90 -8.38 4.66
N PHE F 109 44.81 -8.68 5.37
CA PHE F 109 43.57 -8.00 5.00
C PHE F 109 43.73 -6.50 5.17
N LEU F 110 44.39 -6.04 6.23
CA LEU F 110 44.60 -4.62 6.45
C LEU F 110 45.31 -3.98 5.27
N LYS F 111 46.30 -4.71 4.74
CA LYS F 111 47.07 -4.28 3.59
C LYS F 111 46.16 -3.94 2.42
N VAL F 112 45.25 -4.86 2.11
CA VAL F 112 44.32 -4.64 0.99
C VAL F 112 43.50 -3.37 1.18
N CYS F 113 43.00 -3.16 2.41
CA CYS F 113 42.26 -1.95 2.72
C CYS F 113 43.04 -0.69 2.34
N LYS F 114 44.31 -0.70 2.71
CA LYS F 114 45.20 0.43 2.41
C LYS F 114 45.42 0.56 0.91
N GLU F 115 45.73 -0.57 0.27
CA GLU F 115 45.85 -0.56 -1.19
C GLU F 115 44.55 -0.11 -1.82
N GLN F 116 43.42 -0.44 -1.20
CA GLN F 116 42.15 -0.02 -1.80
C GLN F 116 41.73 1.36 -1.31
N GLY F 117 42.63 2.04 -0.63
CA GLY F 117 42.37 3.38 -0.13
C GLY F 117 41.26 3.44 0.90
N ASP F 118 41.10 2.42 1.73
CA ASP F 118 39.99 2.45 2.69
C ASP F 118 40.49 2.63 4.12
N ILE F 119 40.70 3.87 4.56
CA ILE F 119 41.27 4.18 5.86
C ILE F 119 40.41 3.68 7.01
N VAL F 120 39.08 3.83 6.91
CA VAL F 120 38.20 3.43 8.00
C VAL F 120 38.25 1.93 8.20
N THR F 121 38.22 1.15 7.10
CA THR F 121 38.28 -0.31 7.28
C THR F 121 39.65 -0.73 7.72
N ALA F 122 40.71 -0.06 7.24
CA ALA F 122 42.03 -0.43 7.75
C ALA F 122 42.12 -0.19 9.26
N ARG F 123 41.49 0.86 9.77
CA ARG F 123 41.53 1.15 11.21
C ARG F 123 40.70 0.14 11.99
N LEU F 124 39.59 -0.35 11.43
CA LEU F 124 38.85 -1.44 12.05
C LEU F 124 39.71 -2.68 12.25
N PHE F 125 40.43 -3.11 11.21
CA PHE F 125 41.31 -4.28 11.32
C PHE F 125 42.39 -4.09 12.37
N GLU F 126 42.95 -2.91 12.40
CA GLU F 126 44.01 -2.52 13.33
C GLU F 126 43.55 -2.69 14.77
N ARG F 127 42.40 -2.13 15.11
CA ARG F 127 41.88 -2.27 16.47
C ARG F 127 41.56 -3.71 16.80
N ILE F 128 41.02 -4.45 15.83
CA ILE F 128 40.73 -5.86 16.13
C ILE F 128 42.00 -6.68 16.27
N ILE F 129 43.03 -6.37 15.48
CA ILE F 129 44.27 -7.14 15.57
C ILE F 129 44.91 -6.99 16.94
N GLU F 130 44.79 -5.81 17.54
CA GLU F 130 45.26 -5.60 18.91
C GLU F 130 44.50 -6.47 19.90
N GLU F 131 43.19 -6.66 19.70
CA GLU F 131 42.45 -7.57 20.57
C GLU F 131 42.84 -9.01 20.36
N GLU F 132 43.07 -9.46 19.12
CA GLU F 132 43.48 -10.84 18.90
C GLU F 132 44.80 -11.12 19.59
N GLN F 133 45.70 -10.14 19.65
CA GLN F 133 46.98 -10.31 20.35
C GLN F 133 46.74 -10.52 21.84
N ALA F 134 45.77 -9.78 22.39
CA ALA F 134 45.43 -10.06 23.79
C ALA F 134 45.01 -11.52 23.94
N HIS F 135 44.18 -12.03 23.01
CA HIS F 135 43.73 -13.42 23.07
C HIS F 135 44.90 -14.39 22.97
N LEU F 136 45.82 -14.09 22.06
CA LEU F 136 47.00 -14.92 21.83
C LEU F 136 47.87 -15.01 23.07
N THR F 137 48.09 -13.85 23.70
CA THR F 137 48.88 -13.89 24.92
C THR F 137 48.14 -14.74 25.95
N TYR F 138 46.83 -14.56 26.10
CA TYR F 138 46.08 -15.35 27.06
C TYR F 138 46.31 -16.84 26.82
N TYR F 139 46.09 -17.30 25.60
CA TYR F 139 46.15 -18.72 25.28
C TYR F 139 47.57 -19.25 25.47
N GLU F 140 48.57 -18.44 25.12
CA GLU F 140 49.95 -18.88 25.35
C GLU F 140 50.26 -18.98 26.82
N ASN F 141 49.72 -18.09 27.64
CA ASN F 141 49.92 -18.13 29.09
C ASN F 141 49.41 -19.43 29.69
N ILE F 142 48.17 -19.79 29.35
CA ILE F 142 47.57 -21.01 29.88
C ILE F 142 48.32 -22.25 29.40
N GLY F 143 48.66 -22.31 28.11
CA GLY F 143 49.39 -23.47 27.61
C GLY F 143 50.70 -23.63 28.37
N SER F 144 51.32 -22.48 28.66
CA SER F 144 52.55 -22.49 29.42
C SER F 144 52.35 -23.01 30.82
N HIS F 145 51.24 -22.69 31.50
CA HIS F 145 51.08 -23.29 32.84
C HIS F 145 50.78 -24.78 32.77
N ILE F 146 49.99 -25.17 31.77
CA ILE F 146 49.65 -26.58 31.66
C ILE F 146 50.92 -27.37 31.37
N LYS F 147 51.76 -26.86 30.47
CA LYS F 147 53.02 -27.56 30.15
C LYS F 147 53.96 -27.60 31.34
N ASN F 148 54.09 -26.45 32.02
CA ASN F 148 55.03 -26.36 33.12
C ASN F 148 54.48 -26.95 34.41
N LEU F 149 53.17 -26.88 34.63
CA LEU F 149 52.67 -27.25 35.95
C LEU F 149 51.72 -28.44 35.93
N GLY F 150 51.15 -28.76 34.78
CA GLY F 150 50.26 -29.89 34.61
C GLY F 150 49.06 -29.91 35.54
N ASP F 151 48.84 -31.03 36.19
CA ASP F 151 47.71 -31.35 37.05
C ASP F 151 47.69 -30.48 38.29
N THR F 152 48.87 -29.96 38.65
CA THR F 152 48.96 -29.07 39.80
C THR F 152 48.32 -27.73 39.47
N TYR F 153 48.45 -27.28 38.21
CA TYR F 153 47.77 -26.08 37.76
C TYR F 153 46.27 -26.31 37.73
N LEU F 154 45.84 -27.44 37.17
CA LEU F 154 44.41 -27.72 37.10
C LEU F 154 43.78 -27.93 38.47
N ALA F 155 44.48 -28.54 39.43
CA ALA F 155 43.89 -28.71 40.76
C ALA F 155 43.47 -27.36 41.33
N LYS F 156 44.19 -26.31 40.95
CA LYS F 156 43.90 -24.98 41.45
C LYS F 156 42.64 -24.39 40.82
N ILE F 157 42.41 -24.69 39.55
CA ILE F 157 41.27 -24.20 38.79
C ILE F 157 40.02 -25.04 39.01
N ALA F 158 40.17 -26.27 39.48
CA ALA F 158 39.03 -27.17 39.67
C ALA F 158 38.05 -26.62 40.69
N GLY F 159 36.76 -26.58 40.34
CA GLY F 159 35.74 -26.06 41.24
C GLY F 159 35.68 -24.56 41.31
N THR F 160 36.48 -23.81 40.54
CA THR F 160 36.39 -22.36 40.59
C THR F 160 35.09 -21.86 39.96
N PRO F 161 34.68 -20.63 40.25
CA PRO F 161 33.47 -20.08 39.63
C PRO F 161 33.62 -19.95 38.12
N SER F 162 32.51 -20.16 37.43
CA SER F 162 32.47 -20.14 35.98
C SER F 162 31.64 -18.99 35.42
N SER F 163 30.96 -18.24 36.28
CA SER F 163 30.07 -17.19 35.85
C SER F 163 30.76 -16.15 34.99
N THR F 164 30.07 -15.62 33.99
CA THR F 164 30.66 -14.53 33.20
C THR F 164 29.85 -13.25 33.44
N GLY F 165 28.99 -13.31 34.45
CA GLY F 165 28.19 -12.16 34.83
C GLY F 165 26.71 -12.50 34.85
N THR F 166 25.89 -11.48 35.10
CA THR F 166 24.44 -11.64 34.96
C THR F 166 24.14 -12.05 33.52
N ALA F 167 23.05 -12.78 33.31
CA ALA F 167 22.68 -13.21 31.97
C ALA F 167 22.65 -12.03 30.98
N SER F 168 23.08 -12.35 29.77
CA SER F 168 23.07 -11.47 28.61
C SER F 168 21.68 -10.89 28.35
N LYS F 169 21.49 -9.59 28.54
CA LYS F 169 20.14 -9.06 28.41
C LYS F 169 19.60 -9.28 26.99
N GLY F 170 18.48 -9.99 26.89
CA GLY F 170 17.81 -10.41 25.70
C GLY F 170 16.42 -9.82 25.52
N PHE F 171 15.59 -10.44 24.69
CA PHE F 171 14.25 -9.90 24.47
C PHE F 171 13.31 -10.37 25.59
N VAL F 172 13.37 -11.67 25.88
CA VAL F 172 12.58 -12.21 26.98
C VAL F 172 13.32 -11.99 28.31
N ASN G 4 -23.47 6.02 15.33
CA ASN G 4 -23.78 6.85 14.18
C ASN G 4 -23.12 6.31 12.89
N ARG G 5 -22.18 7.06 12.34
CA ARG G 5 -21.56 6.75 11.07
C ARG G 5 -21.10 5.30 10.97
N GLU G 6 -20.33 4.83 11.93
CA GLU G 6 -19.75 3.49 11.88
C GLU G 6 -20.83 2.41 11.87
N ASP G 7 -21.80 2.58 12.76
CA ASP G 7 -22.92 1.65 12.84
C ASP G 7 -23.70 1.65 11.53
N ARG G 8 -23.95 2.85 11.00
CA ARG G 8 -24.72 2.97 9.76
C ARG G 8 -24.04 2.23 8.62
N LYS G 9 -22.76 2.49 8.43
CA LYS G 9 -21.96 1.83 7.41
C LYS G 9 -22.01 0.31 7.53
N ALA G 10 -21.90 -0.21 8.74
CA ALA G 10 -21.86 -1.66 8.93
C ALA G 10 -23.18 -2.31 8.53
N LYS G 11 -24.28 -1.61 8.82
CA LYS G 11 -25.60 -2.16 8.48
C LYS G 11 -25.84 -2.19 6.97
N VAL G 12 -25.29 -1.20 6.26
CA VAL G 12 -25.44 -1.18 4.80
C VAL G 12 -24.56 -2.24 4.16
N ILE G 13 -23.34 -2.37 4.70
CA ILE G 13 -22.44 -3.41 4.17
C ILE G 13 -23.08 -4.76 4.37
N GLU G 14 -23.81 -4.94 5.48
CA GLU G 14 -24.41 -6.27 5.63
C GLU G 14 -25.47 -6.53 4.58
N VAL G 15 -26.32 -5.54 4.27
CA VAL G 15 -27.33 -5.85 3.24
C VAL G 15 -26.66 -5.95 1.88
N LEU G 16 -25.61 -5.15 1.64
CA LEU G 16 -24.95 -5.21 0.35
C LEU G 16 -24.38 -6.61 0.10
N ASN G 17 -23.80 -7.21 1.14
CA ASN G 17 -23.22 -8.54 0.97
C ASN G 17 -24.29 -9.61 0.80
N LYS G 18 -25.41 -9.44 1.51
CA LYS G 18 -26.53 -10.36 1.34
C LYS G 18 -27.01 -10.31 -0.11
N ALA G 19 -27.09 -9.09 -0.66
CA ALA G 19 -27.55 -8.97 -2.04
C ALA G 19 -26.54 -9.57 -3.00
N ARG G 20 -25.27 -9.26 -2.77
CA ARG G 20 -24.22 -9.80 -3.64
C ARG G 20 -24.23 -11.31 -3.61
N ALA G 21 -24.40 -11.88 -2.41
CA ALA G 21 -24.53 -13.33 -2.27
C ALA G 21 -25.68 -13.87 -3.12
N MET G 22 -26.77 -13.11 -3.23
CA MET G 22 -27.89 -13.54 -4.06
C MET G 22 -27.54 -13.40 -5.54
N GLU G 23 -26.76 -12.37 -5.88
CA GLU G 23 -26.31 -12.22 -7.27
C GLU G 23 -25.43 -13.39 -7.67
N LEU G 24 -24.54 -13.81 -6.77
CA LEU G 24 -23.65 -14.92 -7.10
C LEU G 24 -24.43 -16.20 -7.33
N HIS G 25 -25.44 -16.45 -6.51
CA HIS G 25 -26.33 -17.57 -6.74
C HIS G 25 -26.97 -17.54 -8.12
N ALA G 26 -27.49 -16.36 -8.46
CA ALA G 26 -28.22 -16.17 -9.71
C ALA G 26 -27.30 -16.39 -10.92
N ILE G 27 -26.06 -15.93 -10.83
CA ILE G 27 -25.15 -16.13 -11.96
C ILE G 27 -24.99 -17.62 -12.29
N HIS G 28 -24.83 -18.45 -11.26
CA HIS G 28 -24.61 -19.88 -11.46
C HIS G 28 -25.88 -20.61 -11.86
N GLN G 29 -26.99 -20.22 -11.26
CA GLN G 29 -28.28 -20.83 -11.59
C GLN G 29 -28.67 -20.56 -13.03
N TYR G 30 -28.53 -19.31 -13.48
CA TYR G 30 -28.92 -18.96 -14.84
C TYR G 30 -27.96 -19.53 -15.87
N MET G 31 -26.66 -19.54 -15.56
CA MET G 31 -25.72 -20.12 -16.53
C MET G 31 -25.94 -21.61 -16.63
N ASN G 32 -26.26 -22.27 -15.51
CA ASN G 32 -26.56 -23.70 -15.59
C ASN G 32 -27.72 -23.94 -16.53
N GLN G 33 -28.79 -23.16 -16.40
CA GLN G 33 -29.94 -23.32 -17.28
C GLN G 33 -29.57 -22.97 -18.73
N HIS G 34 -28.69 -21.99 -18.86
CA HIS G 34 -28.15 -21.64 -20.17
C HIS G 34 -27.43 -22.82 -20.82
N TYR G 35 -26.65 -23.60 -20.06
CA TYR G 35 -25.97 -24.75 -20.66
C TYR G 35 -27.00 -25.76 -21.17
N SER G 36 -28.05 -25.99 -20.38
CA SER G 36 -29.11 -26.92 -20.77
C SER G 36 -29.85 -26.48 -22.03
N LEU G 37 -30.21 -25.20 -22.10
CA LEU G 37 -30.95 -24.68 -23.25
C LEU G 37 -30.12 -24.77 -24.52
N ASP G 38 -28.81 -24.55 -24.35
CA ASP G 38 -27.90 -24.60 -25.49
C ASP G 38 -27.78 -26.05 -25.98
N ASP G 39 -27.67 -26.94 -25.00
CA ASP G 39 -27.62 -28.38 -25.29
C ASP G 39 -28.90 -28.83 -25.97
N MET G 40 -30.04 -28.27 -25.57
CA MET G 40 -31.31 -28.53 -26.21
C MET G 40 -31.43 -27.83 -27.56
N ASP G 41 -30.54 -26.88 -27.81
CA ASP G 41 -30.56 -26.14 -29.07
C ASP G 41 -31.77 -25.23 -29.25
N TYR G 42 -32.13 -24.53 -28.18
CA TYR G 42 -33.09 -23.43 -28.21
C TYR G 42 -32.33 -22.11 -28.10
N GLY G 43 -31.70 -21.69 -29.19
CA GLY G 43 -30.69 -20.66 -29.22
C GLY G 43 -31.09 -19.35 -28.58
N GLU G 44 -32.25 -18.85 -29.00
CA GLU G 44 -32.80 -17.61 -28.49
C GLU G 44 -32.97 -17.64 -26.97
N LEU G 45 -33.52 -18.74 -26.44
CA LEU G 45 -33.67 -18.84 -24.99
C LEU G 45 -32.30 -18.93 -24.31
N ALA G 46 -31.40 -19.72 -24.89
CA ALA G 46 -30.03 -19.87 -24.42
C ALA G 46 -29.30 -18.53 -24.38
N ALA G 47 -29.40 -17.78 -25.47
CA ALA G 47 -28.75 -16.47 -25.57
C ALA G 47 -29.23 -15.50 -24.52
N ASN G 48 -30.56 -15.36 -24.40
CA ASN G 48 -31.10 -14.39 -23.44
C ASN G 48 -30.84 -14.81 -22.00
N MET G 49 -30.85 -16.10 -21.70
CA MET G 49 -30.53 -16.52 -20.34
C MET G 49 -29.12 -16.09 -19.96
N LYS G 50 -28.16 -16.25 -20.88
CA LYS G 50 -26.78 -15.85 -20.60
C LYS G 50 -26.68 -14.33 -20.45
N LEU G 51 -27.34 -13.57 -21.32
CA LEU G 51 -27.32 -12.11 -21.20
C LEU G 51 -27.86 -11.65 -19.84
N ILE G 52 -28.91 -12.30 -19.33
CA ILE G 52 -29.40 -11.96 -18.00
C ILE G 52 -28.36 -12.36 -16.94
N ALA G 53 -27.69 -13.49 -17.14
CA ALA G 53 -26.61 -13.88 -16.23
C ALA G 53 -25.50 -12.83 -16.18
N ILE G 54 -25.23 -12.20 -17.32
CA ILE G 54 -24.25 -11.11 -17.34
C ILE G 54 -24.77 -9.86 -16.67
N ASP G 55 -26.08 -9.58 -16.70
CA ASP G 55 -26.62 -8.52 -15.85
C ASP G 55 -26.35 -8.81 -14.37
N GLU G 56 -26.58 -10.04 -13.91
CA GLU G 56 -26.33 -10.38 -12.51
C GLU G 56 -24.84 -10.29 -12.17
N MET G 57 -23.95 -10.64 -13.09
CA MET G 57 -22.53 -10.45 -12.87
C MET G 57 -22.22 -8.97 -12.63
N ARG G 58 -22.82 -8.11 -13.47
CA ARG G 58 -22.59 -6.66 -13.30
C ARG G 58 -23.21 -6.21 -11.99
N HIS G 59 -24.35 -6.77 -11.57
CA HIS G 59 -24.89 -6.40 -10.25
C HIS G 59 -23.93 -6.81 -9.14
N ALA G 60 -23.43 -8.05 -9.20
CA ALA G 60 -22.47 -8.54 -8.23
C ALA G 60 -21.29 -7.59 -8.08
N GLU G 61 -20.78 -7.12 -9.21
CA GLU G 61 -19.66 -6.20 -9.30
C GLU G 61 -19.99 -4.82 -8.77
N ASN G 62 -21.16 -4.28 -9.07
CA ASN G 62 -21.54 -2.98 -8.51
C ASN G 62 -21.69 -3.05 -7.00
N PHE G 63 -22.21 -4.17 -6.50
CA PHE G 63 -22.35 -4.32 -5.04
C PHE G 63 -20.98 -4.37 -4.38
N ALA G 64 -20.09 -5.19 -4.93
CA ALA G 64 -18.71 -5.31 -4.45
C ALA G 64 -18.03 -3.95 -4.38
N GLU G 65 -18.20 -3.16 -5.45
CA GLU G 65 -17.52 -1.86 -5.50
C GLU G 65 -18.06 -0.90 -4.46
N ARG G 66 -19.37 -0.97 -4.23
CA ARG G 66 -19.93 -0.09 -3.20
C ARG G 66 -19.43 -0.57 -1.83
N ILE G 67 -19.44 -1.87 -1.60
CA ILE G 67 -18.92 -2.45 -0.37
C ILE G 67 -17.51 -1.98 -0.08
N LYS G 68 -16.64 -1.96 -1.08
CA LYS G 68 -15.27 -1.50 -0.94
C LYS G 68 -15.22 -0.01 -0.59
N GLU G 69 -16.06 0.78 -1.24
CA GLU G 69 -16.14 2.21 -0.94
C GLU G 69 -16.54 2.44 0.53
N LEU G 70 -17.26 1.49 1.11
CA LEU G 70 -17.69 1.61 2.50
C LEU G 70 -16.72 0.94 3.46
N GLY G 71 -15.64 0.35 2.95
CA GLY G 71 -14.60 -0.22 3.80
C GLY G 71 -14.76 -1.69 4.08
N GLY G 72 -15.73 -2.34 3.46
CA GLY G 72 -15.97 -3.75 3.68
C GLY G 72 -15.28 -4.67 2.69
N GLU G 73 -15.46 -5.97 2.89
CA GLU G 73 -14.94 -6.98 1.99
C GLU G 73 -16.10 -7.67 1.31
N PRO G 74 -16.13 -7.73 -0.01
CA PRO G 74 -17.22 -8.40 -0.73
C PRO G 74 -17.14 -9.92 -0.58
N THR G 75 -18.25 -10.49 -0.17
CA THR G 75 -18.42 -11.94 -0.01
C THR G 75 -18.12 -12.67 -1.32
N THR G 76 -17.74 -13.94 -1.24
CA THR G 76 -17.47 -14.77 -2.39
C THR G 76 -18.33 -16.03 -2.35
N GLN G 77 -19.25 -16.07 -1.40
CA GLN G 77 -20.13 -17.25 -1.37
C GLN G 77 -21.53 -16.87 -1.84
N LYS G 78 -22.13 -17.75 -2.62
CA LYS G 78 -23.48 -17.52 -3.13
C LYS G 78 -24.51 -17.88 -2.06
N GLU G 79 -25.69 -17.28 -2.14
CA GLU G 79 -26.76 -17.66 -1.23
C GLU G 79 -27.61 -18.76 -1.85
N GLY G 80 -27.84 -19.84 -1.11
CA GLY G 80 -28.74 -20.90 -1.57
C GLY G 80 -28.03 -21.87 -2.49
N LYS G 81 -28.72 -22.95 -2.85
CA LYS G 81 -28.12 -23.97 -3.69
C LYS G 81 -28.61 -23.84 -5.12
N VAL G 82 -27.75 -24.22 -6.06
CA VAL G 82 -28.19 -24.22 -7.44
C VAL G 82 -28.98 -25.49 -7.74
N VAL G 83 -30.09 -25.31 -8.44
CA VAL G 83 -30.94 -26.43 -8.84
C VAL G 83 -30.58 -26.84 -10.26
N THR G 84 -30.21 -28.11 -10.47
CA THR G 84 -29.91 -28.54 -11.84
C THR G 84 -30.99 -29.46 -12.39
N GLY G 85 -30.89 -29.78 -13.68
CA GLY G 85 -31.79 -30.66 -14.37
C GLY G 85 -33.20 -30.16 -14.55
N GLN G 86 -33.41 -28.85 -14.44
CA GLN G 86 -34.77 -28.35 -14.61
C GLN G 86 -35.20 -28.45 -16.06
N ALA G 87 -36.41 -28.95 -16.28
CA ALA G 87 -37.02 -28.93 -17.61
C ALA G 87 -37.42 -27.50 -17.98
N VAL G 88 -37.63 -27.23 -19.26
CA VAL G 88 -37.98 -25.92 -19.77
C VAL G 88 -39.11 -25.26 -19.01
N PRO G 89 -40.28 -25.85 -18.81
CA PRO G 89 -41.32 -25.19 -18.02
C PRO G 89 -40.88 -24.80 -16.61
N VAL G 90 -40.05 -25.63 -16.00
CA VAL G 90 -39.60 -25.35 -14.63
C VAL G 90 -38.59 -24.21 -14.60
N ILE G 91 -37.78 -24.11 -15.64
CA ILE G 91 -36.75 -23.07 -15.72
C ILE G 91 -37.40 -21.70 -15.61
N TYR G 92 -38.43 -21.49 -16.43
CA TYR G 92 -39.08 -20.18 -16.46
C TYR G 92 -39.97 -19.92 -15.28
N GLU G 93 -40.63 -20.94 -14.74
CA GLU G 93 -41.45 -20.70 -13.55
C GLU G 93 -40.59 -20.37 -12.35
N SER G 94 -39.49 -21.10 -12.19
CA SER G 94 -38.59 -20.86 -11.06
C SER G 94 -37.85 -19.54 -11.15
N ASP G 95 -37.46 -19.17 -12.37
CA ASP G 95 -36.69 -17.92 -12.51
C ASP G 95 -37.61 -16.74 -12.25
N ALA G 96 -38.87 -16.83 -12.68
CA ALA G 96 -39.78 -15.73 -12.33
C ALA G 96 -39.93 -15.66 -10.82
N ASP G 97 -40.04 -16.82 -10.19
CA ASP G 97 -40.14 -16.88 -8.73
C ASP G 97 -38.90 -16.25 -8.09
N GLN G 98 -37.72 -16.60 -8.56
CA GLN G 98 -36.50 -16.01 -8.03
C GLN G 98 -36.44 -14.51 -8.22
N GLU G 99 -36.79 -13.99 -9.40
CA GLU G 99 -36.74 -12.55 -9.64
C GLU G 99 -37.69 -11.80 -8.71
N ASP G 100 -38.91 -12.33 -8.56
CA ASP G 100 -39.88 -11.74 -7.64
C ASP G 100 -39.35 -11.70 -6.22
N ALA G 101 -38.76 -12.83 -5.77
CA ALA G 101 -38.22 -12.84 -4.42
C ALA G 101 -37.06 -11.85 -4.28
N THR G 102 -36.29 -11.71 -5.35
CA THR G 102 -35.14 -10.80 -5.36
C THR G 102 -35.60 -9.36 -5.20
N ILE G 103 -36.63 -9.01 -5.97
CA ILE G 103 -37.16 -7.64 -5.86
C ILE G 103 -37.69 -7.41 -4.46
N GLU G 104 -38.37 -8.40 -3.88
CA GLU G 104 -38.87 -8.27 -2.52
C GLU G 104 -37.74 -8.01 -1.53
N ALA G 105 -36.66 -8.80 -1.61
CA ALA G 105 -35.57 -8.63 -0.64
C ALA G 105 -34.84 -7.31 -0.82
N TYR G 106 -34.58 -6.96 -2.09
CA TYR G 106 -33.84 -5.73 -2.40
C TYR G 106 -34.63 -4.50 -1.96
N SER G 107 -35.96 -4.61 -2.02
CA SER G 107 -36.82 -3.52 -1.57
C SER G 107 -36.65 -3.27 -0.08
N GLN G 108 -36.45 -4.33 0.69
CA GLN G 108 -36.19 -4.22 2.12
C GLN G 108 -34.76 -3.77 2.37
N PHE G 109 -33.83 -4.24 1.54
CA PHE G 109 -32.46 -3.76 1.64
C PHE G 109 -32.39 -2.26 1.38
N LEU G 110 -33.14 -1.81 0.39
CA LEU G 110 -33.25 -0.40 0.06
C LEU G 110 -33.69 0.42 1.28
N LYS G 111 -34.72 -0.09 1.95
CA LYS G 111 -35.29 0.55 3.13
C LYS G 111 -34.23 0.72 4.21
N VAL G 112 -33.43 -0.32 4.39
CA VAL G 112 -32.33 -0.23 5.36
C VAL G 112 -31.39 0.91 4.99
N CYS G 113 -31.05 1.00 3.70
CA CYS G 113 -30.14 2.08 3.29
C CYS G 113 -30.72 3.46 3.61
N LYS G 114 -32.01 3.62 3.38
CA LYS G 114 -32.68 4.87 3.72
C LYS G 114 -32.66 5.13 5.22
N GLU G 115 -33.01 4.15 6.05
CA GLU G 115 -32.95 4.27 7.49
C GLU G 115 -31.54 4.63 7.97
N GLN G 116 -30.51 4.07 7.34
CA GLN G 116 -29.13 4.36 7.69
C GLN G 116 -28.59 5.64 7.06
N GLY G 117 -29.43 6.38 6.34
CA GLY G 117 -28.98 7.59 5.71
C GLY G 117 -27.99 7.38 4.59
N ASP G 118 -28.00 6.25 3.88
CA ASP G 118 -27.04 6.08 2.78
C ASP G 118 -27.76 6.22 1.44
N ILE G 119 -27.79 7.44 0.91
CA ILE G 119 -28.52 7.76 -0.30
C ILE G 119 -27.91 7.12 -1.54
N VAL G 120 -26.58 7.03 -1.57
CA VAL G 120 -25.87 6.48 -2.72
C VAL G 120 -26.19 5.00 -2.85
N THR G 121 -26.18 4.26 -1.75
CA THR G 121 -26.48 2.83 -1.78
C THR G 121 -27.97 2.61 -2.03
N ALA G 122 -28.81 3.45 -1.45
CA ALA G 122 -30.24 3.31 -1.77
C ALA G 122 -30.50 3.44 -3.27
N ARG G 123 -29.90 4.43 -3.92
CA ARG G 123 -30.04 4.68 -5.36
C ARG G 123 -29.50 3.49 -6.16
N LEU G 124 -28.41 2.90 -5.67
CA LEU G 124 -27.88 1.69 -6.30
C LEU G 124 -28.94 0.60 -6.30
N PHE G 125 -29.55 0.37 -5.14
CA PHE G 125 -30.54 -0.70 -5.10
C PHE G 125 -31.70 -0.37 -6.04
N GLU G 126 -32.10 0.90 -6.02
CA GLU G 126 -33.24 1.31 -6.83
C GLU G 126 -33.00 0.96 -8.29
N ARG G 127 -31.82 1.33 -8.77
CA ARG G 127 -31.51 1.06 -10.17
C ARG G 127 -31.52 -0.43 -10.45
N ILE G 128 -30.95 -1.22 -9.55
CA ILE G 128 -30.86 -2.65 -9.87
C ILE G 128 -32.22 -3.32 -9.82
N ILE G 129 -33.08 -2.83 -8.92
CA ILE G 129 -34.41 -3.39 -8.81
C ILE G 129 -35.16 -3.18 -10.11
N GLU G 130 -34.91 -2.06 -10.79
CA GLU G 130 -35.59 -1.79 -12.05
C GLU G 130 -35.13 -2.78 -13.11
N GLU G 131 -33.87 -3.18 -13.01
CA GLU G 131 -33.34 -4.17 -13.95
C GLU G 131 -33.85 -5.56 -13.60
N GLU G 132 -34.11 -5.82 -12.32
CA GLU G 132 -34.67 -7.13 -11.94
C GLU G 132 -36.11 -7.23 -12.41
N GLN G 133 -36.85 -6.13 -12.43
CA GLN G 133 -38.22 -6.07 -12.93
C GLN G 133 -38.28 -6.45 -14.41
N ALA G 134 -37.29 -5.99 -15.17
CA ALA G 134 -37.14 -6.38 -16.56
C ALA G 134 -36.88 -7.87 -16.69
N HIS G 135 -36.04 -8.43 -15.83
CA HIS G 135 -35.79 -9.88 -15.85
C HIS G 135 -37.08 -10.64 -15.54
N LEU G 136 -37.78 -10.19 -14.50
CA LEU G 136 -39.03 -10.83 -14.07
C LEU G 136 -40.03 -10.89 -15.23
N THR G 137 -40.23 -9.74 -15.86
CA THR G 137 -41.16 -9.66 -16.98
C THR G 137 -40.75 -10.59 -18.11
N TYR G 138 -39.44 -10.66 -18.38
CA TYR G 138 -39.01 -11.53 -19.46
C TYR G 138 -39.39 -12.97 -19.15
N TYR G 139 -39.03 -13.46 -17.96
CA TYR G 139 -39.30 -14.83 -17.57
C TYR G 139 -40.79 -15.13 -17.51
N GLU G 140 -41.58 -14.19 -17.01
CA GLU G 140 -43.03 -14.40 -16.98
C GLU G 140 -43.57 -14.62 -18.38
N ASN G 141 -43.05 -13.85 -19.32
CA ASN G 141 -43.49 -13.90 -20.72
C ASN G 141 -43.15 -15.22 -21.40
N ILE G 142 -41.90 -15.68 -21.27
CA ILE G 142 -41.53 -16.98 -21.82
C ILE G 142 -42.37 -18.08 -21.17
N GLY G 143 -42.50 -18.02 -19.86
CA GLY G 143 -43.31 -19.00 -19.13
C GLY G 143 -44.74 -19.05 -19.67
N SER G 144 -45.35 -17.90 -19.87
CA SER G 144 -46.71 -17.89 -20.41
C SER G 144 -46.82 -18.54 -21.77
N HIS G 145 -45.87 -18.31 -22.67
CA HIS G 145 -45.94 -18.88 -24.02
C HIS G 145 -45.66 -20.37 -24.00
N ILE G 146 -44.84 -20.82 -23.04
CA ILE G 146 -44.62 -22.26 -22.94
C ILE G 146 -45.87 -22.92 -22.37
N LYS G 147 -46.51 -22.33 -21.37
CA LYS G 147 -47.75 -22.84 -20.83
C LYS G 147 -48.85 -22.90 -21.88
N ASN G 148 -49.06 -21.76 -22.53
CA ASN G 148 -50.15 -21.59 -23.46
C ASN G 148 -49.90 -22.13 -24.85
N LEU G 149 -48.66 -22.23 -25.35
CA LEU G 149 -48.53 -22.61 -26.75
C LEU G 149 -47.67 -23.84 -26.99
N GLY G 150 -46.82 -24.24 -26.05
CA GLY G 150 -45.82 -25.27 -26.24
C GLY G 150 -45.15 -25.32 -27.60
N ASP G 151 -44.95 -26.52 -28.13
CA ASP G 151 -44.27 -26.90 -29.34
C ASP G 151 -44.32 -25.89 -30.46
N THR G 152 -45.49 -25.31 -30.73
CA THR G 152 -45.54 -24.42 -31.90
C THR G 152 -44.57 -23.26 -31.70
N TYR G 153 -44.46 -22.89 -30.44
CA TYR G 153 -43.59 -21.84 -29.95
C TYR G 153 -42.15 -22.36 -29.83
N LEU G 154 -41.99 -23.56 -29.28
CA LEU G 154 -40.66 -24.15 -29.15
C LEU G 154 -40.07 -24.51 -30.51
N ALA G 155 -40.90 -24.96 -31.45
CA ALA G 155 -40.40 -25.28 -32.79
C ALA G 155 -39.87 -24.02 -33.45
N LYS G 156 -40.42 -22.90 -33.00
CA LYS G 156 -40.01 -21.61 -33.57
C LYS G 156 -38.65 -21.20 -33.01
N ILE G 157 -38.34 -21.62 -31.80
CA ILE G 157 -37.08 -21.33 -31.13
C ILE G 157 -35.98 -22.33 -31.53
N ALA G 158 -36.40 -23.53 -31.90
CA ALA G 158 -35.50 -24.61 -32.34
C ALA G 158 -34.58 -24.14 -33.45
N GLY G 159 -33.27 -24.26 -33.25
CA GLY G 159 -32.35 -23.95 -34.33
C GLY G 159 -32.02 -22.49 -34.52
N THR G 160 -32.43 -21.62 -33.61
CA THR G 160 -32.13 -20.19 -33.75
C THR G 160 -30.69 -19.93 -33.30
N PRO G 161 -30.12 -18.80 -33.70
CA PRO G 161 -28.78 -18.43 -33.23
C PRO G 161 -28.73 -18.31 -31.72
N SER G 162 -27.62 -18.71 -31.08
CA SER G 162 -27.52 -18.52 -29.64
C SER G 162 -26.41 -17.54 -29.29
N SER G 163 -25.85 -16.87 -30.29
CA SER G 163 -24.77 -15.90 -30.10
C SER G 163 -25.25 -14.68 -29.29
N THR G 164 -24.42 -14.28 -28.33
CA THR G 164 -24.72 -13.10 -27.53
C THR G 164 -23.86 -11.91 -27.97
N GLY G 165 -23.25 -12.05 -29.14
CA GLY G 165 -22.49 -10.93 -29.71
C GLY G 165 -21.04 -11.30 -29.96
N THR G 166 -20.16 -10.30 -29.84
CA THR G 166 -18.74 -10.56 -30.04
C THR G 166 -18.12 -11.15 -28.76
N ALA G 167 -17.10 -11.98 -28.93
CA ALA G 167 -16.44 -12.63 -27.80
C ALA G 167 -15.84 -11.65 -26.79
N SER G 168 -16.00 -12.05 -25.55
CA SER G 168 -15.52 -11.46 -24.32
C SER G 168 -14.15 -10.81 -24.41
N LYS G 169 -14.04 -9.49 -24.29
CA LYS G 169 -12.69 -8.97 -24.11
C LYS G 169 -12.11 -9.61 -22.84
N GLY G 170 -11.02 -10.32 -23.05
CA GLY G 170 -10.26 -11.03 -22.04
C GLY G 170 -8.80 -10.55 -22.07
N PHE G 171 -7.96 -11.22 -21.29
CA PHE G 171 -6.53 -10.92 -21.27
C PHE G 171 -5.86 -11.51 -22.49
N VAL G 172 -6.10 -12.78 -22.82
CA VAL G 172 -5.41 -13.35 -23.99
C VAL G 172 -5.99 -12.77 -25.27
N GLY H 3 -11.76 -48.45 -21.12
CA GLY H 3 -13.08 -48.98 -20.87
C GLY H 3 -14.12 -48.77 -21.94
N ASN H 4 -15.40 -48.86 -21.58
CA ASN H 4 -16.49 -48.73 -22.53
C ASN H 4 -16.82 -47.27 -22.79
N ARG H 5 -17.66 -47.03 -23.79
CA ARG H 5 -18.03 -45.69 -24.20
C ARG H 5 -18.44 -44.84 -23.00
N GLU H 6 -19.42 -45.30 -22.23
CA GLU H 6 -19.94 -44.53 -21.12
C GLU H 6 -18.86 -44.25 -20.08
N ASP H 7 -18.00 -45.26 -19.85
CA ASP H 7 -16.99 -45.15 -18.82
C ASP H 7 -15.98 -44.10 -19.26
N ARG H 8 -15.70 -44.10 -20.55
CA ARG H 8 -14.73 -43.16 -21.12
C ARG H 8 -15.19 -41.72 -20.95
N LYS H 9 -16.48 -41.48 -21.17
CA LYS H 9 -17.06 -40.16 -21.02
C LYS H 9 -17.04 -39.70 -19.56
N ALA H 10 -17.37 -40.66 -18.68
CA ALA H 10 -17.43 -40.41 -17.26
C ALA H 10 -16.09 -40.02 -16.70
N LYS H 11 -15.02 -40.71 -17.07
CA LYS H 11 -13.72 -40.30 -16.55
C LYS H 11 -13.34 -38.92 -17.06
N VAL H 12 -13.71 -38.60 -18.29
CA VAL H 12 -13.37 -37.27 -18.82
C VAL H 12 -14.27 -36.22 -18.18
N ILE H 13 -15.56 -36.53 -18.00
CA ILE H 13 -16.43 -35.59 -17.30
C ILE H 13 -15.89 -35.26 -15.92
N GLU H 14 -15.26 -36.25 -15.29
CA GLU H 14 -14.71 -36.02 -13.95
C GLU H 14 -13.53 -35.07 -13.95
N VAL H 15 -12.59 -35.15 -14.90
CA VAL H 15 -11.52 -34.17 -14.88
C VAL H 15 -12.00 -32.79 -15.36
N LEU H 16 -13.04 -32.79 -16.21
CA LEU H 16 -13.54 -31.51 -16.69
C LEU H 16 -14.18 -30.74 -15.54
N ASN H 17 -14.87 -31.45 -14.64
CA ASN H 17 -15.51 -30.77 -13.51
C ASN H 17 -14.47 -30.34 -12.49
N LYS H 18 -13.37 -31.08 -12.35
CA LYS H 18 -12.31 -30.64 -11.45
C LYS H 18 -11.67 -29.34 -11.95
N ALA H 19 -11.42 -29.26 -13.25
CA ALA H 19 -10.83 -28.07 -13.86
C ALA H 19 -11.78 -26.88 -13.76
N ARG H 20 -13.03 -27.13 -14.15
CA ARG H 20 -14.06 -26.09 -14.06
C ARG H 20 -14.15 -25.55 -12.64
N ALA H 21 -14.12 -26.40 -11.61
CA ALA H 21 -14.19 -25.93 -10.23
C ALA H 21 -12.97 -25.08 -9.87
N MET H 22 -11.84 -25.39 -10.49
CA MET H 22 -10.65 -24.58 -10.33
C MET H 22 -10.86 -23.23 -11.00
N GLU H 23 -11.57 -23.22 -12.15
CA GLU H 23 -11.84 -21.93 -12.79
C GLU H 23 -12.73 -21.05 -11.91
N LEU H 24 -13.85 -21.58 -11.43
CA LEU H 24 -14.76 -20.86 -10.55
C LEU H 24 -13.99 -20.22 -9.40
N HIS H 25 -13.05 -20.98 -8.85
CA HIS H 25 -12.22 -20.43 -7.78
C HIS H 25 -11.40 -19.25 -8.30
N ALA H 26 -10.78 -19.41 -9.47
CA ALA H 26 -9.93 -18.38 -10.04
C ALA H 26 -10.75 -17.11 -10.30
N ILE H 27 -11.95 -17.29 -10.84
CA ILE H 27 -12.80 -16.14 -11.10
C ILE H 27 -13.02 -15.30 -9.85
N HIS H 28 -13.36 -15.95 -8.73
CA HIS H 28 -13.68 -15.22 -7.51
C HIS H 28 -12.43 -14.65 -6.84
N GLN H 29 -11.36 -15.44 -6.84
CA GLN H 29 -10.10 -14.97 -6.28
C GLN H 29 -9.56 -13.77 -7.05
N TYR H 30 -9.51 -13.86 -8.37
CA TYR H 30 -9.01 -12.76 -9.18
C TYR H 30 -9.95 -11.57 -9.11
N MET H 31 -11.27 -11.80 -9.08
CA MET H 31 -12.13 -10.62 -8.98
C MET H 31 -12.01 -10.00 -7.61
N ASN H 32 -11.81 -10.80 -6.56
CA ASN H 32 -11.56 -10.24 -5.24
C ASN H 32 -10.35 -9.31 -5.22
N GLN H 33 -9.27 -9.75 -5.85
CA GLN H 33 -8.06 -8.93 -5.94
C GLN H 33 -8.29 -7.69 -6.80
N HIS H 34 -9.11 -7.85 -7.83
CA HIS H 34 -9.53 -6.76 -8.70
C HIS H 34 -10.20 -5.66 -7.90
N TYR H 35 -11.18 -6.02 -7.07
CA TYR H 35 -11.84 -4.98 -6.26
C TYR H 35 -10.82 -4.26 -5.39
N SER H 36 -9.86 -4.97 -4.82
CA SER H 36 -8.85 -4.34 -3.97
C SER H 36 -7.93 -3.40 -4.75
N LEU H 37 -7.49 -3.85 -5.92
CA LEU H 37 -6.58 -3.06 -6.75
C LEU H 37 -7.28 -1.78 -7.20
N ASP H 38 -8.56 -1.93 -7.55
CA ASP H 38 -9.43 -0.85 -7.95
C ASP H 38 -9.58 0.14 -6.79
N ASP H 39 -9.80 -0.40 -5.61
CA ASP H 39 -9.90 0.41 -4.40
C ASP H 39 -8.58 1.16 -4.15
N MET H 40 -7.45 0.50 -4.40
CA MET H 40 -6.16 1.16 -4.23
C MET H 40 -5.90 2.16 -5.37
N ASP H 41 -6.70 2.11 -6.42
CA ASP H 41 -6.54 2.93 -7.60
C ASP H 41 -5.21 2.62 -8.30
N TYR H 42 -4.95 1.35 -8.52
CA TYR H 42 -3.91 0.91 -9.45
C TYR H 42 -4.61 0.39 -10.71
N GLY H 43 -5.05 1.32 -11.54
CA GLY H 43 -5.89 1.08 -12.69
C GLY H 43 -5.42 0.00 -13.64
N GLU H 44 -4.20 0.13 -14.15
CA GLU H 44 -3.74 -0.87 -15.14
C GLU H 44 -3.74 -2.25 -14.52
N LEU H 45 -3.31 -2.36 -13.26
CA LEU H 45 -3.30 -3.65 -12.57
C LEU H 45 -4.71 -4.17 -12.35
N ALA H 46 -5.60 -3.28 -11.90
CA ALA H 46 -6.98 -3.66 -11.65
C ALA H 46 -7.62 -4.18 -12.94
N ALA H 47 -7.38 -3.48 -14.04
CA ALA H 47 -7.97 -3.82 -15.33
C ALA H 47 -7.49 -5.16 -15.86
N ASN H 48 -6.17 -5.40 -15.88
CA ASN H 48 -5.69 -6.69 -16.37
C ASN H 48 -6.12 -7.85 -15.49
N MET H 49 -6.33 -7.61 -14.19
CA MET H 49 -6.76 -8.68 -13.29
C MET H 49 -8.18 -9.11 -13.65
N LYS H 50 -9.03 -8.11 -13.93
CA LYS H 50 -10.38 -8.41 -14.36
C LYS H 50 -10.37 -9.10 -15.72
N LEU H 51 -9.52 -8.63 -16.63
CA LEU H 51 -9.46 -9.25 -17.95
C LEU H 51 -9.02 -10.70 -17.82
N ILE H 52 -8.15 -10.98 -16.85
CA ILE H 52 -7.76 -12.38 -16.68
C ILE H 52 -8.89 -13.17 -16.04
N ALA H 53 -9.61 -12.57 -15.08
CA ALA H 53 -10.78 -13.25 -14.53
C ALA H 53 -11.79 -13.62 -15.62
N ILE H 54 -11.95 -12.74 -16.60
CA ILE H 54 -12.86 -13.03 -17.73
C ILE H 54 -12.37 -14.16 -18.61
N ASP H 55 -11.06 -14.31 -18.82
CA ASP H 55 -10.49 -15.49 -19.46
C ASP H 55 -10.90 -16.74 -18.69
N GLU H 56 -10.85 -16.68 -17.36
CA GLU H 56 -11.23 -17.83 -16.55
C GLU H 56 -12.73 -18.11 -16.66
N MET H 57 -13.55 -17.06 -16.75
CA MET H 57 -14.98 -17.28 -16.99
C MET H 57 -15.20 -18.04 -18.29
N ARG H 58 -14.45 -17.69 -19.33
CA ARG H 58 -14.55 -18.35 -20.63
C ARG H 58 -14.09 -19.81 -20.52
N HIS H 59 -13.03 -20.03 -19.74
CA HIS H 59 -12.57 -21.40 -19.53
C HIS H 59 -13.66 -22.23 -18.86
N ALA H 60 -14.24 -21.70 -17.78
CA ALA H 60 -15.35 -22.34 -17.09
C ALA H 60 -16.50 -22.65 -18.04
N GLU H 61 -16.85 -21.72 -18.91
CA GLU H 61 -17.93 -21.94 -19.88
C GLU H 61 -17.58 -23.02 -20.89
N ASN H 62 -16.35 -22.99 -21.41
CA ASN H 62 -15.90 -24.02 -22.34
C ASN H 62 -15.93 -25.41 -21.72
N PHE H 63 -15.43 -25.53 -20.51
CA PHE H 63 -15.42 -26.82 -19.79
C PHE H 63 -16.86 -27.32 -19.65
N ALA H 64 -17.74 -26.41 -19.26
CA ALA H 64 -19.16 -26.68 -19.11
C ALA H 64 -19.80 -27.22 -20.39
N GLU H 65 -19.55 -26.55 -21.51
CA GLU H 65 -20.13 -26.93 -22.80
C GLU H 65 -19.64 -28.30 -23.23
N ARG H 66 -18.39 -28.62 -22.93
CA ARG H 66 -17.85 -29.94 -23.26
C ARG H 66 -18.48 -30.97 -22.31
N ILE H 67 -18.65 -30.63 -21.04
CA ILE H 67 -19.29 -31.55 -20.10
C ILE H 67 -20.70 -31.90 -20.56
N LYS H 68 -21.43 -30.93 -21.10
CA LYS H 68 -22.77 -31.20 -21.58
C LYS H 68 -22.75 -32.05 -22.85
N GLU H 69 -21.77 -31.79 -23.72
CA GLU H 69 -21.65 -32.53 -24.96
C GLU H 69 -21.35 -34.01 -24.66
N LEU H 70 -20.73 -34.28 -23.53
CA LEU H 70 -20.39 -35.64 -23.14
C LEU H 70 -21.53 -36.29 -22.35
N GLY H 71 -22.61 -35.56 -22.13
CA GLY H 71 -23.77 -36.02 -21.39
C GLY H 71 -23.76 -35.74 -19.90
N GLY H 72 -22.82 -34.96 -19.38
CA GLY H 72 -22.72 -34.75 -17.94
C GLY H 72 -23.31 -33.45 -17.45
N GLU H 73 -23.14 -33.16 -16.17
CA GLU H 73 -23.67 -31.94 -15.56
C GLU H 73 -22.54 -31.07 -15.01
N PRO H 74 -22.42 -29.86 -15.55
CA PRO H 74 -21.37 -28.93 -15.12
C PRO H 74 -21.51 -28.53 -13.66
N THR H 75 -20.41 -28.64 -12.93
CA THR H 75 -20.43 -28.31 -11.51
C THR H 75 -20.68 -26.82 -11.26
N THR H 76 -21.16 -26.47 -10.07
CA THR H 76 -21.32 -25.08 -9.66
C THR H 76 -20.56 -24.79 -8.38
N GLN H 77 -19.71 -25.71 -7.93
CA GLN H 77 -18.97 -25.49 -6.69
C GLN H 77 -17.51 -25.13 -7.00
N LYS H 78 -16.97 -24.13 -6.33
CA LYS H 78 -15.60 -23.75 -6.57
C LYS H 78 -14.65 -24.59 -5.72
N GLU H 79 -13.43 -24.80 -6.22
CA GLU H 79 -12.46 -25.61 -5.49
C GLU H 79 -11.63 -24.75 -4.55
N GLY H 80 -11.52 -25.13 -3.28
CA GLY H 80 -10.73 -24.36 -2.34
C GLY H 80 -11.46 -23.12 -1.89
N LYS H 81 -10.79 -22.28 -1.10
CA LYS H 81 -11.46 -21.07 -0.63
C LYS H 81 -10.70 -19.83 -1.11
N VAL H 82 -11.41 -18.71 -1.15
CA VAL H 82 -10.80 -17.47 -1.61
C VAL H 82 -10.02 -16.82 -0.47
N VAL H 83 -8.83 -16.34 -0.80
CA VAL H 83 -8.03 -15.59 0.15
C VAL H 83 -8.27 -14.11 -0.05
N THR H 84 -8.72 -13.43 1.00
CA THR H 84 -9.03 -12.00 0.91
C THR H 84 -7.99 -11.17 1.65
N GLY H 85 -7.92 -9.88 1.35
CA GLY H 85 -7.05 -8.94 2.02
C GLY H 85 -5.58 -9.06 1.72
N GLN H 86 -5.22 -9.75 0.63
CA GLN H 86 -3.80 -9.86 0.31
C GLN H 86 -3.19 -8.53 -0.13
N ALA H 87 -2.02 -8.22 0.42
CA ALA H 87 -1.28 -7.05 -0.03
C ALA H 87 -0.79 -7.28 -1.47
N VAL H 88 -0.46 -6.20 -2.18
CA VAL H 88 -0.06 -6.27 -3.58
C VAL H 88 1.00 -7.33 -3.83
N PRO H 89 2.14 -7.37 -3.14
CA PRO H 89 3.17 -8.38 -3.45
C PRO H 89 2.67 -9.81 -3.28
N VAL H 90 1.80 -10.05 -2.30
CA VAL H 90 1.22 -11.37 -2.08
C VAL H 90 0.25 -11.75 -3.20
N ILE H 91 -0.46 -10.75 -3.72
CA ILE H 91 -1.40 -11.02 -4.81
C ILE H 91 -0.66 -11.66 -5.98
N TYR H 92 0.46 -11.05 -6.37
CA TYR H 92 1.14 -11.48 -7.59
C TYR H 92 1.95 -12.74 -7.38
N GLU H 93 2.52 -12.90 -6.18
CA GLU H 93 3.22 -14.15 -5.87
C GLU H 93 2.26 -15.31 -5.79
N SER H 94 1.10 -15.12 -5.15
CA SER H 94 0.14 -16.21 -5.06
C SER H 94 -0.52 -16.52 -6.40
N ASP H 95 -0.81 -15.52 -7.22
CA ASP H 95 -1.47 -15.81 -8.51
C ASP H 95 -0.53 -16.57 -9.44
N ALA H 96 0.76 -16.23 -9.36
CA ALA H 96 1.78 -16.97 -10.11
C ALA H 96 1.83 -18.43 -9.67
N ASP H 97 1.87 -18.67 -8.36
CA ASP H 97 1.79 -20.03 -7.83
C ASP H 97 0.53 -20.74 -8.31
N GLN H 98 -0.63 -20.09 -8.21
CA GLN H 98 -1.89 -20.72 -8.62
C GLN H 98 -1.91 -21.03 -10.11
N GLU H 99 -1.36 -20.17 -10.97
CA GLU H 99 -1.37 -20.48 -12.39
C GLU H 99 -0.46 -21.65 -12.71
N ASP H 100 0.70 -21.68 -12.04
CA ASP H 100 1.59 -22.82 -12.15
C ASP H 100 0.91 -24.12 -11.75
N ALA H 101 0.28 -24.12 -10.57
CA ALA H 101 -0.42 -25.33 -10.11
C ALA H 101 -1.48 -25.76 -11.11
N THR H 102 -2.15 -24.77 -11.70
CA THR H 102 -3.21 -25.03 -12.67
C THR H 102 -2.64 -25.73 -13.89
N ILE H 103 -1.54 -25.19 -14.41
CA ILE H 103 -0.94 -25.80 -15.59
C ILE H 103 -0.49 -27.22 -15.26
N GLU H 104 0.04 -27.40 -14.05
CA GLU H 104 0.43 -28.75 -13.63
C GLU H 104 -0.74 -29.70 -13.65
N ALA H 105 -1.83 -29.33 -12.99
CA ALA H 105 -3.04 -30.14 -12.95
C ALA H 105 -3.69 -30.32 -14.31
N TYR H 106 -3.71 -29.27 -15.16
CA TYR H 106 -4.40 -29.45 -16.43
C TYR H 106 -3.66 -30.39 -17.36
N SER H 107 -2.34 -30.40 -17.24
CA SER H 107 -1.54 -31.33 -18.05
C SER H 107 -1.80 -32.77 -17.64
N GLN H 108 -1.99 -33.06 -16.36
CA GLN H 108 -2.39 -34.39 -15.92
C GLN H 108 -3.79 -34.73 -16.44
N PHE H 109 -4.71 -33.77 -16.42
CA PHE H 109 -6.05 -33.93 -16.95
C PHE H 109 -6.02 -34.25 -18.45
N LEU H 110 -5.16 -33.57 -19.21
CA LEU H 110 -5.00 -33.85 -20.63
C LEU H 110 -4.54 -35.29 -20.88
N LYS H 111 -3.59 -35.76 -20.07
CA LYS H 111 -3.13 -37.13 -20.22
C LYS H 111 -4.32 -38.07 -20.03
N VAL H 112 -5.13 -37.75 -19.03
CA VAL H 112 -6.32 -38.60 -18.83
C VAL H 112 -7.17 -38.58 -20.08
N CYS H 113 -7.43 -37.41 -20.67
CA CYS H 113 -8.26 -37.39 -21.88
C CYS H 113 -7.67 -38.25 -22.99
N LYS H 114 -6.35 -38.21 -23.12
CA LYS H 114 -5.66 -39.00 -24.14
C LYS H 114 -5.81 -40.50 -23.85
N GLU H 115 -5.70 -40.87 -22.57
CA GLU H 115 -5.90 -42.23 -22.12
C GLU H 115 -7.30 -42.74 -22.46
N GLN H 116 -8.30 -41.88 -22.36
CA GLN H 116 -9.69 -42.27 -22.59
C GLN H 116 -10.06 -42.09 -24.05
N GLY H 117 -9.07 -41.78 -24.88
CA GLY H 117 -9.29 -41.60 -26.30
C GLY H 117 -10.23 -40.45 -26.63
N ASP H 118 -10.10 -39.33 -25.91
CA ASP H 118 -10.94 -38.17 -26.19
C ASP H 118 -10.07 -37.01 -26.70
N ILE H 119 -9.89 -37.01 -28.00
CA ILE H 119 -9.14 -36.05 -28.78
C ILE H 119 -9.71 -34.65 -28.63
N VAL H 120 -11.02 -34.49 -28.83
CA VAL H 120 -11.58 -33.14 -28.73
C VAL H 120 -11.33 -32.55 -27.35
N THR H 121 -11.58 -33.32 -26.30
CA THR H 121 -11.41 -32.73 -24.96
C THR H 121 -9.92 -32.50 -24.68
N ALA H 122 -9.09 -33.43 -25.17
CA ALA H 122 -7.66 -33.25 -24.99
C ALA H 122 -7.20 -31.92 -25.61
N ARG H 123 -7.72 -31.61 -26.79
CA ARG H 123 -7.33 -30.40 -27.50
C ARG H 123 -7.84 -29.14 -26.79
N LEU H 124 -9.02 -29.26 -26.17
CA LEU H 124 -9.54 -28.17 -25.35
C LEU H 124 -8.56 -27.83 -24.23
N PHE H 125 -8.11 -28.84 -23.48
CA PHE H 125 -7.18 -28.59 -22.38
C PHE H 125 -5.88 -27.95 -22.85
N GLU H 126 -5.41 -28.38 -24.00
CA GLU H 126 -4.20 -27.95 -24.66
C GLU H 126 -4.22 -26.44 -24.93
N ARG H 127 -5.30 -26.03 -25.59
CA ARG H 127 -5.51 -24.61 -25.85
C ARG H 127 -5.58 -23.82 -24.55
N ILE H 128 -6.30 -24.37 -23.57
CA ILE H 128 -6.47 -23.57 -22.35
C ILE H 128 -5.17 -23.52 -21.57
N ILE H 129 -4.43 -24.63 -21.58
CA ILE H 129 -3.11 -24.59 -20.92
C ILE H 129 -2.27 -23.48 -21.52
N GLU H 130 -2.32 -23.28 -22.83
CA GLU H 130 -1.55 -22.19 -23.42
C GLU H 130 -1.98 -20.83 -22.91
N GLU H 131 -3.27 -20.67 -22.60
CA GLU H 131 -3.74 -19.37 -22.11
C GLU H 131 -3.31 -19.18 -20.66
N GLU H 132 -3.39 -20.24 -19.85
CA GLU H 132 -2.87 -20.19 -18.50
C GLU H 132 -1.40 -19.79 -18.47
N GLN H 133 -0.60 -20.27 -19.43
CA GLN H 133 0.80 -19.89 -19.50
C GLN H 133 0.95 -18.39 -19.67
N ALA H 134 0.07 -17.79 -20.47
CA ALA H 134 0.12 -16.34 -20.64
C ALA H 134 -0.17 -15.65 -19.30
N HIS H 135 -1.12 -16.20 -18.54
CA HIS H 135 -1.45 -15.61 -17.25
C HIS H 135 -0.27 -15.70 -16.30
N LEU H 136 0.37 -16.85 -16.23
CA LEU H 136 1.54 -17.09 -15.39
C LEU H 136 2.65 -16.09 -15.67
N THR H 137 2.97 -15.90 -16.94
CA THR H 137 4.06 -15.00 -17.31
C THR H 137 3.74 -13.57 -16.93
N TYR H 138 2.51 -13.13 -17.19
CA TYR H 138 2.04 -11.82 -16.74
C TYR H 138 2.25 -11.64 -15.25
N TYR H 139 1.74 -12.59 -14.45
CA TYR H 139 1.82 -12.47 -13.00
C TYR H 139 3.25 -12.51 -12.49
N GLU H 140 4.09 -13.34 -13.11
CA GLU H 140 5.48 -13.42 -12.69
C GLU H 140 6.19 -12.11 -12.95
N ASN H 141 5.86 -11.45 -14.05
CA ASN H 141 6.52 -10.20 -14.42
C ASN H 141 6.15 -9.07 -13.48
N ILE H 142 4.86 -8.96 -13.13
CA ILE H 142 4.43 -7.94 -12.17
C ILE H 142 5.14 -8.16 -10.84
N GLY H 143 5.11 -9.41 -10.38
CA GLY H 143 5.72 -9.80 -9.12
C GLY H 143 7.20 -9.46 -9.10
N SER H 144 7.85 -9.73 -10.22
CA SER H 144 9.27 -9.43 -10.35
C SER H 144 9.55 -7.93 -10.25
N HIS H 145 8.73 -7.09 -10.88
CA HIS H 145 8.96 -5.65 -10.76
C HIS H 145 8.62 -5.15 -9.36
N ILE H 146 7.57 -5.74 -8.78
CA ILE H 146 7.27 -5.33 -7.40
C ILE H 146 8.48 -5.69 -6.54
N LYS H 147 9.02 -6.89 -6.69
CA LYS H 147 10.14 -7.33 -5.87
C LYS H 147 11.38 -6.46 -6.07
N ASN H 148 11.73 -6.18 -7.32
CA ASN H 148 12.92 -5.43 -7.65
C ASN H 148 12.78 -3.91 -7.58
N LEU H 149 11.63 -3.34 -7.89
CA LEU H 149 11.51 -1.89 -8.05
C LEU H 149 10.61 -1.24 -7.01
N GLY H 150 9.84 -2.04 -6.26
CA GLY H 150 9.02 -1.54 -5.17
C GLY H 150 8.05 -0.44 -5.56
N ASP H 151 7.87 0.51 -4.66
CA ASP H 151 6.97 1.65 -4.74
C ASP H 151 7.23 2.52 -5.97
N THR H 152 8.48 2.57 -6.42
CA THR H 152 8.83 3.34 -7.61
C THR H 152 8.16 2.76 -8.85
N TYR H 153 8.02 1.44 -8.89
CA TYR H 153 7.26 0.83 -9.98
C TYR H 153 5.76 1.10 -9.87
N LEU H 154 5.21 0.97 -8.67
CA LEU H 154 3.80 1.20 -8.42
C LEU H 154 3.38 2.65 -8.66
N ALA H 155 4.27 3.59 -8.38
CA ALA H 155 3.94 5.00 -8.56
C ALA H 155 3.51 5.30 -9.98
N LYS H 156 4.04 4.54 -10.93
CA LYS H 156 3.69 4.72 -12.34
C LYS H 156 2.31 4.15 -12.66
N ILE H 157 1.82 3.18 -11.91
CA ILE H 157 0.51 2.61 -12.20
C ILE H 157 -0.62 3.42 -11.55
N ALA H 158 -0.26 4.15 -10.49
CA ALA H 158 -1.23 4.92 -9.73
C ALA H 158 -1.93 5.97 -10.58
N GLY H 159 -3.26 5.92 -10.57
CA GLY H 159 -4.07 6.85 -11.33
C GLY H 159 -4.22 6.51 -12.80
N THR H 160 -3.71 5.37 -13.26
CA THR H 160 -3.89 5.00 -14.66
C THR H 160 -5.34 4.56 -14.91
N PRO H 161 -5.80 4.56 -16.15
CA PRO H 161 -7.17 4.12 -16.45
C PRO H 161 -7.40 2.69 -16.00
N SER H 162 -8.61 2.37 -15.54
CA SER H 162 -8.89 1.01 -15.10
C SER H 162 -9.92 0.33 -15.98
N SER H 163 -10.32 1.04 -17.03
CA SER H 163 -11.40 0.56 -17.88
C SER H 163 -11.02 -0.72 -18.63
N THR H 164 -11.96 -1.66 -18.78
CA THR H 164 -11.65 -2.90 -19.50
C THR H 164 -12.33 -2.88 -20.88
N GLY H 165 -12.86 -1.72 -21.22
CA GLY H 165 -13.53 -1.41 -22.46
C GLY H 165 -15.00 -1.07 -22.31
N THR H 166 -15.76 -1.22 -23.40
CA THR H 166 -17.20 -0.98 -23.35
C THR H 166 -17.88 -2.00 -22.44
N ALA H 167 -19.00 -1.62 -21.85
CA ALA H 167 -19.75 -2.40 -20.88
C ALA H 167 -20.33 -3.70 -21.47
N SER H 168 -20.45 -4.67 -20.59
CA SER H 168 -20.97 -6.01 -20.67
C SER H 168 -22.24 -6.13 -21.49
N LYS H 169 -22.18 -6.62 -22.73
CA LYS H 169 -23.42 -6.86 -23.45
C LYS H 169 -24.31 -7.79 -22.62
N GLY H 170 -25.36 -7.23 -22.03
CA GLY H 170 -26.28 -7.91 -21.15
C GLY H 170 -27.72 -7.81 -21.64
N PHE H 171 -28.70 -8.14 -20.80
CA PHE H 171 -30.09 -8.20 -21.24
C PHE H 171 -30.74 -6.83 -21.15
N VAL H 172 -30.59 -6.15 -20.03
CA VAL H 172 -31.32 -4.88 -19.89
C VAL H 172 -30.74 -3.78 -20.78
N GLY I 3 9.15 -48.86 -37.32
CA GLY I 3 9.94 -49.47 -38.38
C GLY I 3 10.87 -48.49 -39.06
N ASN I 4 11.24 -48.79 -40.31
CA ASN I 4 12.10 -47.84 -41.03
C ASN I 4 11.27 -46.72 -41.67
N ARG I 5 11.95 -45.73 -42.21
CA ARG I 5 11.35 -44.52 -42.78
C ARG I 5 10.16 -44.88 -43.66
N GLU I 6 10.41 -45.75 -44.64
CA GLU I 6 9.40 -46.21 -45.58
C GLU I 6 8.26 -46.92 -44.87
N ASP I 7 8.56 -47.72 -43.84
CA ASP I 7 7.47 -48.43 -43.18
C ASP I 7 6.57 -47.49 -42.38
N ARG I 8 7.16 -46.44 -41.86
CA ARG I 8 6.41 -45.44 -41.12
C ARG I 8 5.46 -44.70 -42.05
N LYS I 9 5.91 -44.41 -43.26
CA LYS I 9 5.05 -43.74 -44.23
C LYS I 9 3.94 -44.67 -44.74
N ALA I 10 4.32 -45.92 -44.96
CA ALA I 10 3.41 -46.92 -45.50
C ALA I 10 2.21 -47.15 -44.58
N LYS I 11 2.50 -47.30 -43.29
CA LYS I 11 1.46 -47.52 -42.30
C LYS I 11 0.58 -46.28 -42.13
N VAL I 12 1.18 -45.09 -42.19
CA VAL I 12 0.34 -43.88 -42.12
C VAL I 12 -0.47 -43.75 -43.39
N ILE I 13 0.14 -44.06 -44.54
CA ILE I 13 -0.64 -43.97 -45.78
C ILE I 13 -1.83 -44.91 -45.74
N GLU I 14 -1.69 -46.03 -45.03
CA GLU I 14 -2.78 -46.99 -44.89
C GLU I 14 -3.96 -46.39 -44.14
N VAL I 15 -3.74 -45.73 -43.01
CA VAL I 15 -4.92 -45.18 -42.32
C VAL I 15 -5.43 -43.92 -42.99
N LEU I 16 -4.60 -43.16 -43.72
CA LEU I 16 -5.11 -42.01 -44.46
C LEU I 16 -6.04 -42.46 -45.59
N ASN I 17 -5.68 -43.56 -46.24
CA ASN I 17 -6.57 -44.07 -47.30
C ASN I 17 -7.83 -44.70 -46.72
N LYS I 18 -7.76 -45.27 -45.52
CA LYS I 18 -8.96 -45.79 -44.87
C LYS I 18 -9.92 -44.65 -44.55
N ALA I 19 -9.35 -43.60 -43.96
CA ALA I 19 -10.09 -42.39 -43.61
C ALA I 19 -10.64 -41.74 -44.87
N ARG I 20 -9.83 -41.59 -45.91
CA ARG I 20 -10.30 -41.02 -47.18
C ARG I 20 -11.43 -41.85 -47.77
N ALA I 21 -11.36 -43.19 -47.68
CA ALA I 21 -12.48 -43.96 -48.22
C ALA I 21 -13.78 -43.66 -47.46
N MET I 22 -13.63 -43.37 -46.18
CA MET I 22 -14.79 -43.05 -45.35
C MET I 22 -15.38 -41.69 -45.71
N GLU I 23 -14.52 -40.78 -46.15
CA GLU I 23 -15.00 -39.47 -46.57
C GLU I 23 -15.75 -39.63 -47.89
N LEU I 24 -15.20 -40.41 -48.81
CA LEU I 24 -15.85 -40.64 -50.10
C LEU I 24 -17.25 -41.19 -49.92
N HIS I 25 -17.39 -42.08 -48.93
CA HIS I 25 -18.70 -42.62 -48.57
C HIS I 25 -19.64 -41.56 -48.02
N ALA I 26 -19.15 -40.73 -47.10
CA ALA I 26 -19.93 -39.64 -46.52
C ALA I 26 -20.41 -38.64 -47.58
N ILE I 27 -19.51 -38.24 -48.47
CA ILE I 27 -19.91 -37.35 -49.56
C ILE I 27 -21.13 -37.88 -50.32
N HIS I 28 -21.10 -39.13 -50.76
CA HIS I 28 -22.21 -39.70 -51.49
C HIS I 28 -23.42 -39.98 -50.59
N GLN I 29 -23.19 -40.39 -49.35
CA GLN I 29 -24.31 -40.64 -48.46
C GLN I 29 -25.05 -39.34 -48.17
N TYR I 30 -24.25 -38.33 -47.80
CA TYR I 30 -24.84 -37.04 -47.41
C TYR I 30 -25.48 -36.37 -48.61
N MET I 31 -24.86 -36.49 -49.80
CA MET I 31 -25.48 -35.84 -50.96
C MET I 31 -26.76 -36.55 -51.39
N ASN I 32 -26.81 -37.88 -51.21
CA ASN I 32 -28.07 -38.58 -51.55
C ASN I 32 -29.21 -38.02 -50.72
N GLN I 33 -28.94 -37.84 -49.43
CA GLN I 33 -29.92 -37.31 -48.50
C GLN I 33 -30.26 -35.86 -48.84
N HIS I 34 -29.25 -35.10 -49.25
CA HIS I 34 -29.50 -33.73 -49.72
C HIS I 34 -30.47 -33.72 -50.88
N TYR I 35 -30.33 -34.67 -51.82
CA TYR I 35 -31.23 -34.68 -52.98
C TYR I 35 -32.67 -34.93 -52.52
N SER I 36 -32.79 -35.75 -51.49
CA SER I 36 -34.11 -36.08 -50.97
C SER I 36 -34.74 -34.89 -50.25
N LEU I 37 -33.95 -34.26 -49.40
CA LEU I 37 -34.39 -33.10 -48.62
C LEU I 37 -34.79 -31.95 -49.53
N ASP I 38 -34.06 -31.76 -50.63
CA ASP I 38 -34.37 -30.74 -51.61
C ASP I 38 -35.66 -31.08 -52.34
N ASP I 39 -35.83 -32.35 -52.70
CA ASP I 39 -37.06 -32.86 -53.32
C ASP I 39 -38.26 -32.63 -52.39
N MET I 40 -38.07 -32.85 -51.10
CA MET I 40 -39.09 -32.60 -50.10
C MET I 40 -39.33 -31.10 -49.89
N ASP I 41 -38.39 -30.31 -50.39
CA ASP I 41 -38.45 -28.86 -50.25
C ASP I 41 -38.25 -28.42 -48.80
N TYR I 42 -37.33 -29.05 -48.07
CA TYR I 42 -36.92 -28.55 -46.77
C TYR I 42 -35.58 -27.82 -46.93
N GLY I 43 -35.65 -26.62 -47.51
CA GLY I 43 -34.52 -25.83 -47.92
C GLY I 43 -33.38 -25.77 -46.93
N GLU I 44 -33.62 -25.33 -45.70
CA GLU I 44 -32.51 -25.17 -44.76
C GLU I 44 -31.81 -26.50 -44.47
N LEU I 45 -32.58 -27.59 -44.32
CA LEU I 45 -31.99 -28.90 -44.07
C LEU I 45 -31.20 -29.35 -45.28
N ALA I 46 -31.75 -29.16 -46.48
CA ALA I 46 -31.04 -29.56 -47.69
C ALA I 46 -29.74 -28.76 -47.85
N ALA I 47 -29.80 -27.45 -47.61
CA ALA I 47 -28.62 -26.59 -47.74
C ALA I 47 -27.50 -27.05 -46.81
N ASN I 48 -27.83 -27.19 -45.53
CA ASN I 48 -26.83 -27.60 -44.55
C ASN I 48 -26.34 -29.01 -44.84
N MET I 49 -27.18 -29.88 -45.39
CA MET I 49 -26.68 -31.22 -45.69
C MET I 49 -25.61 -31.14 -46.78
N LYS I 50 -25.85 -30.30 -47.78
CA LYS I 50 -24.86 -30.11 -48.84
C LYS I 50 -23.60 -29.43 -48.29
N LEU I 51 -23.76 -28.51 -47.33
CA LEU I 51 -22.57 -27.83 -46.79
C LEU I 51 -21.70 -28.84 -46.06
N ILE I 52 -22.33 -29.78 -45.38
CA ILE I 52 -21.51 -30.75 -44.64
C ILE I 52 -20.83 -31.69 -45.62
N ALA I 53 -21.51 -32.04 -46.71
CA ALA I 53 -20.89 -32.91 -47.72
C ALA I 53 -19.64 -32.28 -48.30
N ILE I 54 -19.68 -30.97 -48.48
CA ILE I 54 -18.52 -30.25 -49.04
C ILE I 54 -17.38 -30.19 -48.02
N ASP I 55 -17.70 -30.10 -46.72
CA ASP I 55 -16.70 -30.32 -45.71
C ASP I 55 -16.01 -31.68 -45.91
N GLU I 56 -16.79 -32.72 -46.20
CA GLU I 56 -16.19 -34.03 -46.36
C GLU I 56 -15.38 -34.09 -47.64
N MET I 57 -15.83 -33.36 -48.67
CA MET I 57 -15.02 -33.25 -49.88
C MET I 57 -13.66 -32.66 -49.55
N ARG I 58 -13.68 -31.61 -48.72
CA ARG I 58 -12.43 -30.99 -48.30
C ARG I 58 -11.57 -31.96 -47.51
N HIS I 59 -12.20 -32.77 -46.65
CA HIS I 59 -11.43 -33.75 -45.88
C HIS I 59 -10.76 -34.75 -46.84
N ALA I 60 -11.53 -35.30 -47.77
CA ALA I 60 -10.98 -36.26 -48.72
C ALA I 60 -9.76 -35.69 -49.44
N GLU I 61 -9.84 -34.40 -49.72
CA GLU I 61 -8.81 -33.65 -50.42
C GLU I 61 -7.56 -33.50 -49.55
N ASN I 62 -7.75 -33.12 -48.30
CA ASN I 62 -6.64 -32.96 -47.38
C ASN I 62 -5.91 -34.29 -47.17
N PHE I 63 -6.69 -35.38 -47.04
CA PHE I 63 -6.09 -36.69 -46.84
C PHE I 63 -5.31 -37.09 -48.10
N ALA I 64 -5.89 -36.83 -49.27
CA ALA I 64 -5.22 -37.21 -50.52
C ALA I 64 -3.93 -36.44 -50.67
N GLU I 65 -3.96 -35.13 -50.37
CA GLU I 65 -2.74 -34.34 -50.51
C GLU I 65 -1.65 -34.87 -49.59
N ARG I 66 -2.04 -35.22 -48.36
CA ARG I 66 -1.04 -35.73 -47.42
C ARG I 66 -0.52 -37.08 -47.91
N ILE I 67 -1.40 -37.88 -48.50
CA ILE I 67 -0.93 -39.17 -49.03
C ILE I 67 0.14 -38.95 -50.10
N LYS I 68 -0.01 -37.92 -50.93
CA LYS I 68 0.96 -37.63 -52.00
C LYS I 68 2.30 -37.19 -51.41
N GLU I 69 2.24 -36.38 -50.35
CA GLU I 69 3.44 -35.91 -49.68
C GLU I 69 4.20 -37.07 -49.04
N LEU I 70 3.50 -38.15 -48.69
CA LEU I 70 4.13 -39.33 -48.12
C LEU I 70 4.49 -40.35 -49.20
N GLY I 71 4.17 -40.05 -50.45
CA GLY I 71 4.55 -40.82 -51.60
C GLY I 71 3.60 -41.93 -51.96
N GLY I 72 2.40 -41.96 -51.40
CA GLY I 72 1.44 -43.00 -51.73
C GLY I 72 0.46 -42.58 -52.82
N GLU I 73 -0.59 -43.39 -53.00
CA GLU I 73 -1.61 -43.09 -54.00
C GLU I 73 -2.98 -43.03 -53.35
N PRO I 74 -3.69 -41.90 -53.44
CA PRO I 74 -4.98 -41.74 -52.77
C PRO I 74 -6.03 -42.67 -53.35
N THR I 75 -6.77 -43.38 -52.51
CA THR I 75 -7.76 -44.31 -53.03
C THR I 75 -8.90 -43.59 -53.75
N THR I 76 -9.59 -44.31 -54.63
CA THR I 76 -10.80 -43.80 -55.25
C THR I 76 -12.03 -44.59 -54.81
N GLN I 77 -11.85 -45.47 -53.83
CA GLN I 77 -12.92 -46.37 -53.44
C GLN I 77 -13.62 -45.96 -52.16
N LYS I 78 -14.96 -45.86 -52.19
CA LYS I 78 -15.66 -45.51 -50.96
C LYS I 78 -15.79 -46.72 -50.04
N GLU I 79 -15.92 -46.47 -48.75
CA GLU I 79 -16.07 -47.51 -47.75
C GLU I 79 -17.53 -47.71 -47.37
N GLY I 80 -17.98 -48.95 -47.29
CA GLY I 80 -19.37 -49.25 -46.96
C GLY I 80 -20.29 -48.97 -48.14
N LYS I 81 -21.59 -49.13 -47.93
CA LYS I 81 -22.53 -48.84 -49.02
C LYS I 81 -23.37 -47.63 -48.66
N VAL I 82 -23.85 -46.92 -49.67
CA VAL I 82 -24.79 -45.84 -49.47
C VAL I 82 -26.21 -46.36 -49.28
N VAL I 83 -26.85 -45.95 -48.20
CA VAL I 83 -28.26 -46.29 -48.00
C VAL I 83 -29.17 -45.21 -48.58
N THR I 84 -30.13 -45.61 -49.40
CA THR I 84 -31.06 -44.69 -50.06
C THR I 84 -32.47 -44.80 -49.49
N GLY I 85 -33.29 -43.81 -49.83
CA GLY I 85 -34.68 -43.74 -49.46
C GLY I 85 -34.93 -43.63 -47.97
N GLN I 86 -33.97 -43.09 -47.23
CA GLN I 86 -34.14 -42.93 -45.79
C GLN I 86 -35.18 -41.85 -45.48
N ALA I 87 -36.00 -42.07 -44.47
CA ALA I 87 -36.94 -41.02 -44.05
C ALA I 87 -36.18 -40.00 -43.19
N VAL I 88 -36.72 -38.78 -43.14
CA VAL I 88 -36.10 -37.68 -42.42
C VAL I 88 -35.60 -38.09 -41.03
N PRO I 89 -36.41 -38.74 -40.20
CA PRO I 89 -35.90 -39.10 -38.86
C PRO I 89 -34.68 -39.99 -38.99
N VAL I 90 -34.74 -40.91 -39.96
CA VAL I 90 -33.65 -41.86 -40.12
C VAL I 90 -32.36 -41.20 -40.61
N ILE I 91 -32.50 -40.21 -41.48
CA ILE I 91 -31.34 -39.48 -41.98
C ILE I 91 -30.51 -38.89 -40.84
N TYR I 92 -31.15 -38.21 -39.88
CA TYR I 92 -30.39 -37.56 -38.81
C TYR I 92 -29.92 -38.55 -37.76
N GLU I 93 -30.69 -39.60 -37.51
CA GLU I 93 -30.21 -40.59 -36.53
C GLU I 93 -28.99 -41.32 -37.06
N SER I 94 -29.02 -41.73 -38.33
CA SER I 94 -27.91 -42.45 -38.92
C SER I 94 -26.68 -41.57 -39.11
N ASP I 95 -26.90 -40.34 -39.56
CA ASP I 95 -25.75 -39.47 -39.77
C ASP I 95 -25.05 -39.17 -38.46
N ALA I 96 -25.82 -38.98 -37.40
CA ALA I 96 -25.25 -38.86 -36.06
C ALA I 96 -24.45 -40.11 -35.72
N ASP I 97 -24.98 -41.29 -36.00
CA ASP I 97 -24.27 -42.55 -35.72
C ASP I 97 -22.99 -42.64 -36.55
N GLN I 98 -23.10 -42.13 -37.78
CA GLN I 98 -21.95 -42.15 -38.69
C GLN I 98 -20.86 -41.18 -38.27
N GLU I 99 -21.21 -39.98 -37.81
CA GLU I 99 -20.18 -39.02 -37.39
C GLU I 99 -19.42 -39.53 -36.18
N ASP I 100 -20.19 -40.08 -35.24
CA ASP I 100 -19.61 -40.64 -34.03
C ASP I 100 -18.64 -41.78 -34.36
N ALA I 101 -19.06 -42.67 -35.26
CA ALA I 101 -18.19 -43.77 -35.64
C ALA I 101 -16.94 -43.25 -36.36
N THR I 102 -17.09 -42.15 -37.07
CA THR I 102 -15.94 -41.54 -37.74
C THR I 102 -14.95 -40.99 -36.73
N ILE I 103 -15.48 -40.36 -35.68
CA ILE I 103 -14.57 -39.78 -34.69
C ILE I 103 -13.81 -40.87 -33.97
N GLU I 104 -14.47 -41.98 -33.66
CA GLU I 104 -13.78 -43.10 -33.03
C GLU I 104 -12.69 -43.65 -33.94
N ALA I 105 -13.01 -43.82 -35.23
CA ALA I 105 -12.02 -44.37 -36.14
C ALA I 105 -10.82 -43.43 -36.27
N TYR I 106 -11.08 -42.15 -36.52
CA TYR I 106 -10.01 -41.19 -36.73
C TYR I 106 -9.10 -41.10 -35.52
N SER I 107 -9.66 -41.37 -34.33
CA SER I 107 -8.91 -41.25 -33.09
C SER I 107 -7.90 -42.38 -32.97
N GLN I 108 -8.24 -43.52 -33.55
CA GLN I 108 -7.30 -44.64 -33.63
C GLN I 108 -6.28 -44.39 -34.75
N PHE I 109 -6.73 -43.90 -35.90
CA PHE I 109 -5.81 -43.53 -36.97
C PHE I 109 -4.79 -42.51 -36.47
N LEU I 110 -5.25 -41.57 -35.66
CA LEU I 110 -4.37 -40.55 -35.08
C LEU I 110 -3.29 -41.20 -34.20
N LYS I 111 -3.69 -42.18 -33.40
CA LYS I 111 -2.79 -42.96 -32.56
C LYS I 111 -1.72 -43.64 -33.41
N VAL I 112 -2.13 -44.24 -34.52
CA VAL I 112 -1.16 -44.85 -35.43
C VAL I 112 -0.09 -43.83 -35.85
N CYS I 113 -0.53 -42.63 -36.21
CA CYS I 113 0.34 -41.55 -36.65
C CYS I 113 1.37 -41.19 -35.59
N LYS I 114 0.92 -41.09 -34.35
CA LYS I 114 1.85 -40.77 -33.27
C LYS I 114 2.84 -41.92 -33.06
N GLU I 115 2.35 -43.15 -33.10
CA GLU I 115 3.19 -44.34 -33.03
C GLU I 115 4.19 -44.46 -34.18
N GLN I 116 3.87 -43.96 -35.37
CA GLN I 116 4.78 -43.97 -36.51
C GLN I 116 5.61 -42.70 -36.61
N GLY I 117 5.59 -41.89 -35.57
CA GLY I 117 6.31 -40.64 -35.47
C GLY I 117 5.91 -39.63 -36.52
N ASP I 118 4.63 -39.56 -36.88
CA ASP I 118 4.19 -38.64 -37.93
C ASP I 118 3.29 -37.55 -37.34
N ILE I 119 3.96 -36.51 -36.88
CA ILE I 119 3.36 -35.37 -36.20
C ILE I 119 2.46 -34.60 -37.15
N VAL I 120 2.93 -34.34 -38.37
CA VAL I 120 2.12 -33.57 -39.31
C VAL I 120 0.82 -34.29 -39.61
N THR I 121 0.89 -35.60 -39.83
CA THR I 121 -0.35 -36.34 -40.09
C THR I 121 -1.19 -36.43 -38.82
N ALA I 122 -0.59 -36.61 -37.65
CA ALA I 122 -1.38 -36.58 -36.42
C ALA I 122 -2.21 -35.30 -36.27
N ARG I 123 -1.58 -34.16 -36.53
CA ARG I 123 -2.26 -32.88 -36.39
C ARG I 123 -3.39 -32.74 -37.39
N LEU I 124 -3.23 -33.33 -38.57
CA LEU I 124 -4.30 -33.31 -39.57
C LEU I 124 -5.54 -34.06 -39.09
N PHE I 125 -5.42 -35.28 -38.60
CA PHE I 125 -6.58 -35.99 -38.06
C PHE I 125 -7.22 -35.23 -36.90
N GLU I 126 -6.39 -34.61 -36.06
CA GLU I 126 -6.86 -33.80 -34.94
C GLU I 126 -7.75 -32.66 -35.40
N ARG I 127 -7.31 -31.85 -36.38
CA ARG I 127 -8.16 -30.80 -36.91
C ARG I 127 -9.42 -31.33 -37.57
N ILE I 128 -9.31 -32.42 -38.33
CA ILE I 128 -10.55 -32.91 -38.96
C ILE I 128 -11.48 -33.52 -37.93
N ILE I 129 -10.94 -34.14 -36.88
CA ILE I 129 -11.80 -34.67 -35.81
C ILE I 129 -12.60 -33.58 -35.13
N GLU I 130 -11.98 -32.42 -34.85
CA GLU I 130 -12.82 -31.35 -34.31
C GLU I 130 -13.92 -30.96 -35.29
N GLU I 131 -13.68 -31.00 -36.61
CA GLU I 131 -14.77 -30.68 -37.53
C GLU I 131 -15.83 -31.77 -37.57
N GLU I 132 -15.44 -33.04 -37.43
CA GLU I 132 -16.45 -34.09 -37.32
C GLU I 132 -17.29 -33.87 -36.07
N GLN I 133 -16.70 -33.36 -35.00
CA GLN I 133 -17.47 -33.08 -33.78
C GLN I 133 -18.55 -32.04 -34.04
N ALA I 134 -18.28 -31.03 -34.86
CA ALA I 134 -19.29 -30.05 -35.25
C ALA I 134 -20.38 -30.67 -36.10
N HIS I 135 -20.00 -31.62 -36.96
CA HIS I 135 -21.00 -32.32 -37.75
C HIS I 135 -21.89 -33.16 -36.84
N LEU I 136 -21.25 -33.89 -35.94
CA LEU I 136 -21.98 -34.72 -34.98
C LEU I 136 -23.01 -33.87 -34.23
N THR I 137 -22.53 -32.78 -33.61
CA THR I 137 -23.44 -31.93 -32.85
C THR I 137 -24.62 -31.47 -33.70
N TYR I 138 -24.37 -31.10 -34.95
CA TYR I 138 -25.43 -30.61 -35.82
C TYR I 138 -26.51 -31.66 -36.04
N TYR I 139 -26.10 -32.86 -36.41
CA TYR I 139 -27.06 -33.94 -36.67
C TYR I 139 -27.83 -34.33 -35.42
N GLU I 140 -27.18 -34.35 -34.26
CA GLU I 140 -27.91 -34.64 -33.03
C GLU I 140 -28.98 -33.60 -32.74
N ASN I 141 -28.64 -32.33 -32.96
CA ASN I 141 -29.58 -31.27 -32.70
C ASN I 141 -30.78 -31.40 -33.62
N ILE I 142 -30.52 -31.64 -34.92
CA ILE I 142 -31.67 -31.81 -35.82
C ILE I 142 -32.49 -33.03 -35.40
N GLY I 143 -31.84 -34.17 -35.20
CA GLY I 143 -32.54 -35.38 -34.77
C GLY I 143 -33.35 -35.10 -33.51
N SER I 144 -32.81 -34.30 -32.61
CA SER I 144 -33.51 -33.90 -31.40
C SER I 144 -34.75 -33.07 -31.67
N HIS I 145 -34.75 -32.14 -32.61
CA HIS I 145 -35.95 -31.37 -32.88
C HIS I 145 -37.01 -32.18 -33.61
N ILE I 146 -36.57 -33.13 -34.44
CA ILE I 146 -37.54 -33.96 -35.13
C ILE I 146 -38.22 -34.86 -34.11
N LYS I 147 -37.44 -35.43 -33.19
CA LYS I 147 -37.99 -36.30 -32.16
C LYS I 147 -38.99 -35.57 -31.27
N ASN I 148 -38.57 -34.43 -30.71
CA ASN I 148 -39.45 -33.75 -29.77
C ASN I 148 -40.54 -32.92 -30.44
N LEU I 149 -40.34 -32.44 -31.66
CA LEU I 149 -41.31 -31.52 -32.23
C LEU I 149 -41.93 -32.03 -33.52
N GLY I 150 -41.35 -33.08 -34.10
CA GLY I 150 -41.80 -33.71 -35.32
C GLY I 150 -42.16 -32.74 -36.43
N ASP I 151 -43.37 -32.85 -36.94
CA ASP I 151 -43.88 -32.09 -38.06
C ASP I 151 -44.07 -30.62 -37.72
N THR I 152 -44.21 -30.23 -36.47
CA THR I 152 -44.29 -28.80 -36.16
C THR I 152 -42.96 -28.11 -36.45
N TYR I 153 -41.85 -28.78 -36.15
CA TYR I 153 -40.54 -28.24 -36.53
C TYR I 153 -40.43 -28.21 -38.06
N LEU I 154 -40.73 -29.30 -38.74
CA LEU I 154 -40.61 -29.40 -40.19
C LEU I 154 -41.44 -28.37 -40.94
N ALA I 155 -42.59 -27.98 -40.39
CA ALA I 155 -43.43 -26.97 -41.02
C ALA I 155 -42.69 -25.64 -41.08
N LYS I 156 -41.78 -25.45 -40.13
CA LYS I 156 -40.98 -24.22 -40.10
C LYS I 156 -39.94 -24.18 -41.21
N ILE I 157 -39.48 -25.35 -41.63
CA ILE I 157 -38.40 -25.47 -42.61
C ILE I 157 -38.95 -25.53 -44.02
N ALA I 158 -40.20 -25.99 -44.15
CA ALA I 158 -40.82 -26.12 -45.47
C ALA I 158 -40.74 -24.82 -46.24
N GLY I 159 -40.24 -24.87 -47.48
CA GLY I 159 -40.22 -23.68 -48.32
C GLY I 159 -39.15 -22.67 -48.03
N THR I 160 -38.24 -22.90 -47.09
CA THR I 160 -37.15 -21.96 -46.83
C THR I 160 -36.10 -22.02 -47.92
N PRO I 161 -35.23 -21.02 -48.04
CA PRO I 161 -34.16 -21.10 -49.03
C PRO I 161 -33.27 -22.34 -48.84
N SER I 162 -32.84 -22.92 -49.96
CA SER I 162 -31.94 -24.05 -50.04
C SER I 162 -30.57 -23.67 -50.59
N SER I 163 -30.41 -22.43 -51.04
CA SER I 163 -29.17 -21.97 -51.67
C SER I 163 -27.96 -22.13 -50.75
N THR I 164 -26.84 -22.61 -51.31
CA THR I 164 -25.61 -22.75 -50.54
C THR I 164 -24.63 -21.63 -50.91
N GLY I 165 -25.12 -20.69 -51.71
CA GLY I 165 -24.38 -19.55 -52.17
C GLY I 165 -24.22 -19.54 -53.69
N THR I 166 -23.57 -18.49 -54.19
CA THR I 166 -23.19 -18.39 -55.59
C THR I 166 -22.57 -19.71 -56.04
N ALA I 167 -22.68 -20.01 -57.33
CA ALA I 167 -22.23 -21.27 -57.89
C ALA I 167 -20.74 -21.55 -57.67
N SER I 168 -20.50 -22.85 -57.58
CA SER I 168 -19.25 -23.54 -57.63
C SER I 168 -18.30 -22.96 -58.66
N LYS I 169 -17.30 -22.20 -58.22
CA LYS I 169 -16.29 -21.73 -59.17
C LYS I 169 -15.77 -22.95 -59.94
N GLY I 170 -15.93 -22.98 -61.25
CA GLY I 170 -15.51 -24.11 -62.05
C GLY I 170 -14.76 -23.73 -63.32
N PHE I 171 -14.60 -24.64 -64.27
CA PHE I 171 -13.80 -24.32 -65.45
C PHE I 171 -14.57 -23.45 -66.44
N VAL I 172 -15.78 -23.88 -66.80
CA VAL I 172 -16.62 -23.01 -67.61
C VAL I 172 -17.02 -21.74 -66.87
N ASN J 4 -46.35 -44.87 -71.90
CA ASN J 4 -47.14 -43.93 -71.11
C ASN J 4 -46.25 -42.98 -70.31
N ARG J 5 -46.88 -42.16 -69.49
CA ARG J 5 -46.16 -41.18 -68.67
C ARG J 5 -45.07 -41.86 -67.85
N GLU J 6 -45.43 -42.91 -67.11
CA GLU J 6 -44.47 -43.56 -66.23
C GLU J 6 -43.37 -44.23 -67.03
N ASP J 7 -43.66 -44.76 -68.21
CA ASP J 7 -42.61 -45.40 -69.01
C ASP J 7 -41.61 -44.37 -69.54
N ARG J 8 -42.13 -43.26 -70.06
CA ARG J 8 -41.29 -42.16 -70.54
C ARG J 8 -40.35 -41.68 -69.44
N LYS J 9 -40.86 -41.48 -68.23
CA LYS J 9 -39.98 -41.10 -67.13
C LYS J 9 -38.90 -42.16 -66.90
N ALA J 10 -39.32 -43.43 -66.86
CA ALA J 10 -38.38 -44.50 -66.52
C ALA J 10 -37.28 -44.57 -67.55
N LYS J 11 -37.62 -44.38 -68.82
CA LYS J 11 -36.59 -44.50 -69.85
C LYS J 11 -35.59 -43.36 -69.74
N VAL J 12 -36.08 -42.20 -69.31
CA VAL J 12 -35.22 -41.02 -69.16
C VAL J 12 -34.43 -41.12 -67.87
N ILE J 13 -35.04 -41.62 -66.79
CA ILE J 13 -34.24 -41.79 -65.57
C ILE J 13 -33.05 -42.71 -65.80
N GLU J 14 -33.23 -43.70 -66.68
CA GLU J 14 -32.16 -44.62 -67.00
C GLU J 14 -31.03 -43.94 -67.77
N VAL J 15 -31.33 -43.04 -68.73
CA VAL J 15 -30.20 -42.37 -69.37
C VAL J 15 -29.56 -41.35 -68.43
N LEU J 16 -30.36 -40.72 -67.57
CA LEU J 16 -29.79 -39.75 -66.63
C LEU J 16 -28.88 -40.45 -65.63
N ASN J 17 -29.25 -41.64 -65.14
CA ASN J 17 -28.39 -42.29 -64.15
C ASN J 17 -27.11 -42.82 -64.78
N LYS J 18 -27.18 -43.15 -66.07
CA LYS J 18 -25.98 -43.55 -66.80
C LYS J 18 -25.06 -42.36 -67.00
N ALA J 19 -25.59 -41.19 -67.36
CA ALA J 19 -24.77 -40.00 -67.44
C ALA J 19 -24.13 -39.68 -66.09
N ARG J 20 -24.96 -39.71 -65.04
CA ARG J 20 -24.48 -39.38 -63.70
C ARG J 20 -23.38 -40.35 -63.29
N ALA J 21 -23.53 -41.63 -63.65
CA ALA J 21 -22.47 -42.57 -63.27
C ALA J 21 -21.19 -42.24 -64.03
N MET J 22 -21.32 -41.71 -65.24
CA MET J 22 -20.16 -41.25 -66.01
C MET J 22 -19.54 -40.01 -65.39
N GLU J 23 -20.37 -39.12 -64.84
CA GLU J 23 -19.86 -37.93 -64.13
C GLU J 23 -19.10 -38.31 -62.87
N LEU J 24 -19.67 -39.21 -62.08
CA LEU J 24 -19.00 -39.65 -60.86
C LEU J 24 -17.62 -40.20 -61.20
N HIS J 25 -17.52 -40.97 -62.28
CA HIS J 25 -16.22 -41.50 -62.68
C HIS J 25 -15.24 -40.37 -63.01
N ALA J 26 -15.73 -39.40 -63.78
CA ALA J 26 -14.94 -38.24 -64.19
C ALA J 26 -14.42 -37.46 -62.99
N ILE J 27 -15.29 -37.28 -61.98
CA ILE J 27 -14.85 -36.52 -60.82
C ILE J 27 -13.64 -37.18 -60.17
N HIS J 28 -13.73 -38.49 -59.99
CA HIS J 28 -12.66 -39.22 -59.30
C HIS J 28 -11.43 -39.32 -60.18
N GLN J 29 -11.65 -39.44 -61.48
CA GLN J 29 -10.51 -39.61 -62.39
C GLN J 29 -9.75 -38.30 -62.51
N TYR J 30 -10.48 -37.21 -62.71
CA TYR J 30 -9.85 -35.90 -62.83
C TYR J 30 -9.16 -35.50 -61.53
N MET J 31 -9.81 -35.76 -60.40
CA MET J 31 -9.22 -35.30 -59.13
C MET J 31 -7.94 -36.09 -58.84
N ASN J 32 -7.89 -37.37 -59.18
CA ASN J 32 -6.67 -38.17 -59.08
C ASN J 32 -5.52 -37.50 -59.84
N GLN J 33 -5.79 -37.09 -61.07
CA GLN J 33 -4.79 -36.42 -61.90
C GLN J 33 -4.43 -35.07 -61.31
N HIS J 34 -5.44 -34.38 -60.78
CA HIS J 34 -5.14 -33.13 -60.09
C HIS J 34 -4.14 -33.34 -58.97
N TYR J 35 -4.32 -34.39 -58.18
CA TYR J 35 -3.43 -34.64 -57.05
C TYR J 35 -2.00 -34.91 -57.54
N SER J 36 -1.88 -35.64 -58.64
CA SER J 36 -0.57 -35.86 -59.22
C SER J 36 0.03 -34.57 -59.77
N LEU J 37 -0.79 -33.79 -60.46
CA LEU J 37 -0.29 -32.55 -61.06
C LEU J 37 0.16 -31.59 -59.97
N ASP J 38 -0.65 -31.51 -58.92
CA ASP J 38 -0.27 -30.65 -57.81
C ASP J 38 1.06 -31.09 -57.22
N ASP J 39 1.18 -32.40 -56.97
CA ASP J 39 2.43 -32.98 -56.47
C ASP J 39 3.60 -32.64 -57.38
N MET J 40 3.36 -32.57 -58.68
CA MET J 40 4.44 -32.25 -59.60
C MET J 40 4.72 -30.75 -59.56
N ASP J 41 3.79 -30.03 -58.93
CA ASP J 41 3.90 -28.58 -58.82
C ASP J 41 3.78 -27.91 -60.18
N TYR J 42 2.82 -28.35 -60.97
CA TYR J 42 2.39 -27.66 -62.19
C TYR J 42 1.05 -26.99 -61.89
N GLY J 43 1.15 -25.84 -61.22
CA GLY J 43 0.01 -25.16 -60.62
C GLY J 43 -1.16 -24.98 -61.56
N GLU J 44 -0.93 -24.31 -62.68
CA GLU J 44 -2.02 -24.02 -63.60
C GLU J 44 -2.67 -25.27 -64.14
N LEU J 45 -1.89 -26.31 -64.44
CA LEU J 45 -2.53 -27.55 -64.87
C LEU J 45 -3.35 -28.16 -63.73
N ALA J 46 -2.82 -28.10 -62.51
CA ALA J 46 -3.51 -28.72 -61.38
C ALA J 46 -4.79 -27.96 -61.05
N ALA J 47 -4.75 -26.64 -61.12
CA ALA J 47 -5.94 -25.83 -60.85
C ALA J 47 -7.06 -26.09 -61.85
N ASN J 48 -6.71 -26.04 -63.13
CA ASN J 48 -7.71 -26.27 -64.17
C ASN J 48 -8.30 -27.67 -64.15
N MET J 49 -7.51 -28.67 -63.79
CA MET J 49 -8.02 -30.04 -63.71
C MET J 49 -9.08 -30.12 -62.61
N LYS J 50 -8.79 -29.46 -61.49
CA LYS J 50 -9.75 -29.47 -60.38
C LYS J 50 -10.96 -28.62 -60.74
N LEU J 51 -10.77 -27.48 -61.41
CA LEU J 51 -11.90 -26.68 -61.87
C LEU J 51 -12.81 -27.48 -62.81
N ILE J 52 -12.21 -28.27 -63.69
CA ILE J 52 -13.01 -29.15 -64.56
C ILE J 52 -13.72 -30.24 -63.76
N ALA J 53 -13.06 -30.83 -62.77
CA ALA J 53 -13.71 -31.82 -61.92
C ALA J 53 -14.92 -31.21 -61.23
N ILE J 54 -14.81 -29.94 -60.85
CA ILE J 54 -15.94 -29.31 -60.16
C ILE J 54 -17.10 -29.10 -61.13
N ASP J 55 -16.77 -28.83 -62.40
CA ASP J 55 -17.84 -28.78 -63.40
C ASP J 55 -18.57 -30.12 -63.45
N GLU J 56 -17.83 -31.23 -63.37
CA GLU J 56 -18.42 -32.56 -63.44
C GLU J 56 -19.27 -32.83 -62.20
N MET J 57 -18.82 -32.26 -61.08
CA MET J 57 -19.60 -32.39 -59.84
C MET J 57 -20.97 -31.73 -59.99
N ARG J 58 -20.98 -30.57 -60.65
CA ARG J 58 -22.21 -29.83 -60.92
C ARG J 58 -23.09 -30.61 -61.89
N HIS J 59 -22.48 -31.19 -62.91
CA HIS J 59 -23.18 -32.08 -63.82
C HIS J 59 -23.85 -33.24 -63.08
N ALA J 60 -23.08 -33.97 -62.27
CA ALA J 60 -23.64 -35.04 -61.45
C ALA J 60 -24.86 -34.57 -60.66
N GLU J 61 -24.77 -33.37 -60.09
CA GLU J 61 -25.82 -32.78 -59.26
C GLU J 61 -27.05 -32.45 -60.08
N ASN J 62 -26.89 -31.82 -61.25
CA ASN J 62 -28.00 -31.46 -62.11
C ASN J 62 -28.74 -32.70 -62.61
N PHE J 63 -28.00 -33.75 -62.96
CA PHE J 63 -28.59 -35.04 -63.32
C PHE J 63 -29.36 -35.60 -62.15
N ALA J 64 -28.71 -35.65 -60.99
CA ALA J 64 -29.40 -36.15 -59.80
C ALA J 64 -30.69 -35.37 -59.55
N GLU J 65 -30.63 -34.02 -59.63
CA GLU J 65 -31.82 -33.23 -59.36
C GLU J 65 -32.93 -33.56 -60.35
N ARG J 66 -32.56 -33.79 -61.60
CA ARG J 66 -33.59 -34.07 -62.62
C ARG J 66 -34.20 -35.46 -62.41
N ILE J 67 -33.33 -36.41 -62.04
CA ILE J 67 -33.77 -37.76 -61.71
C ILE J 67 -34.83 -37.65 -60.60
N LYS J 68 -34.54 -36.88 -59.55
CA LYS J 68 -35.52 -36.71 -58.48
C LYS J 68 -36.84 -36.09 -58.96
N GLU J 69 -36.78 -35.12 -59.87
CA GLU J 69 -37.98 -34.49 -60.42
C GLU J 69 -38.82 -35.49 -61.20
N LEU J 70 -38.18 -36.55 -61.68
CA LEU J 70 -38.84 -37.56 -62.48
C LEU J 70 -39.31 -38.74 -61.63
N GLY J 71 -39.07 -38.68 -60.33
CA GLY J 71 -39.51 -39.74 -59.44
C GLY J 71 -38.46 -40.81 -59.22
N GLY J 72 -37.24 -40.62 -59.73
CA GLY J 72 -36.21 -41.62 -59.59
C GLY J 72 -35.23 -41.48 -58.44
N GLU J 73 -34.29 -42.42 -58.40
CA GLU J 73 -33.21 -42.49 -57.42
C GLU J 73 -31.87 -42.30 -58.12
N PRO J 74 -31.12 -41.28 -57.72
CA PRO J 74 -29.83 -41.01 -58.35
C PRO J 74 -28.81 -42.03 -57.86
N THR J 75 -28.06 -42.58 -58.81
CA THR J 75 -27.10 -43.64 -58.48
C THR J 75 -25.91 -43.09 -57.73
N THR J 76 -25.24 -43.95 -56.97
CA THR J 76 -24.04 -43.58 -56.23
C THR J 76 -22.82 -44.31 -56.77
N GLN J 77 -23.03 -45.05 -57.86
CA GLN J 77 -21.94 -45.87 -58.39
C GLN J 77 -21.37 -45.25 -59.66
N LYS J 78 -20.04 -45.13 -59.74
CA LYS J 78 -19.46 -44.56 -60.97
C LYS J 78 -19.39 -45.60 -62.10
N GLU J 79 -19.28 -45.10 -63.32
CA GLU J 79 -19.08 -45.88 -64.53
C GLU J 79 -17.60 -46.10 -64.80
N GLY J 80 -17.17 -47.36 -64.83
CA GLY J 80 -15.80 -47.68 -65.17
C GLY J 80 -14.89 -47.70 -63.96
N LYS J 81 -13.58 -47.82 -64.22
CA LYS J 81 -12.65 -47.79 -63.09
C LYS J 81 -11.69 -46.62 -63.27
N VAL J 82 -11.24 -46.06 -62.15
CA VAL J 82 -10.32 -44.92 -62.20
C VAL J 82 -8.90 -45.40 -62.44
N VAL J 83 -8.25 -44.85 -63.46
CA VAL J 83 -6.87 -45.24 -63.74
C VAL J 83 -5.91 -44.31 -63.04
N THR J 84 -5.07 -44.84 -62.15
CA THR J 84 -4.16 -44.00 -61.38
C THR J 84 -2.74 -44.07 -61.94
N GLY J 85 -1.86 -43.21 -61.44
CA GLY J 85 -0.46 -43.22 -61.85
C GLY J 85 -0.24 -42.83 -63.28
N GLN J 86 -1.21 -42.17 -63.92
CA GLN J 86 -0.96 -41.79 -65.32
C GLN J 86 0.13 -40.72 -65.40
N ALA J 87 0.98 -40.91 -66.39
CA ALA J 87 2.01 -39.92 -66.72
C ALA J 87 1.33 -38.73 -67.40
N VAL J 88 1.99 -37.59 -67.41
CA VAL J 88 1.41 -36.35 -67.94
C VAL J 88 0.94 -36.46 -69.37
N PRO J 89 1.70 -36.96 -70.34
CA PRO J 89 1.14 -37.10 -71.69
C PRO J 89 -0.11 -37.98 -71.69
N VAL J 90 -0.10 -39.02 -70.87
CA VAL J 90 -1.20 -39.95 -70.74
C VAL J 90 -2.43 -39.27 -70.17
N ILE J 91 -2.23 -38.35 -69.22
CA ILE J 91 -3.38 -37.68 -68.60
C ILE J 91 -4.19 -36.92 -69.64
N TYR J 92 -3.53 -36.12 -70.47
CA TYR J 92 -4.22 -35.30 -71.46
C TYR J 92 -4.72 -36.11 -72.64
N GLU J 93 -4.04 -37.20 -73.00
CA GLU J 93 -4.52 -38.03 -74.09
C GLU J 93 -5.80 -38.76 -73.69
N SER J 94 -5.79 -39.41 -72.52
CA SER J 94 -6.98 -40.21 -72.19
C SER J 94 -8.15 -39.35 -71.74
N ASP J 95 -7.88 -38.14 -71.27
CA ASP J 95 -8.92 -37.20 -70.87
C ASP J 95 -9.62 -36.65 -72.11
N ALA J 96 -8.87 -36.29 -73.15
CA ALA J 96 -9.54 -35.87 -74.37
C ALA J 96 -10.41 -36.99 -74.93
N ASP J 97 -9.87 -38.20 -74.87
CA ASP J 97 -10.63 -39.36 -75.34
C ASP J 97 -11.93 -39.54 -74.56
N GLN J 98 -11.86 -39.34 -73.25
CA GLN J 98 -13.01 -39.47 -72.37
C GLN J 98 -14.06 -38.40 -72.65
N GLU J 99 -13.61 -37.16 -72.84
CA GLU J 99 -14.55 -36.08 -73.15
C GLU J 99 -15.23 -36.36 -74.48
N ASP J 100 -14.46 -36.85 -75.45
CA ASP J 100 -15.09 -37.17 -76.75
C ASP J 100 -16.13 -38.27 -76.59
N ALA J 101 -15.76 -39.37 -75.91
CA ALA J 101 -16.73 -40.44 -75.68
C ALA J 101 -17.94 -39.92 -74.91
N THR J 102 -17.75 -39.06 -73.90
CA THR J 102 -18.90 -38.51 -73.17
C THR J 102 -19.82 -37.70 -74.07
N ILE J 103 -19.25 -36.89 -74.96
CA ILE J 103 -20.09 -36.12 -75.88
C ILE J 103 -20.87 -37.09 -76.78
N GLU J 104 -20.20 -38.11 -77.28
CA GLU J 104 -20.84 -39.15 -78.08
C GLU J 104 -22.03 -39.78 -77.38
N ALA J 105 -21.82 -40.23 -76.15
CA ALA J 105 -22.87 -40.90 -75.37
C ALA J 105 -23.98 -39.93 -75.01
N TYR J 106 -23.59 -38.72 -74.58
CA TYR J 106 -24.66 -37.81 -74.14
C TYR J 106 -25.57 -37.48 -75.32
N SER J 107 -24.99 -37.40 -76.52
CA SER J 107 -25.78 -37.11 -77.71
C SER J 107 -26.81 -38.20 -77.96
N GLN J 108 -26.47 -39.44 -77.61
CA GLN J 108 -27.46 -40.52 -77.75
C GLN J 108 -28.51 -40.42 -76.64
N PHE J 109 -28.09 -40.08 -75.43
CA PHE J 109 -29.03 -39.87 -74.32
C PHE J 109 -30.00 -38.73 -74.64
N LEU J 110 -29.47 -37.67 -75.26
CA LEU J 110 -30.32 -36.56 -75.73
C LEU J 110 -31.44 -37.10 -76.62
N LYS J 111 -31.03 -37.91 -77.60
CA LYS J 111 -31.93 -38.57 -78.52
C LYS J 111 -33.08 -39.25 -77.78
N VAL J 112 -32.70 -40.11 -76.84
CA VAL J 112 -33.67 -40.81 -76.02
C VAL J 112 -34.68 -39.84 -75.40
N CYS J 113 -34.21 -38.71 -74.87
CA CYS J 113 -35.10 -37.75 -74.22
C CYS J 113 -36.16 -37.22 -75.19
N LYS J 114 -35.72 -36.95 -76.40
CA LYS J 114 -36.56 -36.43 -77.47
C LYS J 114 -37.60 -37.47 -77.90
N GLU J 115 -37.19 -38.74 -77.87
CA GLU J 115 -38.07 -39.86 -78.18
C GLU J 115 -39.10 -40.02 -77.07
N GLN J 116 -38.66 -39.85 -75.83
CA GLN J 116 -39.55 -39.98 -74.68
C GLN J 116 -40.36 -38.71 -74.44
N GLY J 117 -40.26 -37.76 -75.37
CA GLY J 117 -40.97 -36.50 -75.26
C GLY J 117 -40.54 -35.69 -74.04
N ASP J 118 -39.26 -35.74 -73.69
CA ASP J 118 -38.76 -35.02 -72.52
C ASP J 118 -37.90 -33.82 -72.91
N ILE J 119 -38.55 -32.69 -73.16
CA ILE J 119 -37.89 -31.48 -73.64
C ILE J 119 -36.97 -30.88 -72.57
N VAL J 120 -37.46 -30.85 -71.33
CA VAL J 120 -36.62 -30.27 -70.27
C VAL J 120 -35.36 -31.09 -70.09
N THR J 121 -35.47 -32.41 -70.00
CA THR J 121 -34.25 -33.20 -69.86
C THR J 121 -33.38 -33.13 -71.10
N ALA J 122 -33.99 -33.08 -72.27
CA ALA J 122 -33.22 -32.88 -73.50
C ALA J 122 -32.41 -31.60 -73.43
N ARG J 123 -32.98 -30.50 -72.92
CA ARG J 123 -32.23 -29.24 -72.93
C ARG J 123 -31.08 -29.33 -71.92
N LEU J 124 -31.29 -30.06 -70.82
CA LEU J 124 -30.23 -30.28 -69.85
C LEU J 124 -29.02 -30.97 -70.47
N PHE J 125 -29.24 -32.02 -71.25
CA PHE J 125 -28.14 -32.72 -71.92
C PHE J 125 -27.43 -31.80 -72.91
N GLU J 126 -28.22 -31.04 -73.65
CA GLU J 126 -27.71 -30.08 -74.62
C GLU J 126 -26.75 -29.08 -73.97
N ARG J 127 -27.17 -28.49 -72.85
CA ARG J 127 -26.31 -27.54 -72.14
C ARG J 127 -25.01 -28.18 -71.67
N ILE J 128 -25.15 -29.32 -71.00
CA ILE J 128 -23.97 -30.01 -70.48
C ILE J 128 -23.06 -30.44 -71.62
N ILE J 129 -23.63 -30.93 -72.72
CA ILE J 129 -22.80 -31.27 -73.87
C ILE J 129 -21.96 -30.06 -74.30
N GLU J 130 -22.51 -28.84 -74.24
CA GLU J 130 -21.65 -27.71 -74.62
C GLU J 130 -20.48 -27.56 -73.65
N GLU J 131 -20.67 -27.77 -72.36
CA GLU J 131 -19.58 -27.68 -71.39
C GLU J 131 -18.55 -28.79 -71.56
N GLU J 132 -18.97 -30.00 -71.90
CA GLU J 132 -18.03 -31.07 -72.19
C GLU J 132 -17.14 -30.71 -73.38
N GLN J 133 -17.71 -30.03 -74.37
CA GLN J 133 -16.96 -29.58 -75.53
C GLN J 133 -15.83 -28.64 -75.13
N ALA J 134 -16.07 -27.71 -74.22
CA ALA J 134 -15.04 -26.82 -73.69
C ALA J 134 -13.94 -27.61 -72.99
N HIS J 135 -14.32 -28.60 -72.19
CA HIS J 135 -13.37 -29.51 -71.56
C HIS J 135 -12.52 -30.23 -72.60
N LEU J 136 -13.17 -30.75 -73.64
CA LEU J 136 -12.50 -31.47 -74.71
C LEU J 136 -11.42 -30.61 -75.36
N THR J 137 -11.82 -29.41 -75.78
CA THR J 137 -10.88 -28.47 -76.35
C THR J 137 -9.75 -28.13 -75.38
N TYR J 138 -10.05 -27.95 -74.10
CA TYR J 138 -8.96 -27.70 -73.15
C TYR J 138 -7.97 -28.86 -73.16
N TYR J 139 -8.48 -30.09 -73.12
CA TYR J 139 -7.53 -31.20 -72.98
C TYR J 139 -6.76 -31.46 -74.26
N GLU J 140 -7.40 -31.25 -75.41
CA GLU J 140 -6.66 -31.45 -76.66
C GLU J 140 -5.50 -30.46 -76.79
N ASN J 141 -5.73 -29.22 -76.38
CA ASN J 141 -4.71 -28.18 -76.55
C ASN J 141 -3.55 -28.48 -75.62
N ILE J 142 -3.84 -28.81 -74.36
CA ILE J 142 -2.71 -29.10 -73.48
C ILE J 142 -1.89 -30.28 -74.01
N GLY J 143 -2.59 -31.31 -74.47
CA GLY J 143 -1.91 -32.50 -74.97
C GLY J 143 -1.01 -32.15 -76.14
N SER J 144 -1.59 -31.36 -77.05
CA SER J 144 -0.85 -30.91 -78.22
C SER J 144 0.43 -30.18 -77.82
N HIS J 145 0.36 -29.31 -76.83
CA HIS J 145 1.57 -28.56 -76.46
C HIS J 145 2.66 -29.44 -75.86
N ILE J 146 2.23 -30.28 -74.93
CA ILE J 146 3.15 -31.23 -74.30
C ILE J 146 3.77 -32.15 -75.33
N LYS J 147 2.98 -32.71 -76.25
CA LYS J 147 3.55 -33.58 -77.28
C LYS J 147 4.49 -32.82 -78.21
N ASN J 148 4.05 -31.65 -78.67
CA ASN J 148 4.77 -30.87 -79.64
C ASN J 148 5.92 -30.04 -79.07
N LEU J 149 5.84 -29.62 -77.81
CA LEU J 149 6.81 -28.67 -77.28
C LEU J 149 7.57 -29.19 -76.06
N GLY J 150 6.97 -30.14 -75.33
CA GLY J 150 7.57 -30.73 -74.16
C GLY J 150 7.96 -29.80 -73.02
N ASP J 151 9.18 -30.03 -72.53
CA ASP J 151 9.78 -29.46 -71.33
C ASP J 151 9.83 -27.94 -71.35
N THR J 152 10.08 -27.35 -72.52
CA THR J 152 10.11 -25.89 -72.62
C THR J 152 8.76 -25.29 -72.26
N TYR J 153 7.72 -26.01 -72.65
CA TYR J 153 6.35 -25.56 -72.37
C TYR J 153 6.02 -25.74 -70.89
N LEU J 154 6.34 -26.92 -70.35
CA LEU J 154 6.08 -27.16 -68.93
C LEU J 154 6.86 -26.23 -68.02
N ALA J 155 8.08 -25.84 -68.38
CA ALA J 155 8.89 -24.94 -67.57
C ALA J 155 8.13 -23.66 -67.20
N LYS J 156 7.24 -23.26 -68.11
CA LYS J 156 6.43 -22.07 -67.92
C LYS J 156 5.35 -22.33 -66.87
N ILE J 157 4.90 -23.57 -66.75
CA ILE J 157 3.87 -23.94 -65.80
C ILE J 157 4.46 -24.21 -64.42
N ALA J 158 5.70 -24.68 -64.40
CA ALA J 158 6.38 -25.01 -63.16
C ALA J 158 6.31 -23.89 -62.14
N GLY J 159 5.71 -24.14 -60.96
CA GLY J 159 5.79 -23.13 -59.92
C GLY J 159 4.72 -22.05 -60.00
N THR J 160 3.80 -22.18 -60.96
CA THR J 160 2.67 -21.27 -61.03
C THR J 160 1.69 -21.51 -59.87
N PRO J 161 0.86 -20.51 -59.55
CA PRO J 161 -0.18 -20.68 -58.54
C PRO J 161 -1.11 -21.84 -58.89
N SER J 162 -1.55 -22.61 -57.90
CA SER J 162 -2.50 -23.70 -58.12
C SER J 162 -3.86 -23.39 -57.51
N SER J 163 -4.02 -22.23 -56.90
CA SER J 163 -5.25 -21.86 -56.25
C SER J 163 -6.42 -21.86 -57.23
N THR J 164 -7.56 -22.40 -56.79
CA THR J 164 -8.78 -22.42 -57.60
C THR J 164 -9.73 -21.32 -57.12
N GLY J 165 -9.22 -20.51 -56.19
CA GLY J 165 -9.99 -19.43 -55.61
C GLY J 165 -10.18 -19.68 -54.11
N THR J 166 -10.95 -18.79 -53.49
CA THR J 166 -11.24 -18.90 -52.06
C THR J 166 -11.98 -20.21 -51.78
N ALA J 167 -11.52 -20.85 -50.70
CA ALA J 167 -12.00 -22.12 -50.21
C ALA J 167 -13.53 -22.24 -50.28
N SER J 168 -13.89 -23.51 -50.37
CA SER J 168 -15.21 -24.06 -50.38
C SER J 168 -16.05 -23.62 -49.18
N LYS J 169 -17.03 -22.74 -49.39
CA LYS J 169 -17.97 -22.53 -48.30
C LYS J 169 -18.60 -23.89 -47.94
N GLY J 170 -18.37 -24.33 -46.72
CA GLY J 170 -18.84 -25.54 -46.13
C GLY J 170 -19.60 -25.27 -44.83
N PHE J 171 -19.85 -26.30 -44.04
CA PHE J 171 -20.62 -26.15 -42.82
C PHE J 171 -19.79 -25.52 -41.71
N VAL J 172 -18.61 -26.09 -41.46
CA VAL J 172 -17.86 -25.55 -40.32
C VAL J 172 -17.42 -24.12 -40.60
N ASN K 4 59.87 -14.59 6.54
CA ASN K 4 59.87 -15.75 7.43
C ASN K 4 59.55 -15.27 8.83
N ARG K 5 58.77 -16.02 9.59
CA ARG K 5 58.23 -15.52 10.85
C ARG K 5 59.36 -15.10 11.80
N GLU K 6 60.38 -15.93 11.97
CA GLU K 6 61.47 -15.70 12.88
C GLU K 6 62.31 -14.48 12.49
N ASP K 7 62.43 -14.25 11.19
CA ASP K 7 63.21 -13.15 10.65
C ASP K 7 62.52 -11.81 10.82
N ARG K 8 61.20 -11.81 10.60
CA ARG K 8 60.37 -10.63 10.83
C ARG K 8 60.39 -10.21 12.29
N LYS K 9 60.24 -11.14 13.22
CA LYS K 9 60.30 -10.82 14.65
C LYS K 9 61.67 -10.24 15.01
N ALA K 10 62.72 -10.84 14.46
CA ALA K 10 64.08 -10.45 14.78
C ALA K 10 64.37 -9.02 14.28
N LYS K 11 63.77 -8.62 13.17
CA LYS K 11 63.99 -7.26 12.65
C LYS K 11 63.23 -6.22 13.45
N VAL K 12 62.04 -6.58 13.92
CA VAL K 12 61.30 -5.67 14.78
C VAL K 12 61.96 -5.65 16.16
N ILE K 13 62.37 -6.81 16.66
CA ILE K 13 63.05 -6.84 17.95
C ILE K 13 64.29 -5.97 17.94
N GLU K 14 64.91 -5.82 16.76
CA GLU K 14 66.10 -4.98 16.70
C GLU K 14 65.75 -3.51 16.76
N VAL K 15 64.70 -3.04 16.07
CA VAL K 15 64.38 -1.61 16.17
C VAL K 15 63.71 -1.30 17.50
N LEU K 16 62.99 -2.22 18.12
CA LEU K 16 62.45 -2.02 19.47
C LEU K 16 63.56 -1.83 20.49
N ASN K 17 64.65 -2.59 20.35
CA ASN K 17 65.80 -2.47 21.25
C ASN K 17 66.60 -1.22 20.97
N LYS K 18 66.72 -0.75 19.73
CA LYS K 18 67.36 0.55 19.53
C LYS K 18 66.56 1.67 20.20
N ALA K 19 65.23 1.55 20.04
CA ALA K 19 64.33 2.55 20.60
C ALA K 19 64.40 2.50 22.13
N ARG K 20 64.48 1.29 22.68
CA ARG K 20 64.55 1.15 24.14
C ARG K 20 65.86 1.74 24.66
N ALA K 21 66.96 1.54 23.93
CA ALA K 21 68.23 2.10 24.38
C ALA K 21 68.18 3.63 24.37
N MET K 22 67.42 4.19 23.44
CA MET K 22 67.22 5.63 23.36
C MET K 22 66.38 6.11 24.55
N GLU K 23 65.38 5.34 24.97
CA GLU K 23 64.58 5.68 26.14
C GLU K 23 65.46 5.62 27.39
N LEU K 24 66.26 4.57 27.53
CA LEU K 24 67.13 4.49 28.71
C LEU K 24 68.05 5.70 28.80
N HIS K 25 68.52 6.17 27.65
CA HIS K 25 69.32 7.38 27.63
C HIS K 25 68.51 8.61 28.03
N ALA K 26 67.30 8.77 27.50
CA ALA K 26 66.51 9.95 27.86
C ALA K 26 66.19 9.94 29.35
N ILE K 27 65.88 8.77 29.91
CA ILE K 27 65.63 8.69 31.35
C ILE K 27 66.79 9.26 32.14
N HIS K 28 68.01 8.82 31.83
CA HIS K 28 69.15 9.29 32.65
C HIS K 28 69.48 10.74 32.35
N GLN K 29 69.30 11.16 31.11
CA GLN K 29 69.62 12.54 30.73
C GLN K 29 68.66 13.51 31.38
N TYR K 30 67.35 13.18 31.24
CA TYR K 30 66.36 14.10 31.83
C TYR K 30 66.44 14.09 33.35
N MET K 31 66.68 12.94 33.98
CA MET K 31 66.73 12.95 35.45
C MET K 31 67.95 13.72 35.93
N ASN K 32 69.03 13.70 35.15
CA ASN K 32 70.22 14.48 35.52
C ASN K 32 69.91 15.96 35.49
N GLN K 33 69.12 16.39 34.50
CA GLN K 33 68.73 17.80 34.45
C GLN K 33 67.74 18.13 35.55
N HIS K 34 66.85 17.20 35.89
CA HIS K 34 65.94 17.33 37.02
C HIS K 34 66.70 17.59 38.33
N TYR K 35 67.80 16.86 38.54
CA TYR K 35 68.58 17.04 39.77
C TYR K 35 69.17 18.44 39.87
N SER K 36 69.65 18.98 38.76
CA SER K 36 70.18 20.33 38.70
C SER K 36 69.06 21.37 38.86
N LEU K 37 67.95 21.17 38.14
CA LEU K 37 66.87 22.15 38.23
C LEU K 37 66.36 22.22 39.66
N ASP K 38 66.29 21.08 40.31
CA ASP K 38 65.91 20.97 41.71
C ASP K 38 66.92 21.70 42.61
N ASP K 39 68.19 21.37 42.41
CA ASP K 39 69.27 22.01 43.15
C ASP K 39 69.22 23.53 42.98
N MET K 40 68.92 24.02 41.78
CA MET K 40 68.77 25.45 41.56
C MET K 40 67.41 25.96 42.10
N ASP K 41 66.53 25.04 42.47
CA ASP K 41 65.24 25.38 43.04
C ASP K 41 64.33 26.12 42.06
N TYR K 42 64.25 25.56 40.86
CA TYR K 42 63.25 25.93 39.87
C TYR K 42 62.18 24.82 39.79
N GLY K 43 61.34 24.79 40.81
CA GLY K 43 60.36 23.76 41.11
C GLY K 43 59.59 23.24 39.93
N GLU K 44 58.83 24.12 39.26
CA GLU K 44 57.96 23.67 38.18
C GLU K 44 58.77 23.04 37.06
N LEU K 45 59.94 23.63 36.79
CA LEU K 45 60.79 23.05 35.78
C LEU K 45 61.31 21.68 36.21
N ALA K 46 61.68 21.59 37.49
CA ALA K 46 62.16 20.31 38.01
C ALA K 46 61.06 19.26 37.98
N ALA K 47 59.86 19.64 38.43
CA ALA K 47 58.75 18.68 38.45
C ALA K 47 58.44 18.16 37.06
N ASN K 48 58.28 19.03 36.08
CA ASN K 48 57.93 18.60 34.73
C ASN K 48 59.04 17.80 34.06
N MET K 49 60.30 18.13 34.34
CA MET K 49 61.38 17.32 33.79
C MET K 49 61.31 15.89 34.30
N LYS K 50 61.01 15.72 35.58
CA LYS K 50 60.86 14.41 36.17
C LYS K 50 59.65 13.68 35.62
N LEU K 51 58.53 14.38 35.40
CA LEU K 51 57.34 13.75 34.85
C LEU K 51 57.59 13.26 33.42
N ILE K 52 58.40 14.01 32.68
CA ILE K 52 58.74 13.57 31.30
C ILE K 52 59.65 12.36 31.37
N ALA K 53 60.58 12.35 32.32
CA ALA K 53 61.41 11.15 32.48
C ALA K 53 60.56 9.92 32.79
N ILE K 54 59.51 10.08 33.58
CA ILE K 54 58.60 8.97 33.91
C ILE K 54 57.86 8.50 32.66
N ASP K 55 57.45 9.40 31.79
CA ASP K 55 56.90 9.01 30.48
C ASP K 55 57.91 8.14 29.73
N GLU K 56 59.18 8.53 29.81
CA GLU K 56 60.20 7.74 29.12
C GLU K 56 60.38 6.39 29.79
N MET K 57 60.30 6.32 31.12
CA MET K 57 60.33 5.02 31.80
C MET K 57 59.23 4.11 31.26
N ARG K 58 58.04 4.67 31.09
CA ARG K 58 56.90 3.92 30.59
C ARG K 58 57.14 3.50 29.14
N HIS K 59 57.73 4.40 28.35
CA HIS K 59 58.03 4.01 26.97
C HIS K 59 58.96 2.80 26.97
N ALA K 60 60.03 2.88 27.76
CA ALA K 60 61.02 1.82 27.81
C ALA K 60 60.38 0.50 28.21
N GLU K 61 59.45 0.59 29.16
CA GLU K 61 58.70 -0.55 29.66
C GLU K 61 57.82 -1.22 28.59
N ASN K 62 57.16 -0.40 27.79
CA ASN K 62 56.26 -0.85 26.75
C ASN K 62 57.05 -1.54 25.62
N PHE K 63 58.20 -0.94 25.29
CA PHE K 63 59.09 -1.56 24.31
C PHE K 63 59.55 -2.93 24.80
N ALA K 64 59.93 -3.00 26.08
CA ALA K 64 60.41 -4.25 26.65
C ALA K 64 59.32 -5.32 26.63
N GLU K 65 58.08 -4.92 26.92
CA GLU K 65 57.01 -5.91 26.95
C GLU K 65 56.72 -6.45 25.57
N ARG K 66 56.80 -5.60 24.55
CA ARG K 66 56.56 -6.05 23.18
C ARG K 66 57.71 -6.94 22.70
N ILE K 67 58.93 -6.58 23.08
CA ILE K 67 60.11 -7.39 22.81
C ILE K 67 59.94 -8.80 23.39
N LYS K 68 59.49 -8.90 24.64
CA LYS K 68 59.20 -10.20 25.24
C LYS K 68 58.09 -10.92 24.47
N GLU K 69 57.08 -10.18 24.02
CA GLU K 69 55.99 -10.75 23.24
C GLU K 69 56.52 -11.44 21.99
N LEU K 70 57.59 -10.88 21.43
CA LEU K 70 58.12 -11.34 20.16
C LEU K 70 59.27 -12.33 20.34
N GLY K 71 59.51 -12.80 21.55
CA GLY K 71 60.55 -13.74 21.86
C GLY K 71 61.91 -13.15 22.15
N GLY K 72 62.11 -11.83 22.12
CA GLY K 72 63.44 -11.28 22.31
C GLY K 72 63.77 -10.98 23.75
N GLU K 73 64.90 -10.35 23.96
CA GLU K 73 65.38 -9.98 25.28
C GLU K 73 65.56 -8.46 25.32
N PRO K 74 64.95 -7.80 26.28
CA PRO K 74 65.01 -6.33 26.38
C PRO K 74 66.40 -5.83 26.75
N THR K 75 66.95 -4.93 25.93
CA THR K 75 68.28 -4.42 26.17
C THR K 75 68.36 -3.68 27.50
N THR K 76 69.57 -3.57 28.04
CA THR K 76 69.77 -2.75 29.23
C THR K 76 70.80 -1.66 28.96
N GLN K 77 71.17 -1.49 27.69
CA GLN K 77 72.19 -0.48 27.41
C GLN K 77 71.56 0.83 26.93
N LYS K 78 72.03 1.96 27.43
CA LYS K 78 71.50 3.22 26.93
C LYS K 78 72.29 3.69 25.71
N GLU K 79 71.61 4.41 24.83
CA GLU K 79 72.24 4.88 23.61
C GLU K 79 72.86 6.26 23.79
N GLY K 80 74.17 6.36 23.55
CA GLY K 80 74.82 7.66 23.63
C GLY K 80 75.36 7.91 25.02
N LYS K 81 75.81 9.14 25.30
CA LYS K 81 76.31 9.46 26.62
C LYS K 81 75.45 10.54 27.27
N VAL K 82 75.38 10.55 28.59
CA VAL K 82 74.66 11.61 29.28
C VAL K 82 75.53 12.85 29.44
N VAL K 83 75.01 13.98 29.01
CA VAL K 83 75.69 15.26 29.13
C VAL K 83 75.35 15.96 30.44
N THR K 84 76.35 16.21 31.28
CA THR K 84 76.07 16.83 32.57
C THR K 84 76.58 18.27 32.58
N GLY K 85 76.20 19.01 33.61
CA GLY K 85 76.56 20.39 33.80
C GLY K 85 75.93 21.35 32.82
N GLN K 86 74.88 20.95 32.11
CA GLN K 86 74.25 21.87 31.16
C GLN K 86 73.56 23.05 31.83
N ALA K 87 73.79 24.23 31.30
CA ALA K 87 73.09 25.44 31.76
C ALA K 87 71.62 25.37 31.37
N VAL K 88 70.77 26.11 32.06
CA VAL K 88 69.33 26.12 31.80
C VAL K 88 69.00 26.23 30.32
N PRO K 89 69.52 27.20 29.59
CA PRO K 89 69.16 27.34 28.17
C PRO K 89 69.65 26.15 27.34
N VAL K 90 70.76 25.56 27.76
CA VAL K 90 71.28 24.38 27.06
C VAL K 90 70.40 23.17 27.34
N ILE K 91 69.89 23.07 28.57
CA ILE K 91 68.95 21.97 28.83
C ILE K 91 67.79 21.95 27.84
N TYR K 92 67.13 23.09 27.64
CA TYR K 92 65.91 23.08 26.83
C TYR K 92 66.17 23.04 25.34
N GLU K 93 67.28 23.62 24.88
CA GLU K 93 67.67 23.51 23.48
C GLU K 93 68.03 22.08 23.10
N SER K 94 68.88 21.42 23.90
CA SER K 94 69.28 20.05 23.66
C SER K 94 68.14 19.04 23.77
N ASP K 95 67.25 19.26 24.74
CA ASP K 95 66.12 18.35 24.87
C ASP K 95 65.20 18.46 23.66
N ALA K 96 64.92 19.67 23.17
CA ALA K 96 64.10 19.77 21.97
C ALA K 96 64.78 19.06 20.80
N ASP K 97 66.07 19.28 20.61
CA ASP K 97 66.82 18.53 19.60
C ASP K 97 66.71 17.02 19.83
N GLN K 98 66.84 16.61 21.09
CA GLN K 98 66.74 15.17 21.38
C GLN K 98 65.37 14.61 21.03
N GLU K 99 64.29 15.31 21.37
CA GLU K 99 62.94 14.86 21.05
C GLU K 99 62.66 14.84 19.56
N ASP K 100 63.13 15.87 18.84
CA ASP K 100 63.01 15.87 17.39
C ASP K 100 63.73 14.67 16.78
N ALA K 101 64.96 14.40 17.23
CA ALA K 101 65.68 13.27 16.68
C ALA K 101 65.01 11.95 17.03
N THR K 102 64.33 11.93 18.18
CA THR K 102 63.62 10.72 18.59
C THR K 102 62.46 10.45 17.66
N ILE K 103 61.65 11.47 17.38
CA ILE K 103 60.52 11.31 16.48
C ILE K 103 60.97 10.83 15.09
N GLU K 104 62.08 11.41 14.60
CA GLU K 104 62.67 11.06 13.32
C GLU K 104 63.05 9.59 13.26
N ALA K 105 63.80 9.13 14.26
CA ALA K 105 64.20 7.73 14.30
C ALA K 105 62.99 6.80 14.49
N TYR K 106 62.07 7.12 15.40
CA TYR K 106 60.92 6.25 15.62
C TYR K 106 60.04 6.08 14.40
N SER K 107 59.92 7.15 13.62
CA SER K 107 59.11 7.11 12.40
C SER K 107 59.68 6.13 11.40
N GLN K 108 61.01 6.01 11.40
CA GLN K 108 61.75 5.02 10.63
C GLN K 108 61.46 3.62 11.12
N PHE K 109 61.54 3.44 12.44
CA PHE K 109 61.28 2.14 13.05
C PHE K 109 59.85 1.68 12.78
N LEU K 110 58.91 2.63 12.77
CA LEU K 110 57.53 2.31 12.45
C LEU K 110 57.47 1.69 11.05
N LYS K 111 58.17 2.34 10.12
CA LYS K 111 58.32 1.90 8.74
C LYS K 111 58.83 0.47 8.69
N VAL K 112 59.83 0.19 9.52
CA VAL K 112 60.37 -1.17 9.55
C VAL K 112 59.30 -2.18 10.00
N CYS K 113 58.49 -1.76 10.98
CA CYS K 113 57.43 -2.63 11.48
C CYS K 113 56.39 -2.92 10.39
N LYS K 114 56.03 -1.87 9.67
CA LYS K 114 55.06 -2.05 8.58
C LYS K 114 55.64 -3.02 7.55
N GLU K 115 56.91 -2.80 7.19
CA GLU K 115 57.60 -3.64 6.23
C GLU K 115 57.61 -5.11 6.65
N GLN K 116 57.74 -5.36 7.95
CA GLN K 116 57.75 -6.74 8.44
C GLN K 116 56.36 -7.23 8.78
N GLY K 117 55.33 -6.48 8.40
CA GLY K 117 53.98 -6.95 8.66
C GLY K 117 53.71 -7.15 10.15
N ASP K 118 54.15 -6.20 10.96
CA ASP K 118 53.93 -6.20 12.40
C ASP K 118 53.09 -4.98 12.79
N ILE K 119 51.79 -5.13 12.71
CA ILE K 119 50.81 -4.09 12.95
C ILE K 119 50.73 -3.66 14.42
N VAL K 120 50.80 -4.62 15.34
CA VAL K 120 50.80 -4.31 16.78
C VAL K 120 52.00 -3.46 17.15
N THR K 121 53.20 -3.80 16.66
CA THR K 121 54.37 -2.98 16.98
C THR K 121 54.33 -1.63 16.30
N ALA K 122 53.84 -1.56 15.05
CA ALA K 122 53.74 -0.26 14.39
C ALA K 122 52.82 0.67 15.16
N ARG K 123 51.70 0.15 15.64
CA ARG K 123 50.72 0.88 16.43
C ARG K 123 51.36 1.40 17.73
N LEU K 124 52.22 0.61 18.37
CA LEU K 124 52.98 1.00 19.54
C LEU K 124 53.90 2.18 19.26
N PHE K 125 54.66 2.14 18.16
CA PHE K 125 55.51 3.28 17.80
C PHE K 125 54.70 4.53 17.53
N GLU K 126 53.57 4.38 16.83
CA GLU K 126 52.74 5.53 16.52
C GLU K 126 52.22 6.22 17.77
N ARG K 127 51.84 5.46 18.80
CA ARG K 127 51.35 6.01 20.05
C ARG K 127 52.42 6.81 20.80
N ILE K 128 53.58 6.20 20.90
CA ILE K 128 54.69 6.81 21.63
C ILE K 128 55.23 8.03 20.90
N ILE K 129 55.20 8.01 19.57
CA ILE K 129 55.64 9.19 18.80
C ILE K 129 54.74 10.39 19.11
N GLU K 130 53.45 10.16 19.29
CA GLU K 130 52.58 11.28 19.67
C GLU K 130 52.94 11.80 21.05
N GLU K 131 53.40 10.93 21.95
CA GLU K 131 53.81 11.43 23.26
C GLU K 131 55.11 12.21 23.15
N GLU K 132 56.04 11.71 22.33
CA GLU K 132 57.26 12.47 22.09
C GLU K 132 56.95 13.83 21.47
N GLN K 133 55.89 13.96 20.67
CA GLN K 133 55.57 15.28 20.12
C GLN K 133 55.13 16.23 21.23
N ALA K 134 54.43 15.70 22.22
CA ALA K 134 54.05 16.46 23.40
C ALA K 134 55.28 16.94 24.15
N HIS K 135 56.26 16.05 24.32
CA HIS K 135 57.49 16.43 25.00
C HIS K 135 58.20 17.54 24.21
N LEU K 136 58.28 17.36 22.89
CA LEU K 136 58.95 18.30 22.00
C LEU K 136 58.35 19.70 22.15
N THR K 137 57.02 19.74 22.07
CA THR K 137 56.35 21.04 22.20
C THR K 137 56.70 21.69 23.52
N TYR K 138 56.73 20.88 24.58
CA TYR K 138 57.01 21.38 25.93
C TYR K 138 58.39 22.03 26.00
N TYR K 139 59.42 21.31 25.56
CA TYR K 139 60.80 21.80 25.60
C TYR K 139 61.00 23.03 24.73
N GLU K 140 60.38 23.07 23.55
CA GLU K 140 60.45 24.26 22.71
C GLU K 140 59.81 25.45 23.42
N ASN K 141 58.68 25.19 24.09
CA ASN K 141 57.99 26.28 24.78
C ASN K 141 58.87 26.84 25.90
N ILE K 142 59.42 25.98 26.76
CA ILE K 142 60.34 26.50 27.76
C ILE K 142 61.54 27.18 27.12
N GLY K 143 62.05 26.64 26.01
CA GLY K 143 63.23 27.21 25.37
C GLY K 143 62.95 28.62 24.87
N SER K 144 61.76 28.83 24.35
CA SER K 144 61.32 30.13 23.86
C SER K 144 61.13 31.14 24.98
N HIS K 145 60.63 30.75 26.15
CA HIS K 145 60.50 31.71 27.25
C HIS K 145 61.85 32.12 27.82
N ILE K 146 62.78 31.19 27.95
CA ILE K 146 64.10 31.58 28.42
C ILE K 146 64.77 32.54 27.46
N LYS K 147 64.75 32.23 26.18
CA LYS K 147 65.24 33.10 25.13
C LYS K 147 64.53 34.45 25.11
N ASN K 148 63.21 34.50 25.20
CA ASN K 148 62.50 35.76 25.09
C ASN K 148 62.40 36.52 26.40
N LEU K 149 62.47 35.84 27.55
CA LEU K 149 62.25 36.51 28.83
C LEU K 149 63.38 36.25 29.82
N GLY K 150 64.28 35.31 29.55
CA GLY K 150 65.43 35.05 30.39
C GLY K 150 65.12 34.98 31.87
N ASP K 151 65.87 35.74 32.67
CA ASP K 151 65.78 35.72 34.12
C ASP K 151 64.44 36.22 34.65
N THR K 152 63.73 37.06 33.88
CA THR K 152 62.41 37.48 34.34
C THR K 152 61.45 36.29 34.42
N TYR K 153 61.64 35.33 33.52
CA TYR K 153 60.79 34.13 33.56
C TYR K 153 61.27 33.26 34.71
N LEU K 154 62.59 33.03 34.78
CA LEU K 154 63.12 32.17 35.85
C LEU K 154 62.70 32.69 37.22
N ALA K 155 62.59 34.01 37.37
CA ALA K 155 62.21 34.58 38.66
C ALA K 155 60.80 34.17 39.04
N LYS K 156 59.96 33.97 38.04
CA LYS K 156 58.61 33.50 38.33
C LYS K 156 58.66 32.05 38.81
N ILE K 157 59.57 31.24 38.29
CA ILE K 157 59.61 29.82 38.64
C ILE K 157 60.39 29.56 39.91
N ALA K 158 61.23 30.50 40.31
CA ALA K 158 62.03 30.33 41.51
C ALA K 158 61.17 30.05 42.72
N GLY K 159 61.44 28.95 43.42
CA GLY K 159 60.71 28.63 44.61
C GLY K 159 59.31 28.10 44.40
N THR K 160 58.91 27.69 43.21
CA THR K 160 57.59 27.05 43.06
C THR K 160 57.61 25.62 43.61
N PRO K 161 56.47 24.99 43.85
CA PRO K 161 56.48 23.57 44.27
C PRO K 161 57.17 22.69 43.23
N SER K 162 57.90 21.70 43.71
CA SER K 162 58.60 20.75 42.85
C SER K 162 57.98 19.36 42.91
N SER K 163 56.96 19.20 43.72
CA SER K 163 56.27 17.93 43.89
C SER K 163 55.62 17.46 42.59
N THR K 164 55.74 16.17 42.31
CA THR K 164 55.13 15.57 41.14
C THR K 164 53.94 14.71 41.57
N GLY K 165 53.53 14.86 42.82
CA GLY K 165 52.41 14.11 43.35
C GLY K 165 52.79 13.11 44.43
N THR K 166 51.85 12.25 44.78
CA THR K 166 52.06 11.24 45.81
C THR K 166 53.21 10.30 45.44
N ALA K 167 53.99 9.95 46.46
CA ALA K 167 55.17 9.11 46.32
C ALA K 167 54.83 7.72 45.75
N SER K 168 55.84 7.27 45.02
CA SER K 168 56.00 5.99 44.39
C SER K 168 55.36 4.85 45.17
N LYS K 169 54.27 4.27 44.64
CA LYS K 169 53.95 2.97 45.22
C LYS K 169 55.16 2.06 45.00
N GLY K 170 55.77 1.61 46.07
CA GLY K 170 56.90 0.71 46.03
C GLY K 170 56.66 -0.51 46.91
N PHE K 171 57.71 -1.27 47.19
CA PHE K 171 57.50 -2.48 47.98
C PHE K 171 57.47 -2.13 49.46
N VAL K 172 58.38 -1.28 49.88
CA VAL K 172 58.58 -0.63 51.16
C VAL K 172 59.50 -1.50 52.01
N GLY L 3 87.44 18.57 59.35
CA GLY L 3 88.60 17.90 58.75
C GLY L 3 88.85 18.44 57.35
N ASN L 4 88.64 19.74 57.20
CA ASN L 4 88.55 20.44 55.94
C ASN L 4 87.18 20.05 55.37
N ARG L 5 86.29 21.03 55.38
CA ARG L 5 84.91 20.86 54.98
C ARG L 5 84.80 20.27 53.59
N GLU L 6 85.62 20.74 52.65
CA GLU L 6 85.51 20.29 51.26
C GLU L 6 85.90 18.82 51.11
N ASP L 7 86.86 18.36 51.89
CA ASP L 7 87.41 17.01 51.79
C ASP L 7 86.40 15.98 52.25
N ARG L 8 85.74 16.34 53.34
CA ARG L 8 84.70 15.51 53.93
C ARG L 8 83.55 15.31 52.96
N LYS L 9 83.13 16.40 52.32
CA LYS L 9 82.07 16.32 51.33
C LYS L 9 82.48 15.37 50.19
N ALA L 10 83.73 15.50 49.79
CA ALA L 10 84.25 14.79 48.63
C ALA L 10 84.30 13.29 48.89
N LYS L 11 84.66 12.93 50.13
CA LYS L 11 84.70 11.50 50.48
C LYS L 11 83.30 10.93 50.59
N VAL L 12 82.36 11.72 51.11
CA VAL L 12 80.98 11.24 51.18
C VAL L 12 80.39 11.18 49.78
N ILE L 13 80.66 12.20 48.95
CA ILE L 13 80.18 12.12 47.57
C ILE L 13 80.68 10.87 46.86
N GLU L 14 81.90 10.45 47.16
CA GLU L 14 82.44 9.23 46.58
C GLU L 14 81.65 7.99 46.98
N VAL L 15 81.32 7.81 48.26
CA VAL L 15 80.54 6.61 48.62
C VAL L 15 79.09 6.72 48.15
N LEU L 16 78.53 7.92 48.04
CA LEU L 16 77.16 8.02 47.54
C LEU L 16 77.06 7.66 46.07
N ASN L 17 78.03 8.10 45.25
CA ASN L 17 78.01 7.76 43.83
C ASN L 17 78.24 6.27 43.64
N LYS L 18 79.01 5.63 44.53
CA LYS L 18 79.11 4.18 44.46
C LYS L 18 77.78 3.51 44.76
N ALA L 19 77.09 4.02 45.79
CA ALA L 19 75.82 3.43 46.18
C ALA L 19 74.83 3.66 45.04
N ARG L 20 74.89 4.86 44.48
CA ARG L 20 73.96 5.19 43.40
C ARG L 20 74.12 4.25 42.23
N ALA L 21 75.35 3.93 41.85
CA ALA L 21 75.63 3.07 40.71
C ALA L 21 75.16 1.65 40.93
N MET L 22 75.19 1.21 42.19
CA MET L 22 74.66 -0.11 42.55
C MET L 22 73.13 -0.13 42.43
N GLU L 23 72.49 0.98 42.79
CA GLU L 23 71.05 1.18 42.68
C GLU L 23 70.63 1.14 41.22
N LEU L 24 71.39 1.85 40.38
CA LEU L 24 71.13 1.83 38.95
C LEU L 24 71.23 0.41 38.39
N HIS L 25 72.21 -0.37 38.86
CA HIS L 25 72.28 -1.78 38.47
C HIS L 25 71.05 -2.56 38.89
N ALA L 26 70.66 -2.37 40.15
CA ALA L 26 69.50 -3.08 40.70
C ALA L 26 68.23 -2.74 39.93
N ILE L 27 68.03 -1.48 39.55
CA ILE L 27 66.82 -1.12 38.80
C ILE L 27 66.71 -1.92 37.50
N HIS L 28 67.78 -1.95 36.73
CA HIS L 28 67.78 -2.69 35.47
C HIS L 28 67.75 -4.19 35.68
N GLN L 29 68.38 -4.69 36.73
CA GLN L 29 68.42 -6.15 36.93
C GLN L 29 67.04 -6.66 37.34
N TYR L 30 66.44 -5.96 38.30
CA TYR L 30 65.12 -6.32 38.80
C TYR L 30 64.05 -6.17 37.73
N MET L 31 64.11 -5.10 36.94
CA MET L 31 63.10 -4.92 35.90
C MET L 31 63.29 -5.97 34.81
N ASN L 32 64.54 -6.34 34.51
CA ASN L 32 64.73 -7.41 33.51
C ASN L 32 64.05 -8.69 33.98
N GLN L 33 64.16 -9.01 35.27
CA GLN L 33 63.47 -10.19 35.80
C GLN L 33 61.96 -9.96 35.85
N HIS L 34 61.53 -8.74 36.19
CA HIS L 34 60.11 -8.43 36.10
C HIS L 34 59.55 -8.78 34.73
N TYR L 35 60.26 -8.39 33.65
CA TYR L 35 59.75 -8.70 32.32
C TYR L 35 59.65 -10.21 32.08
N SER L 36 60.61 -10.97 32.58
CA SER L 36 60.57 -12.43 32.52
C SER L 36 59.38 -13.00 33.28
N LEU L 37 59.20 -12.59 34.53
CA LEU L 37 58.13 -13.11 35.36
C LEU L 37 56.76 -12.82 34.75
N ASP L 38 56.66 -11.63 34.17
CA ASP L 38 55.45 -11.20 33.48
C ASP L 38 55.18 -12.05 32.25
N ASP L 39 56.19 -12.22 31.41
CA ASP L 39 56.16 -13.16 30.29
C ASP L 39 55.75 -14.56 30.75
N MET L 40 56.19 -14.98 31.92
CA MET L 40 55.87 -16.28 32.47
C MET L 40 54.47 -16.36 33.08
N ASP L 41 53.80 -15.23 33.23
CA ASP L 41 52.47 -15.15 33.82
C ASP L 41 52.47 -15.60 35.28
N TYR L 42 53.49 -15.18 36.00
CA TYR L 42 53.55 -15.22 37.45
C TYR L 42 53.32 -13.81 38.00
N GLY L 43 52.07 -13.36 37.88
CA GLY L 43 51.67 -12.01 38.20
C GLY L 43 52.17 -11.52 39.54
N GLU L 44 51.86 -12.22 40.62
CA GLU L 44 52.27 -11.75 41.94
C GLU L 44 53.77 -11.57 42.04
N LEU L 45 54.58 -12.47 41.46
CA LEU L 45 56.03 -12.32 41.49
C LEU L 45 56.46 -11.11 40.65
N ALA L 46 55.82 -10.96 39.48
CA ALA L 46 56.21 -9.88 38.60
C ALA L 46 55.90 -8.51 39.20
N ALA L 47 54.76 -8.40 39.87
CA ALA L 47 54.33 -7.15 40.49
C ALA L 47 55.28 -6.71 41.59
N ASN L 48 55.57 -7.60 42.53
CA ASN L 48 56.43 -7.25 43.65
C ASN L 48 57.85 -6.94 43.16
N MET L 49 58.29 -7.62 42.09
CA MET L 49 59.63 -7.38 41.54
C MET L 49 59.71 -5.96 40.99
N LYS L 50 58.67 -5.49 40.33
CA LYS L 50 58.61 -4.10 39.88
C LYS L 50 58.53 -3.10 41.03
N LEU L 51 57.76 -3.42 42.05
CA LEU L 51 57.62 -2.58 43.23
C LEU L 51 58.96 -2.41 43.93
N ILE L 52 59.73 -3.49 43.97
CA ILE L 52 61.06 -3.40 44.61
C ILE L 52 61.98 -2.59 43.71
N ALA L 53 61.88 -2.75 42.39
CA ALA L 53 62.69 -1.93 41.49
C ALA L 53 62.39 -0.45 41.70
N ILE L 54 61.12 -0.15 41.96
CA ILE L 54 60.74 1.25 42.19
C ILE L 54 61.29 1.76 43.51
N ASP L 55 61.38 0.92 44.53
CA ASP L 55 62.15 1.27 45.73
C ASP L 55 63.59 1.63 45.37
N GLU L 56 64.22 0.85 44.49
CA GLU L 56 65.60 1.13 44.11
C GLU L 56 65.68 2.43 43.31
N MET L 57 64.67 2.71 42.50
CA MET L 57 64.61 4.00 41.83
C MET L 57 64.60 5.15 42.84
N ARG L 58 63.82 4.98 43.93
CA ARG L 58 63.71 6.03 44.95
C ARG L 58 65.02 6.19 45.68
N HIS L 59 65.73 5.09 45.91
CA HIS L 59 67.07 5.13 46.49
C HIS L 59 68.05 5.88 45.59
N ALA L 60 68.06 5.58 44.29
CA ALA L 60 68.94 6.23 43.36
C ALA L 60 68.72 7.74 43.38
N GLU L 61 67.45 8.10 43.51
CA GLU L 61 67.04 9.50 43.55
C GLU L 61 67.46 10.18 44.84
N ASN L 62 67.26 9.52 45.99
CA ASN L 62 67.67 10.08 47.27
C ASN L 62 69.18 10.27 47.31
N PHE L 63 69.93 9.29 46.81
CA PHE L 63 71.39 9.45 46.76
C PHE L 63 71.79 10.64 45.87
N ALA L 64 71.17 10.76 44.71
CA ALA L 64 71.41 11.87 43.78
C ALA L 64 71.12 13.22 44.42
N GLU L 65 70.01 13.32 45.14
CA GLU L 65 69.64 14.56 45.79
C GLU L 65 70.67 14.96 46.84
N ARG L 66 71.19 14.00 47.58
CA ARG L 66 72.18 14.25 48.62
C ARG L 66 73.53 14.58 48.02
N ILE L 67 73.89 13.90 46.94
CA ILE L 67 75.10 14.29 46.19
C ILE L 67 75.01 15.76 45.79
N LYS L 68 73.85 16.15 45.25
CA LYS L 68 73.65 17.53 44.85
C LYS L 68 73.74 18.49 46.03
N GLU L 69 73.18 18.17 47.18
CA GLU L 69 73.27 19.02 48.36
C GLU L 69 74.72 19.14 48.81
N LEU L 70 75.53 18.15 48.48
CA LEU L 70 76.94 18.16 48.87
C LEU L 70 77.79 18.83 47.81
N GLY L 71 77.20 19.26 46.70
CA GLY L 71 77.88 19.95 45.63
C GLY L 71 78.49 19.05 44.59
N GLY L 72 78.13 17.76 44.59
CA GLY L 72 78.67 16.81 43.65
C GLY L 72 77.82 16.60 42.42
N GLU L 73 78.21 15.65 41.57
CA GLU L 73 77.46 15.29 40.38
C GLU L 73 77.03 13.83 40.50
N PRO L 74 75.72 13.56 40.37
CA PRO L 74 75.21 12.19 40.47
C PRO L 74 75.62 11.37 39.25
N THR L 75 76.20 10.19 39.48
CA THR L 75 76.60 9.33 38.37
C THR L 75 75.42 8.77 37.59
N THR L 76 75.65 8.44 36.31
CA THR L 76 74.63 7.79 35.50
C THR L 76 75.11 6.42 35.02
N GLN L 77 76.17 5.94 35.65
CA GLN L 77 76.77 4.66 35.39
C GLN L 77 76.33 3.60 36.39
N LYS L 78 75.83 2.47 35.89
CA LYS L 78 75.47 1.39 36.80
C LYS L 78 76.68 0.52 37.08
N GLU L 79 76.77 -0.01 38.29
CA GLU L 79 77.90 -0.85 38.72
C GLU L 79 77.72 -2.28 38.23
N GLY L 80 78.73 -2.89 37.64
CA GLY L 80 78.60 -4.29 37.27
C GLY L 80 77.62 -4.53 36.15
N LYS L 81 77.30 -5.78 35.85
CA LYS L 81 76.52 -6.07 34.65
C LYS L 81 75.19 -6.75 34.97
N VAL L 82 74.26 -6.60 34.04
CA VAL L 82 72.94 -7.17 34.18
C VAL L 82 72.94 -8.60 33.67
N VAL L 83 72.45 -9.53 34.48
CA VAL L 83 72.32 -10.91 34.03
C VAL L 83 70.91 -11.17 33.51
N THR L 84 70.82 -11.62 32.27
CA THR L 84 69.60 -11.84 31.54
C THR L 84 69.27 -13.32 31.40
N GLY L 85 68.01 -13.63 31.15
CA GLY L 85 67.56 -14.98 30.96
C GLY L 85 67.52 -15.82 32.21
N GLN L 86 67.45 -15.21 33.39
CA GLN L 86 67.48 -16.01 34.61
C GLN L 86 66.16 -16.75 34.85
N ALA L 87 66.30 -18.05 35.09
CA ALA L 87 65.18 -18.87 35.51
C ALA L 87 64.69 -18.42 36.89
N VAL L 88 63.48 -18.82 37.25
CA VAL L 88 62.89 -18.37 38.51
C VAL L 88 63.77 -18.66 39.71
N PRO L 89 64.27 -19.87 39.93
CA PRO L 89 65.12 -20.16 41.10
C PRO L 89 66.37 -19.29 41.10
N VAL L 90 66.92 -19.07 39.91
CA VAL L 90 68.11 -18.24 39.80
C VAL L 90 67.80 -16.79 40.16
N ILE L 91 66.63 -16.33 39.74
CA ILE L 91 66.21 -14.96 40.06
C ILE L 91 66.24 -14.69 41.55
N TYR L 92 65.60 -15.51 42.38
CA TYR L 92 65.51 -15.24 43.81
C TYR L 92 66.78 -15.55 44.55
N GLU L 93 67.57 -16.51 44.07
CA GLU L 93 68.84 -16.78 44.73
C GLU L 93 69.82 -15.63 44.51
N SER L 94 69.85 -15.10 43.29
CA SER L 94 70.76 -13.99 43.01
C SER L 94 70.33 -12.68 43.66
N ASP L 95 69.03 -12.43 43.66
CA ASP L 95 68.54 -11.16 44.22
C ASP L 95 68.79 -11.16 45.72
N ALA L 96 68.53 -12.31 46.34
CA ALA L 96 68.90 -12.48 47.74
C ALA L 96 70.38 -12.19 47.93
N ASP L 97 71.24 -12.85 47.15
CA ASP L 97 72.67 -12.59 47.23
C ASP L 97 72.99 -11.11 47.05
N GLN L 98 72.29 -10.49 46.08
CA GLN L 98 72.58 -9.08 45.83
C GLN L 98 72.21 -8.20 47.02
N GLU L 99 71.05 -8.42 47.62
CA GLU L 99 70.60 -7.51 48.68
C GLU L 99 71.56 -7.55 49.87
N ASP L 100 72.09 -8.74 50.14
CA ASP L 100 73.04 -8.99 51.20
C ASP L 100 74.34 -8.23 50.97
N ALA L 101 74.85 -8.34 49.76
CA ALA L 101 76.09 -7.64 49.42
C ALA L 101 75.87 -6.13 49.42
N THR L 102 74.68 -5.70 49.01
CA THR L 102 74.31 -4.28 49.06
C THR L 102 74.28 -3.77 50.50
N ILE L 103 73.64 -4.54 51.39
CA ILE L 103 73.61 -4.12 52.79
C ILE L 103 75.03 -4.07 53.37
N GLU L 104 75.84 -5.05 53.03
CA GLU L 104 77.24 -5.06 53.45
C GLU L 104 77.99 -3.82 52.99
N ALA L 105 77.83 -3.46 51.72
CA ALA L 105 78.52 -2.30 51.16
C ALA L 105 78.01 -1.00 51.76
N TYR L 106 76.69 -0.87 51.91
CA TYR L 106 76.14 0.35 52.47
C TYR L 106 76.56 0.48 53.94
N SER L 107 76.76 -0.66 54.60
CA SER L 107 77.21 -0.56 55.99
C SER L 107 78.62 0.05 56.03
N GLN L 108 79.45 -0.29 55.05
CA GLN L 108 80.77 0.31 54.92
C GLN L 108 80.69 1.79 54.55
N PHE L 109 79.79 2.16 53.66
CA PHE L 109 79.61 3.56 53.26
C PHE L 109 79.09 4.37 54.45
N LEU L 110 78.16 3.84 55.23
CA LEU L 110 77.65 4.48 56.44
C LEU L 110 78.78 4.83 57.40
N LYS L 111 79.72 3.91 57.54
CA LYS L 111 80.93 4.04 58.34
C LYS L 111 81.74 5.25 57.88
N VAL L 112 81.94 5.33 56.56
CA VAL L 112 82.68 6.47 56.03
C VAL L 112 81.97 7.77 56.39
N CYS L 113 80.65 7.79 56.24
CA CYS L 113 79.88 9.00 56.55
C CYS L 113 80.15 9.45 57.98
N LYS L 114 80.14 8.51 58.93
CA LYS L 114 80.40 8.86 60.33
C LYS L 114 81.82 9.37 60.51
N GLU L 115 82.77 8.73 59.84
CA GLU L 115 84.16 9.19 59.92
C GLU L 115 84.30 10.61 59.40
N GLN L 116 83.50 10.93 58.39
CA GLN L 116 83.55 12.26 57.79
C GLN L 116 82.65 13.22 58.55
N GLY L 117 82.08 12.75 59.64
CA GLY L 117 81.18 13.54 60.48
C GLY L 117 79.95 13.99 59.70
N ASP L 118 79.39 13.12 58.88
CA ASP L 118 78.23 13.52 58.08
C ASP L 118 77.00 12.73 58.53
N ILE L 119 76.34 13.26 59.55
CA ILE L 119 75.19 12.69 60.21
C ILE L 119 74.01 12.54 59.26
N VAL L 120 73.73 13.58 58.46
CA VAL L 120 72.55 13.47 57.57
C VAL L 120 72.73 12.33 56.56
N THR L 121 73.94 12.19 56.00
CA THR L 121 74.15 11.14 55.02
C THR L 121 74.21 9.78 55.69
N ALA L 122 74.81 9.73 56.88
CA ALA L 122 74.83 8.48 57.63
C ALA L 122 73.40 7.99 57.90
N ARG L 123 72.50 8.90 58.25
CA ARG L 123 71.11 8.54 58.52
C ARG L 123 70.37 8.08 57.27
N LEU L 124 70.71 8.69 56.13
CA LEU L 124 70.18 8.30 54.83
C LEU L 124 70.54 6.84 54.56
N PHE L 125 71.81 6.49 54.68
CA PHE L 125 72.25 5.12 54.51
C PHE L 125 71.54 4.16 55.48
N GLU L 126 71.33 4.62 56.70
CA GLU L 126 70.64 3.86 57.74
C GLU L 126 69.24 3.46 57.34
N ARG L 127 68.46 4.42 56.86
CA ARG L 127 67.08 4.17 56.46
C ARG L 127 67.02 3.27 55.25
N ILE L 128 67.89 3.55 54.28
CA ILE L 128 67.87 2.73 53.07
C ILE L 128 68.29 1.32 53.41
N ILE L 129 69.26 1.14 54.30
CA ILE L 129 69.66 -0.22 54.69
C ILE L 129 68.50 -0.99 55.26
N GLU L 130 67.61 -0.33 56.02
CA GLU L 130 66.47 -1.10 56.52
C GLU L 130 65.53 -1.50 55.40
N GLU L 131 65.42 -0.69 54.35
CA GLU L 131 64.58 -1.07 53.21
C GLU L 131 65.19 -2.22 52.42
N GLU L 132 66.51 -2.25 52.32
CA GLU L 132 67.20 -3.35 51.64
C GLU L 132 66.97 -4.65 52.39
N GLN L 133 66.90 -4.57 53.71
CA GLN L 133 66.64 -5.74 54.54
C GLN L 133 65.26 -6.32 54.28
N ALA L 134 64.27 -5.45 54.07
CA ALA L 134 62.92 -5.96 53.74
C ALA L 134 62.95 -6.66 52.38
N HIS L 135 63.73 -6.10 51.45
CA HIS L 135 63.90 -6.70 50.14
C HIS L 135 64.53 -8.10 50.27
N LEU L 136 65.61 -8.17 51.03
CA LEU L 136 66.33 -9.42 51.23
C LEU L 136 65.42 -10.50 51.79
N THR L 137 64.64 -10.16 52.81
CA THR L 137 63.75 -11.13 53.44
C THR L 137 62.71 -11.64 52.44
N TYR L 138 62.19 -10.70 51.65
CA TYR L 138 61.24 -11.04 50.62
C TYR L 138 61.89 -12.07 49.69
N TYR L 139 63.07 -11.75 49.15
CA TYR L 139 63.67 -12.63 48.14
C TYR L 139 64.08 -13.98 48.74
N GLU L 140 64.61 -13.99 49.97
CA GLU L 140 64.96 -15.22 50.65
C GLU L 140 63.76 -16.15 50.85
N ASN L 141 62.63 -15.57 51.23
CA ASN L 141 61.40 -16.33 51.46
C ASN L 141 60.91 -16.94 50.14
N ILE L 142 60.86 -16.19 49.05
CA ILE L 142 60.49 -16.79 47.78
C ILE L 142 61.46 -17.91 47.41
N GLY L 143 62.76 -17.63 47.52
CA GLY L 143 63.79 -18.59 47.23
C GLY L 143 63.57 -19.87 48.01
N SER L 144 63.38 -19.72 49.32
CA SER L 144 63.16 -20.85 50.21
C SER L 144 61.96 -21.69 49.77
N HIS L 145 60.87 -21.09 49.31
CA HIS L 145 59.75 -21.92 48.89
C HIS L 145 60.02 -22.66 47.59
N ILE L 146 60.70 -22.00 46.67
CA ILE L 146 61.02 -22.63 45.40
C ILE L 146 61.99 -23.80 45.56
N LYS L 147 62.95 -23.71 46.49
CA LYS L 147 63.94 -24.79 46.65
C LYS L 147 63.40 -25.95 47.48
N ASN L 148 62.53 -25.69 48.44
CA ASN L 148 61.96 -26.74 49.27
C ASN L 148 60.67 -27.33 48.73
N LEU L 149 59.90 -26.61 47.90
CA LEU L 149 58.57 -27.12 47.54
C LEU L 149 58.31 -27.28 46.05
N GLY L 150 58.94 -26.52 45.16
CA GLY L 150 58.72 -26.67 43.73
C GLY L 150 57.39 -26.25 43.15
N ASP L 151 56.74 -27.17 42.45
CA ASP L 151 55.62 -26.99 41.54
C ASP L 151 54.31 -26.66 42.23
N THR L 152 54.06 -27.20 43.43
CA THR L 152 52.77 -26.85 44.04
C THR L 152 52.75 -25.36 44.38
N TYR L 153 53.91 -24.86 44.76
CA TYR L 153 54.03 -23.47 45.17
C TYR L 153 53.80 -22.52 44.01
N LEU L 154 54.44 -22.71 42.85
CA LEU L 154 54.27 -21.73 41.76
C LEU L 154 52.89 -21.77 41.15
N ALA L 155 52.23 -22.93 41.19
CA ALA L 155 50.91 -23.11 40.62
C ALA L 155 49.89 -22.16 41.24
N LYS L 156 50.15 -21.81 42.50
CA LYS L 156 49.31 -20.84 43.19
C LYS L 156 49.52 -19.45 42.59
N ILE L 157 50.72 -19.16 42.12
CA ILE L 157 51.07 -17.84 41.59
C ILE L 157 50.62 -17.68 40.14
N ALA L 158 50.53 -18.79 39.44
CA ALA L 158 50.15 -18.77 38.03
C ALA L 158 48.83 -18.05 37.82
N GLY L 159 48.84 -17.02 36.96
CA GLY L 159 47.62 -16.32 36.57
C GLY L 159 47.15 -15.30 37.56
N THR L 160 47.91 -14.97 38.60
CA THR L 160 47.50 -13.95 39.56
C THR L 160 47.61 -12.55 38.95
N PRO L 161 46.98 -11.55 39.56
CA PRO L 161 47.14 -10.18 39.05
C PRO L 161 48.59 -9.74 39.13
N SER L 162 49.02 -8.93 38.17
CA SER L 162 50.36 -8.36 38.13
C SER L 162 50.33 -6.84 38.25
N SER L 163 49.15 -6.26 38.44
CA SER L 163 49.07 -4.79 38.50
C SER L 163 49.77 -4.26 39.75
N THR L 164 50.44 -3.13 39.61
CA THR L 164 51.19 -2.55 40.71
C THR L 164 50.53 -1.26 41.22
N GLY L 165 49.27 -1.09 40.84
CA GLY L 165 48.47 0.03 41.28
C GLY L 165 48.11 0.95 40.13
N THR L 166 47.61 2.13 40.49
CA THR L 166 47.28 3.17 39.52
C THR L 166 48.53 3.54 38.74
N ALA L 167 48.35 3.89 37.47
CA ALA L 167 49.44 4.20 36.58
C ALA L 167 50.28 5.38 37.05
N SER L 168 51.50 5.39 36.55
CA SER L 168 52.55 6.35 36.72
C SER L 168 52.13 7.77 36.38
N LYS L 169 52.03 8.65 37.38
CA LYS L 169 51.85 10.05 37.00
C LYS L 169 53.09 10.44 36.18
N GLY L 170 52.83 10.85 34.95
CA GLY L 170 53.82 11.32 34.01
C GLY L 170 53.41 12.67 33.46
N PHE L 171 54.04 13.07 32.36
CA PHE L 171 53.75 14.38 31.77
C PHE L 171 52.55 14.32 30.85
N VAL L 172 52.52 13.33 29.95
CA VAL L 172 51.47 13.31 28.94
C VAL L 172 50.10 13.03 29.57
N GLY M 3 -81.59 24.89 -43.64
CA GLY M 3 -82.08 26.25 -43.42
C GLY M 3 -81.09 27.32 -43.85
N ASN M 4 -80.87 28.31 -42.97
CA ASN M 4 -79.94 29.40 -43.21
C ASN M 4 -78.50 29.01 -42.94
N ARG M 5 -77.57 29.97 -42.99
CA ARG M 5 -76.16 29.60 -42.82
C ARG M 5 -75.93 28.93 -41.47
N GLU M 6 -76.51 29.53 -40.43
CA GLU M 6 -76.36 29.08 -39.07
C GLU M 6 -76.91 27.66 -38.85
N ASP M 7 -78.12 27.40 -39.33
CA ASP M 7 -78.73 26.09 -39.23
C ASP M 7 -77.90 25.00 -39.90
N ARG M 8 -77.37 25.36 -41.06
CA ARG M 8 -76.51 24.47 -41.83
C ARG M 8 -75.23 24.14 -41.05
N LYS M 9 -74.65 25.10 -40.33
CA LYS M 9 -73.44 24.83 -39.57
C LYS M 9 -73.71 23.97 -38.35
N ALA M 10 -74.82 24.28 -37.68
CA ALA M 10 -75.24 23.55 -36.50
C ALA M 10 -75.58 22.10 -36.81
N LYS M 11 -76.23 21.78 -37.92
CA LYS M 11 -76.50 20.37 -38.19
C LYS M 11 -75.23 19.58 -38.47
N VAL M 12 -74.27 20.21 -39.12
CA VAL M 12 -73.01 19.52 -39.42
C VAL M 12 -72.15 19.34 -38.18
N ILE M 13 -72.12 20.36 -37.33
CA ILE M 13 -71.41 20.23 -36.06
C ILE M 13 -71.93 19.06 -35.25
N GLU M 14 -73.24 18.83 -35.33
CA GLU M 14 -73.88 17.77 -34.57
C GLU M 14 -73.40 16.38 -34.98
N VAL M 15 -73.33 16.11 -36.29
CA VAL M 15 -72.80 14.82 -36.72
C VAL M 15 -71.29 14.79 -36.49
N LEU M 16 -70.62 15.93 -36.62
CA LEU M 16 -69.17 15.96 -36.33
C LEU M 16 -68.91 15.58 -34.87
N ASN M 17 -69.73 16.11 -33.95
CA ASN M 17 -69.52 15.77 -32.56
C ASN M 17 -69.94 14.33 -32.27
N LYS M 18 -70.92 13.81 -32.99
CA LYS M 18 -71.24 12.39 -32.77
C LYS M 18 -70.09 11.51 -33.27
N ALA M 19 -69.57 11.82 -34.46
CA ALA M 19 -68.42 11.11 -34.99
C ALA M 19 -67.24 11.22 -34.02
N ARG M 20 -66.96 12.42 -33.56
CA ARG M 20 -65.87 12.61 -32.60
C ARG M 20 -66.08 11.80 -31.32
N ALA M 21 -67.30 11.67 -30.82
CA ALA M 21 -67.53 10.87 -29.62
C ALA M 21 -67.26 9.40 -29.90
N MET M 22 -67.49 8.95 -31.12
CA MET M 22 -67.17 7.56 -31.48
C MET M 22 -65.68 7.33 -31.55
N GLU M 23 -64.90 8.31 -32.01
CA GLU M 23 -63.45 8.24 -32.07
C GLU M 23 -62.84 8.20 -30.67
N LEU M 24 -63.30 9.08 -29.80
CA LEU M 24 -62.87 9.04 -28.40
C LEU M 24 -63.08 7.66 -27.80
N HIS M 25 -64.23 7.01 -28.06
CA HIS M 25 -64.45 5.65 -27.58
C HIS M 25 -63.46 4.64 -28.16
N ALA M 26 -63.25 4.74 -29.47
CA ALA M 26 -62.32 3.86 -30.16
C ALA M 26 -60.91 3.98 -29.61
N ILE M 27 -60.49 5.21 -29.29
CA ILE M 27 -59.15 5.39 -28.73
C ILE M 27 -59.00 4.59 -27.45
N HIS M 28 -59.97 4.73 -26.54
CA HIS M 28 -59.90 4.01 -25.27
C HIS M 28 -60.08 2.51 -25.42
N GLN M 29 -60.99 2.09 -26.29
CA GLN M 29 -61.21 0.65 -26.48
C GLN M 29 -59.97 -0.04 -27.05
N TYR M 30 -59.42 0.51 -28.12
CA TYR M 30 -58.24 -0.09 -28.76
C TYR M 30 -57.04 -0.02 -27.85
N MET M 31 -56.86 1.08 -27.12
CA MET M 31 -55.68 1.15 -26.23
C MET M 31 -55.83 0.15 -25.11
N ASN M 32 -57.05 -0.07 -24.65
CA ASN M 32 -57.28 -1.09 -23.61
C ASN M 32 -56.82 -2.44 -24.12
N GLN M 33 -57.23 -2.76 -25.35
CA GLN M 33 -56.81 -4.02 -25.94
C GLN M 33 -55.31 -4.08 -26.14
N HIS M 34 -54.69 -2.94 -26.45
CA HIS M 34 -53.24 -2.89 -26.62
C HIS M 34 -52.52 -3.23 -25.31
N TYR M 35 -53.02 -2.70 -24.20
CA TYR M 35 -52.42 -2.98 -22.90
C TYR M 35 -52.51 -4.48 -22.61
N SER M 36 -53.60 -5.13 -23.00
CA SER M 36 -53.75 -6.56 -22.82
C SER M 36 -52.82 -7.35 -23.73
N LEU M 37 -52.83 -7.01 -25.01
CA LEU M 37 -51.96 -7.67 -25.97
C LEU M 37 -50.49 -7.56 -25.58
N ASP M 38 -50.11 -6.40 -25.04
CA ASP M 38 -48.74 -6.21 -24.61
C ASP M 38 -48.42 -7.07 -23.38
N ASP M 39 -49.39 -7.08 -22.47
CA ASP M 39 -49.32 -7.93 -21.29
C ASP M 39 -49.21 -9.40 -21.66
N MET M 40 -49.92 -9.83 -22.69
CA MET M 40 -49.83 -11.21 -23.16
C MET M 40 -48.55 -11.44 -23.96
N ASP M 41 -47.86 -10.37 -24.33
CA ASP M 41 -46.63 -10.45 -25.07
C ASP M 41 -46.86 -10.92 -26.51
N TYR M 42 -47.88 -10.38 -27.15
CA TYR M 42 -48.13 -10.54 -28.57
C TYR M 42 -47.80 -9.22 -29.28
N GLY M 43 -46.51 -8.97 -29.43
CA GLY M 43 -45.96 -7.68 -29.77
C GLY M 43 -46.48 -7.02 -31.03
N GLU M 44 -46.49 -7.71 -32.16
CA GLU M 44 -46.95 -7.14 -33.42
C GLU M 44 -48.42 -6.79 -33.35
N LEU M 45 -49.21 -7.64 -32.68
CA LEU M 45 -50.62 -7.35 -32.46
C LEU M 45 -50.77 -6.08 -31.62
N ALA M 46 -50.07 -6.05 -30.50
CA ALA M 46 -50.10 -4.89 -29.61
C ALA M 46 -49.66 -3.64 -30.36
N ALA M 47 -48.62 -3.76 -31.19
CA ALA M 47 -48.09 -2.59 -31.88
C ALA M 47 -49.08 -2.03 -32.88
N ASN M 48 -49.64 -2.88 -33.75
CA ASN M 48 -50.59 -2.37 -34.72
C ASN M 48 -51.87 -1.89 -34.05
N MET M 49 -52.20 -2.45 -32.89
CA MET M 49 -53.42 -1.97 -32.20
C MET M 49 -53.24 -0.53 -31.77
N LYS M 50 -52.09 -0.23 -31.18
CA LYS M 50 -51.80 1.14 -30.75
C LYS M 50 -51.68 2.07 -31.95
N LEU M 51 -51.07 1.59 -33.03
CA LEU M 51 -51.01 2.38 -34.25
C LEU M 51 -52.40 2.75 -34.74
N ILE M 52 -53.35 1.83 -34.65
CA ILE M 52 -54.71 2.18 -35.13
C ILE M 52 -55.37 3.15 -34.17
N ALA M 53 -55.16 2.97 -32.86
CA ALA M 53 -55.67 3.94 -31.90
C ALA M 53 -55.15 5.33 -32.22
N ILE M 54 -53.88 5.43 -32.65
CA ILE M 54 -53.33 6.74 -32.99
C ILE M 54 -54.01 7.26 -34.26
N ASP M 55 -54.39 6.43 -35.23
CA ASP M 55 -55.23 6.88 -36.33
C ASP M 55 -56.54 7.49 -35.83
N GLU M 56 -57.14 6.87 -34.80
CA GLU M 56 -58.40 7.37 -34.25
C GLU M 56 -58.20 8.69 -33.53
N MET M 57 -57.04 8.86 -32.89
CA MET M 57 -56.71 10.13 -32.24
C MET M 57 -56.67 11.26 -33.27
N ARG M 58 -56.05 10.98 -34.41
CA ARG M 58 -55.96 11.93 -35.51
C ARG M 58 -57.34 12.26 -36.07
N HIS M 59 -58.20 11.24 -36.19
CA HIS M 59 -59.58 11.48 -36.62
C HIS M 59 -60.30 12.38 -35.62
N ALA M 60 -60.15 12.09 -34.33
CA ALA M 60 -60.84 12.91 -33.33
C ALA M 60 -60.42 14.38 -33.44
N GLU M 61 -59.13 14.58 -33.67
CA GLU M 61 -58.55 15.91 -33.83
C GLU M 61 -59.04 16.59 -35.11
N ASN M 62 -59.10 15.92 -36.27
CA ASN M 62 -59.60 16.57 -37.49
C ASN M 62 -61.07 16.97 -37.36
N PHE M 63 -61.86 16.12 -36.71
CA PHE M 63 -63.26 16.44 -36.43
C PHE M 63 -63.32 17.68 -35.54
N ALA M 64 -62.50 17.67 -34.49
CA ALA M 64 -62.46 18.82 -33.59
C ALA M 64 -62.07 20.08 -34.34
N GLU M 65 -61.07 20.01 -35.22
CA GLU M 65 -60.69 21.20 -35.96
C GLU M 65 -61.81 21.72 -36.86
N ARG M 66 -62.52 20.84 -37.57
CA ARG M 66 -63.63 21.27 -38.42
C ARG M 66 -64.77 21.87 -37.59
N ILE M 67 -65.06 21.28 -36.43
CA ILE M 67 -66.08 21.83 -35.54
C ILE M 67 -65.73 23.26 -35.14
N LYS M 68 -64.50 23.58 -34.78
CA LYS M 68 -64.04 24.93 -34.48
C LYS M 68 -64.15 25.85 -35.68
N GLU M 69 -63.83 25.37 -36.88
CA GLU M 69 -63.98 26.16 -38.09
C GLU M 69 -65.44 26.55 -38.32
N LEU M 70 -66.35 25.66 -37.93
CA LEU M 70 -67.79 25.90 -38.07
C LEU M 70 -68.37 26.67 -36.90
N GLY M 71 -67.57 27.03 -35.91
CA GLY M 71 -68.02 27.80 -34.77
C GLY M 71 -68.58 26.99 -33.63
N GLY M 72 -68.30 25.69 -33.58
CA GLY M 72 -68.80 24.85 -32.51
C GLY M 72 -67.78 24.45 -31.46
N GLU M 73 -68.20 23.63 -30.52
CA GLU M 73 -67.37 23.17 -29.42
C GLU M 73 -67.17 21.67 -29.53
N PRO M 74 -65.92 21.25 -29.64
CA PRO M 74 -65.60 19.82 -29.76
C PRO M 74 -65.92 19.05 -28.49
N THR M 75 -66.69 17.98 -28.60
CA THR M 75 -67.06 17.15 -27.46
C THR M 75 -65.83 16.49 -26.82
N THR M 76 -65.91 16.25 -25.52
CA THR M 76 -64.86 15.49 -24.83
C THR M 76 -65.46 14.26 -24.17
N GLN M 77 -66.67 13.90 -24.62
CA GLN M 77 -67.34 12.71 -24.10
C GLN M 77 -67.35 11.58 -25.12
N LYS M 78 -66.89 10.42 -24.68
CA LYS M 78 -66.84 9.25 -25.54
C LYS M 78 -68.22 8.61 -25.63
N GLU M 79 -68.51 8.00 -26.77
CA GLU M 79 -69.77 7.33 -26.99
C GLU M 79 -69.68 5.85 -26.60
N GLY M 80 -70.62 5.45 -25.75
CA GLY M 80 -70.71 4.07 -25.34
C GLY M 80 -69.81 3.76 -24.16
N LYS M 81 -69.61 2.46 -23.94
CA LYS M 81 -68.80 2.01 -22.82
C LYS M 81 -67.65 1.16 -23.34
N VAL M 82 -66.52 1.27 -22.64
CA VAL M 82 -65.38 0.44 -23.04
C VAL M 82 -65.50 -0.96 -22.45
N VAL M 83 -65.29 -1.97 -23.29
CA VAL M 83 -65.36 -3.34 -22.78
C VAL M 83 -63.96 -3.85 -22.47
N THR M 84 -63.74 -4.33 -21.26
CA THR M 84 -62.41 -4.79 -20.88
C THR M 84 -62.36 -6.32 -20.73
N GLY M 85 -61.17 -6.88 -20.65
CA GLY M 85 -60.99 -8.30 -20.42
C GLY M 85 -61.40 -9.18 -21.59
N GLN M 86 -61.50 -8.64 -22.80
CA GLN M 86 -61.85 -9.47 -23.95
C GLN M 86 -60.75 -10.46 -24.31
N ALA M 87 -61.14 -11.71 -24.53
CA ALA M 87 -60.20 -12.70 -25.05
C ALA M 87 -59.72 -12.30 -26.45
N VAL M 88 -58.58 -12.83 -26.89
CA VAL M 88 -57.99 -12.43 -28.16
C VAL M 88 -58.94 -12.56 -29.34
N PRO M 89 -59.69 -13.65 -29.53
CA PRO M 89 -60.63 -13.72 -30.67
C PRO M 89 -61.76 -12.68 -30.55
N VAL M 90 -62.20 -12.39 -29.34
CA VAL M 90 -63.26 -11.41 -29.13
C VAL M 90 -62.76 -10.02 -29.47
N ILE M 91 -61.48 -9.76 -29.16
CA ILE M 91 -60.93 -8.46 -29.54
C ILE M 91 -61.08 -8.19 -31.04
N TYR M 92 -60.67 -9.14 -31.87
CA TYR M 92 -60.69 -8.90 -33.32
C TYR M 92 -62.08 -8.95 -33.91
N GLU M 93 -62.92 -9.83 -33.36
CA GLU M 93 -64.29 -9.88 -33.84
C GLU M 93 -65.01 -8.59 -33.49
N SER M 94 -64.93 -8.17 -32.23
CA SER M 94 -65.59 -6.93 -31.82
C SER M 94 -65.01 -5.70 -32.52
N ASP M 95 -63.70 -5.70 -32.77
CA ASP M 95 -63.14 -4.51 -33.42
C ASP M 95 -63.58 -4.45 -34.87
N ALA M 96 -63.72 -5.60 -35.52
CA ALA M 96 -64.23 -5.56 -36.91
C ALA M 96 -65.65 -5.04 -36.92
N ASP M 97 -66.47 -5.52 -35.99
CA ASP M 97 -67.84 -5.07 -35.82
C ASP M 97 -67.93 -3.56 -35.62
N GLN M 98 -67.09 -3.03 -34.73
CA GLN M 98 -67.07 -1.60 -34.43
C GLN M 98 -66.66 -0.80 -35.66
N GLU M 99 -65.64 -1.23 -36.39
CA GLU M 99 -65.24 -0.49 -37.59
C GLU M 99 -66.37 -0.53 -38.61
N ASP M 100 -66.98 -1.69 -38.80
CA ASP M 100 -68.12 -1.77 -39.71
C ASP M 100 -69.19 -0.77 -39.34
N ALA M 101 -69.57 -0.78 -38.06
CA ALA M 101 -70.58 0.15 -37.56
C ALA M 101 -70.17 1.60 -37.76
N THR M 102 -68.87 1.92 -37.60
CA THR M 102 -68.41 3.29 -37.81
C THR M 102 -68.59 3.71 -39.26
N ILE M 103 -68.26 2.79 -40.17
CA ILE M 103 -68.40 3.13 -41.59
C ILE M 103 -69.86 3.39 -41.92
N GLU M 104 -70.75 2.55 -41.38
CA GLU M 104 -72.17 2.78 -41.62
C GLU M 104 -72.61 4.14 -41.08
N ALA M 105 -72.18 4.47 -39.86
CA ALA M 105 -72.54 5.72 -39.22
C ALA M 105 -71.99 6.93 -39.97
N TYR M 106 -70.70 6.87 -40.31
CA TYR M 106 -70.07 8.01 -40.96
C TYR M 106 -70.66 8.23 -42.35
N SER M 107 -71.12 7.14 -42.97
CA SER M 107 -71.71 7.27 -44.30
C SER M 107 -73.01 8.06 -44.23
N GLN M 108 -73.82 7.79 -43.21
CA GLN M 108 -74.99 8.60 -42.93
C GLN M 108 -74.60 10.03 -42.57
N PHE M 109 -73.57 10.26 -41.75
CA PHE M 109 -73.14 11.62 -41.44
C PHE M 109 -72.69 12.36 -42.71
N LEU M 110 -72.07 11.67 -43.65
CA LEU M 110 -71.63 12.27 -44.90
C LEU M 110 -72.83 12.83 -45.66
N LYS M 111 -73.90 12.05 -45.71
CA LYS M 111 -75.17 12.42 -46.31
C LYS M 111 -75.72 13.71 -45.73
N VAL M 112 -75.69 13.81 -44.39
CA VAL M 112 -76.15 15.05 -43.76
C VAL M 112 -75.32 16.23 -44.24
N CYS M 113 -74.01 16.02 -44.38
CA CYS M 113 -73.12 17.07 -44.86
C CYS M 113 -73.52 17.52 -46.26
N LYS M 114 -73.83 16.53 -47.10
CA LYS M 114 -74.27 16.82 -48.46
C LYS M 114 -75.59 17.59 -48.44
N GLU M 115 -76.54 17.17 -47.62
CA GLU M 115 -77.81 17.87 -47.47
C GLU M 115 -77.65 19.28 -46.93
N GLN M 116 -76.61 19.54 -46.14
CA GLN M 116 -76.40 20.87 -45.57
C GLN M 116 -75.48 21.72 -46.43
N GLY M 117 -75.17 21.22 -47.62
CA GLY M 117 -74.31 21.90 -48.56
C GLY M 117 -72.93 22.20 -48.01
N ASP M 118 -72.38 21.28 -47.23
CA ASP M 118 -71.04 21.38 -46.67
C ASP M 118 -70.09 20.38 -47.33
N ILE M 119 -69.58 20.80 -48.47
CA ILE M 119 -68.69 19.97 -49.28
C ILE M 119 -67.39 19.67 -48.53
N VAL M 120 -66.86 20.67 -47.85
CA VAL M 120 -65.60 20.46 -47.13
C VAL M 120 -65.77 19.39 -46.07
N THR M 121 -66.88 19.39 -45.34
CA THR M 121 -67.01 18.37 -44.30
C THR M 121 -67.35 17.01 -44.87
N ALA M 122 -68.14 16.99 -45.95
CA ALA M 122 -68.41 15.71 -46.59
C ALA M 122 -67.12 15.06 -47.06
N ARG M 123 -66.17 15.86 -47.55
CA ARG M 123 -64.91 15.29 -48.04
C ARG M 123 -64.05 14.75 -46.89
N LEU M 124 -64.07 15.43 -45.75
CA LEU M 124 -63.38 14.91 -44.57
C LEU M 124 -63.94 13.55 -44.18
N PHE M 125 -65.28 13.41 -44.17
CA PHE M 125 -65.85 12.12 -43.85
C PHE M 125 -65.44 11.06 -44.86
N GLU M 126 -65.40 11.41 -46.14
CA GLU M 126 -65.06 10.44 -47.17
C GLU M 126 -63.67 9.86 -46.93
N ARG M 127 -62.75 10.75 -46.61
CA ARG M 127 -61.34 10.41 -46.36
C ARG M 127 -61.22 9.49 -45.16
N ILE M 128 -61.90 9.89 -44.08
CA ILE M 128 -61.80 9.08 -42.85
C ILE M 128 -62.50 7.76 -43.07
N ILE M 129 -63.63 7.70 -43.78
CA ILE M 129 -64.22 6.41 -44.09
C ILE M 129 -63.22 5.50 -44.82
N GLU M 130 -62.38 6.07 -45.69
CA GLU M 130 -61.44 5.18 -46.37
C GLU M 130 -60.43 4.59 -45.39
N GLU M 131 -60.01 5.36 -44.39
CA GLU M 131 -59.12 4.83 -43.36
C GLU M 131 -59.81 3.83 -42.44
N GLU M 132 -61.07 4.06 -42.08
CA GLU M 132 -61.79 3.06 -41.29
C GLU M 132 -61.86 1.73 -42.05
N GLN M 133 -62.04 1.76 -43.37
CA GLN M 133 -62.02 0.53 -44.17
C GLN M 133 -60.68 -0.19 -44.05
N ALA M 134 -59.55 0.51 -44.04
CA ALA M 134 -58.25 -0.12 -43.81
C ALA M 134 -58.23 -0.83 -42.45
N HIS M 135 -58.72 -0.15 -41.41
CA HIS M 135 -58.81 -0.74 -40.09
C HIS M 135 -59.63 -2.02 -40.12
N LEU M 136 -60.78 -1.94 -40.80
CA LEU M 136 -61.74 -3.04 -40.86
C LEU M 136 -61.10 -4.26 -41.52
N THR M 137 -60.44 -4.04 -42.64
CA THR M 137 -59.71 -5.10 -43.32
C THR M 137 -58.64 -5.67 -42.40
N TYR M 138 -57.88 -4.79 -41.73
CA TYR M 138 -56.88 -5.29 -40.80
C TYR M 138 -57.49 -6.25 -39.77
N TYR M 139 -58.55 -5.81 -39.10
CA TYR M 139 -59.17 -6.58 -38.02
C TYR M 139 -59.81 -7.87 -38.53
N GLU M 140 -60.43 -7.84 -39.70
CA GLU M 140 -60.98 -9.06 -40.29
C GLU M 140 -59.91 -10.10 -40.56
N ASN M 141 -58.78 -9.67 -41.10
CA ASN M 141 -57.66 -10.55 -41.40
C ASN M 141 -57.11 -11.22 -40.15
N ILE M 142 -56.83 -10.44 -39.09
CA ILE M 142 -56.31 -11.09 -37.89
C ILE M 142 -57.36 -12.06 -37.33
N GLY M 143 -58.59 -11.59 -37.28
CA GLY M 143 -59.68 -12.44 -36.81
C GLY M 143 -59.71 -13.76 -37.58
N SER M 144 -59.56 -13.66 -38.91
CA SER M 144 -59.58 -14.85 -39.75
C SER M 144 -58.41 -15.76 -39.41
N HIS M 145 -57.22 -15.18 -39.14
CA HIS M 145 -56.11 -16.06 -38.77
C HIS M 145 -56.35 -16.70 -37.40
N ILE M 146 -56.93 -15.94 -36.48
CA ILE M 146 -57.14 -16.59 -35.17
C ILE M 146 -58.12 -17.75 -35.31
N LYS M 147 -59.22 -17.52 -36.01
CA LYS M 147 -60.24 -18.54 -36.25
C LYS M 147 -59.71 -19.73 -37.02
N ASN M 148 -59.00 -19.49 -38.12
CA ASN M 148 -58.52 -20.59 -38.95
C ASN M 148 -57.30 -21.30 -38.40
N LEU M 149 -56.39 -20.62 -37.70
CA LEU M 149 -55.15 -21.26 -37.29
C LEU M 149 -54.96 -21.31 -35.77
N GLY M 150 -55.77 -20.56 -35.03
CA GLY M 150 -55.76 -20.53 -33.60
C GLY M 150 -54.41 -20.22 -32.97
N ASP M 151 -53.97 -21.10 -32.08
CA ASP M 151 -52.75 -20.93 -31.30
C ASP M 151 -51.51 -21.11 -32.17
N THR M 152 -51.70 -21.69 -33.36
CA THR M 152 -50.56 -21.87 -34.26
C THR M 152 -50.08 -20.52 -34.76
N TYR M 153 -51.06 -19.64 -35.04
CA TYR M 153 -50.73 -18.29 -35.48
C TYR M 153 -50.11 -17.51 -34.34
N LEU M 154 -50.66 -17.63 -33.14
CA LEU M 154 -50.23 -16.83 -31.99
C LEU M 154 -48.80 -17.15 -31.57
N ALA M 155 -48.44 -18.42 -31.63
CA ALA M 155 -47.09 -18.87 -31.32
C ALA M 155 -46.07 -18.07 -32.13
N LYS M 156 -46.51 -17.74 -33.34
CA LYS M 156 -45.66 -16.99 -34.25
C LYS M 156 -45.56 -15.54 -33.79
N ILE M 157 -46.63 -15.04 -33.17
CA ILE M 157 -46.59 -13.62 -32.79
C ILE M 157 -45.92 -13.47 -31.43
N ALA M 158 -45.90 -14.54 -30.65
CA ALA M 158 -45.33 -14.51 -29.30
C ALA M 158 -43.91 -13.96 -29.29
N GLY M 159 -43.64 -12.95 -28.47
CA GLY M 159 -42.27 -12.46 -28.34
C GLY M 159 -41.79 -11.56 -29.45
N THR M 160 -42.66 -11.17 -30.37
CA THR M 160 -42.27 -10.22 -31.42
C THR M 160 -42.11 -8.82 -30.84
N PRO M 161 -41.33 -7.94 -31.45
CA PRO M 161 -41.24 -6.56 -30.97
C PRO M 161 -42.59 -5.85 -30.98
N SER M 162 -42.85 -5.01 -29.98
CA SER M 162 -44.10 -4.27 -29.86
C SER M 162 -43.92 -2.78 -30.14
N SER M 163 -42.67 -2.38 -30.38
CA SER M 163 -42.31 -0.99 -30.61
C SER M 163 -43.08 -0.38 -31.78
N THR M 164 -43.58 0.83 -31.61
CA THR M 164 -44.25 1.58 -32.67
C THR M 164 -43.36 2.70 -33.21
N GLY M 165 -42.08 2.62 -32.88
CA GLY M 165 -41.05 3.53 -33.34
C GLY M 165 -40.49 4.43 -32.26
N THR M 166 -39.96 5.58 -32.70
CA THR M 166 -39.45 6.60 -31.79
C THR M 166 -40.60 7.27 -31.05
N ALA M 167 -40.37 7.53 -29.76
CA ALA M 167 -41.38 8.03 -28.86
C ALA M 167 -42.01 9.35 -29.32
N SER M 168 -43.27 9.48 -28.93
CA SER M 168 -44.12 10.65 -29.02
C SER M 168 -43.36 11.94 -28.78
N LYS M 169 -43.08 12.75 -29.80
CA LYS M 169 -42.38 13.99 -29.42
C LYS M 169 -43.35 14.84 -28.60
N GLY M 170 -43.03 15.02 -27.32
CA GLY M 170 -43.85 15.74 -26.38
C GLY M 170 -43.22 17.05 -25.96
N PHE M 171 -43.65 17.63 -24.85
CA PHE M 171 -43.10 18.90 -24.39
C PHE M 171 -41.77 18.71 -23.66
N VAL M 172 -41.70 17.82 -22.68
CA VAL M 172 -40.47 17.69 -21.91
C VAL M 172 -39.32 17.19 -22.77
N ASN N 4 -50.79 -8.38 2.83
CA ASN N 4 -50.16 -9.41 2.01
C ASN N 4 -49.75 -8.85 0.66
N ARG N 5 -49.19 -9.70 -0.22
CA ARG N 5 -48.76 -9.25 -1.53
C ARG N 5 -49.92 -8.71 -2.39
N GLU N 6 -51.06 -9.37 -2.32
CA GLU N 6 -52.25 -9.01 -3.09
C GLU N 6 -52.82 -7.67 -2.65
N ASP N 7 -52.85 -7.43 -1.34
CA ASP N 7 -53.39 -6.16 -0.86
C ASP N 7 -52.45 -5.00 -1.17
N ARG N 8 -51.15 -5.27 -1.14
CA ARG N 8 -50.11 -4.31 -1.47
C ARG N 8 -50.26 -3.83 -2.92
N LYS N 9 -50.44 -4.78 -3.82
CA LYS N 9 -50.68 -4.51 -5.22
C LYS N 9 -51.99 -3.77 -5.44
N ALA N 10 -53.08 -4.22 -4.82
CA ALA N 10 -54.36 -3.55 -5.01
C ALA N 10 -54.31 -2.11 -4.53
N LYS N 11 -53.61 -1.84 -3.41
CA LYS N 11 -53.55 -0.44 -2.98
C LYS N 11 -52.71 0.41 -3.95
N VAL N 12 -51.70 -0.19 -4.56
CA VAL N 12 -50.92 0.62 -5.51
C VAL N 12 -51.74 0.79 -6.78
N ILE N 13 -52.44 -0.26 -7.18
CA ILE N 13 -53.25 -0.17 -8.41
C ILE N 13 -54.29 0.93 -8.26
N GLU N 14 -54.80 1.10 -7.04
CA GLU N 14 -55.80 2.11 -6.80
C GLU N 14 -55.26 3.51 -7.00
N VAL N 15 -54.05 3.81 -6.50
CA VAL N 15 -53.58 5.18 -6.74
C VAL N 15 -53.12 5.32 -8.18
N LEU N 16 -52.67 4.24 -8.80
CA LEU N 16 -52.29 4.31 -10.21
C LEU N 16 -53.49 4.66 -11.08
N ASN N 17 -54.65 4.08 -10.79
CA ASN N 17 -55.85 4.38 -11.58
C ASN N 17 -56.35 5.80 -11.28
N LYS N 18 -56.20 6.25 -10.04
CA LYS N 18 -56.55 7.65 -9.73
C LYS N 18 -55.70 8.60 -10.56
N ALA N 19 -54.38 8.36 -10.60
CA ALA N 19 -53.47 9.23 -11.35
C ALA N 19 -53.83 9.18 -12.83
N ARG N 20 -54.06 7.96 -13.31
CA ARG N 20 -54.44 7.72 -14.70
C ARG N 20 -55.70 8.51 -15.07
N ALA N 21 -56.72 8.49 -14.21
CA ALA N 21 -57.95 9.23 -14.44
C ALA N 21 -57.68 10.74 -14.50
N MET N 22 -56.73 11.21 -13.71
CA MET N 22 -56.30 12.61 -13.75
C MET N 22 -55.57 12.95 -15.05
N GLU N 23 -54.76 12.02 -15.53
CA GLU N 23 -54.08 12.15 -16.81
C GLU N 23 -55.11 12.20 -17.94
N LEU N 24 -56.14 11.36 -17.89
CA LEU N 24 -57.15 11.38 -18.94
C LEU N 24 -57.86 12.73 -18.97
N HIS N 25 -58.14 13.27 -17.78
CA HIS N 25 -58.74 14.59 -17.71
C HIS N 25 -57.83 15.66 -18.31
N ALA N 26 -56.54 15.64 -17.95
CA ALA N 26 -55.61 16.63 -18.49
C ALA N 26 -55.51 16.57 -20.01
N ILE N 27 -55.49 15.37 -20.57
CA ILE N 27 -55.40 15.24 -22.03
C ILE N 27 -56.55 15.94 -22.72
N HIS N 28 -57.78 15.71 -22.25
CA HIS N 28 -58.94 16.34 -22.88
C HIS N 28 -59.01 17.83 -22.57
N GLN N 29 -58.59 18.22 -21.36
CA GLN N 29 -58.66 19.64 -21.01
C GLN N 29 -57.68 20.47 -21.84
N TYR N 30 -56.45 19.98 -21.98
CA TYR N 30 -55.42 20.70 -22.71
C TYR N 30 -55.67 20.66 -24.20
N MET N 31 -56.16 19.52 -24.70
CA MET N 31 -56.47 19.50 -26.14
C MET N 31 -57.63 20.44 -26.43
N ASN N 32 -58.64 20.51 -25.56
CA ASN N 32 -59.72 21.47 -25.77
C ASN N 32 -59.19 22.88 -25.89
N GLN N 33 -58.20 23.21 -25.05
CA GLN N 33 -57.58 24.53 -25.10
C GLN N 33 -56.74 24.66 -26.36
N HIS N 34 -56.12 23.56 -26.77
CA HIS N 34 -55.35 23.50 -28.01
C HIS N 34 -56.22 23.93 -29.18
N TYR N 35 -57.42 23.37 -29.27
CA TYR N 35 -58.32 23.71 -30.36
C TYR N 35 -58.71 25.19 -30.33
N SER N 36 -58.88 25.76 -29.15
CA SER N 36 -59.22 27.18 -29.05
C SER N 36 -58.06 28.06 -29.48
N LEU N 37 -56.87 27.77 -28.95
CA LEU N 37 -55.71 28.61 -29.33
C LEU N 37 -55.42 28.54 -30.81
N ASP N 38 -55.66 27.35 -31.37
CA ASP N 38 -55.44 27.13 -32.80
C ASP N 38 -56.45 27.94 -33.60
N ASP N 39 -57.69 27.86 -33.14
CA ASP N 39 -58.77 28.62 -33.76
C ASP N 39 -58.46 30.10 -33.68
N MET N 40 -57.86 30.53 -32.57
CA MET N 40 -57.46 31.92 -32.43
C MET N 40 -56.20 32.23 -33.24
N ASP N 41 -55.57 31.20 -33.77
CA ASP N 41 -54.32 31.35 -34.52
C ASP N 41 -53.17 31.89 -33.68
N TYR N 42 -52.99 31.39 -32.46
CA TYR N 42 -51.80 31.64 -31.66
C TYR N 42 -50.89 30.40 -31.67
N GLY N 43 -50.23 30.17 -32.79
CA GLY N 43 -49.53 28.98 -33.15
C GLY N 43 -48.62 28.37 -32.10
N GLU N 44 -47.64 29.15 -31.62
CA GLU N 44 -46.71 28.55 -30.66
C GLU N 44 -47.42 28.15 -29.37
N LEU N 45 -48.45 28.89 -28.97
CA LEU N 45 -49.21 28.48 -27.80
C LEU N 45 -50.02 27.21 -28.10
N ALA N 46 -50.59 27.13 -29.29
CA ALA N 46 -51.36 25.98 -29.72
C ALA N 46 -50.51 24.71 -29.73
N ALA N 47 -49.32 24.84 -30.30
CA ALA N 47 -48.37 23.73 -30.44
C ALA N 47 -47.84 23.23 -29.10
N ASN N 48 -47.38 24.11 -28.23
CA ASN N 48 -46.88 23.70 -26.91
C ASN N 48 -47.99 23.08 -26.06
N MET N 49 -49.22 23.58 -26.18
CA MET N 49 -50.34 22.99 -25.44
C MET N 49 -50.59 21.55 -25.91
N LYS N 50 -50.50 21.31 -27.21
CA LYS N 50 -50.61 19.96 -27.74
C LYS N 50 -49.42 19.09 -27.37
N LEU N 51 -48.21 19.62 -27.30
CA LEU N 51 -47.07 18.80 -26.90
C LEU N 51 -47.19 18.40 -25.44
N ILE N 52 -47.75 19.27 -24.60
CA ILE N 52 -47.94 18.89 -23.20
C ILE N 52 -49.03 17.83 -23.08
N ALA N 53 -50.11 17.97 -23.85
CA ALA N 53 -51.16 16.93 -23.89
C ALA N 53 -50.57 15.57 -24.23
N ILE N 54 -49.64 15.56 -25.19
CA ILE N 54 -48.99 14.28 -25.54
C ILE N 54 -48.16 13.73 -24.39
N ASP N 55 -47.51 14.57 -23.58
CA ASP N 55 -46.80 14.10 -22.39
C ASP N 55 -47.78 13.42 -21.42
N GLU N 56 -48.96 14.02 -21.27
CA GLU N 56 -50.00 13.42 -20.44
C GLU N 56 -50.48 12.10 -21.04
N MET N 57 -50.58 12.02 -22.37
CA MET N 57 -50.92 10.76 -23.00
C MET N 57 -49.88 9.69 -22.63
N ARG N 58 -48.61 10.07 -22.71
CA ARG N 58 -47.52 9.19 -22.33
C ARG N 58 -47.61 8.82 -20.86
N HIS N 59 -47.94 9.77 -19.99
CA HIS N 59 -48.09 9.39 -18.59
C HIS N 59 -49.21 8.38 -18.37
N ALA N 60 -50.33 8.62 -19.06
CA ALA N 60 -51.49 7.73 -18.93
C ALA N 60 -51.12 6.31 -19.32
N GLU N 61 -50.33 6.21 -20.40
CA GLU N 61 -49.89 4.92 -20.93
C GLU N 61 -48.94 4.23 -19.96
N ASN N 62 -47.99 4.98 -19.39
CA ASN N 62 -47.06 4.43 -18.42
C ASN N 62 -47.80 3.93 -17.18
N PHE N 63 -48.79 4.71 -16.73
CA PHE N 63 -49.56 4.27 -15.57
C PHE N 63 -50.32 2.99 -15.92
N ALA N 64 -50.85 2.95 -17.14
CA ALA N 64 -51.62 1.77 -17.56
C ALA N 64 -50.74 0.54 -17.64
N GLU N 65 -49.49 0.71 -18.08
CA GLU N 65 -48.60 -0.44 -18.23
C GLU N 65 -48.20 -1.04 -16.89
N ARG N 66 -47.94 -0.19 -15.90
CA ARG N 66 -47.59 -0.65 -14.56
C ARG N 66 -48.78 -1.34 -13.90
N ILE N 67 -49.98 -0.81 -14.12
CA ILE N 67 -51.20 -1.40 -13.58
C ILE N 67 -51.34 -2.83 -14.11
N LYS N 68 -51.14 -3.03 -15.42
CA LYS N 68 -51.16 -4.37 -15.99
C LYS N 68 -50.10 -5.27 -15.34
N GLU N 69 -48.90 -4.73 -15.18
CA GLU N 69 -47.82 -5.50 -14.56
C GLU N 69 -48.27 -5.99 -13.18
N LEU N 70 -49.09 -5.24 -12.49
CA LEU N 70 -49.51 -5.56 -11.12
C LEU N 70 -50.80 -6.38 -11.10
N GLY N 71 -51.30 -6.72 -12.27
CA GLY N 71 -52.46 -7.56 -12.46
C GLY N 71 -53.80 -6.87 -12.47
N GLY N 72 -53.85 -5.54 -12.50
CA GLY N 72 -55.07 -4.77 -12.49
C GLY N 72 -55.53 -4.34 -13.87
N GLU N 73 -56.59 -3.55 -13.94
CA GLU N 73 -57.20 -3.05 -15.16
C GLU N 73 -57.04 -1.55 -15.26
N PRO N 74 -56.45 -1.01 -16.32
CA PRO N 74 -56.34 0.45 -16.45
C PRO N 74 -57.70 1.12 -16.70
N THR N 75 -58.06 2.07 -15.85
CA THR N 75 -59.31 2.79 -15.97
C THR N 75 -59.50 3.44 -17.34
N THR N 76 -60.75 3.70 -17.74
CA THR N 76 -61.00 4.48 -18.94
C THR N 76 -61.82 5.73 -18.61
N GLN N 77 -62.01 6.01 -17.33
CA GLN N 77 -62.80 7.17 -16.93
C GLN N 77 -61.90 8.35 -16.56
N LYS N 78 -62.30 9.55 -16.94
CA LYS N 78 -61.49 10.72 -16.60
C LYS N 78 -61.96 11.30 -15.28
N GLU N 79 -61.05 11.87 -14.49
CA GLU N 79 -61.46 12.47 -13.22
C GLU N 79 -61.91 13.91 -13.48
N GLY N 80 -63.05 14.28 -12.92
CA GLY N 80 -63.51 15.65 -13.05
C GLY N 80 -64.07 15.94 -14.42
N LYS N 81 -64.42 17.21 -14.64
CA LYS N 81 -65.03 17.59 -15.92
C LYS N 81 -64.13 18.58 -16.64
N VAL N 82 -64.15 18.53 -17.97
CA VAL N 82 -63.37 19.48 -18.76
C VAL N 82 -64.08 20.83 -18.80
N VAL N 83 -63.36 21.88 -18.48
CA VAL N 83 -63.95 23.21 -18.58
C VAL N 83 -63.68 23.77 -19.98
N THR N 84 -64.73 24.23 -20.65
CA THR N 84 -64.59 24.71 -22.02
C THR N 84 -64.81 26.21 -22.13
N GLY N 85 -64.40 26.78 -23.26
CA GLY N 85 -64.55 28.17 -23.57
C GLY N 85 -63.73 29.09 -22.71
N GLN N 86 -62.61 28.63 -22.17
CA GLN N 86 -61.85 29.53 -21.30
C GLN N 86 -61.10 30.57 -22.12
N ALA N 87 -61.10 31.80 -21.64
CA ALA N 87 -60.34 32.88 -22.24
C ALA N 87 -58.86 32.61 -22.00
N VAL N 88 -57.98 33.22 -22.78
CA VAL N 88 -56.55 32.93 -22.72
C VAL N 88 -55.95 33.05 -21.34
N PRO N 89 -56.19 34.15 -20.60
CA PRO N 89 -55.64 34.25 -19.25
C PRO N 89 -56.12 33.14 -18.32
N VAL N 90 -57.35 32.69 -18.51
CA VAL N 90 -57.94 31.65 -17.68
C VAL N 90 -57.34 30.29 -18.00
N ILE N 91 -56.99 30.12 -19.28
CA ILE N 91 -56.30 28.91 -19.73
C ILE N 91 -55.02 28.74 -18.92
N TYR N 92 -54.16 29.75 -18.91
CA TYR N 92 -52.85 29.58 -18.28
C TYR N 92 -52.92 29.65 -16.77
N GLU N 93 -53.81 30.44 -16.19
CA GLU N 93 -53.95 30.44 -14.74
C GLU N 93 -54.53 29.12 -14.24
N SER N 94 -55.51 28.57 -14.96
CA SER N 94 -56.09 27.30 -14.54
C SER N 94 -55.15 26.13 -14.76
N ASP N 95 -54.36 26.16 -15.84
CA ASP N 95 -53.48 25.02 -16.11
C ASP N 95 -52.35 24.96 -15.09
N ALA N 96 -51.86 26.10 -14.64
CA ALA N 96 -50.86 26.13 -13.55
C ALA N 96 -51.44 25.54 -12.28
N ASP N 97 -52.67 25.95 -11.93
CA ASP N 97 -53.37 25.42 -10.77
C ASP N 97 -53.50 23.89 -10.80
N GLN N 98 -53.80 23.37 -11.99
CA GLN N 98 -54.01 21.94 -12.23
C GLN N 98 -52.70 21.16 -12.06
N GLU N 99 -51.64 21.69 -12.66
CA GLU N 99 -50.31 21.11 -12.57
C GLU N 99 -49.85 21.09 -11.13
N ASP N 100 -50.07 22.18 -10.41
CA ASP N 100 -49.69 22.23 -9.00
C ASP N 100 -50.51 21.24 -8.19
N ALA N 101 -51.82 21.19 -8.38
CA ALA N 101 -52.59 20.19 -7.64
C ALA N 101 -52.22 18.77 -8.02
N THR N 102 -51.78 18.54 -9.25
CA THR N 102 -51.37 17.21 -9.69
C THR N 102 -50.10 16.76 -9.00
N ILE N 103 -49.14 17.67 -8.87
CA ILE N 103 -47.89 17.34 -8.19
C ILE N 103 -48.14 17.05 -6.72
N GLU N 104 -49.04 17.79 -6.09
CA GLU N 104 -49.42 17.51 -4.71
C GLU N 104 -50.02 16.13 -4.57
N ALA N 105 -50.97 15.79 -5.45
CA ALA N 105 -51.62 14.48 -5.36
C ALA N 105 -50.65 13.35 -5.67
N TYR N 106 -49.88 13.46 -6.75
CA TYR N 106 -48.93 12.40 -7.09
C TYR N 106 -47.86 12.25 -6.00
N SER N 107 -47.56 13.35 -5.29
CA SER N 107 -46.60 13.21 -4.20
C SER N 107 -47.21 12.35 -3.09
N GLN N 108 -48.53 12.44 -2.92
CA GLN N 108 -49.23 11.57 -1.97
C GLN N 108 -49.26 10.14 -2.48
N PHE N 109 -49.51 9.95 -3.78
CA PHE N 109 -49.55 8.60 -4.34
C PHE N 109 -48.19 7.92 -4.21
N LEU N 110 -47.12 8.66 -4.46
CA LEU N 110 -45.76 8.17 -4.29
C LEU N 110 -45.55 7.60 -2.89
N LYS N 111 -46.04 8.33 -1.89
CA LYS N 111 -45.91 7.92 -0.50
C LYS N 111 -46.58 6.57 -0.27
N VAL N 112 -47.76 6.42 -0.86
CA VAL N 112 -48.47 5.15 -0.80
C VAL N 112 -47.65 4.01 -1.37
N CYS N 113 -47.02 4.23 -2.53
CA CYS N 113 -46.14 3.22 -3.11
C CYS N 113 -45.01 2.79 -2.18
N LYS N 114 -44.40 3.77 -1.51
CA LYS N 114 -43.32 3.49 -0.58
C LYS N 114 -43.83 2.70 0.63
N GLU N 115 -44.98 3.08 1.15
CA GLU N 115 -45.60 2.37 2.27
C GLU N 115 -45.96 0.93 1.92
N GLN N 116 -46.35 0.69 0.67
CA GLN N 116 -46.69 -0.64 0.19
C GLN N 116 -45.43 -1.33 -0.34
N GLY N 117 -44.27 -0.74 -0.06
CA GLY N 117 -43.01 -1.28 -0.51
C GLY N 117 -42.98 -1.53 -2.01
N ASP N 118 -43.44 -0.59 -2.81
CA ASP N 118 -43.43 -0.79 -4.26
C ASP N 118 -42.44 0.18 -4.92
N ILE N 119 -41.19 -0.25 -5.03
CA ILE N 119 -40.10 0.61 -5.44
C ILE N 119 -40.24 1.01 -6.91
N VAL N 120 -40.61 0.05 -7.74
CA VAL N 120 -40.77 0.37 -9.16
C VAL N 120 -41.85 1.42 -9.41
N THR N 121 -42.99 1.33 -8.74
CA THR N 121 -44.03 2.33 -8.94
C THR N 121 -43.72 3.69 -8.32
N ALA N 122 -43.08 3.72 -7.15
CA ALA N 122 -42.70 5.02 -6.58
C ALA N 122 -41.73 5.77 -7.51
N ARG N 123 -40.81 5.05 -8.13
CA ARG N 123 -39.87 5.64 -9.08
C ARG N 123 -40.59 6.20 -10.30
N LEU N 124 -41.60 5.51 -10.80
CA LEU N 124 -42.43 5.99 -11.89
C LEU N 124 -43.12 7.29 -11.51
N PHE N 125 -43.73 7.35 -10.33
CA PHE N 125 -44.34 8.61 -9.91
C PHE N 125 -43.31 9.73 -9.80
N GLU N 126 -42.12 9.42 -9.28
CA GLU N 126 -41.08 10.43 -9.13
C GLU N 126 -40.69 10.99 -10.49
N ARG N 127 -40.53 10.11 -11.48
CA ARG N 127 -40.09 10.58 -12.79
C ARG N 127 -41.15 11.49 -13.42
N ILE N 128 -42.41 11.06 -13.26
CA ILE N 128 -43.51 11.83 -13.88
C ILE N 128 -43.72 13.14 -13.14
N ILE N 129 -43.53 13.15 -11.81
CA ILE N 129 -43.69 14.39 -11.06
C ILE N 129 -42.70 15.43 -11.54
N GLU N 130 -41.50 15.01 -11.94
CA GLU N 130 -40.55 15.99 -12.47
C GLU N 130 -41.06 16.58 -13.78
N GLU N 131 -41.74 15.76 -14.57
CA GLU N 131 -42.25 16.26 -15.85
C GLU N 131 -43.41 17.22 -15.64
N GLU N 132 -44.24 16.95 -14.63
CA GLU N 132 -45.33 17.86 -14.26
C GLU N 132 -44.75 19.19 -13.80
N GLN N 133 -43.63 19.16 -13.07
CA GLN N 133 -42.98 20.41 -12.66
C GLN N 133 -42.60 21.23 -13.88
N ALA N 134 -42.10 20.59 -14.94
CA ALA N 134 -41.81 21.33 -16.18
C ALA N 134 -43.07 21.91 -16.80
N HIS N 135 -44.20 21.19 -16.78
CA HIS N 135 -45.45 21.75 -17.27
C HIS N 135 -45.88 22.95 -16.43
N LEU N 136 -45.76 22.80 -15.12
CA LEU N 136 -46.09 23.85 -14.16
C LEU N 136 -45.33 25.13 -14.47
N THR N 137 -44.01 25.02 -14.56
CA THR N 137 -43.19 26.19 -14.86
C THR N 137 -43.58 26.85 -16.18
N TYR N 138 -43.92 26.05 -17.19
CA TYR N 138 -44.28 26.60 -18.49
C TYR N 138 -45.57 27.42 -18.40
N TYR N 139 -46.59 26.87 -17.75
CA TYR N 139 -47.88 27.55 -17.66
C TYR N 139 -47.78 28.81 -16.82
N GLU N 140 -47.01 28.74 -15.74
CA GLU N 140 -46.78 29.92 -14.92
C GLU N 140 -46.09 31.00 -15.76
N ASN N 141 -45.08 30.62 -16.54
CA ASN N 141 -44.40 31.62 -17.36
C ASN N 141 -45.32 32.30 -18.37
N ILE N 142 -46.13 31.54 -19.10
CA ILE N 142 -47.00 32.16 -20.08
C ILE N 142 -47.98 33.09 -19.38
N GLY N 143 -48.48 32.62 -18.23
CA GLY N 143 -49.42 33.43 -17.46
C GLY N 143 -48.76 34.72 -17.00
N SER N 144 -47.50 34.65 -16.61
CA SER N 144 -46.78 35.85 -16.21
C SER N 144 -46.70 36.84 -17.36
N HIS N 145 -46.44 36.36 -18.59
CA HIS N 145 -46.36 37.33 -19.69
C HIS N 145 -47.74 37.91 -20.01
N ILE N 146 -48.78 37.08 -19.98
CA ILE N 146 -50.12 37.61 -20.26
C ILE N 146 -50.49 38.65 -19.21
N LYS N 147 -50.22 38.38 -17.94
CA LYS N 147 -50.45 39.34 -16.87
C LYS N 147 -49.64 40.62 -17.06
N ASN N 148 -48.36 40.51 -17.38
CA ASN N 148 -47.51 41.71 -17.37
C ASN N 148 -47.43 42.41 -18.72
N LEU N 149 -47.74 41.73 -19.82
CA LEU N 149 -47.53 42.34 -21.13
C LEU N 149 -48.80 42.37 -21.96
N GLY N 150 -49.78 41.53 -21.61
CA GLY N 150 -51.04 41.46 -22.31
C GLY N 150 -50.94 41.19 -23.80
N ASP N 151 -51.73 41.93 -24.56
CA ASP N 151 -51.88 41.83 -26.01
C ASP N 151 -50.59 42.11 -26.76
N THR N 152 -49.70 42.89 -26.15
CA THR N 152 -48.39 43.12 -26.75
C THR N 152 -47.59 41.83 -26.90
N TYR N 153 -47.78 40.95 -25.92
CA TYR N 153 -47.17 39.62 -25.97
C TYR N 153 -47.90 38.75 -26.97
N LEU N 154 -49.24 38.79 -26.96
CA LEU N 154 -50.01 37.98 -27.91
C LEU N 154 -49.81 38.40 -29.36
N ALA N 155 -49.60 39.69 -29.60
CA ALA N 155 -49.39 40.16 -30.96
C ALA N 155 -48.20 39.47 -31.60
N LYS N 156 -47.26 39.09 -30.73
CA LYS N 156 -46.06 38.40 -31.18
C LYS N 156 -46.33 36.93 -31.48
N ILE N 157 -47.28 36.34 -30.77
CA ILE N 157 -47.63 34.94 -31.02
C ILE N 157 -48.58 34.76 -32.20
N ALA N 158 -49.37 35.79 -32.47
CA ALA N 158 -50.35 35.75 -33.55
C ALA N 158 -49.72 35.30 -34.85
N GLY N 159 -50.25 34.24 -35.45
CA GLY N 159 -49.78 33.81 -36.74
C GLY N 159 -48.50 33.02 -36.76
N THR N 160 -47.94 32.64 -35.61
CA THR N 160 -46.74 31.80 -35.62
C THR N 160 -47.08 30.39 -36.09
N PRO N 161 -46.08 29.60 -36.45
CA PRO N 161 -46.36 28.20 -36.80
C PRO N 161 -46.98 27.45 -35.63
N SER N 162 -47.90 26.53 -35.93
CA SER N 162 -48.59 25.74 -34.92
C SER N 162 -48.19 24.28 -34.99
N SER N 163 -47.37 23.92 -35.97
CA SER N 163 -46.91 22.55 -36.16
C SER N 163 -46.25 21.96 -34.92
N THR N 164 -46.46 20.68 -34.65
CA THR N 164 -45.77 20.00 -33.56
C THR N 164 -44.79 18.96 -34.12
N GLY N 165 -44.61 18.94 -35.44
CA GLY N 165 -43.70 18.01 -36.08
C GLY N 165 -44.36 17.17 -37.15
N THR N 166 -43.65 16.17 -37.64
CA THR N 166 -44.24 15.26 -38.63
C THR N 166 -45.45 14.56 -38.03
N ALA N 167 -46.45 14.26 -38.86
CA ALA N 167 -47.68 13.64 -38.39
C ALA N 167 -47.43 12.33 -37.64
N SER N 168 -48.35 12.04 -36.75
CA SER N 168 -48.49 10.88 -35.91
C SER N 168 -48.13 9.56 -36.56
N LYS N 169 -47.04 8.88 -36.14
CA LYS N 169 -46.81 7.54 -36.67
C LYS N 169 -48.05 6.71 -36.32
N GLY N 170 -48.82 6.33 -37.32
CA GLY N 170 -50.06 5.60 -37.23
C GLY N 170 -50.11 4.39 -38.15
N PHE N 171 -51.29 3.77 -38.26
CA PHE N 171 -51.44 2.56 -39.05
C PHE N 171 -51.65 2.83 -40.53
N VAL N 172 -52.50 3.75 -40.94
CA VAL N 172 -52.62 3.98 -42.40
C VAL N 172 -51.35 4.65 -42.93
N ASN O 4 5.42 50.29 3.35
CA ASN O 4 6.80 49.96 3.08
C ASN O 4 7.37 48.84 3.95
N ARG O 5 6.56 47.83 4.27
CA ARG O 5 7.02 46.69 5.06
C ARG O 5 8.31 46.13 4.47
N GLU O 6 8.30 45.86 3.18
CA GLU O 6 9.40 45.13 2.53
C GLU O 6 10.67 45.95 2.49
N ASP O 7 10.52 47.26 2.30
CA ASP O 7 11.71 48.10 2.24
C ASP O 7 12.40 48.18 3.60
N ARG O 8 11.57 48.29 4.62
CA ARG O 8 12.13 48.31 5.99
C ARG O 8 12.88 47.00 6.25
N LYS O 9 12.26 45.87 5.91
CA LYS O 9 12.91 44.57 6.06
C LYS O 9 14.23 44.53 5.29
N ALA O 10 14.16 44.96 4.04
CA ALA O 10 15.35 44.88 3.19
C ALA O 10 16.46 45.74 3.74
N LYS O 11 16.12 46.94 4.21
CA LYS O 11 17.14 47.85 4.72
C LYS O 11 17.76 47.34 6.00
N VAL O 12 16.99 46.64 6.84
CA VAL O 12 17.63 46.15 8.07
C VAL O 12 18.52 44.97 7.72
N ILE O 13 17.99 44.09 6.86
CA ILE O 13 18.75 42.90 6.47
C ILE O 13 20.12 43.29 5.94
N GLU O 14 20.17 44.42 5.24
CA GLU O 14 21.44 44.90 4.69
C GLU O 14 22.43 45.26 5.77
N VAL O 15 21.98 45.97 6.83
CA VAL O 15 22.96 46.25 7.88
C VAL O 15 23.25 44.98 8.67
N LEU O 16 22.26 44.12 8.89
CA LEU O 16 22.54 42.88 9.62
C LEU O 16 23.55 41.99 8.92
N ASN O 17 23.51 41.99 7.59
CA ASN O 17 24.49 41.26 6.81
C ASN O 17 25.83 41.99 6.80
N LYS O 18 25.80 43.33 6.88
CA LYS O 18 27.08 44.04 6.98
C LYS O 18 27.75 43.69 8.31
N ALA O 19 26.96 43.71 9.39
CA ALA O 19 27.50 43.40 10.72
C ALA O 19 27.95 41.96 10.77
N ARG O 20 27.11 41.08 10.19
CA ARG O 20 27.48 39.66 10.18
C ARG O 20 28.83 39.46 9.50
N ALA O 21 29.08 40.14 8.38
CA ALA O 21 30.34 39.93 7.67
C ALA O 21 31.50 40.47 8.50
N MET O 22 31.22 41.53 9.24
CA MET O 22 32.24 42.03 10.17
C MET O 22 32.49 41.00 11.26
N GLU O 23 31.44 40.33 11.74
CA GLU O 23 31.66 39.26 12.73
C GLU O 23 32.49 38.13 12.17
N LEU O 24 32.23 37.74 10.92
CA LEU O 24 32.98 36.62 10.35
C LEU O 24 34.45 36.96 10.20
N HIS O 25 34.75 38.20 9.87
CA HIS O 25 36.14 38.64 9.82
C HIS O 25 36.81 38.58 11.19
N ALA O 26 36.16 39.14 12.21
CA ALA O 26 36.68 39.08 13.58
C ALA O 26 36.89 37.65 14.03
N ILE O 27 35.98 36.74 13.71
CA ILE O 27 36.21 35.36 14.12
C ILE O 27 37.53 34.84 13.58
N HIS O 28 37.74 35.04 12.28
CA HIS O 28 38.98 34.52 11.70
C HIS O 28 40.21 35.28 12.18
N GLN O 29 40.10 36.58 12.34
CA GLN O 29 41.21 37.42 12.80
C GLN O 29 41.61 37.07 14.21
N TYR O 30 40.64 36.97 15.12
CA TYR O 30 40.94 36.63 16.51
C TYR O 30 41.51 35.23 16.64
N MET O 31 40.93 34.28 15.91
CA MET O 31 41.43 32.91 16.00
C MET O 31 42.84 32.81 15.42
N ASN O 32 43.16 33.57 14.38
CA ASN O 32 44.53 33.50 13.86
C ASN O 32 45.53 33.90 14.94
N GLN O 33 45.15 34.96 15.66
CA GLN O 33 45.97 35.49 16.73
C GLN O 33 46.02 34.50 17.90
N HIS O 34 44.92 33.79 18.12
CA HIS O 34 44.87 32.72 19.13
C HIS O 34 45.87 31.62 18.83
N TYR O 35 45.94 31.17 17.58
CA TYR O 35 46.94 30.18 17.18
C TYR O 35 48.34 30.69 17.43
N SER O 36 48.59 31.95 17.14
CA SER O 36 49.91 32.54 17.38
C SER O 36 50.22 32.65 18.88
N LEU O 37 49.24 33.08 19.69
CA LEU O 37 49.46 33.21 21.13
C LEU O 37 49.72 31.85 21.78
N ASP O 38 49.01 30.81 21.39
CA ASP O 38 49.23 29.48 21.90
C ASP O 38 50.60 28.93 21.52
N ASP O 39 50.97 29.18 20.27
CA ASP O 39 52.27 28.78 19.75
C ASP O 39 53.38 29.36 20.63
N MET O 40 53.24 30.62 21.01
CA MET O 40 54.16 31.36 21.85
C MET O 40 54.10 30.91 23.29
N ASP O 41 53.15 30.05 23.62
CA ASP O 41 52.92 29.60 24.98
C ASP O 41 52.59 30.74 25.95
N TYR O 42 51.66 31.61 25.57
CA TYR O 42 51.07 32.64 26.44
C TYR O 42 49.61 32.28 26.70
N GLY O 43 49.40 31.26 27.52
CA GLY O 43 48.13 30.59 27.69
C GLY O 43 46.95 31.49 27.94
N GLU O 44 47.04 32.32 28.96
CA GLU O 44 45.93 33.20 29.34
C GLU O 44 45.53 34.12 28.20
N LEU O 45 46.49 34.62 27.43
CA LEU O 45 46.14 35.54 26.35
C LEU O 45 45.44 34.77 25.24
N ALA O 46 45.93 33.55 25.02
CA ALA O 46 45.39 32.71 23.97
C ALA O 46 43.98 32.25 24.32
N ALA O 47 43.75 31.85 25.58
CA ALA O 47 42.44 31.39 26.00
C ALA O 47 41.42 32.51 25.87
N ASN O 48 41.78 33.71 26.36
CA ASN O 48 40.80 34.80 26.31
C ASN O 48 40.54 35.25 24.88
N MET O 49 41.52 35.19 23.99
CA MET O 49 41.33 35.53 22.59
C MET O 49 40.35 34.58 21.92
N LYS O 50 40.47 33.29 22.20
CA LYS O 50 39.50 32.32 21.67
C LYS O 50 38.11 32.57 22.25
N LEU O 51 38.00 32.83 23.56
CA LEU O 51 36.71 33.08 24.18
C LEU O 51 36.02 34.28 23.53
N ILE O 52 36.78 35.31 23.18
CA ILE O 52 36.22 36.48 22.46
C ILE O 52 35.81 36.09 21.05
N ALA O 53 36.56 35.23 20.37
CA ALA O 53 36.16 34.74 19.04
C ALA O 53 34.86 33.97 19.10
N ILE O 54 34.64 33.24 20.20
CA ILE O 54 33.37 32.52 20.37
C ILE O 54 32.21 33.48 20.59
N ASP O 55 32.41 34.59 21.29
CA ASP O 55 31.41 35.65 21.39
C ASP O 55 31.04 36.18 20.00
N GLU O 56 32.03 36.42 19.15
CA GLU O 56 31.73 36.90 17.79
C GLU O 56 30.99 35.84 17.00
N MET O 57 31.29 34.57 17.25
CA MET O 57 30.54 33.49 16.62
C MET O 57 29.06 33.57 16.99
N ARG O 58 28.83 33.84 18.28
CA ARG O 58 27.47 33.96 18.79
C ARG O 58 26.78 35.19 18.20
N HIS O 59 27.55 36.27 18.02
CA HIS O 59 27.00 37.46 17.37
C HIS O 59 26.67 37.12 15.92
N ALA O 60 27.56 36.39 15.24
CA ALA O 60 27.30 36.02 13.85
C ALA O 60 26.02 35.18 13.75
N GLU O 61 25.83 34.26 14.70
CA GLU O 61 24.64 33.41 14.74
C GLU O 61 23.37 34.20 14.99
N ASN O 62 23.37 35.13 15.93
CA ASN O 62 22.21 35.94 16.25
C ASN O 62 21.78 36.84 15.10
N PHE O 63 22.75 37.42 14.42
CA PHE O 63 22.50 38.23 13.22
C PHE O 63 21.89 37.39 12.12
N ALA O 64 22.36 36.16 11.94
CA ALA O 64 21.78 35.28 10.93
C ALA O 64 20.35 34.89 11.30
N GLU O 65 20.08 34.65 12.60
CA GLU O 65 18.73 34.24 12.96
C GLU O 65 17.71 35.34 12.74
N ARG O 66 18.13 36.58 13.04
CA ARG O 66 17.25 37.72 12.83
C ARG O 66 17.05 37.98 11.34
N ILE O 67 18.11 37.82 10.57
CA ILE O 67 18.02 37.91 9.11
C ILE O 67 17.00 36.91 8.58
N LYS O 68 17.01 35.68 9.09
CA LYS O 68 16.04 34.67 8.69
C LYS O 68 14.61 35.06 9.06
N GLU O 69 14.44 35.61 10.26
CA GLU O 69 13.11 36.00 10.71
C GLU O 69 12.53 37.09 9.79
N LEU O 70 13.39 37.92 9.23
CA LEU O 70 13.03 39.04 8.38
C LEU O 70 12.96 38.65 6.90
N GLY O 71 13.19 37.38 6.62
CA GLY O 71 13.04 36.82 5.29
C GLY O 71 14.25 36.92 4.41
N GLY O 72 15.43 37.13 4.99
CA GLY O 72 16.63 37.27 4.17
C GLY O 72 17.52 36.04 4.25
N GLU O 73 18.71 36.16 3.69
CA GLU O 73 19.72 35.11 3.68
C GLU O 73 21.00 35.63 4.30
N PRO O 74 21.44 34.95 5.35
CA PRO O 74 22.69 35.30 6.03
C PRO O 74 23.91 35.12 5.14
N THR O 75 24.72 36.17 5.02
CA THR O 75 25.93 36.11 4.24
C THR O 75 26.96 35.16 4.85
N THR O 76 27.86 34.68 4.02
CA THR O 76 28.92 33.78 4.44
C THR O 76 30.28 34.30 3.99
N GLN O 77 30.36 35.58 3.67
CA GLN O 77 31.67 36.12 3.31
C GLN O 77 32.10 37.19 4.31
N LYS O 78 33.36 37.10 4.71
CA LYS O 78 33.91 38.02 5.72
C LYS O 78 34.31 39.35 5.09
N GLU O 79 34.16 40.40 5.89
CA GLU O 79 34.51 41.76 5.50
C GLU O 79 35.99 42.01 5.72
N GLY O 80 36.61 42.66 4.74
CA GLY O 80 38.03 42.97 4.81
C GLY O 80 38.90 41.73 4.84
N LYS O 81 40.19 41.93 5.03
CA LYS O 81 41.16 40.86 5.00
C LYS O 81 41.77 40.57 6.36
N VAL O 82 42.11 39.32 6.61
CA VAL O 82 42.78 38.97 7.86
C VAL O 82 44.27 39.25 7.83
N VAL O 83 44.79 39.86 8.89
CA VAL O 83 46.23 40.12 8.96
C VAL O 83 46.95 39.08 9.79
N THR O 84 47.94 38.41 9.20
CA THR O 84 48.61 37.31 9.86
C THR O 84 49.99 37.74 10.36
N GLY O 85 50.72 36.89 11.07
CA GLY O 85 52.03 37.25 11.54
C GLY O 85 52.12 38.47 12.43
N GLN O 86 50.99 38.94 12.99
CA GLN O 86 51.11 40.13 13.85
C GLN O 86 51.85 39.81 15.15
N ALA O 87 52.68 40.75 15.59
CA ALA O 87 53.37 40.75 16.86
C ALA O 87 52.41 41.06 18.02
N VAL O 88 52.78 40.59 19.20
CA VAL O 88 51.92 40.75 20.37
C VAL O 88 51.44 42.18 20.54
N PRO O 89 52.33 43.16 20.55
CA PRO O 89 51.87 44.55 20.72
C PRO O 89 50.92 44.99 19.62
N VAL O 90 51.14 44.48 18.41
CA VAL O 90 50.27 44.79 17.27
C VAL O 90 48.92 44.11 17.41
N ILE O 91 48.93 42.89 17.96
CA ILE O 91 47.65 42.19 18.15
C ILE O 91 46.67 43.02 18.97
N TYR O 92 47.11 43.51 20.13
CA TYR O 92 46.18 44.19 21.03
C TYR O 92 45.84 45.61 20.60
N GLU O 93 46.76 46.26 19.87
CA GLU O 93 46.49 47.58 19.33
C GLU O 93 45.53 47.50 18.16
N SER O 94 45.74 46.56 17.24
CA SER O 94 44.76 46.48 16.15
C SER O 94 43.41 46.00 16.68
N ASP O 95 43.42 45.01 17.60
CA ASP O 95 42.12 44.51 18.04
C ASP O 95 41.33 45.61 18.74
N ALA O 96 42.03 46.45 19.51
CA ALA O 96 41.30 47.55 20.15
C ALA O 96 40.75 48.51 19.11
N ASP O 97 41.53 48.77 18.07
CA ASP O 97 41.08 49.63 16.97
C ASP O 97 39.87 49.03 16.27
N GLN O 98 39.90 47.72 16.07
CA GLN O 98 38.82 47.04 15.35
C GLN O 98 37.55 46.98 16.18
N GLU O 99 37.66 46.76 17.49
CA GLU O 99 36.47 46.77 18.33
C GLU O 99 35.82 48.16 18.34
N ASP O 100 36.70 49.17 18.33
CA ASP O 100 36.29 50.56 18.40
C ASP O 100 35.51 50.96 17.14
N ALA O 101 36.06 50.57 16.01
CA ALA O 101 35.43 50.71 14.71
C ALA O 101 34.14 49.90 14.62
N THR O 102 34.14 48.70 15.19
CA THR O 102 32.92 47.87 15.20
C THR O 102 31.81 48.60 15.93
N ILE O 103 32.13 49.16 17.09
CA ILE O 103 31.08 49.86 17.86
C ILE O 103 30.61 51.10 17.14
N GLU O 104 31.48 51.77 16.39
CA GLU O 104 31.04 52.90 15.58
C GLU O 104 30.07 52.45 14.49
N ALA O 105 30.44 51.42 13.73
CA ALA O 105 29.55 50.93 12.68
C ALA O 105 28.24 50.41 13.23
N TYR O 106 28.29 49.60 14.29
CA TYR O 106 27.03 49.05 14.84
C TYR O 106 26.13 50.15 15.35
N SER O 107 26.72 51.25 15.81
CA SER O 107 25.86 52.32 16.34
C SER O 107 25.10 52.98 15.19
N GLN O 108 25.72 53.02 14.02
CA GLN O 108 25.06 53.51 12.82
C GLN O 108 23.99 52.53 12.35
N PHE O 109 24.33 51.24 12.34
CA PHE O 109 23.37 50.21 11.99
C PHE O 109 22.13 50.31 12.88
N LEU O 110 22.41 50.56 14.16
CA LEU O 110 21.34 50.73 15.15
C LEU O 110 20.42 51.86 14.72
N LYS O 111 21.06 52.90 14.21
CA LYS O 111 20.36 54.06 13.69
C LYS O 111 19.34 53.65 12.63
N VAL O 112 19.79 52.85 11.68
CA VAL O 112 18.91 52.43 10.58
C VAL O 112 17.73 51.62 11.08
N CYS O 113 18.01 50.66 11.97
CA CYS O 113 16.92 49.88 12.54
C CYS O 113 15.84 50.77 13.13
N LYS O 114 16.25 51.80 13.86
CA LYS O 114 15.25 52.67 14.49
C LYS O 114 14.52 53.45 13.39
N GLU O 115 15.28 53.88 12.39
CA GLU O 115 14.69 54.58 11.25
C GLU O 115 13.73 53.68 10.48
N GLN O 116 13.97 52.37 10.49
CA GLN O 116 13.06 51.48 9.77
C GLN O 116 11.97 50.92 10.67
N GLY O 117 11.79 51.51 11.84
CA GLY O 117 10.81 51.05 12.81
C GLY O 117 10.99 49.62 13.24
N ASP O 118 12.24 49.16 13.38
CA ASP O 118 12.49 47.78 13.77
C ASP O 118 13.07 47.70 15.19
N ILE O 119 12.19 47.62 16.17
CA ILE O 119 12.58 47.63 17.58
C ILE O 119 13.33 46.38 17.98
N VAL O 120 12.90 45.22 17.47
CA VAL O 120 13.60 43.99 17.85
C VAL O 120 15.03 43.95 17.35
N THR O 121 15.29 44.39 16.12
CA THR O 121 16.66 44.40 15.62
C THR O 121 17.49 45.50 16.27
N ALA O 122 16.86 46.64 16.54
CA ALA O 122 17.59 47.69 17.24
C ALA O 122 18.09 47.17 18.58
N ARG O 123 17.26 46.43 19.31
CA ARG O 123 17.65 45.93 20.63
C ARG O 123 18.76 44.91 20.52
N LEU O 124 18.71 44.06 19.50
CA LEU O 124 19.80 43.14 19.20
C LEU O 124 21.11 43.88 19.06
N PHE O 125 21.17 44.94 18.26
CA PHE O 125 22.43 45.68 18.10
C PHE O 125 22.88 46.33 19.39
N GLU O 126 21.94 46.86 20.16
CA GLU O 126 22.18 47.48 21.47
C GLU O 126 22.86 46.51 22.44
N ARG O 127 22.29 45.31 22.54
CA ARG O 127 22.84 44.23 23.33
C ARG O 127 24.25 43.85 22.88
N ILE O 128 24.43 43.77 21.57
CA ILE O 128 25.72 43.34 21.04
C ILE O 128 26.77 44.43 21.18
N ILE O 129 26.34 45.69 21.09
CA ILE O 129 27.27 46.80 21.29
C ILE O 129 27.83 46.77 22.70
N GLU O 130 27.00 46.45 23.69
CA GLU O 130 27.50 46.32 25.07
C GLU O 130 28.54 45.21 25.17
N GLU O 131 28.38 44.12 24.42
CA GLU O 131 29.41 43.07 24.48
C GLU O 131 30.69 43.49 23.77
N GLU O 132 30.58 44.18 22.64
CA GLU O 132 31.75 44.72 21.96
C GLU O 132 32.54 45.66 22.87
N GLN O 133 31.84 46.45 23.68
CA GLN O 133 32.46 47.35 24.64
C GLN O 133 33.30 46.59 25.66
N ALA O 134 32.82 45.40 26.07
CA ALA O 134 33.61 44.59 26.97
C ALA O 134 34.86 44.09 26.27
N HIS O 135 34.71 43.74 24.97
CA HIS O 135 35.91 43.29 24.25
C HIS O 135 36.93 44.43 24.16
N LEU O 136 36.46 45.63 23.80
CA LEU O 136 37.32 46.79 23.67
C LEU O 136 38.14 47.09 24.91
N THR O 137 37.45 47.10 26.05
CA THR O 137 38.12 47.34 27.32
C THR O 137 39.18 46.28 27.58
N TYR O 138 38.79 45.04 27.28
CA TYR O 138 39.75 43.95 27.41
C TYR O 138 41.01 44.23 26.59
N TYR O 139 40.84 44.53 25.30
CA TYR O 139 42.05 44.67 24.47
C TYR O 139 42.84 45.90 24.84
N GLU O 140 42.15 46.96 25.24
CA GLU O 140 42.81 48.18 25.72
C GLU O 140 43.68 47.88 26.92
N ASN O 141 43.13 47.21 27.94
CA ASN O 141 43.92 46.90 29.13
C ASN O 141 45.18 46.11 28.80
N ILE O 142 45.02 45.03 28.02
CA ILE O 142 46.19 44.22 27.71
C ILE O 142 47.23 45.08 26.98
N GLY O 143 46.76 45.85 26.00
CA GLY O 143 47.64 46.72 25.23
C GLY O 143 48.32 47.70 26.16
N SER O 144 47.57 48.19 27.15
CA SER O 144 48.21 49.15 28.06
C SER O 144 49.27 48.48 28.91
N HIS O 145 49.06 47.24 29.33
CA HIS O 145 50.10 46.57 30.10
C HIS O 145 51.31 46.25 29.22
N ILE O 146 51.04 45.84 27.99
CA ILE O 146 52.17 45.53 27.12
C ILE O 146 53.07 46.75 26.92
N LYS O 147 52.45 47.91 26.67
CA LYS O 147 53.19 49.11 26.36
C LYS O 147 54.01 49.60 27.55
N ASN O 148 53.34 49.60 28.69
CA ASN O 148 53.88 50.17 29.90
C ASN O 148 54.82 49.24 30.65
N LEU O 149 54.65 47.93 30.63
CA LEU O 149 55.47 47.02 31.44
C LEU O 149 56.27 46.05 30.60
N GLY O 150 55.94 45.90 29.33
CA GLY O 150 56.67 45.05 28.41
C GLY O 150 56.77 43.60 28.82
N ASP O 151 58.00 43.11 28.94
CA ASP O 151 58.33 41.71 29.19
C ASP O 151 58.14 41.30 30.64
N THR O 152 58.07 42.26 31.56
CA THR O 152 57.82 41.86 32.96
C THR O 152 56.38 41.40 33.14
N TYR O 153 55.52 41.92 32.26
CA TYR O 153 54.13 41.50 32.21
C TYR O 153 53.99 40.13 31.53
N LEU O 154 54.66 39.95 30.40
CA LEU O 154 54.60 38.70 29.64
C LEU O 154 55.18 37.52 30.41
N ALA O 155 56.23 37.75 31.20
CA ALA O 155 56.82 36.66 31.97
C ALA O 155 55.81 36.02 32.89
N LYS O 156 54.78 36.79 33.23
CA LYS O 156 53.75 36.27 34.13
C LYS O 156 52.75 35.41 33.36
N ILE O 157 52.52 35.73 32.08
CA ILE O 157 51.58 34.95 31.28
C ILE O 157 52.17 33.64 30.78
N ALA O 158 53.50 33.63 30.57
CA ALA O 158 54.22 32.47 30.06
C ALA O 158 53.92 31.20 30.82
N GLY O 159 53.51 30.14 30.11
CA GLY O 159 53.25 28.88 30.76
C GLY O 159 51.90 28.78 31.44
N THR O 160 51.10 29.84 31.44
CA THR O 160 49.79 29.69 32.08
C THR O 160 48.90 28.75 31.28
N PRO O 161 47.84 28.21 31.89
CA PRO O 161 46.95 27.33 31.13
C PRO O 161 46.30 28.07 29.95
N SER O 162 45.99 27.36 28.88
CA SER O 162 45.35 27.92 27.70
C SER O 162 43.93 27.43 27.53
N SER O 163 43.52 26.52 28.40
CA SER O 163 42.21 25.88 28.32
C SER O 163 41.06 26.87 28.44
N THR O 164 40.05 26.68 27.60
CA THR O 164 38.86 27.53 27.59
C THR O 164 37.65 26.85 28.21
N GLY O 165 37.82 25.66 28.75
CA GLY O 165 36.73 24.94 29.40
C GLY O 165 36.55 23.56 28.80
N THR O 166 35.42 22.92 29.09
CA THR O 166 35.15 21.61 28.49
C THR O 166 35.05 21.77 26.98
N ALA O 167 35.53 20.78 26.24
CA ALA O 167 35.51 20.78 24.79
C ALA O 167 34.12 21.01 24.22
N SER O 168 34.16 21.56 23.01
CA SER O 168 33.04 21.78 22.12
C SER O 168 32.08 20.60 22.10
N LYS O 169 30.89 20.77 22.69
CA LYS O 169 29.92 19.68 22.50
C LYS O 169 29.53 19.67 21.02
N GLY O 170 29.79 18.55 20.36
CA GLY O 170 29.56 18.38 18.94
C GLY O 170 28.74 17.15 18.64
N PHE O 171 28.77 16.71 17.38
CA PHE O 171 27.95 15.58 17.00
C PHE O 171 28.59 14.26 17.36
N VAL O 172 29.88 14.09 17.08
CA VAL O 172 30.49 12.77 17.28
C VAL O 172 30.66 12.41 18.75
N GLY P 3 62.16 14.80 0.66
CA GLY P 3 63.23 15.79 0.59
C GLY P 3 63.92 16.05 1.91
N ASN P 4 64.18 17.33 2.20
CA ASN P 4 64.83 17.75 3.43
C ASN P 4 63.80 18.04 4.52
N ARG P 5 64.30 18.42 5.69
CA ARG P 5 63.38 18.65 6.79
C ARG P 5 62.34 19.68 6.40
N GLU P 6 62.77 20.82 5.86
CA GLU P 6 61.92 21.96 5.58
C GLU P 6 60.87 21.69 4.50
N ASP P 7 61.25 20.95 3.48
CA ASP P 7 60.39 20.54 2.38
C ASP P 7 59.29 19.60 2.83
N ARG P 8 59.62 18.65 3.72
CA ARG P 8 58.63 17.72 4.23
C ARG P 8 57.54 18.49 4.97
N LYS P 9 57.96 19.45 5.81
CA LYS P 9 56.97 20.26 6.52
C LYS P 9 56.13 21.03 5.52
N ALA P 10 56.81 21.66 4.58
CA ALA P 10 56.12 22.44 3.55
C ALA P 10 55.04 21.63 2.85
N LYS P 11 55.35 20.42 2.42
CA LYS P 11 54.39 19.58 1.73
C LYS P 11 53.25 19.14 2.63
N VAL P 12 53.50 18.88 3.91
CA VAL P 12 52.40 18.54 4.83
C VAL P 12 51.61 19.79 5.13
N ILE P 13 52.30 20.92 5.34
CA ILE P 13 51.55 22.14 5.63
C ILE P 13 50.61 22.48 4.49
N GLU P 14 51.00 22.14 3.26
CA GLU P 14 50.13 22.38 2.12
C GLU P 14 48.85 21.57 2.17
N VAL P 15 48.90 20.27 2.46
CA VAL P 15 47.64 19.53 2.44
C VAL P 15 46.77 19.89 3.65
N LEU P 16 47.38 20.25 4.77
CA LEU P 16 46.66 20.65 5.97
C LEU P 16 45.87 21.92 5.77
N ASN P 17 46.42 22.84 4.99
CA ASN P 17 45.71 24.09 4.71
C ASN P 17 44.59 23.86 3.70
N LYS P 18 44.79 22.89 2.81
CA LYS P 18 43.72 22.55 1.86
C LYS P 18 42.56 21.93 2.62
N ALA P 19 42.90 21.03 3.52
CA ALA P 19 41.90 20.38 4.37
C ALA P 19 41.21 21.43 5.22
N ARG P 20 42.00 22.34 5.80
CA ARG P 20 41.39 23.37 6.66
C ARG P 20 40.45 24.25 5.84
N ALA P 21 40.83 24.55 4.60
CA ALA P 21 40.00 25.37 3.73
C ALA P 21 38.67 24.66 3.47
N MET P 22 38.74 23.35 3.39
CA MET P 22 37.55 22.52 3.26
C MET P 22 36.71 22.52 4.54
N GLU P 23 37.34 22.44 5.71
CA GLU P 23 36.58 22.54 6.96
C GLU P 23 35.89 23.90 7.09
N LEU P 24 36.58 24.97 6.74
CA LEU P 24 35.94 26.28 6.81
C LEU P 24 34.73 26.37 5.89
N HIS P 25 34.84 25.71 4.72
CA HIS P 25 33.68 25.70 3.82
C HIS P 25 32.52 24.95 4.47
N ALA P 26 32.74 23.77 5.00
CA ALA P 26 31.71 22.96 5.65
C ALA P 26 31.02 23.68 6.80
N ILE P 27 31.79 24.38 7.63
CA ILE P 27 31.21 25.16 8.71
C ILE P 27 30.16 26.15 8.19
N HIS P 28 30.49 26.97 7.21
CA HIS P 28 29.54 27.95 6.67
C HIS P 28 28.40 27.29 5.91
N GLN P 29 28.68 26.23 5.16
CA GLN P 29 27.66 25.53 4.39
C GLN P 29 26.65 24.86 5.32
N TYR P 30 27.17 24.13 6.30
CA TYR P 30 26.31 23.45 7.28
C TYR P 30 25.55 24.45 8.15
N MET P 31 26.20 25.52 8.61
CA MET P 31 25.46 26.49 9.40
C MET P 31 24.42 27.22 8.57
N ASN P 32 24.65 27.45 7.27
CA ASN P 32 23.60 28.04 6.43
C ASN P 32 22.36 27.16 6.41
N GLN P 33 22.54 25.85 6.24
CA GLN P 33 21.41 24.92 6.24
C GLN P 33 20.77 24.80 7.61
N HIS P 34 21.57 24.94 8.66
CA HIS P 34 21.04 25.00 10.01
C HIS P 34 20.07 26.16 10.16
N TYR P 35 20.46 27.34 9.65
CA TYR P 35 19.58 28.49 9.74
C TYR P 35 18.27 28.26 9.01
N SER P 36 18.31 27.57 7.87
CA SER P 36 17.08 27.27 7.14
C SER P 36 16.24 26.22 7.87
N LEU P 37 16.88 25.18 8.39
CA LEU P 37 16.16 24.12 9.10
C LEU P 37 15.49 24.68 10.34
N ASP P 38 16.19 25.58 11.01
CA ASP P 38 15.63 26.28 12.18
C ASP P 38 14.46 27.15 11.75
N ASP P 39 14.62 27.79 10.59
CA ASP P 39 13.53 28.59 10.03
C ASP P 39 12.32 27.73 9.71
N MET P 40 12.56 26.53 9.21
CA MET P 40 11.42 25.64 8.93
C MET P 40 10.83 25.02 10.17
N ASP P 41 11.51 25.16 11.30
CA ASP P 41 11.09 24.59 12.57
C ASP P 41 11.17 23.07 12.57
N TYR P 42 12.26 22.56 12.00
CA TYR P 42 12.58 21.14 12.09
C TYR P 42 13.72 20.99 13.10
N GLY P 43 13.34 21.10 14.36
CA GLY P 43 14.25 21.21 15.47
C GLY P 43 15.36 20.18 15.49
N GLU P 44 15.00 18.91 15.51
CA GLU P 44 16.02 17.87 15.63
C GLU P 44 17.05 17.98 14.51
N LEU P 45 16.59 18.27 13.30
CA LEU P 45 17.48 18.39 12.15
C LEU P 45 18.37 19.62 12.31
N ALA P 46 17.76 20.74 12.74
CA ALA P 46 18.59 21.94 12.85
C ALA P 46 19.70 21.73 13.89
N ALA P 47 19.36 21.08 15.00
CA ALA P 47 20.28 20.88 16.10
C ALA P 47 21.49 20.08 15.63
N ASN P 48 21.19 18.90 15.11
CA ASN P 48 22.25 18.01 14.65
C ASN P 48 23.08 18.64 13.55
N MET P 49 22.48 19.43 12.67
CA MET P 49 23.31 20.13 11.67
C MET P 49 24.31 21.05 12.37
N LYS P 50 23.84 21.75 13.41
CA LYS P 50 24.72 22.67 14.13
C LYS P 50 25.81 21.89 14.85
N LEU P 51 25.46 20.79 15.52
CA LEU P 51 26.47 19.98 16.18
C LEU P 51 27.56 19.53 15.21
N ILE P 52 27.17 19.13 14.00
CA ILE P 52 28.18 18.66 13.04
C ILE P 52 29.08 19.80 12.59
N ALA P 53 28.50 20.99 12.44
CA ALA P 53 29.26 22.18 12.08
C ALA P 53 30.31 22.47 13.14
N ILE P 54 29.96 22.26 14.40
CA ILE P 54 30.89 22.43 15.51
C ILE P 54 31.98 21.38 15.47
N ASP P 55 31.66 20.15 15.06
CA ASP P 55 32.69 19.15 14.77
C ASP P 55 33.69 19.70 13.74
N GLU P 56 33.18 20.26 12.65
CA GLU P 56 34.03 20.82 11.61
C GLU P 56 34.83 22.00 12.14
N MET P 57 34.24 22.84 13.00
CA MET P 57 35.02 23.92 13.59
C MET P 57 36.25 23.37 14.31
N ARG P 58 36.03 22.28 15.02
CA ARG P 58 37.08 21.63 15.83
C ARG P 58 38.11 20.98 14.94
N HIS P 59 37.69 20.44 13.79
CA HIS P 59 38.64 19.93 12.81
C HIS P 59 39.53 21.06 12.28
N ALA P 60 38.92 22.20 12.02
CA ALA P 60 39.63 23.36 11.51
C ALA P 60 40.70 23.84 12.48
N GLU P 61 40.35 23.75 13.76
CA GLU P 61 41.25 24.19 14.84
C GLU P 61 42.40 23.21 15.02
N ASN P 62 42.10 21.92 14.93
CA ASN P 62 43.11 20.88 14.99
C ASN P 62 44.07 21.00 13.79
N PHE P 63 43.54 21.27 12.60
CA PHE P 63 44.43 21.41 11.46
C PHE P 63 45.32 22.63 11.69
N ALA P 64 44.75 23.74 12.14
CA ALA P 64 45.52 24.96 12.35
C ALA P 64 46.60 24.77 13.40
N GLU P 65 46.25 24.11 14.51
CA GLU P 65 47.24 23.84 15.54
C GLU P 65 48.37 22.96 15.03
N ARG P 66 48.07 21.97 14.21
CA ARG P 66 49.17 21.14 13.67
C ARG P 66 50.02 21.99 12.73
N ILE P 67 49.37 22.84 11.94
CA ILE P 67 50.12 23.70 11.02
C ILE P 67 51.11 24.57 11.78
N LYS P 68 50.66 25.16 12.89
CA LYS P 68 51.53 25.98 13.72
C LYS P 68 52.71 25.15 14.23
N GLU P 69 52.48 23.92 14.67
CA GLU P 69 53.52 23.03 15.17
C GLU P 69 54.63 22.78 14.13
N LEU P 70 54.28 23.02 12.86
CA LEU P 70 55.13 22.72 11.73
C LEU P 70 55.72 23.99 11.12
N GLY P 71 55.39 25.14 11.71
CA GLY P 71 55.93 26.42 11.31
C GLY P 71 55.11 27.14 10.26
N GLY P 72 53.89 26.68 9.96
CA GLY P 72 53.12 27.31 8.89
C GLY P 72 52.16 28.38 9.38
N GLU P 73 51.43 29.00 8.47
CA GLU P 73 50.34 29.91 8.78
C GLU P 73 49.04 29.27 8.32
N PRO P 74 48.11 29.08 9.26
CA PRO P 74 46.84 28.43 8.92
C PRO P 74 45.98 29.34 8.05
N THR P 75 45.48 28.79 6.95
CA THR P 75 44.71 29.59 6.01
C THR P 75 43.48 30.20 6.65
N THR P 76 42.93 31.24 6.03
CA THR P 76 41.67 31.81 6.49
C THR P 76 40.66 31.87 5.35
N GLN P 77 40.88 31.10 4.30
CA GLN P 77 40.06 31.06 3.11
C GLN P 77 39.31 29.74 2.98
N LYS P 78 37.99 29.79 2.83
CA LYS P 78 37.21 28.56 2.67
C LYS P 78 37.33 27.99 1.26
N GLU P 79 37.27 26.67 1.13
CA GLU P 79 37.32 26.06 -0.21
C GLU P 79 35.95 26.17 -0.88
N GLY P 80 35.89 26.67 -2.09
CA GLY P 80 34.66 26.69 -2.85
C GLY P 80 33.57 27.56 -2.26
N LYS P 81 32.40 27.59 -2.91
CA LYS P 81 31.39 28.49 -2.37
C LYS P 81 30.17 27.75 -1.81
N VAL P 82 29.52 28.46 -0.90
CA VAL P 82 28.32 28.00 -0.21
C VAL P 82 27.11 28.15 -1.12
N VAL P 83 26.34 27.08 -1.17
CA VAL P 83 25.06 26.96 -1.85
C VAL P 83 23.90 27.25 -0.91
N THR P 84 23.12 28.29 -1.14
CA THR P 84 22.02 28.69 -0.28
C THR P 84 20.66 28.37 -0.89
N GLY P 85 19.60 28.48 -0.10
CA GLY P 85 18.27 28.15 -0.58
C GLY P 85 18.14 26.69 -1.03
N GLN P 86 18.88 25.79 -0.39
CA GLN P 86 18.73 24.39 -0.78
C GLN P 86 17.49 23.76 -0.14
N ALA P 87 16.76 22.99 -0.92
CA ALA P 87 15.63 22.20 -0.47
C ALA P 87 16.09 21.12 0.51
N VAL P 88 15.19 20.68 1.39
CA VAL P 88 15.61 19.69 2.39
C VAL P 88 16.22 18.45 1.77
N PRO P 89 15.66 17.82 0.75
CA PRO P 89 16.30 16.64 0.17
C PRO P 89 17.69 16.96 -0.38
N VAL P 90 17.82 18.15 -0.97
CA VAL P 90 19.11 18.55 -1.51
C VAL P 90 20.12 18.73 -0.38
N ILE P 91 19.68 19.29 0.74
CA ILE P 91 20.61 19.46 1.88
C ILE P 91 21.27 18.15 2.25
N TYR P 92 20.47 17.09 2.44
CA TYR P 92 21.12 15.86 2.88
C TYR P 92 21.82 15.15 1.75
N GLU P 93 21.28 15.26 0.53
CA GLU P 93 21.95 14.64 -0.61
C GLU P 93 23.32 15.25 -0.85
N SER P 94 23.36 16.59 -0.89
CA SER P 94 24.66 17.24 -1.11
C SER P 94 25.58 17.05 0.10
N ASP P 95 25.01 17.01 1.30
CA ASP P 95 25.86 16.83 2.50
C ASP P 95 26.48 15.44 2.49
N ALA P 96 25.73 14.40 2.10
CA ALA P 96 26.37 13.09 1.97
C ALA P 96 27.45 13.11 0.90
N ASP P 97 27.17 13.70 -0.27
CA ASP P 97 28.20 13.74 -1.31
C ASP P 97 29.43 14.48 -0.83
N GLN P 98 29.26 15.63 -0.17
CA GLN P 98 30.37 16.39 0.38
C GLN P 98 31.15 15.62 1.44
N GLU P 99 30.49 14.85 2.32
CA GLU P 99 31.32 14.12 3.30
C GLU P 99 32.11 13.03 2.59
N ASP P 100 31.46 12.38 1.61
CA ASP P 100 32.17 11.32 0.90
C ASP P 100 33.42 11.86 0.22
N ALA P 101 33.27 13.02 -0.41
CA ALA P 101 34.40 13.65 -1.10
C ALA P 101 35.54 13.97 -0.16
N THR P 102 35.17 14.47 1.02
CA THR P 102 36.14 14.91 2.02
C THR P 102 37.04 13.74 2.42
N ILE P 103 36.37 12.62 2.64
CA ILE P 103 37.04 11.39 3.07
C ILE P 103 38.00 10.90 2.00
N GLU P 104 37.56 11.04 0.76
CA GLU P 104 38.40 10.74 -0.40
C GLU P 104 39.65 11.62 -0.40
N ALA P 105 39.42 12.92 -0.30
CA ALA P 105 40.47 13.91 -0.29
C ALA P 105 41.39 13.69 0.89
N TYR P 106 40.80 13.55 2.08
CA TYR P 106 41.62 13.39 3.28
C TYR P 106 42.40 12.10 3.23
N SER P 107 41.84 11.08 2.55
CA SER P 107 42.60 9.82 2.51
C SER P 107 43.85 9.99 1.66
N GLN P 108 43.78 10.87 0.67
CA GLN P 108 45.00 11.16 -0.10
C GLN P 108 45.92 12.07 0.68
N PHE P 109 45.39 13.02 1.46
CA PHE P 109 46.28 13.90 2.22
C PHE P 109 47.08 13.07 3.22
N LEU P 110 46.43 12.07 3.81
CA LEU P 110 47.07 11.14 4.73
C LEU P 110 48.26 10.44 4.07
N LYS P 111 48.02 9.96 2.86
CA LYS P 111 49.06 9.32 2.06
C LYS P 111 50.27 10.23 1.91
N VAL P 112 50.02 11.48 1.57
CA VAL P 112 51.09 12.47 1.49
C VAL P 112 51.82 12.61 2.82
N CYS P 113 51.08 12.55 3.92
CA CYS P 113 51.74 12.62 5.23
C CYS P 113 52.65 11.43 5.44
N LYS P 114 52.20 10.22 5.10
CA LYS P 114 53.10 9.08 5.25
C LYS P 114 54.33 9.23 4.37
N GLU P 115 54.13 9.65 3.12
CA GLU P 115 55.24 9.89 2.19
C GLU P 115 56.24 10.87 2.76
N GLN P 116 55.79 11.95 3.42
CA GLN P 116 56.69 12.93 4.00
C GLN P 116 57.17 12.50 5.39
N GLY P 117 56.89 11.27 5.79
CA GLY P 117 57.32 10.74 7.08
C GLY P 117 56.75 11.51 8.26
N ASP P 118 55.51 11.96 8.16
CA ASP P 118 54.91 12.73 9.23
C ASP P 118 53.83 11.88 9.90
N ILE P 119 54.26 11.06 10.85
CA ILE P 119 53.35 10.13 11.53
C ILE P 119 52.30 10.89 12.33
N VAL P 120 52.66 11.99 13.00
CA VAL P 120 51.65 12.71 13.77
C VAL P 120 50.54 13.25 12.88
N THR P 121 50.91 13.85 11.75
CA THR P 121 49.85 14.43 10.91
C THR P 121 49.04 13.32 10.23
N ALA P 122 49.66 12.19 9.93
CA ALA P 122 48.91 11.08 9.36
C ALA P 122 47.81 10.65 10.34
N ARG P 123 48.17 10.59 11.61
CA ARG P 123 47.25 10.13 12.65
C ARG P 123 46.11 11.12 12.86
N LEU P 124 46.40 12.41 12.78
CA LEU P 124 45.36 13.44 12.82
C LEU P 124 44.34 13.24 11.72
N PHE P 125 44.79 13.02 10.48
CA PHE P 125 43.87 12.78 9.37
C PHE P 125 43.08 11.50 9.60
N GLU P 126 43.73 10.48 10.12
CA GLU P 126 43.04 9.21 10.41
C GLU P 126 41.86 9.41 11.35
N ARG P 127 42.11 10.09 12.47
CA ARG P 127 41.07 10.31 13.48
C ARG P 127 39.93 11.16 12.92
N ILE P 128 40.29 12.18 12.14
CA ILE P 128 39.25 13.07 11.59
C ILE P 128 38.47 12.39 10.48
N ILE P 129 39.11 11.52 9.69
CA ILE P 129 38.38 10.77 8.68
C ILE P 129 37.33 9.87 9.33
N GLU P 130 37.70 9.25 10.45
CA GLU P 130 36.75 8.45 11.21
C GLU P 130 35.54 9.27 11.61
N GLU P 131 35.76 10.54 11.96
CA GLU P 131 34.65 11.41 12.35
C GLU P 131 33.84 11.81 11.13
N GLU P 132 34.52 11.99 10.00
CA GLU P 132 33.74 12.36 8.80
C GLU P 132 32.80 11.22 8.42
N GLN P 133 33.22 9.99 8.69
CA GLN P 133 32.43 8.79 8.39
C GLN P 133 31.15 8.77 9.21
N ALA P 134 31.21 9.29 10.43
CA ALA P 134 30.02 9.38 11.27
C ALA P 134 29.08 10.44 10.74
N HIS P 135 29.61 11.55 10.22
CA HIS P 135 28.78 12.56 9.57
C HIS P 135 28.13 12.03 8.29
N LEU P 136 28.89 11.30 7.48
CA LEU P 136 28.42 10.69 6.24
C LEU P 136 27.26 9.73 6.49
N THR P 137 27.45 8.78 7.38
CA THR P 137 26.37 7.89 7.80
C THR P 137 25.16 8.69 8.23
N TYR P 138 25.30 9.68 9.12
CA TYR P 138 24.16 10.46 9.57
C TYR P 138 23.38 11.10 8.42
N TYR P 139 24.08 11.69 7.47
CA TYR P 139 23.45 12.39 6.36
C TYR P 139 22.78 11.41 5.39
N GLU P 140 23.39 10.25 5.19
CA GLU P 140 22.78 9.19 4.38
C GLU P 140 21.48 8.67 5.00
N ASN P 141 21.49 8.44 6.31
CA ASN P 141 20.28 7.99 6.97
C ASN P 141 19.13 8.97 6.83
N ILE P 142 19.39 10.26 7.01
CA ILE P 142 18.33 11.25 6.91
C ILE P 142 17.82 11.31 5.47
N GLY P 143 18.74 11.29 4.51
CA GLY P 143 18.35 11.27 3.12
C GLY P 143 17.48 10.05 2.83
N SER P 144 17.86 8.87 3.32
CA SER P 144 17.03 7.69 3.09
C SER P 144 15.64 7.83 3.68
N HIS P 145 15.49 8.39 4.89
CA HIS P 145 14.14 8.51 5.44
C HIS P 145 13.31 9.51 4.66
N ILE P 146 13.95 10.62 4.30
CA ILE P 146 13.25 11.62 3.49
C ILE P 146 12.77 10.99 2.19
N LYS P 147 13.69 10.26 1.57
CA LYS P 147 13.45 9.53 0.35
C LYS P 147 12.31 8.53 0.54
N ASN P 148 12.42 7.63 1.52
CA ASN P 148 11.42 6.57 1.61
C ASN P 148 10.14 6.95 2.34
N LEU P 149 10.16 7.99 3.18
CA LEU P 149 8.98 8.31 3.99
C LEU P 149 8.47 9.72 3.78
N GLY P 150 9.29 10.59 3.20
CA GLY P 150 8.91 11.96 2.93
C GLY P 150 8.33 12.74 4.10
N ASP P 151 7.23 13.46 3.81
CA ASP P 151 6.57 14.35 4.74
C ASP P 151 6.08 13.62 5.99
N THR P 152 5.81 12.32 5.86
CA THR P 152 5.41 11.57 7.05
C THR P 152 6.53 11.58 8.08
N TYR P 153 7.76 11.47 7.59
CA TYR P 153 8.96 11.53 8.42
C TYR P 153 9.13 12.95 8.95
N LEU P 154 9.00 13.95 8.09
CA LEU P 154 9.21 15.33 8.52
C LEU P 154 8.13 15.80 9.49
N ALA P 155 6.94 15.22 9.40
CA ALA P 155 5.90 15.63 10.34
C ALA P 155 6.34 15.33 11.77
N LYS P 156 7.06 14.23 11.92
CA LYS P 156 7.53 13.85 13.25
C LYS P 156 8.57 14.81 13.79
N ILE P 157 9.40 15.38 12.90
CA ILE P 157 10.45 16.30 13.28
C ILE P 157 9.91 17.72 13.51
N ALA P 158 8.81 18.04 12.85
CA ALA P 158 8.16 19.34 12.96
C ALA P 158 8.00 19.75 14.41
N GLY P 159 8.70 20.81 14.82
CA GLY P 159 8.42 21.36 16.14
C GLY P 159 9.20 20.71 17.25
N THR P 160 10.17 19.85 16.94
CA THR P 160 10.99 19.28 18.00
C THR P 160 11.93 20.33 18.58
N PRO P 161 12.47 20.09 19.78
CA PRO P 161 13.47 21.00 20.33
C PRO P 161 14.68 21.15 19.42
N SER P 162 15.25 22.34 19.32
CA SER P 162 16.44 22.59 18.53
C SER P 162 17.65 22.99 19.36
N SER P 163 17.50 23.13 20.67
CA SER P 163 18.62 23.47 21.53
C SER P 163 19.80 22.53 21.35
N THR P 164 21.03 23.03 21.34
CA THR P 164 22.19 22.13 21.25
C THR P 164 22.89 22.02 22.60
N GLY P 165 22.14 22.37 23.63
CA GLY P 165 22.59 22.30 25.00
C GLY P 165 22.90 23.68 25.56
N THR P 166 23.70 23.68 26.62
CA THR P 166 24.11 24.93 27.26
C THR P 166 24.88 25.80 26.27
N ALA P 167 24.67 27.10 26.34
CA ALA P 167 25.22 28.12 25.49
C ALA P 167 26.74 28.19 25.48
N SER P 168 27.27 28.63 24.35
CA SER P 168 28.67 28.86 24.09
C SER P 168 29.40 29.48 25.27
N LYS P 169 30.38 28.78 25.84
CA LYS P 169 31.25 29.45 26.81
C LYS P 169 32.09 30.51 26.07
N GLY P 170 31.92 31.77 26.44
CA GLY P 170 32.57 32.90 25.81
C GLY P 170 33.25 33.86 26.76
N PHE P 171 33.62 35.04 26.27
CA PHE P 171 34.35 35.99 27.10
C PHE P 171 33.38 36.80 27.95
N VAL P 172 32.34 37.30 27.28
CA VAL P 172 31.26 37.97 27.99
C VAL P 172 30.41 36.87 28.64
FE FE2 Q . -14.52 41.97 -14.97
FE FE2 R . -17.78 43.67 -16.58
S SO4 S . -27.75 27.45 -19.65
O1 SO4 S . -29.32 27.04 -19.69
O2 SO4 S . -27.23 27.06 -20.98
O3 SO4 S . -27.62 28.75 -19.40
O4 SO4 S . -27.20 26.55 -18.63
S SO4 T . -30.91 57.19 -24.44
O1 SO4 T . -30.55 56.00 -23.36
O2 SO4 T . -31.24 58.38 -23.62
O3 SO4 T . -29.87 57.40 -25.26
O4 SO4 T . -32.15 56.71 -25.09
S SO4 U . -33.46 27.30 -23.93
O1 SO4 U . -33.81 25.97 -24.42
O2 SO4 U . -33.03 28.01 -25.09
O3 SO4 U . -34.43 27.97 -23.06
O4 SO4 U . -32.25 27.02 -23.16
O1A FEC V . -11.09 32.42 -8.99
O1A FEC V . -23.87 33.06 -7.49
CGA FEC V . -11.87 31.91 -8.15
CGA FEC V . -23.84 32.02 -8.18
O2A FEC V . -11.66 31.79 -6.91
O2A FEC V . -24.69 31.10 -8.17
CBA FEC V . -13.18 31.37 -8.67
CBA FEC V . -22.65 31.83 -9.09
CAA FEC V . -14.14 32.40 -9.29
CAA FEC V . -21.55 30.92 -8.56
C3A FEC V . -15.49 31.82 -9.76
C3A FEC V . -20.19 30.91 -9.31
C2A FEC V . -16.67 31.87 -9.13
C2A FEC V . -19.00 31.36 -8.90
C1A FEC V . -17.62 31.16 -9.97
C1A FEC V . -18.06 31.10 -9.97
CHA FEC V . -18.96 30.98 -9.66
CHA FEC V . -16.72 31.40 -9.92
C4D FEC V . -19.88 30.42 -10.51
C4D FEC V . -15.80 31.09 -10.90
ND FEC V . -19.67 30.04 -11.83
ND FEC V . -16.62 30.58 -12.09
C1D FEC V . -20.83 29.51 -12.27
C1D FEC V . -14.85 30.33 -12.73
CHD FEC V . -21.04 28.95 -13.51
CHD FEC V . -14.66 29.71 -13.94
C4C FEC V . -20.05 28.68 -14.43
C4C FEC V . -15.68 29.20 -14.72
C3C FEC V . -20.28 28.19 -15.77
C3C FEC V . -15.48 28.67 -16.05
C2C FEC V . -19.10 28.07 -16.36
C2C FEC V . -16.68 28.26 -16.52
C1C FEC V . -18.07 28.46 -15.42
C1C FEC V . -17.65 28.54 -15.48
CHC FEC V . -16.71 28.48 -15.62
CHC FEC V . -18.99 28.29 -15.50
C4B FEC V . -15.78 29.14 -14.84
C4B FEC V . -19.93 28.64 -14.58
C3B FEC V . -14.40 29.38 -15.17
C3B FEC V . -21.36 28.42 -14.71
C2B FEC V . -13.84 30.04 -14.16
C2B FEC V . -21.91 28.85 -13.58
C1B FEC V . -14.86 30.22 -13.14
C1B FEC V . -20.85 29.31 -12.71
NB FEC V . -16.27 29.83 -13.72
NB FEC V . -19.72 29.45 -13.18
FE FEC V . -17.85 29.85 -12.72
FE FEC V . -17.86 29.84 -12.73
NA FEC V . -16.87 30.81 -10.87
NA FEC V . -18.80 30.24 -11.26
C4A FEC V . -15.67 31.09 -10.99
C4A FEC V . -20.02 30.36 -10.64
CHB FEC V . -14.67 30.86 -11.93
CHB FEC V . -21.00 29.82 -11.44
NC FEC V . -18.85 28.82 -14.24
NC FEC V . -16.94 28.92 -14.54
CMB FEC V . -12.39 30.57 -14.00
CMB FEC V . -23.41 28.87 -13.17
CAB FEC V . -13.77 28.92 -16.50
CAB FEC V . -21.98 27.80 -15.98
CBB FEC V . -13.15 29.95 -17.43
CBB FEC V . -22.14 26.29 -16.01
CGB FEC V . -12.41 29.37 -18.62
CGB FEC V . -22.92 25.65 -17.12
O1B FEC V . -11.77 28.31 -18.48
O1B FEC V . -23.55 26.38 -17.94
O2B FEC V . -12.54 30.03 -19.70
O2B FEC V . -22.89 24.38 -17.15
CAC FEC V . -18.86 27.59 -17.80
CAC FEC V . -16.92 27.62 -17.89
CBC FEC V . -17.79 26.57 -18.14
CBC FEC V . -18.26 27.34 -18.51
CGC FEC V . -17.34 26.69 -19.58
CGC FEC V . -18.57 25.93 -18.92
O1C FEC V . -18.11 26.19 -20.45
O1C FEC V . -17.80 25.40 -19.76
O2C FEC V . -16.26 27.30 -19.78
O2C FEC V . -19.57 25.37 -18.41
CMC FEC V . -21.68 27.89 -16.34
CMC FEC V . -14.10 28.63 -16.74
C2D FEC V . -21.87 29.72 -11.27
C2D FEC V . -13.84 31.06 -11.99
C3D FEC V . -21.30 30.28 -10.21
C3D FEC V . -14.41 31.52 -10.88
CAD FEC V . -21.93 30.70 -8.86
CAD FEC V . -13.81 32.36 -9.73
CBD FEC V . -22.33 32.16 -8.70
CBD FEC V . -13.36 31.57 -8.49
CGD FEC V . -23.67 32.42 -8.05
CGD FEC V . -12.15 32.13 -7.79
O1D FEC V . -23.74 33.46 -7.35
O1D FEC V . -12.17 32.07 -6.54
O2D FEC V . -24.58 31.59 -8.25
O2D FEC V . -11.24 32.60 -8.51
CMD FEC V . -23.36 29.33 -11.47
CMD FEC V . -12.38 31.22 -12.46
CMA FEC V . -17.05 32.51 -7.78
CMA FEC V . -18.61 32.05 -7.58
S SO4 W . -13.38 33.43 3.21
O1 SO4 W . -14.49 33.85 4.07
O2 SO4 W . -13.79 33.48 1.87
O3 SO4 W . -12.55 34.66 3.29
O4 SO4 W . -12.28 32.53 3.45
FE FE2 X . -21.28 20.46 -4.90
FE FE2 Y . -17.99 18.09 -4.47
S SO4 Z . -7.62 26.44 -18.63
O1 SO4 Z . -8.20 25.64 -17.31
O2 SO4 Z . -7.93 25.57 -19.78
O3 SO4 Z . -8.20 27.64 -18.71
O4 SO4 Z . -6.18 26.43 -18.39
S SO4 AA . -4.35 4.11 2.27
O1 SO4 AA . -4.67 5.52 2.33
O2 SO4 AA . -2.99 3.81 2.75
O3 SO4 AA . -5.28 3.31 3.08
O4 SO4 AA . -4.47 3.69 0.90
S SO4 BA . -38.79 7.79 2.36
O1 SO4 BA . -40.08 7.01 3.03
O2 SO4 BA . -39.40 8.94 1.66
O3 SO4 BA . -37.93 8.15 3.29
O4 SO4 BA . -38.29 6.81 1.37
S SO4 CA . -1.45 23.19 -21.12
O1 SO4 CA . -1.50 23.59 -19.72
O2 SO4 CA . -2.45 22.22 -21.56
O3 SO4 CA . -1.95 24.39 -21.82
O4 SO4 CA . -0.01 22.85 -21.31
FE FE2 DA . -19.79 3.05 35.70
FE FE2 EA . -18.29 4.65 32.37
S SO4 FA . -1.45 -5.04 32.80
O1 SO4 FA . -0.47 -5.69 31.66
O2 SO4 FA . -0.61 -4.03 33.50
O3 SO4 FA . -2.55 -4.53 32.25
O4 SO4 FA . -1.66 -6.17 33.72
S SO4 GA . -15.27 15.70 15.01
O1 SO4 GA . -14.36 16.45 14.11
O2 SO4 GA . -14.80 14.51 15.77
O3 SO4 GA . -15.73 16.72 15.93
O4 SO4 GA . -16.39 15.16 14.22
S SO4 HA . -33.96 18.85 44.19
O1 SO4 HA . -34.23 19.44 42.68
O2 SO4 HA . -32.48 18.78 44.31
O3 SO4 HA . -34.51 19.64 45.10
O4 SO4 HA . -34.52 17.51 44.11
S SO4 IA . 4.25 -3.06 28.50
O1 SO4 IA . 5.37 -3.06 27.59
O2 SO4 IA . 4.52 -2.13 29.59
O3 SO4 IA . 3.13 -2.64 27.74
O4 SO4 IA . 4.02 -4.45 28.90
O1A FEC JA . -19.46 -6.92 42.06
O1A FEC JA . -13.82 -10.26 30.94
CGA FEC JA . -19.12 -8.06 41.66
CGA FEC JA . -12.88 -10.24 31.78
O2A FEC JA . -19.79 -9.13 41.73
O2A FEC JA . -11.85 -10.95 31.73
CBA FEC JA . -17.76 -8.18 41.01
CBA FEC JA . -13.01 -9.28 32.94
CAA FEC JA . -17.55 -7.25 39.81
CAA FEC JA . -13.71 -9.84 34.17
C3A FEC JA . -16.27 -7.49 38.99
C3A FEC JA . -13.86 -8.94 35.41
C2A FEC JA . -16.11 -8.12 37.82
C2A FEC JA . -14.98 -8.63 36.07
C1A FEC JA . -14.70 -8.10 37.50
C1A FEC JA . -14.62 -7.78 37.17
CHA FEC JA . -14.11 -8.66 36.39
CHA FEC JA . -15.51 -7.25 38.09
C4D FEC JA . -12.79 -8.55 36.04
C4D FEC JA . -15.14 -6.61 39.27
ND FEC JA . -11.86 -8.11 36.93
ND FEC JA . -14.04 -6.57 40.17
C1D FEC JA . -10.67 -7.95 36.02
C1D FEC JA . -13.96 -5.64 40.84
CHD FEC JA . -9.44 -7.41 36.38
CHD FEC JA . -12.91 -5.09 41.54
C4C FEC JA . -9.22 -6.63 37.49
C4C FEC JA . -11.58 -5.15 41.15
C3C FEC JA . -7.94 -6.03 37.83
C3C FEC JA . -10.48 -4.67 41.97
C2C FEC JA . -8.15 -5.31 38.95
C2C FEC JA . -9.36 -4.91 41.29
C1C FEC JA . -9.53 -5.45 39.32
C1C FEC JA . -9.73 -5.55 40.03
CHC FEC JA . -10.16 -4.90 40.42
CHC FEC JA . -8.86 -5.94 39.04
C4B FEC JA . -11.45 -5.07 40.83
C4B FEC JA . -9.22 -6.62 37.89
C3B FEC JA . -12.05 -4.45 42.00
C3B FEC JA . -8.30 -6.96 36.82
C2B FEC JA . -13.32 -4.86 42.04
C2B FEC JA . -9.02 -7.62 35.91
C1B FEC JA . -13.53 -5.74 40.90
C1B FEC JA . -10.38 -7.72 36.39
NB FEC JA . -12.27 -5.88 40.09
NB FEC JA . -10.94 -6.72 37.27
FE FEC JA . -12.10 -6.81 38.44
FE FEC JA . -12.16 -6.71 38.62
NA FEC JA . -14.23 -7.59 38.50
NA FEC JA . -13.33 -7.98 36.98
C4A FEC JA . -14.96 -7.09 39.46
C4A FEC JA . -12.75 -8.29 36.09
CHB FEC JA . -14.72 -6.38 40.61
CHB FEC JA . -11.42 -8.34 35.73
NC FEC JA . -10.00 -6.48 38.42
NC FEC JA . -11.61 -6.57 39.04
CMB FEC JA . -14.44 -4.51 43.06
CMB FEC JA . -8.60 -8.25 34.55
CAB FEC JA . -11.26 -3.55 42.96
CAB FEC JA . -6.80 -6.56 36.85
CBB FEC JA . -11.50 -2.04 42.97
CBB FEC JA . -5.80 -7.67 37.03
CGB FEC JA . -10.94 -1.29 44.16
CGB FEC JA . -4.33 -7.35 36.91
O1B FEC JA . -10.71 -1.94 45.20
O1B FEC JA . -3.96 -6.44 36.11
O2B FEC JA . -10.76 -0.05 44.00
O2B FEC JA . -3.56 -8.04 37.61
CAC FEC JA . -7.08 -4.48 39.68
CAC FEC JA . -7.93 -4.62 41.76
CBC FEC JA . -7.01 -4.48 41.21
CBC FEC JA . -6.86 -4.08 40.83
CGC FEC JA . -6.94 -3.09 41.83
CGC FEC JA . -5.46 -4.28 41.37
O1C FEC JA . -5.84 -2.50 41.75
O1C FEC JA . -5.07 -3.48 42.24
O2C FEC JA . -8.00 -2.68 42.38
O2C FEC JA . -4.81 -5.24 40.89
CMC FEC JA . -6.62 -6.21 37.06
CMC FEC JA . -10.67 -4.02 43.35
C2D FEC JA . -10.90 -8.77 34.85
C2D FEC JA . -15.33 -5.67 41.30
C3D FEC JA . -12.18 -9.12 34.86
C3D FEC JA . -16.05 -6.27 40.34
CAD FEC JA . -12.96 -10.02 33.87
CAD FEC JA . -17.56 -6.55 40.29
CBD FEC JA . -13.73 -9.35 32.74
CBD FEC JA . -18.04 -7.88 40.90
CGD FEC JA . -13.84 -10.18 31.49
CGD FEC JA . -19.46 -7.82 41.41
O1D FEC JA . -14.93 -10.11 30.86
O1D FEC JA . -20.20 -8.79 41.11
O2D FEC JA . -12.83 -10.87 31.17
O2D FEC JA . -19.78 -6.80 42.08
CMD FEC JA . -9.78 -9.10 33.84
CMD FEC JA . -15.78 -5.09 42.66
CMA FEC JA . -17.19 -8.73 36.90
CMA FEC JA . -16.43 -9.06 35.76
FE FE2 KA . -9.44 -19.25 39.08
FE FE2 LA . -9.87 -20.26 42.95
S SO4 MA . -10.83 -1.99 49.74
O1 SO4 MA . -10.89 -3.55 49.22
O2 SO4 MA . -9.38 -1.64 49.73
O3 SO4 MA . -11.55 -1.20 48.95
O4 SO4 MA . -11.31 -2.09 51.12
S SO4 NA . -12.84 -30.70 59.80
O1 SO4 NA . -12.75 -32.07 59.37
O2 SO4 NA . -14.02 -30.60 60.65
O3 SO4 NA . -11.67 -30.18 60.51
O4 SO4 NA . -13.00 -29.88 58.60
S SO4 OA . -10.59 -0.64 57.04
O1 SO4 OA . -9.83 -1.59 56.30
O2 SO4 OA . -9.61 -0.22 58.03
O3 SO4 OA . -11.05 0.43 56.16
O4 SO4 OA . -11.76 -1.27 57.62
S SO4 PA . 2.53 -36.96 29.21
O1 SO4 PA . 3.60 -38.06 28.63
O2 SO4 PA . 3.01 -36.65 30.59
O3 SO4 PA . 2.47 -35.88 28.42
O4 SO4 PA . 1.30 -37.75 29.31
FE FE2 QA . 15.17 -20.30 20.37
FE FE2 RA . 12.63 -17.68 18.88
S SO4 SA . -4.04 -8.18 10.59
O1 SO4 SA . -3.77 -6.78 10.70
O2 SO4 SA . -3.55 -8.80 11.80
O3 SO4 SA . -5.45 -8.17 10.29
O4 SO4 SA . -3.41 -8.80 9.44
S SO4 TA . 21.81 4.49 19.18
O1 SO4 TA . 21.52 5.72 18.42
O2 SO4 TA . 21.18 4.42 20.48
O3 SO4 TA . 21.24 3.57 18.22
O4 SO4 TA . 23.23 4.18 19.38
O1A FEC UA . 26.71 -22.63 20.97
O1A FEC UA . 26.03 -13.50 12.32
CGA FEC UA . 27.53 -22.07 20.20
CGA FEC UA . 26.44 -12.71 13.21
O2A FEC UA . 28.31 -22.65 19.40
O2A FEC UA . 27.05 -11.63 13.05
CBA FEC UA . 27.59 -20.57 20.24
CBA FEC UA . 26.19 -13.12 14.64
CAA FEC UA . 26.34 -19.86 19.71
CAA FEC UA . 27.31 -13.93 15.27
C3A FEC UA . 26.50 -18.36 19.38
C3A FEC UA . 27.03 -14.65 16.61
C2A FEC UA . 26.67 -17.78 18.20
C2A FEC UA . 27.03 -15.95 16.90
C1A FEC UA . 26.79 -16.35 18.44
C1A FEC UA . 26.72 -16.09 18.31
CHA FEC UA . 26.98 -15.38 17.49
CHA FEC UA . 26.64 -17.29 18.99
C4D FEC UA . 26.94 -14.02 17.69
C4D FEC UA . 26.49 -17.40 20.36
ND FEC UA . 26.45 -13.46 18.84
ND FEC UA . 26.38 -16.15 21.12
C1D FEC UA . 26.84 -12.05 18.65
C1D FEC UA . 26.39 -16.93 22.52
CHD FEC UA . 26.81 -11.06 19.61
CHD FEC UA . 26.39 -16.24 23.71
C4C FEC UA . 26.59 -11.27 20.96
C4C FEC UA . 26.34 -14.87 23.82
C3C FEC UA . 26.13 -10.27 21.89
C3C FEC UA . 26.37 -14.14 25.07
C2C FEC UA . 25.97 -10.86 23.08
C2C FEC UA . 26.28 -12.84 24.77
C1C FEC UA . 26.31 -12.26 22.92
C1C FEC UA . 26.18 -12.71 23.33
CHC FEC UA . 26.30 -13.25 23.88
CHC FEC UA . 26.07 -11.56 22.59
C4B FEC UA . 26.26 -14.60 23.69
C4B FEC UA . 26.28 -11.40 21.25
C3B FEC UA . 26.13 -15.61 24.73
C3B FEC UA . 26.42 -10.14 20.54
C2B FEC UA . 26.14 -16.80 24.12
C2B FEC UA . 26.58 -10.43 19.25
C1B FEC UA . 26.29 -16.56 22.70
C1B FEC UA . 26.52 -11.86 19.11
NB FEC UA . 26.39 -15.06 22.42
NB FEC UA . 26.22 -12.64 20.12
FE FEC UA . 26.47 -14.29 20.68
FE FEC UA . 26.45 -14.38 20.82
NA FEC UA . 26.48 -16.31 19.59
NA FEC UA . 26.62 -14.97 18.68
C4A FEC UA . 26.51 -17.33 20.40
C4A FEC UA . 26.73 -13.93 17.83
CHB FEC UA . 26.37 -17.55 21.75
CHB FEC UA . 26.63 -12.55 17.92
NC FEC UA . 26.26 -12.38 21.42
NC FEC UA . 27.04 -14.67 21.68
CMB FEC UA . 26.03 -18.22 24.71
CMB FEC UA . 26.81 -9.48 18.04
CAB FEC UA . 26.00 -15.29 26.25
CAB FEC UA . 26.40 -8.77 21.25
CBB FEC UA . 24.64 -15.53 26.89
CBB FEC UA . 27.73 -8.04 21.45
CGB FEC UA . 24.48 -15.35 28.37
CGB FEC UA . 27.69 -6.65 22.02
O1B FEC UA . 25.49 -15.51 29.10
O1B FEC UA . 26.67 -5.95 21.77
O2B FEC UA . 23.33 -15.05 28.77
O2B FEC UA . 28.66 -6.30 22.72
CAC FEC UA . 25.43 -10.18 24.34
CAC FEC UA . 26.26 -11.66 25.75
CBC FEC UA . 25.79 -10.62 25.75
CBC FEC UA . 27.07 -10.40 25.48
CGC FEC UA . 25.63 -9.53 26.79
CGC FEC UA . 26.76 -9.28 26.43
O1C FEC UA . 26.61 -8.75 26.91
O1C FEC UA . 25.87 -9.52 27.31
O2C FEC UA . 24.55 -9.48 27.42
O2C FEC UA . 27.43 -8.24 26.28
CMC FEC UA . 25.93 -8.79 21.51
CMC FEC UA . 26.49 -14.81 26.45
C2D FEC UA . 26.88 -11.82 17.22
C2D FEC UA . 26.13 -18.35 22.36
C3D FEC UA . 26.93 -13.02 16.63
C3D FEC UA . 26.20 -18.63 21.07
CAD FEC UA . 27.02 -13.37 15.13
CAD FEC UA . 25.99 -19.98 20.35
CBD FEC UA . 25.75 -13.72 14.35
CBD FEC UA . 27.21 -20.60 19.69
CGD FEC UA . 25.76 -13.20 12.93
CGD FEC UA . 27.55 -21.98 20.18
O1D FEC UA . 25.40 -14.01 12.02
O1D FEC UA . 28.31 -22.67 19.42
O2D FEC UA . 26.14 -12.01 12.77
O2D FEC UA . 27.08 -22.33 21.29
CMD FEC UA . 26.86 -10.43 16.57
CMD FEC UA . 25.84 -19.30 23.54
CMA FEC UA . 26.73 -18.43 16.81
CMA FEC UA . 27.29 -17.16 15.97
FE FE2 VA . 38.21 -12.06 16.42
FE FE2 WA . 40.72 -13.95 18.96
S SO4 XA . 27.48 -17.75 32.46
O1 SO4 XA . 28.67 -17.68 31.32
O2 SO4 XA . 27.76 -16.61 33.38
O3 SO4 XA . 26.29 -17.66 31.89
O4 SO4 XA . 27.75 -19.01 33.13
S SO4 YA . 33.71 6.11 -10.25
O1 SO4 YA . 32.68 6.64 -9.10
O2 SO4 YA . 33.83 4.67 -9.99
O3 SO4 YA . 33.24 6.37 -11.47
O4 SO4 YA . 34.97 6.78 -9.90
S SO4 ZA . 29.76 -20.23 39.45
O1 SO4 ZA . 30.50 -19.09 38.94
O2 SO4 ZA . 29.88 -19.92 40.89
O3 SO4 ZA . 28.39 -20.01 39.02
O4 SO4 ZA . 30.15 -21.64 39.19
FE FE2 AB . -29.24 -9.09 -10.11
FE FE2 BB . -32.38 -10.68 -12.13
S SO4 CB . -22.01 -17.04 -27.31
O1 SO4 CB . -22.14 -16.50 -25.73
O2 SO4 CB . -21.45 -15.88 -28.01
O3 SO4 CB . -21.22 -18.11 -27.37
O4 SO4 CB . -23.38 -17.27 -27.74
S SO4 DB . -51.02 -16.60 -18.24
O1 SO4 DB . -51.15 -15.85 -16.78
O2 SO4 DB . -51.05 -15.50 -19.21
O3 SO4 DB . -49.89 -17.31 -18.28
O4 SO4 DB . -52.27 -17.39 -18.33
S SO4 EB . -25.07 -19.09 -33.14
O1 SO4 EB . -24.04 -19.32 -32.09
O2 SO4 EB . -24.54 -19.54 -34.41
O3 SO4 EB . -26.17 -19.98 -32.75
O4 SO4 EB . -25.41 -17.66 -33.23
O1A FEC FB . -17.97 -10.48 -8.38
O1A FEC FB . -21.25 -21.20 -14.03
CGA FEC FB . -17.34 -11.57 -8.40
CGA FEC FB . -20.61 -20.71 -14.98
O2A FEC FB . -16.66 -12.04 -7.44
O2A FEC FB . -20.14 -21.32 -15.97
CBA FEC FB . -17.37 -12.41 -9.65
CBA FEC FB . -20.38 -19.22 -14.96
CAA FEC FB . -18.75 -12.60 -10.28
CAA FEC FB . -19.03 -18.70 -14.47
C3A FEC FB . -18.80 -13.35 -11.64
C3A FEC FB . -18.97 -17.17 -14.22
C2A FEC FB . -18.98 -14.65 -11.86
C2A FEC FB . -18.88 -16.53 -13.06
C1A FEC FB . -18.92 -14.85 -13.29
C1A FEC FB . -18.92 -15.11 -13.35
CHA FEC FB . -19.03 -16.08 -13.90
CHA FEC FB . -18.87 -14.08 -12.43
C4D FEC FB . -19.05 -16.27 -15.27
C4D FEC FB . -18.70 -12.75 -12.73
ND FEC FB . -19.05 -15.30 -16.21
ND FEC FB . -18.32 -12.57 -14.17
C1D FEC FB . -19.09 -15.90 -17.43
C1D FEC FB . -18.43 -10.85 -13.81
CHD FEC FB . -19.02 -15.28 -18.67
CHD FEC FB . -18.35 -9.92 -14.82
C4C FEC FB . -18.91 -13.92 -18.87
C4C FEC FB . -18.25 -10.22 -16.16
C3C FEC FB . -19.13 -13.25 -20.12
C3C FEC FB . -17.87 -9.29 -17.20
C2C FEC FB . -18.98 -11.93 -19.91
C2C FEC FB . -17.84 -9.97 -18.34
C1C FEC FB . -18.68 -11.77 -18.51
C1C FEC FB . -18.20 -11.35 -18.06
CHC FEC FB . -18.43 -10.62 -17.82
CHC FEC FB . -18.27 -12.37 -18.97
C4B FEC FB . -18.33 -10.35 -16.48
C4B FEC FB . -18.59 -13.68 -18.73
C3B FEC FB . -18.06 -9.08 -15.85
C3B FEC FB . -18.91 -14.69 -19.71
C2B FEC FB . -18.05 -9.30 -14.54
C2B FEC FB . -19.17 -15.82 -19.04
C1B FEC FB . -18.30 -10.72 -14.33
C1B FEC FB . -19.03 -15.54 -17.63
NB FEC FB . -18.28 -11.47 -15.68
NB FEC FB . -18.77 -14.26 -17.22
FE FEC FB . -18.71 -13.29 -15.90
FE FEC FB . -18.68 -13.19 -15.72
NA FEC FB . -18.89 -13.65 -13.64
NA FEC FB . -18.74 -14.91 -14.85
C4A FEC FB . -18.62 -12.70 -12.92
C4A FEC FB . -19.05 -16.18 -15.27
CHB FEC FB . -18.38 -11.35 -13.11
CHB FEC FB . -19.20 -16.44 -16.61
NC FEC FB . -18.86 -13.02 -17.92
NC FEC FB . -18.57 -11.64 -16.63
CMB FEC FB . -17.85 -8.32 -13.37
CMB FEC FB . -19.54 -17.21 -19.59
CAB FEC FB . -17.86 -7.75 -16.64
CAB FEC FB . -18.92 -14.43 -21.23
CBB FEC FB . -19.06 -6.84 -16.83
CBB FEC FB . -17.69 -14.75 -22.07
CGB FEC FB . -18.83 -5.42 -17.27
CGB FEC FB . -17.90 -14.83 -23.57
O1B FEC FB . -17.67 -4.93 -17.17
O1B FEC FB . -19.07 -15.03 -23.97
O2B FEC FB . -19.83 -4.81 -17.71
O2B FEC FB . -16.89 -14.67 -24.31
CAC FEC FB . -19.13 -10.81 -20.94
CAC FEC FB . -17.46 -9.44 -19.74
CBC FEC FB . -18.28 -9.56 -20.89
CBC FEC FB . -18.35 -9.75 -20.94
CGC FEC FB . -18.81 -8.35 -21.62
CGC FEC FB . -17.61 -10.05 -22.22
O1C FEC FB . -18.58 -8.35 -22.87
O1C FEC FB . -16.86 -9.14 -22.66
O2C FEC FB . -19.42 -7.47 -20.96
O2C FEC FB . -17.81 -11.19 -22.73
CMC FEC FB . -19.43 -14.00 -21.44
CMC FEC FB . -17.57 -7.79 -16.95
C2D FEC FB . -19.27 -17.32 -17.24
C2D FEC FB . -18.35 -10.56 -12.40
C3D FEC FB . -19.27 -17.54 -15.92
C3D FEC FB . -18.49 -11.71 -11.75
CAD FEC FB . -19.43 -18.88 -15.15
CAD FEC FB . -18.48 -12.00 -10.23
CBD FEC FB . -20.77 -19.12 -14.46
CBD FEC FB . -17.12 -12.29 -9.60
CGD FEC FB . -21.17 -20.56 -14.25
CGD FEC FB . -16.97 -11.91 -8.15
O1D FEC FB . -21.88 -20.80 -13.24
O1D FEC FB . -16.53 -12.83 -7.41
O2D FEC FB . -20.76 -21.40 -15.10
O2D FEC FB . -17.29 -10.75 -7.78
CMD FEC FB . -19.44 -18.31 -18.40
CMD FEC FB . -18.11 -9.13 -11.85
CMA FEC FB . -19.24 -15.77 -10.84
CMA FEC FB . -18.78 -17.11 -11.64
FE FE2 GB . -8.45 -20.79 -16.57
FE FE2 HB . -5.30 -18.48 -15.56
S SO4 IB . -14.99 -1.45 -16.36
O1 SO4 IB . -13.98 -2.69 -16.06
O2 SO4 IB . -15.05 -1.34 -17.83
O3 SO4 IB . -16.18 -1.69 -15.80
O4 SO4 IB . -14.29 -0.27 -15.83
S SO4 JB . -19.45 -50.23 -25.82
O1 SO4 JB . -20.73 -49.26 -25.42
O2 SO4 JB . -18.27 -49.38 -25.58
O3 SO4 JB . -19.47 -51.34 -25.08
O4 SO4 JB . -19.58 -50.43 -27.26
S SO4 KB . 13.61 -11.88 -10.30
O1 SO4 KB . 14.62 -10.90 -10.69
O2 SO4 KB . 13.99 -13.12 -10.92
O3 SO4 KB . 13.55 -12.10 -8.88
O4 SO4 KB . 12.28 -11.57 -10.85
S SO4 LB . -10.97 4.87 -16.36
O1 SO4 LB . -10.49 4.49 -14.99
O2 SO4 LB . -10.41 3.94 -17.33
O3 SO4 LB . -12.45 4.83 -16.33
O4 SO4 LB . -10.54 6.20 -16.90
S SO4 MB . 0.26 -38.79 -26.98
O1 SO4 MB . -0.29 -40.18 -26.32
O2 SO4 MB . -0.38 -37.75 -26.19
O3 SO4 MB . 1.56 -38.76 -26.93
O4 SO4 MB . -0.30 -38.79 -28.30
FE FE2 NB . -15.01 -35.89 -42.77
FE FE2 OB . -18.36 -35.37 -40.90
S SO4 PB . -27.25 -24.74 -54.94
O1 SO4 PB . -28.83 -24.30 -54.96
O2 SO4 PB . -26.50 -23.48 -54.82
O3 SO4 PB . -27.03 -25.58 -53.94
O4 SO4 PB . -27.02 -25.29 -56.30
S SO4 QB . 16.24 -45.93 -41.86
O1 SO4 QB . 15.29 -45.85 -40.54
O2 SO4 QB . 16.87 -44.61 -41.93
O3 SO4 QB . 17.11 -46.91 -41.73
O4 SO4 QB . 15.32 -46.09 -42.95
S SO4 RB . -33.45 -35.65 -26.67
O1 SO4 RB . -34.92 -35.64 -26.43
O2 SO4 RB . -32.72 -34.76 -25.75
O3 SO4 RB . -33.00 -37.05 -26.62
O4 SO4 RB . -33.20 -35.13 -28.02
S SO4 SB . -33.33 -20.92 -53.11
O1 SO4 SB . -34.15 -22.10 -52.74
O2 SO4 SB . -34.15 -19.70 -53.25
O3 SO4 SB . -32.38 -20.60 -52.10
O4 SO4 SB . -32.60 -21.28 -54.33
O1A FEC TB . -10.96 -36.69 -53.74
O1A FEC TB . -23.29 -37.99 -55.46
CGA FEC TB . -11.70 -37.08 -54.67
CGA FEC TB . -23.14 -36.78 -55.76
O2A FEC TB . -11.54 -38.10 -55.39
O2A FEC TB . -23.88 -36.07 -56.48
CBA FEC TB . -12.92 -36.23 -54.99
CBA FEC TB . -21.92 -36.07 -55.19
CAA FEC TB . -13.95 -36.13 -53.88
CAA FEC TB . -20.81 -35.91 -56.22
C3A FEC TB . -15.28 -35.44 -54.27
C3A FEC TB . -19.48 -35.30 -55.72
C2A FEC TB . -16.43 -35.97 -54.68
C2A FEC TB . -18.30 -35.87 -55.49
C1A FEC TB . -17.34 -34.87 -54.94
C1A FEC TB . -17.40 -34.83 -55.03
CHA FEC TB . -18.62 -35.01 -55.39
CHA FEC TB . -16.08 -35.02 -54.68
C4D FEC TB . -19.52 -33.99 -55.58
C4D FEC TB . -15.20 -34.02 -54.34
ND FEC TB . -19.27 -32.72 -55.26
ND FEC TB . -15.79 -32.66 -54.89
C1D FEC TB . -20.37 -31.97 -55.81
C1D FEC TB . -14.35 -32.03 -53.93
CHD FEC TB . -20.50 -30.60 -55.90
CHD FEC TB . -14.22 -30.67 -53.79
C4C FEC TB . -19.56 -29.71 -55.46
C4C FEC TB . -15.19 -29.74 -54.05
C3C FEC TB . -19.83 -28.32 -55.16
C3C FEC TB . -14.99 -28.29 -53.99
C2C FEC TB . -18.69 -27.77 -54.71
C2C FEC TB . -16.16 -27.71 -54.26
C1C FEC TB . -17.68 -28.81 -54.71
C1C FEC TB . -17.11 -28.78 -54.51
CHC FEC TB . -16.36 -28.68 -54.35
CHC FEC TB . -18.45 -28.62 -54.81
C4B FEC TB . -15.45 -29.70 -54.16
C4B FEC TB . -19.33 -29.62 -55.10
C3B FEC TB . -14.03 -29.54 -53.86
C3B FEC TB . -20.73 -29.41 -55.51
C2B FEC TB . -13.51 -30.76 -53.73
C2B FEC TB . -21.26 -30.62 -55.70
C1B FEC TB . -14.59 -31.72 -53.94
C1B FEC TB . -20.22 -31.60 -55.43
NB FEC TB . -15.91 -30.98 -54.20
NB FEC TB . -19.12 -31.08 -55.36
FE FEC TB . -17.49 -31.85 -54.84
FE FEC TB . -17.25 -31.82 -54.77
NA FEC TB . -16.60 -33.92 -54.95
NA FEC TB . -18.28 -33.63 -55.18
C4A FEC TB . -15.42 -34.00 -54.27
C4A FEC TB . -19.37 -33.88 -55.40
CHB FEC TB . -14.45 -33.09 -53.91
CHB FEC TB . -20.38 -32.97 -55.52
NC FEC TB . -18.51 -30.02 -54.80
NC FEC TB . -16.92 -30.89 -54.63
CMB FEC TB . -12.06 -31.17 -53.42
CMB FEC TB . -22.68 -30.99 -56.14
CAB FEC TB . -13.33 -28.18 -53.75
CAB FEC TB . -21.37 -28.02 -55.62
CBB FEC TB . -13.01 -27.62 -52.37
CBB FEC TB . -21.20 -27.16 -56.87
CGB FEC TB . -12.22 -26.35 -52.34
CGB FEC TB . -22.02 -25.89 -56.90
O1B FEC TB . -11.21 -26.26 -53.08
O1B FEC TB . -22.75 -25.61 -55.94
O2B FEC TB . -12.63 -25.44 -51.56
O2B FEC TB . -21.90 -25.18 -57.93
CAC FEC TB . -18.54 -26.32 -54.24
CAC FEC TB . -16.48 -26.21 -54.29
CBC FEC TB . -17.31 -25.51 -54.64
CBC FEC TB . -17.41 -25.57 -55.34
CGC FEC TB . -16.98 -24.40 -53.68
CGC FEC TB . -17.59 -24.07 -55.21
O1C FEC TB . -17.67 -23.35 -53.74
O1C FEC TB . -17.26 -23.55 -54.10
O2C FEC TB . -16.04 -24.64 -52.90
O2C FEC TB . -18.04 -23.43 -56.20
CMC FEC TB . -21.20 -27.64 -55.37
CMC FEC TB . -13.61 -27.70 -53.64
C2D FEC TB . -21.45 -32.93 -55.99
C2D FEC TB . -13.31 -33.00 -53.67
C3D FEC TB . -20.93 -34.15 -55.85
C3D FEC TB . -13.83 -34.21 -53.91
CAD FEC TB . -21.62 -35.52 -55.95
CAD FEC TB . -13.17 -35.60 -53.77
CBD FEC TB . -22.16 -36.20 -54.70
CBD FEC TB . -12.46 -36.17 -55.00
CGD FEC TB . -23.16 -37.29 -54.97
CGD FEC TB . -11.20 -36.95 -54.73
O1D FEC TB . -23.03 -38.38 -54.37
O1D FEC TB . -10.95 -37.92 -55.49
O2D FEC TB . -24.07 -36.99 -55.78
O2D FEC TB . -10.49 -36.58 -53.76
CMD FEC TB . -22.91 -32.51 -56.27
CMD FEC TB . -11.89 -32.60 -53.22
CMA FEC TB . -16.83 -37.44 -54.85
CMA FEC TB . -17.90 -37.35 -55.65
FE FE2 UB . -19.60 -33.71 -67.21
FE FE2 VB . -16.19 -32.97 -69.05
S SO4 WB . -7.12 -25.07 -53.66
O1 SO4 WB . -7.52 -25.87 -55.03
O2 SO4 WB . -7.59 -23.67 -53.89
O3 SO4 WB . -7.71 -25.64 -52.60
O4 SO4 WB . -5.66 -25.08 -53.65
S SO4 XB . -35.33 -33.72 -83.57
O1 SO4 XB . -36.30 -33.26 -84.80
O2 SO4 XB . -34.94 -32.47 -82.90
O3 SO4 XB . -36.00 -34.54 -82.77
O4 SO4 XB . -34.14 -34.28 -84.25
S SO4 YB . -0.92 -20.99 -54.65
O1 SO4 YB . -0.18 -22.07 -55.29
O2 SO4 YB . -1.80 -20.39 -55.66
O3 SO4 YB . -1.67 -21.57 -53.51
O4 SO4 YB . -0.18 -19.81 -54.11
FE FE2 ZB . 60.15 8.19 24.93
FE FE2 AC . 60.33 12.17 24.96
S SO4 BC . 58.89 14.47 44.45
O1 SO4 BC . 59.56 15.73 45.25
O2 SO4 BC . 57.46 14.55 44.79
O3 SO4 BC . 59.13 14.57 43.14
O4 SO4 BC . 59.44 13.31 45.12
S SO4 CC . 61.23 32.38 19.31
O1 SO4 CC . 60.12 31.44 20.06
O2 SO4 CC . 62.49 31.62 19.45
O3 SO4 CC . 60.89 32.57 18.03
O4 SO4 CC . 61.27 33.58 20.14
S SO4 DC . 57.43 21.03 47.20
O1 SO4 DC . 56.80 21.87 48.17
O2 SO4 DC . 56.30 20.67 46.33
O3 SO4 DC . 58.54 21.75 46.49
O4 SO4 DC . 57.92 19.83 47.90
FE FE2 EC . 68.32 0.13 46.93
FE FE2 FC . 67.05 -3.63 47.49
S SO4 GC . 51.45 -2.46 35.98
O1 SO4 GC . 52.65 -2.68 37.08
O2 SO4 GC . 50.29 -1.95 36.75
O3 SO4 GC . 51.85 -1.60 35.04
O4 SO4 GC . 51.19 -3.82 35.54
S SO4 HC . 87.99 24.31 57.30
O1 SO4 HC . 87.11 22.97 57.62
O2 SO4 HC . 87.37 25.37 58.13
O3 SO4 HC . 89.28 24.11 57.57
O4 SO4 HC . 87.69 24.57 55.87
S SO4 IC . 78.28 5.41 65.68
O1 SO4 IC . 77.27 4.11 65.73
O2 SO4 IC . 77.66 6.39 66.60
O3 SO4 IC . 79.51 5.07 66.05
O4 SO4 IC . 78.14 5.89 64.29
S SO4 JC . 46.45 -7.40 36.43
O1 SO4 JC . 47.24 -8.40 35.73
O2 SO4 JC . 46.79 -7.25 37.84
O3 SO4 JC . 46.71 -6.10 35.76
O4 SO4 JC . 45.07 -7.80 36.58
O1A FEC KC . 62.83 -1.09 31.66
O1A FEC KC . 69.40 8.76 37.20
CGA FEC KC . 63.75 -1.01 32.52
CGA FEC KC . 68.42 8.45 37.93
O2A FEC KC . 64.79 -1.69 32.56
O2A FEC KC . 68.34 8.67 39.17
CBA FEC KC . 63.56 -0.01 33.63
CBA FEC KC . 67.25 7.77 37.26
CAA FEC KC . 63.60 1.47 33.24
CAA FEC KC . 66.86 6.45 37.91
C3A FEC KC . 63.60 2.50 34.39
C3A FEC KC . 65.70 5.64 37.30
C2A FEC KC . 64.62 3.19 34.90
C2A FEC KC . 65.76 4.62 36.43
C1A FEC KC . 64.09 4.04 35.95
C1A FEC KC . 64.40 4.20 36.17
CHA FEC KC . 64.82 4.91 36.72
CHA FEC KC . 64.05 3.16 35.33
C4D FEC KC . 64.31 5.75 37.67
C4D FEC KC . 62.75 2.74 35.10
ND FEC KC . 63.00 5.98 37.85
ND FEC KC . 61.82 2.91 35.39
C1D FEC KC . 62.94 6.74 39.08
C1D FEC KC . 60.59 2.44 35.30
CHD FEC KC . 61.81 7.07 39.78
CHD FEC KC . 59.27 2.50 35.72
C4C FEC KC . 60.53 6.67 39.47
C4C FEC KC . 58.83 3.36 36.69
C3C FEC KC . 59.33 7.34 39.91
C3C FEC KC . 57.47 3.41 37.17
C2C FEC KC . 58.28 6.68 39.37
C2C FEC KC . 57.40 4.38 38.09
C1C FEC KC . 58.82 5.61 38.58
C1C FEC KC . 58.72 4.98 38.21
CHC FEC KC . 58.11 4.65 37.88
CHC FEC KC . 59.10 6.00 39.04
C4B FEC KC . 58.61 3.77 36.96
C4B FEC KC . 60.36 6.54 39.20
C3B FEC KC . 57.83 2.82 36.17
C3B FEC KC . 60.74 7.61 40.10
C2B FEC KC . 58.67 2.21 35.34
C2B FEC KC . 62.04 7.84 39.92
C1B FEC KC . 60.00 2.77 35.55
C1B FEC KC . 62.52 6.90 38.94
NB FEC KC . 59.97 3.76 36.67
NB FEC KC . 61.39 5.97 38.57
FE FEC KC . 61.45 4.80 37.28
FE FEC KC . 61.55 4.67 37.12
NA FEC KC . 62.92 3.51 36.12
NA FEC KC . 62.90 4.87 37.26
C4A FEC KC . 62.40 2.89 35.11
C4A FEC KC . 64.31 5.86 37.60
CHB FEC KC . 61.14 2.39 34.88
CHB FEC KC . 63.81 6.81 38.47
NC FEC KC . 60.23 5.83 38.75
NC FEC KC . 58.88 4.64 37.90
CMB FEC KC . 58.41 1.12 34.27
CMB FEC KC . 62.97 8.87 40.62
CAB FEC KC . 56.32 2.62 36.37
CAB FEC KC . 59.75 8.31 41.05
CBB FEC KC . 55.40 3.20 35.29
CBB FEC KC . 59.95 8.08 42.53
CGB FEC KC . 53.97 2.74 35.32
CGB FEC KC . 59.03 8.84 43.47
O1B FEC KC . 53.71 1.67 35.92
O1B FEC KC . 58.72 10.02 43.15
O2B FEC KC . 53.13 3.48 34.72
O2B FEC KC . 58.65 8.21 44.49
CAC FEC KC . 56.79 7.05 39.53
CAC FEC KC . 56.12 4.74 38.87
CBC FEC KC . 55.73 5.99 39.65
CBC FEC KC . 55.84 6.19 39.29
CGC FEC KC . 54.45 6.26 38.92
CGC FEC KC . 55.20 6.26 40.67
O1C FEC KC . 53.59 6.96 39.52
O1C FEC KC . 53.96 6.23 40.71
O2C FEC KC . 54.33 5.78 37.75
O2C FEC KC . 56.01 6.32 41.63
CMC FEC KC . 59.35 8.56 40.85
CMC FEC KC . 56.34 2.48 36.68
C2D FEC KC . 64.25 7.32 39.28
C2D FEC KC . 61.04 1.64 34.17
C3D FEC KC . 65.09 6.72 38.44
C3D FEC KC . 62.35 1.82 34.06
CAD FEC KC . 66.60 6.94 38.23
CAD FEC KC . 63.36 1.22 33.06
CBD FEC KC . 67.04 7.66 36.96
CBD FEC KC . 64.16 0.02 33.57
CGD FEC KC . 68.27 8.54 37.13
CGD FEC KC . 64.48 -1.03 32.52
O1D FEC KC . 69.02 8.64 36.13
O1D FEC KC . 65.52 -1.71 32.73
O2D FEC KC . 68.44 9.09 38.24
O2D FEC KC . 63.69 -1.12 31.55
CMD FEC KC . 64.52 8.44 40.30
CMD FEC KC . 60.06 0.78 33.33
CMA FEC KC . 66.12 3.18 34.51
CMA FEC KC . 67.00 3.98 35.76
FE FE2 LC . -61.64 6.74 -36.65
FE FE2 MC . -61.05 2.85 -37.16
S SO4 NC . -44.09 1.82 -28.07
O1 SO4 NC . -43.73 0.48 -27.21
O2 SO4 NC . -42.94 2.01 -28.96
O3 SO4 NC . -45.24 1.66 -28.72
O4 SO4 NC . -44.07 2.86 -27.05
S SO4 OC . -78.35 33.25 -43.65
O1 SO4 OC . -78.13 32.71 -42.10
O2 SO4 OC . -79.44 34.24 -43.55
O3 SO4 OC . -77.21 33.76 -44.11
O4 SO4 OC . -78.86 32.07 -44.36
S SO4 PC . -63.01 -16.74 -42.48
O1 SO4 PC . -62.25 -16.63 -41.03
O2 SO4 PC . -62.46 -17.94 -43.11
O3 SO4 PC . -64.33 -16.79 -42.32
O4 SO4 PC . -62.53 -15.56 -43.20
S SO4 QC . -39.75 -3.84 -28.56
O1 SO4 QC . -38.45 -4.02 -27.92
O2 SO4 QC . -39.52 -3.74 -30.00
O3 SO4 QC . -40.70 -4.94 -28.23
O4 SO4 QC . -40.32 -2.54 -28.05
O1A FEC RC . -59.18 15.41 -29.15
O1A FEC RC . -56.46 4.94 -22.53
CGA FEC RC . -58.98 15.21 -27.92
CGA FEC RC . -55.31 5.40 -22.75
O2A FEC RC . -59.63 15.75 -26.99
O2A FEC RC . -54.27 5.23 -22.06
CBA FEC RC . -57.89 14.26 -27.55
CBA FEC RC . -55.13 6.28 -23.95
CAA FEC RC . -57.97 12.85 -28.15
CAA FEC RC . -54.76 7.74 -23.62
C3A FEC RC . -56.84 11.88 -27.72
C3A FEC RC . -54.84 8.72 -24.81
C2A FEC RC . -56.85 10.96 -26.76
C2A FEC RC . -55.82 9.55 -25.16
C1A FEC RC . -55.54 10.37 -26.72
C1A FEC RC . -55.40 10.22 -26.37
CHA FEC RC . -55.15 9.38 -25.84
CHA FEC RC . -56.16 11.15 -27.07
C4D FEC RC . -53.90 8.79 -25.81
C4D FEC RC . -55.67 11.89 -28.14
ND FEC RC . -52.86 9.18 -26.58
ND FEC RC . -54.15 11.76 -28.76
C1D FEC RC . -51.83 8.26 -26.31
C1D FEC RC . -54.36 12.73 -29.69
CHD FEC RC . -50.58 8.22 -26.89
CHD FEC RC . -53.28 12.95 -30.52
C4C FEC RC . -50.25 8.91 -28.04
C4C FEC RC . -52.08 12.27 -30.46
C3C FEC RC . -49.05 8.68 -28.81
C3C FEC RC . -50.93 12.55 -31.29
C2C FEC RC . -49.08 9.51 -29.85
C2C FEC RC . -49.95 11.70 -30.94
C1C FEC RC . -50.29 10.30 -29.76
C1C FEC RC . -50.47 10.87 -29.89
CHC FEC RC . -50.72 11.27 -30.65
CHC FEC RC . -49.76 9.87 -29.24
C4B FEC RC . -51.89 11.97 -30.59
C4B FEC RC . -50.24 9.09 -28.22
C3B FEC RC . -52.27 13.06 -31.48
C3B FEC RC . -49.54 8.00 -27.58
C2B FEC RC . -53.49 13.46 -31.11
C2B FEC RC . -50.33 7.51 -26.62
C1B FEC RC . -53.90 12.64 -29.98
C1B FEC RC . -51.55 8.31 -26.63
NB FEC RC . -52.59 12.04 -29.24
NB FEC RC . -51.34 9.30 -27.70
FE FEC RC . -52.87 10.42 -28.17
FE FEC RC . -52.96 10.49 -28.19
NA FEC RC . -55.05 10.87 -27.67
NA FEC RC . -54.29 9.67 -26.64
C4A FEC RC . -55.51 11.90 -28.29
C4A FEC RC . -53.77 8.84 -25.79
CHB FEC RC . -55.11 12.75 -29.32
CHB FEC RC . -52.60 8.11 -25.77
NC FEC RC . -50.92 9.80 -28.57
NC FEC RC . -51.39 11.19 -29.48
CMB FEC RC . -54.39 14.57 -31.70
CMB FEC RC . -50.12 6.35 -25.62
CAB FEC RC . -51.36 13.62 -32.59
CAB FEC RC . -48.12 7.53 -27.97
CBB FEC RC . -51.60 13.21 -34.04
CBB FEC RC . -46.98 7.82 -27.00
CGB FEC RC . -50.73 13.86 -35.09
CGB FEC RC . -45.60 7.35 -27.34
O1B FEC RC . -50.12 14.90 -34.79
O1B FEC RC . -45.46 6.31 -28.03
O2B FEC RC . -50.68 13.30 -36.22
O2B FEC RC . -44.66 8.05 -26.89
CAC FEC RC . -48.04 9.65 -30.98
CAC FEC RC . -48.55 11.65 -31.53
CBC FEC RC . -47.52 11.04 -31.35
CBC FEC RC . -47.83 10.36 -31.90
CGC FEC RC . -47.48 11.30 -32.84
CGC FEC RC . -46.34 10.54 -32.13
O1C FEC RC . -46.56 10.76 -33.50
O1C FEC RC . -45.86 10.05 -33.17
O2C FEC RC . -48.38 12.05 -33.32
O2C FEC RC . -45.70 11.18 -31.26
CMC FEC RC . -47.97 7.65 -28.42
CMC FEC RC . -50.91 13.66 -32.37
C2D FEC RC . -52.24 7.39 -25.21
C2D FEC RC . -55.62 13.45 -29.75
C3D FEC RC . -53.50 7.71 -24.92
C3D FEC RC . -56.40 12.95 -28.80
CAD FEC RC . -54.45 7.14 -23.83
CAD FEC RC . -57.85 13.34 -28.42
CBD FEC RC . -55.38 5.99 -24.22
CBD FEC RC . -58.03 14.30 -27.25
CGD FEC RC . -55.65 5.02 -23.10
CGD FEC RC . -59.20 15.24 -27.33
O1D FEC RC . -56.85 4.75 -22.82
O1D FEC RC . -59.86 15.41 -26.28
O2D FEC RC . -54.64 4.55 -22.52
O2D FEC RC . -59.44 15.78 -28.44
CMD FEC RC . -51.31 6.33 -24.60
CMD FEC RC . -55.88 14.59 -30.76
CMA FEC RC . -58.03 10.50 -25.86
CMA FEC RC . -57.17 9.79 -24.46
FE FE2 SC . -49.21 13.95 -16.50
FE FE2 TC . -48.79 17.96 -16.60
S SO4 UC . -50.29 19.53 -36.25
O1 SO4 UC . -50.18 19.66 -34.62
O2 SO4 UC . -49.21 18.62 -36.63
O3 SO4 UC . -51.50 19.11 -36.60
O4 SO4 UC . -49.97 20.88 -36.73
S SO4 VC . -45.59 37.71 -11.93
O1 SO4 VC . -46.50 37.47 -10.80
O2 SO4 VC . -44.26 37.14 -11.70
O3 SO4 VC . -46.22 36.93 -12.99
O4 SO4 VC . -45.47 39.13 -12.20
S SO4 WC . -48.00 25.55 -39.38
O1 SO4 WC . -49.03 26.43 -38.85
O2 SO4 WC . -46.86 25.41 -38.49
O3 SO4 WC . -48.55 24.23 -39.80
O4 SO4 WC . -47.37 26.12 -40.59
FE FE2 XC . 30.89 40.81 17.67
FE FE2 YC . 34.07 42.14 19.61
S SO4 ZC . 48.30 54.01 28.72
O1 SO4 ZC . 48.91 54.49 27.46
O2 SO4 ZC . 49.32 54.01 29.79
O3 SO4 ZC . 47.17 54.86 29.13
O4 SO4 ZC . 47.83 52.68 28.42
S SO4 AD . 46.11 24.04 29.58
O1 SO4 AD . 47.30 24.73 29.07
O2 SO4 AD . 46.06 23.58 30.97
O3 SO4 AD . 45.14 25.09 29.58
O4 SO4 AD . 45.75 22.95 28.66
S SO4 BD . 51.61 2.20 4.74
O1 SO4 BD . 51.13 2.88 6.16
O2 SO4 BD . 52.86 2.91 4.39
O3 SO4 BD . 51.79 0.88 4.89
O4 SO4 BD . 50.54 2.59 3.81
FE FE2 CD . 35.61 17.97 9.13
FE FE2 DD . 32.19 16.17 8.28
S SO4 ED . 21.28 26.69 20.46
O1 SO4 ED . 22.15 25.76 19.43
O2 SO4 ED . 20.90 25.78 21.56
O3 SO4 ED . 22.00 27.73 20.87
O4 SO4 ED . 20.09 27.02 19.68
S SO4 FD . 17.71 3.91 0.20
O1 SO4 FD . 16.68 4.09 -0.79
O2 SO4 FD . 17.99 2.50 0.37
O3 SO4 FD . 18.88 4.68 -0.22
O4 SO4 FD . 17.03 4.44 1.37
S SO4 GD . 14.19 24.49 21.94
O1 SO4 GD . 14.28 24.51 20.52
O2 SO4 GD . 15.12 23.46 22.48
O3 SO4 GD . 14.45 25.87 22.40
O4 SO4 GD . 12.84 24.08 22.35
O1A FEC HD . 27.10 31.68 11.29
O1A FEC HD . 39.83 30.09 11.69
CGA FEC HD . 27.84 31.01 10.53
CGA FEC HD . 39.36 29.24 12.48
O2A FEC HD . 27.71 30.88 9.30
O2A FEC HD . 39.93 28.16 12.84
CBA FEC HD . 29.00 30.28 11.19
CBA FEC HD . 37.99 29.49 13.05
CAA FEC HD . 29.93 31.16 12.02
CAA FEC HD . 36.90 28.50 12.63
C3A FEC HD . 31.08 30.43 12.74
C3A FEC HD . 35.46 28.80 13.12
C2A FEC HD . 32.34 30.31 12.36
C2A FEC HD . 34.46 29.39 12.49
C1A FEC HD . 33.03 29.52 13.36
C1A FEC HD . 33.34 29.47 13.44
CHA FEC HD . 34.37 29.18 13.31
CHA FEC HD . 32.12 30.04 13.14
C4D FEC HD . 35.03 28.46 14.27
C4D FEC HD . 31.01 29.94 13.95
ND FEC HD . 34.46 27.97 15.37
ND FEC HD . 31.03 28.98 15.00
C1D FEC HD . 35.50 27.34 16.10
C1D FEC HD . 29.69 29.46 15.63
CHD FEC HD . 35.35 26.66 17.29
CHD FEC HD . 29.21 29.03 16.85
C4C FEC HD . 34.24 26.74 18.11
C4C FEC HD . 29.93 28.25 17.73
C3C FEC HD . 34.17 26.21 19.46
C3C FEC HD . 29.37 27.68 18.93
C2C FEC HD . 32.96 26.49 19.96
C2C FEC HD . 30.37 27.01 19.52
C1C FEC HD . 32.25 27.21 18.92
C1C FEC HD . 31.55 27.14 18.71
CHC FEC HD . 30.97 27.69 18.96
CHC FEC HD . 32.79 26.59 18.96
C4B FEC HD . 30.21 28.20 17.93
C4B FEC HD . 33.94 26.74 18.22
C3B FEC HD . 28.77 28.37 17.94
C3B FEC HD . 35.25 26.23 18.57
C2B FEC HD . 28.44 28.90 16.77
C2B FEC HD . 36.08 26.58 17.58
C1B FEC HD . 29.66 29.07 16.00
C1B FEC HD . 35.31 27.30 16.59
NB FEC HD . 30.74 28.01 16.54
NB FEC HD . 33.95 27.90 17.09
FE FEC HD . 32.60 28.26 16.08
FE FEC HD . 32.46 28.30 16.08
NA FEC HD . 32.13 29.54 14.26
NA FEC HD . 33.69 28.94 15.57
C4A FEC HD . 30.93 29.72 14.01
C4A FEC HD . 35.02 28.47 14.46
CHB FEC HD . 29.76 29.59 14.72
CHB FEC HD . 35.81 27.85 15.42
NC FEC HD . 33.22 27.35 17.85
NC FEC HD . 31.14 27.67 17.80
CMB FEC HD . 27.04 29.31 16.24
CMB FEC HD . 37.60 26.31 17.46
CAB FEC HD . 27.90 27.97 19.14
CAB FEC HD . 35.56 25.46 19.87
CBB FEC HD . 27.33 29.06 20.04
CBB FEC HD . 36.24 24.11 19.82
CGB FEC HD . 26.30 28.63 21.05
CGB FEC HD . 36.64 23.48 21.13
O1B FEC HD . 25.54 27.67 20.75
O1B FEC HD . 37.47 24.09 21.86
O2B FEC HD . 26.25 29.24 22.14
O2B FEC HD . 36.14 22.38 21.43
CAC FEC HD . 32.44 26.15 21.36
CAC FEC HD . 30.28 26.22 20.85
CBC FEC HD . 30.99 26.02 21.74
CBC FEC HD . 31.37 26.40 21.90
CGC FEC HD . 30.51 26.65 23.03
CGC FEC HD . 31.73 25.08 22.56
O1C FEC HD . 30.90 26.10 24.10
O1C FEC HD . 30.96 24.68 23.47
O2C FEC HD . 29.77 27.66 22.96
O2C FEC HD . 32.76 24.53 22.09
CMC FEC HD . 35.35 25.47 20.12
CMC FEC HD . 27.91 27.88 19.38
C2D FEC HD . 36.73 27.50 15.36
C2D FEC HD . 28.88 30.11 14.62
C3D FEC HD . 36.46 28.19 14.26
C3D FEC HD . 29.68 30.40 13.61
CAD FEC HD . 37.41 28.63 13.13
CAD FEC HD . 29.36 31.09 12.26
CBD FEC HD . 38.10 29.98 13.23
CBD FEC HD . 28.92 30.16 11.14
CGD FEC HD . 39.42 30.08 12.49
CGD FEC HD . 28.06 30.81 10.08
O1D FEC HD . 39.56 31.01 11.67
O1D FEC HD . 28.46 30.69 8.90
O2D FEC HD . 40.28 29.20 12.75
O2D FEC HD . 27.04 31.42 10.50
CMD FEC HD . 38.09 26.93 15.82
CMD FEC HD . 27.36 30.37 14.82
CMA FEC HD . 33.05 30.86 11.09
CMA FEC HD . 34.34 29.92 11.04
#